data_9FXM
#
_entry.id   9FXM
#
_cell.length_a   1.00
_cell.length_b   1.00
_cell.length_c   1.00
_cell.angle_alpha   90.00
_cell.angle_beta   90.00
_cell.angle_gamma   90.00
#
_symmetry.space_group_name_H-M   'P 1'
#
loop_
_entity.id
_entity.type
_entity.pdbx_description
1 polymer 'Transient receptor potential cation channel subfamily c member 4a'
2 non-polymer (Z)-7-(4-chlorobenzyl)-1-(3-hydroxypropyl)-3-methyl-8-(4-(phenyldiazenyl)-3-(trifluoromethoxy)phenoxy)-3,7-dihydro-1H-purine-2,6-dione
#
_entity_poly.entity_id   1
_entity_poly.type   'polypeptide(L)'
_entity_poly.pdbx_seq_one_letter_code
;MGHHHHHHHHGGSENLYFQGGSQLYFRRTDNSSYRDRIPLRIVRAESELSTQEKSYLSAVEKGDYASVKLALEEAEIYFK
ININCIDPLGRTALLIAIENENLEIIELLLSFNVYVGDALLHAIRKEVVGAVELLLNHKKPSGEKQVPPILLDKQFSDFT
PDITPIILAAHTNNYEIIKMLVQKGVSVPQPHEVRCNCVECVSSSDVDSLRHSRSRLNIYKALASPSLIALSSEDPFLTA
FQLSWELQELSKVENEFKAEYEELSHQCKHFAKDLLDQTRSSRELELILNFRDDMNLLQDEANNELARLKLAIKYRQKEF
VAQPNCQQLLASRWYDEFPGWRRRHWAGKLITCVFIGLMFPLLSLCYLVAPKSRYGLFIRKPFIKFICHTASYLTFLFLL
LLASQHIVSNNPDRQGPKPTTVEWMILPWVLGFIWTEIKQMWDGGFQDYIHDWWNLMDFVMNSLYLATISLKIVAYVKYS
GCKPRDTWEMWHPTLVAEAVFAIANIFSSLRLISLFTANSHLGPLQISLGRMLLDILKFLFIYCLVLLAFANGLNQLYFY
YENSEGMTCKGIRCERQNNAFSTLFETLQSLFWSIFGLISLYVTNVKADHKFTEFVGATMFGTYNVISLVVLLNMLIAMM
NNSYQHIADHADIEWKFARTKLWMSYFEEGGTLPPPFNIIPSPKSICYLITWIKVHVFKRRSKRTETFGTLGRRAAENVR
LNHQYQEVLRNLVKRYVAAMIRDAKTEEGLTEENFKELKQDISSFRYEVIGMMKGNRKSTRANKSDTSASDVSHPEGSLQ
YSSALKQNSKLHLYDVTTALQQQNSEEAKASLGCLANGSAVVLTEPILKDKARSDFPKDFTDFGLFPKKQNPNKIYSLAE
EATESDPDILDWGKEDKPLAGKVEQDVNESKCLMEEDERVLEEQEMEHIASSHEHLEVLFQ
;
_entity_poly.pdbx_strand_id   A,B,C,D
#
# COMPACT_ATOMS: atom_id res chain seq x y z
N PRO A 39 -11.30 44.44 -15.52
CA PRO A 39 -12.41 44.30 -14.59
C PRO A 39 -12.17 45.01 -13.26
N LEU A 40 -12.99 46.01 -12.96
CA LEU A 40 -12.87 46.77 -11.73
C LEU A 40 -13.57 46.04 -10.60
N ARG A 41 -12.98 46.08 -9.41
CA ARG A 41 -13.53 45.41 -8.24
C ARG A 41 -13.67 46.41 -7.09
N ILE A 42 -14.66 46.16 -6.23
CA ILE A 42 -14.98 47.04 -5.12
C ILE A 42 -15.24 46.18 -3.89
N VAL A 43 -15.60 46.85 -2.78
CA VAL A 43 -15.91 46.18 -1.53
C VAL A 43 -17.41 46.09 -1.39
N ARG A 44 -17.90 44.90 -1.03
CA ARG A 44 -19.34 44.62 -1.00
C ARG A 44 -19.81 44.66 0.45
N ALA A 45 -20.44 45.78 0.82
CA ALA A 45 -21.14 45.93 2.10
C ALA A 45 -20.22 45.68 3.29
N GLU A 46 -19.18 46.50 3.39
CA GLU A 46 -18.27 46.48 4.52
C GLU A 46 -18.07 47.91 5.00
N SER A 47 -17.83 48.05 6.31
CA SER A 47 -17.73 49.34 6.95
C SER A 47 -16.29 49.65 7.34
N GLU A 48 -16.02 50.95 7.48
CA GLU A 48 -14.75 51.43 8.00
C GLU A 48 -14.93 51.79 9.47
N LEU A 49 -13.95 51.44 10.29
CA LEU A 49 -14.16 51.49 11.74
C LEU A 49 -14.01 52.91 12.28
N SER A 50 -12.80 53.47 12.20
CA SER A 50 -12.53 54.80 12.75
C SER A 50 -11.12 55.27 12.42
N THR A 51 -10.79 56.49 12.85
CA THR A 51 -9.44 57.02 12.75
C THR A 51 -8.75 57.13 14.10
N GLN A 52 -9.49 57.02 15.21
CA GLN A 52 -8.93 57.10 16.56
C GLN A 52 -8.90 55.76 17.27
N GLU A 53 -9.86 54.87 16.98
CA GLU A 53 -9.90 53.55 17.61
C GLU A 53 -8.76 52.65 17.14
N LYS A 54 -8.08 53.00 16.05
CA LYS A 54 -6.95 52.21 15.61
C LYS A 54 -5.83 52.22 16.65
N SER A 55 -5.57 53.37 17.26
CA SER A 55 -4.56 53.44 18.31
C SER A 55 -4.95 52.60 19.51
N TYR A 56 -6.23 52.63 19.89
CA TYR A 56 -6.70 51.80 21.01
C TYR A 56 -6.51 50.32 20.70
N LEU A 57 -6.89 49.90 19.50
CA LEU A 57 -6.74 48.50 19.12
C LEU A 57 -5.27 48.09 19.07
N SER A 58 -4.40 48.96 18.55
CA SER A 58 -2.98 48.66 18.51
C SER A 58 -2.39 48.55 19.91
N ALA A 59 -2.81 49.44 20.83
CA ALA A 59 -2.33 49.35 22.20
C ALA A 59 -2.81 48.08 22.88
N VAL A 60 -4.04 47.66 22.61
CA VAL A 60 -4.52 46.38 23.15
C VAL A 60 -3.71 45.22 22.58
N GLU A 61 -3.43 45.26 21.27
CA GLU A 61 -2.67 44.18 20.63
C GLU A 61 -1.26 44.09 21.18
N LYS A 62 -0.60 45.23 21.39
CA LYS A 62 0.76 45.24 21.91
C LYS A 62 0.84 44.96 23.39
N GLY A 63 -0.30 44.90 24.08
CA GLY A 63 -0.31 44.67 25.52
C GLY A 63 0.26 45.83 26.33
N ASP A 64 -0.06 47.06 25.95
CA ASP A 64 0.40 48.24 26.67
C ASP A 64 -0.65 48.61 27.71
N TYR A 65 -0.34 48.31 28.98
CA TYR A 65 -1.30 48.57 30.05
C TYR A 65 -1.56 50.06 30.22
N ALA A 66 -0.51 50.88 30.13
CA ALA A 66 -0.65 52.31 30.39
C ALA A 66 -1.48 53.00 29.31
N SER A 67 -1.19 52.72 28.03
CA SER A 67 -1.90 53.38 26.95
C SER A 67 -3.37 53.01 26.93
N VAL A 68 -3.69 51.73 27.14
CA VAL A 68 -5.09 51.31 27.15
C VAL A 68 -5.82 51.94 28.33
N LYS A 69 -5.19 51.97 29.50
CA LYS A 69 -5.81 52.58 30.66
C LYS A 69 -6.05 54.08 30.43
N LEU A 70 -5.12 54.74 29.75
CA LEU A 70 -5.33 56.14 29.38
C LEU A 70 -6.51 56.28 28.42
N ALA A 71 -6.62 55.37 27.45
CA ALA A 71 -7.74 55.43 26.51
C ALA A 71 -9.07 55.22 27.22
N LEU A 72 -9.14 54.26 28.15
CA LEU A 72 -10.37 53.99 28.87
C LEU A 72 -10.69 55.03 29.93
N GLU A 73 -9.78 55.97 30.19
CA GLU A 73 -10.03 56.98 31.20
C GLU A 73 -11.22 57.87 30.86
N GLU A 74 -11.39 58.20 29.58
CA GLU A 74 -12.49 59.08 29.14
C GLU A 74 -13.80 58.32 29.20
N ALA A 75 -14.36 58.25 30.40
CA ALA A 75 -15.65 57.61 30.62
C ALA A 75 -16.78 58.56 30.26
N GLU A 76 -18.00 58.21 30.64
CA GLU A 76 -19.21 59.03 30.42
C GLU A 76 -19.42 59.13 28.91
N ILE A 77 -19.65 60.32 28.35
CA ILE A 77 -19.88 60.45 26.92
C ILE A 77 -18.59 60.16 26.17
N TYR A 78 -18.66 59.26 25.20
CA TYR A 78 -17.48 58.85 24.46
C TYR A 78 -17.00 59.96 23.53
N PHE A 79 -15.69 60.17 23.51
CA PHE A 79 -15.07 61.12 22.58
C PHE A 79 -14.71 60.39 21.27
N LYS A 80 -15.76 59.92 20.60
CA LYS A 80 -15.63 59.14 19.36
C LYS A 80 -14.76 57.91 19.57
N ILE A 81 -14.81 57.33 20.76
CA ILE A 81 -14.11 56.10 21.09
C ILE A 81 -15.12 55.19 21.78
N ASN A 82 -15.60 54.17 21.07
CA ASN A 82 -16.57 53.23 21.61
C ASN A 82 -15.85 51.98 22.08
N ILE A 83 -16.03 51.64 23.36
CA ILE A 83 -15.34 50.50 23.94
C ILE A 83 -15.76 49.20 23.27
N ASN A 84 -16.98 49.14 22.76
CA ASN A 84 -17.50 47.94 22.09
C ASN A 84 -17.44 48.18 20.58
N CYS A 85 -16.25 47.99 20.03
CA CYS A 85 -15.99 48.18 18.61
C CYS A 85 -15.65 46.85 17.96
N ILE A 86 -15.90 46.77 16.65
CA ILE A 86 -15.71 45.54 15.89
C ILE A 86 -14.44 45.66 15.07
N ASP A 87 -13.48 44.77 15.33
CA ASP A 87 -12.27 44.69 14.54
C ASP A 87 -12.61 44.27 13.11
N PRO A 88 -11.81 44.69 12.12
CA PRO A 88 -12.07 44.33 10.72
C PRO A 88 -12.40 42.85 10.51
N LEU A 89 -11.73 41.96 11.25
CA LEU A 89 -12.05 40.54 11.15
C LEU A 89 -13.24 40.15 12.02
N GLY A 90 -13.68 41.04 12.90
CA GLY A 90 -14.85 40.77 13.71
C GLY A 90 -14.57 40.67 15.20
N ARG A 91 -13.34 40.97 15.59
CA ARG A 91 -12.94 40.83 16.99
C ARG A 91 -13.43 42.01 17.82
N THR A 92 -13.51 41.78 19.13
CA THR A 92 -13.80 42.83 20.11
C THR A 92 -12.57 43.02 20.98
N ALA A 93 -12.46 44.23 21.57
CA ALA A 93 -11.29 44.55 22.38
C ALA A 93 -11.07 43.53 23.50
N LEU A 94 -12.14 43.04 24.10
CA LEU A 94 -12.00 41.98 25.10
C LEU A 94 -11.48 40.70 24.46
N LEU A 95 -11.97 40.37 23.26
N LEU A 95 -11.97 40.37 23.26
CA LEU A 95 -11.51 39.16 22.58
CA LEU A 95 -11.50 39.16 22.58
C LEU A 95 -10.04 39.25 22.18
C LEU A 95 -10.03 39.26 22.22
N ILE A 96 -9.57 40.45 21.83
CA ILE A 96 -8.15 40.62 21.49
C ILE A 96 -7.28 40.39 22.72
N ALA A 97 -7.74 40.80 23.90
CA ALA A 97 -7.03 40.49 25.13
C ALA A 97 -7.07 39.00 25.43
N ILE A 98 -8.21 38.35 25.17
CA ILE A 98 -8.36 36.94 25.49
C ILE A 98 -7.42 36.09 24.65
N GLU A 99 -7.32 36.38 23.35
CA GLU A 99 -6.46 35.59 22.47
C GLU A 99 -5.00 35.64 22.88
N ASN A 100 -4.59 36.66 23.64
CA ASN A 100 -3.26 36.75 24.21
C ASN A 100 -3.24 36.47 25.70
N GLU A 101 -4.39 36.12 26.29
CA GLU A 101 -4.56 35.82 27.72
C GLU A 101 -3.75 36.75 28.61
N ASN A 102 -3.87 38.04 28.35
CA ASN A 102 -3.27 39.07 29.21
C ASN A 102 -4.25 39.35 30.34
N LEU A 103 -3.97 38.77 31.51
CA LEU A 103 -4.93 38.82 32.62
C LEU A 103 -5.15 40.25 33.10
N GLU A 104 -4.08 41.04 33.18
CA GLU A 104 -4.22 42.42 33.67
C GLU A 104 -5.11 43.24 32.76
N ILE A 105 -4.92 43.11 31.44
CA ILE A 105 -5.75 43.86 30.50
C ILE A 105 -7.20 43.41 30.57
N ILE A 106 -7.43 42.09 30.72
CA ILE A 106 -8.79 41.58 30.82
C ILE A 106 -9.47 42.14 32.07
N GLU A 107 -8.75 42.16 33.19
CA GLU A 107 -9.31 42.72 34.42
C GLU A 107 -9.59 44.20 34.28
N LEU A 108 -8.69 44.95 33.64
CA LEU A 108 -8.90 46.38 33.43
C LEU A 108 -10.15 46.61 32.58
N LEU A 109 -10.31 45.83 31.51
CA LEU A 109 -11.49 45.96 30.67
C LEU A 109 -12.76 45.60 31.43
N LEU A 110 -12.72 44.56 32.26
CA LEU A 110 -13.90 44.20 33.04
C LEU A 110 -14.21 45.25 34.10
N SER A 111 -13.20 46.02 34.53
CA SER A 111 -13.43 47.06 35.53
C SER A 111 -14.38 48.13 35.02
N PHE A 112 -14.24 48.53 33.76
CA PHE A 112 -15.09 49.55 33.16
C PHE A 112 -16.41 48.98 32.63
N ASN A 113 -16.78 47.78 33.08
CA ASN A 113 -18.07 47.16 32.72
C ASN A 113 -18.24 47.02 31.22
N VAL A 114 -17.18 46.59 30.54
CA VAL A 114 -17.28 46.28 29.11
C VAL A 114 -18.14 45.05 28.93
N TYR A 115 -19.10 45.12 28.01
CA TYR A 115 -20.04 44.03 27.80
C TYR A 115 -19.32 42.79 27.28
N VAL A 116 -19.62 41.64 27.87
CA VAL A 116 -18.95 40.40 27.50
C VAL A 116 -19.67 39.71 26.34
N GLY A 117 -20.95 39.40 26.53
CA GLY A 117 -21.73 38.73 25.50
C GLY A 117 -21.51 37.24 25.47
N ASP A 118 -20.41 36.80 24.84
CA ASP A 118 -20.09 35.38 24.79
C ASP A 118 -18.61 35.12 25.01
N ALA A 119 -17.90 36.00 25.72
CA ALA A 119 -16.48 35.82 25.93
C ALA A 119 -16.16 34.57 26.73
N LEU A 120 -17.10 34.08 27.55
CA LEU A 120 -16.89 32.85 28.30
C LEU A 120 -16.68 31.67 27.36
N LEU A 121 -17.48 31.60 26.29
CA LEU A 121 -17.32 30.50 25.34
C LEU A 121 -15.99 30.57 24.61
N HIS A 122 -15.54 31.78 24.25
CA HIS A 122 -14.24 31.92 23.61
C HIS A 122 -13.11 31.54 24.56
N ALA A 123 -13.23 31.92 25.83
CA ALA A 123 -12.21 31.54 26.82
C ALA A 123 -12.16 30.03 27.01
N ILE A 124 -13.33 29.38 27.03
CA ILE A 124 -13.37 27.92 27.15
C ILE A 124 -12.75 27.27 25.91
N ARG A 125 -13.05 27.81 24.73
CA ARG A 125 -12.47 27.27 23.50
C ARG A 125 -10.95 27.40 23.49
N LYS A 126 -10.43 28.55 23.94
CA LYS A 126 -8.98 28.72 24.02
C LYS A 126 -8.37 28.03 25.23
N GLU A 127 -9.19 27.49 26.13
CA GLU A 127 -8.77 26.70 27.29
C GLU A 127 -7.94 27.51 28.29
N VAL A 128 -8.00 28.83 28.23
CA VAL A 128 -7.33 29.64 29.25
C VAL A 128 -8.11 29.53 30.56
N VAL A 129 -7.37 29.41 31.65
CA VAL A 129 -7.96 29.16 32.96
C VAL A 129 -8.20 30.44 33.74
N GLY A 130 -7.26 31.38 33.71
CA GLY A 130 -7.45 32.63 34.43
C GLY A 130 -8.62 33.44 33.89
N ALA A 131 -8.76 33.48 32.56
CA ALA A 131 -9.89 34.21 31.97
C ALA A 131 -11.22 33.58 32.36
N VAL A 132 -11.30 32.25 32.36
CA VAL A 132 -12.53 31.58 32.78
C VAL A 132 -12.81 31.86 34.25
N GLU A 133 -11.78 31.85 35.09
CA GLU A 133 -11.97 32.15 36.50
C GLU A 133 -12.49 33.57 36.69
N LEU A 134 -11.96 34.52 35.93
CA LEU A 134 -12.45 35.90 36.02
C LEU A 134 -13.89 36.00 35.56
N LEU A 135 -14.22 35.37 34.42
CA LEU A 135 -15.55 35.52 33.83
C LEU A 135 -16.63 34.78 34.61
N LEU A 136 -16.29 33.69 35.31
CA LEU A 136 -17.30 32.95 36.04
C LEU A 136 -17.79 33.74 37.26
N ASN A 137 -16.89 34.44 37.94
CA ASN A 137 -17.24 35.27 39.09
C ASN A 137 -17.35 36.71 38.62
N HIS A 138 -18.55 37.12 38.25
CA HIS A 138 -18.79 38.47 37.75
C HIS A 138 -20.26 38.83 37.90
N GLN A 155 -27.17 41.21 15.60
CA GLN A 155 -26.86 40.02 16.40
C GLN A 155 -26.11 38.98 15.56
N PHE A 156 -24.82 38.81 15.86
CA PHE A 156 -23.97 37.83 15.18
C PHE A 156 -23.19 37.06 16.23
N SER A 157 -23.39 35.75 16.27
CA SER A 157 -22.70 34.87 17.20
C SER A 157 -21.89 33.83 16.43
N ASP A 158 -20.72 33.51 16.94
CA ASP A 158 -19.82 32.54 16.30
C ASP A 158 -20.07 31.12 16.77
N PHE A 159 -21.07 30.90 17.63
CA PHE A 159 -21.37 29.59 18.17
C PHE A 159 -22.80 29.20 17.84
N THR A 160 -23.03 27.91 17.64
CA THR A 160 -24.37 27.40 17.44
C THR A 160 -25.20 27.67 18.70
N PRO A 161 -26.46 28.09 18.56
CA PRO A 161 -27.25 28.42 19.76
C PRO A 161 -27.45 27.25 20.71
N ASP A 162 -27.33 26.02 20.25
CA ASP A 162 -27.50 24.85 21.12
C ASP A 162 -26.18 24.39 21.71
N ILE A 163 -25.45 25.32 22.34
CA ILE A 163 -24.17 25.01 22.97
C ILE A 163 -24.12 25.76 24.30
N THR A 164 -24.07 25.02 25.40
CA THR A 164 -23.86 25.56 26.73
C THR A 164 -22.38 25.49 27.10
N PRO A 165 -21.93 26.29 28.07
CA PRO A 165 -20.50 26.24 28.44
C PRO A 165 -20.02 24.87 28.89
N ILE A 166 -20.88 24.10 29.57
CA ILE A 166 -20.47 22.77 30.00
C ILE A 166 -20.24 21.85 28.81
N ILE A 167 -21.10 21.94 27.79
CA ILE A 167 -20.94 21.11 26.60
C ILE A 167 -19.65 21.46 25.87
N LEU A 168 -19.38 22.76 25.72
CA LEU A 168 -18.15 23.17 25.05
C LEU A 168 -16.93 22.75 25.85
N ALA A 169 -16.99 22.87 27.18
CA ALA A 169 -15.87 22.42 28.01
C ALA A 169 -15.63 20.93 27.85
N ALA A 170 -16.70 20.14 27.82
CA ALA A 170 -16.55 18.69 27.62
C ALA A 170 -16.00 18.39 26.24
N HIS A 171 -16.36 19.19 25.23
CA HIS A 171 -15.76 19.02 23.91
C HIS A 171 -14.26 19.30 23.94
N THR A 172 -13.86 20.35 24.65
CA THR A 172 -12.44 20.68 24.74
C THR A 172 -11.66 19.63 25.52
N ASN A 173 -12.33 18.88 26.40
CA ASN A 173 -11.71 17.80 27.17
C ASN A 173 -10.59 18.34 28.07
N ASN A 174 -10.97 19.27 28.94
CA ASN A 174 -10.05 19.87 29.91
C ASN A 174 -10.54 19.55 31.31
N TYR A 175 -9.67 18.94 32.13
CA TYR A 175 -10.09 18.48 33.44
C TYR A 175 -10.28 19.63 34.41
N GLU A 176 -9.50 20.70 34.28
CA GLU A 176 -9.61 21.82 35.21
C GLU A 176 -10.90 22.61 34.98
N ILE A 177 -11.21 22.91 33.72
CA ILE A 177 -12.38 23.73 33.43
C ILE A 177 -13.66 22.97 33.72
N ILE A 178 -13.69 21.67 33.40
CA ILE A 178 -14.88 20.87 33.66
C ILE A 178 -15.15 20.80 35.16
N LYS A 179 -14.10 20.55 35.96
CA LYS A 179 -14.29 20.51 37.40
C LYS A 179 -14.72 21.86 37.95
N MET A 180 -14.13 22.94 37.42
CA MET A 180 -14.50 24.29 37.87
C MET A 180 -15.97 24.57 37.58
N LEU A 181 -16.45 24.15 36.40
CA LEU A 181 -17.85 24.38 36.05
C LEU A 181 -18.79 23.51 36.88
N VAL A 182 -18.44 22.24 37.07
CA VAL A 182 -19.32 21.35 37.83
C VAL A 182 -19.38 21.74 39.30
N GLN A 183 -18.31 22.35 39.82
CA GLN A 183 -18.33 22.77 41.22
C GLN A 183 -19.43 23.79 41.48
N LYS A 184 -19.63 24.74 40.55
CA LYS A 184 -20.71 25.71 40.70
C LYS A 184 -22.07 25.04 40.58
N GLY A 185 -22.20 24.04 39.72
CA GLY A 185 -23.45 23.34 39.56
C GLY A 185 -24.09 23.54 38.19
N VAL A 186 -23.93 22.56 37.30
CA VAL A 186 -24.46 22.62 35.95
C VAL A 186 -25.25 21.33 35.68
N SER A 187 -25.77 21.23 34.45
CA SER A 187 -26.52 20.06 34.03
C SER A 187 -26.45 19.94 32.52
N VAL A 188 -26.63 18.71 32.04
CA VAL A 188 -26.61 18.40 30.62
C VAL A 188 -27.99 17.90 30.23
N PRO A 189 -28.60 18.41 29.17
CA PRO A 189 -29.92 17.92 28.76
C PRO A 189 -29.89 16.43 28.43
N GLN A 190 -30.98 15.76 28.75
CA GLN A 190 -31.08 14.32 28.50
C GLN A 190 -31.37 14.07 27.03
N PRO A 191 -30.52 13.35 26.30
CA PRO A 191 -30.78 13.09 24.89
C PRO A 191 -31.97 12.15 24.70
N HIS A 192 -32.68 12.36 23.61
CA HIS A 192 -33.81 11.50 23.25
C HIS A 192 -33.34 10.29 22.45
N VAL A 207 -40.70 19.95 11.84
CA VAL A 207 -39.98 21.03 12.53
C VAL A 207 -38.68 21.35 11.82
N ASP A 208 -37.69 21.81 12.58
CA ASP A 208 -36.38 22.17 12.03
C ASP A 208 -35.47 20.97 12.26
N SER A 209 -35.33 20.14 11.22
CA SER A 209 -34.55 18.92 11.35
C SER A 209 -33.04 19.15 11.27
N LEU A 210 -32.61 20.33 10.82
CA LEU A 210 -31.17 20.61 10.79
C LEU A 210 -30.65 20.91 12.19
N ARG A 211 -31.41 21.67 12.98
CA ARG A 211 -30.97 21.97 14.34
C ARG A 211 -31.17 20.79 15.28
N HIS A 212 -32.23 20.01 15.06
CA HIS A 212 -32.50 18.87 15.93
C HIS A 212 -31.51 17.73 15.72
N SER A 213 -30.74 17.75 14.63
CA SER A 213 -29.73 16.73 14.40
C SER A 213 -28.36 17.14 14.94
N ARG A 214 -28.02 18.43 14.83
CA ARG A 214 -26.76 18.90 15.40
C ARG A 214 -26.84 19.01 16.90
N SER A 215 -28.00 19.37 17.44
CA SER A 215 -28.15 19.51 18.88
C SER A 215 -28.04 18.19 19.63
N ARG A 216 -28.15 17.06 18.94
CA ARG A 216 -27.99 15.75 19.56
C ARG A 216 -26.60 15.18 19.40
N LEU A 217 -25.95 15.44 18.26
CA LEU A 217 -24.56 15.00 18.09
C LEU A 217 -23.63 15.75 19.04
N ASN A 218 -23.99 16.97 19.44
CA ASN A 218 -23.18 17.70 20.41
C ASN A 218 -23.40 17.20 21.83
N ILE A 219 -24.61 16.72 22.13
CA ILE A 219 -24.87 16.19 23.46
C ILE A 219 -24.13 14.87 23.68
N TYR A 220 -24.13 14.01 22.67
CA TYR A 220 -23.41 12.75 22.80
C TYR A 220 -21.91 12.95 22.73
N LYS A 221 -21.45 13.99 22.02
CA LYS A 221 -20.02 14.30 21.99
C LYS A 221 -19.52 14.79 23.34
N ALA A 222 -20.41 15.29 24.19
CA ALA A 222 -20.04 15.74 25.53
C ALA A 222 -20.12 14.62 26.56
N LEU A 223 -21.17 13.81 26.50
CA LEU A 223 -21.30 12.68 27.43
C LEU A 223 -20.21 11.65 27.24
N ALA A 224 -19.58 11.60 26.06
CA ALA A 224 -18.57 10.60 25.74
C ALA A 224 -17.16 11.16 25.82
N SER A 225 -16.91 12.07 26.76
CA SER A 225 -15.57 12.60 26.97
C SER A 225 -14.94 11.94 28.19
N PRO A 226 -13.70 11.44 28.07
CA PRO A 226 -13.10 10.70 29.20
C PRO A 226 -12.99 11.51 30.49
N SER A 227 -12.74 12.82 30.39
CA SER A 227 -12.57 13.62 31.59
C SER A 227 -13.88 13.94 32.30
N LEU A 228 -15.02 13.78 31.63
CA LEU A 228 -16.30 13.97 32.29
C LEU A 228 -16.85 12.68 32.88
N ILE A 229 -16.57 11.54 32.24
CA ILE A 229 -16.98 10.25 32.79
C ILE A 229 -16.26 9.98 34.11
N ALA A 230 -14.95 10.24 34.13
CA ALA A 230 -14.19 10.01 35.36
C ALA A 230 -14.68 10.91 36.49
N LEU A 231 -15.00 12.17 36.16
CA LEU A 231 -15.33 13.15 37.19
C LEU A 231 -16.70 12.93 37.79
N SER A 232 -17.71 12.62 36.98
CA SER A 232 -19.10 12.67 37.41
C SER A 232 -19.87 11.42 36.98
N SER A 233 -19.29 10.25 37.22
CA SER A 233 -20.01 9.00 36.99
C SER A 233 -19.78 8.07 38.17
N GLU A 234 -20.84 7.35 38.57
CA GLU A 234 -20.73 6.45 39.71
C GLU A 234 -19.92 5.21 39.35
N ASP A 235 -20.04 4.73 38.11
CA ASP A 235 -19.33 3.55 37.64
C ASP A 235 -18.79 3.84 36.25
N PRO A 236 -17.53 4.29 36.16
CA PRO A 236 -16.96 4.60 34.84
C PRO A 236 -16.83 3.39 33.92
N PHE A 237 -16.85 2.18 34.46
CA PHE A 237 -16.82 1.00 33.61
C PHE A 237 -18.17 0.73 32.97
N LEU A 238 -19.23 0.70 33.78
CA LEU A 238 -20.55 0.38 33.25
C LEU A 238 -21.06 1.47 32.32
N THR A 239 -20.83 2.74 32.65
CA THR A 239 -21.31 3.84 31.82
C THR A 239 -20.51 4.00 30.54
N ALA A 240 -19.42 3.26 30.37
CA ALA A 240 -18.70 3.24 29.11
C ALA A 240 -19.06 2.05 28.24
N PHE A 241 -19.60 0.97 28.84
CA PHE A 241 -20.17 -0.11 28.04
C PHE A 241 -21.48 0.34 27.40
N GLN A 242 -22.36 0.97 28.19
CA GLN A 242 -23.65 1.41 27.67
C GLN A 242 -23.48 2.48 26.61
N LEU A 243 -22.63 3.48 26.88
CA LEU A 243 -22.51 4.62 25.99
C LEU A 243 -21.85 4.27 24.66
N SER A 244 -21.16 3.14 24.57
CA SER A 244 -20.60 2.71 23.29
C SER A 244 -21.54 1.80 22.53
N TRP A 245 -22.48 1.15 23.22
CA TRP A 245 -23.50 0.36 22.53
C TRP A 245 -24.53 1.26 21.85
N GLU A 246 -24.96 2.32 22.55
CA GLU A 246 -25.91 3.24 21.96
C GLU A 246 -25.31 3.96 20.76
N LEU A 247 -24.07 4.42 20.87
CA LEU A 247 -23.42 5.13 19.78
C LEU A 247 -23.12 4.24 18.58
N GLN A 248 -23.26 2.93 18.71
CA GLN A 248 -23.06 2.04 17.58
C GLN A 248 -24.37 1.72 16.87
N GLU A 249 -25.46 1.56 17.63
CA GLU A 249 -26.77 1.35 17.03
C GLU A 249 -27.43 2.66 16.61
N LEU A 250 -26.87 3.81 16.99
CA LEU A 250 -27.36 5.11 16.54
C LEU A 250 -26.68 5.55 15.25
N SER A 251 -25.63 4.85 14.81
CA SER A 251 -25.01 5.16 13.54
C SER A 251 -25.71 4.49 12.37
N LYS A 252 -26.73 3.67 12.63
CA LYS A 252 -27.51 3.05 11.58
C LYS A 252 -28.81 3.80 11.31
N VAL A 253 -29.37 4.45 12.32
CA VAL A 253 -30.56 5.26 12.13
C VAL A 253 -30.24 6.66 11.62
N GLU A 254 -28.98 7.09 11.73
CA GLU A 254 -28.55 8.41 11.32
C GLU A 254 -27.43 8.31 10.30
N ASN A 255 -27.63 7.50 9.26
CA ASN A 255 -26.55 7.17 8.34
C ASN A 255 -25.96 8.39 7.63
N GLU A 256 -26.68 9.52 7.61
CA GLU A 256 -26.07 10.75 7.12
C GLU A 256 -24.89 11.16 7.99
N PHE A 257 -25.06 11.10 9.30
CA PHE A 257 -23.97 11.30 10.25
C PHE A 257 -23.56 9.93 10.78
N LYS A 258 -22.77 9.22 9.98
CA LYS A 258 -22.35 7.86 10.29
C LYS A 258 -20.90 7.77 10.74
N ALA A 259 -19.98 8.41 10.02
CA ALA A 259 -18.58 8.39 10.42
C ALA A 259 -18.32 9.17 11.69
N GLU A 260 -19.24 10.06 12.07
CA GLU A 260 -19.09 10.83 13.31
C GLU A 260 -19.70 10.12 14.51
N TYR A 261 -20.65 9.22 14.29
CA TYR A 261 -21.28 8.51 15.40
C TYR A 261 -20.53 7.24 15.76
N GLU A 262 -19.87 6.61 14.79
CA GLU A 262 -19.13 5.39 15.10
C GLU A 262 -17.71 5.68 15.54
N GLU A 263 -17.12 6.78 15.07
CA GLU A 263 -15.85 7.23 15.62
C GLU A 263 -16.00 7.67 17.07
N LEU A 264 -17.14 8.27 17.41
CA LEU A 264 -17.43 8.62 18.79
C LEU A 264 -17.62 7.39 19.66
N SER A 265 -17.91 6.24 19.05
CA SER A 265 -18.07 5.01 19.81
C SER A 265 -16.76 4.26 19.96
N HIS A 266 -15.81 4.47 19.06
CA HIS A 266 -14.52 3.78 19.16
C HIS A 266 -13.64 4.36 20.25
N GLN A 267 -13.91 5.59 20.70
CA GLN A 267 -13.13 6.16 21.79
C GLN A 267 -13.68 5.79 23.15
N CYS A 268 -14.92 5.31 23.22
CA CYS A 268 -15.46 4.81 24.48
C CYS A 268 -14.97 3.41 24.80
N LYS A 269 -14.52 2.66 23.78
CA LYS A 269 -13.93 1.36 24.01
C LYS A 269 -12.49 1.47 24.51
N HIS A 270 -11.76 2.49 24.05
CA HIS A 270 -10.39 2.68 24.51
C HIS A 270 -10.33 3.26 25.92
N PHE A 271 -11.39 3.96 26.34
CA PHE A 271 -11.39 4.51 27.71
C PHE A 271 -11.42 3.40 28.74
N ALA A 272 -12.26 2.38 28.52
CA ALA A 272 -12.31 1.26 29.46
C ALA A 272 -11.00 0.48 29.47
N LYS A 273 -10.39 0.30 28.29
CA LYS A 273 -9.11 -0.39 28.22
C LYS A 273 -8.03 0.39 28.97
N ASP A 274 -7.98 1.71 28.79
CA ASP A 274 -6.98 2.52 29.48
C ASP A 274 -7.25 2.61 30.97
N LEU A 275 -8.51 2.50 31.38
CA LEU A 275 -8.82 2.54 32.81
C LEU A 275 -8.47 1.22 33.48
N LEU A 276 -8.68 0.10 32.79
CA LEU A 276 -8.25 -1.19 33.33
C LEU A 276 -6.75 -1.38 33.26
N ASP A 277 -6.06 -0.64 32.39
CA ASP A 277 -4.62 -0.76 32.25
C ASP A 277 -3.88 -0.27 33.49
N GLN A 278 -4.56 0.39 34.42
CA GLN A 278 -3.92 1.00 35.58
C GLN A 278 -3.82 0.06 36.77
N THR A 279 -4.26 -1.19 36.63
CA THR A 279 -4.20 -2.13 37.75
C THR A 279 -2.75 -2.41 38.13
N ARG A 280 -2.49 -2.55 39.43
CA ARG A 280 -1.15 -2.72 39.95
C ARG A 280 -0.84 -4.12 40.46
N SER A 281 -1.85 -4.86 40.91
CA SER A 281 -1.64 -6.19 41.48
C SER A 281 -2.70 -7.14 40.95
N SER A 282 -2.58 -8.41 41.34
CA SER A 282 -3.52 -9.42 40.92
C SER A 282 -4.75 -9.49 41.81
N ARG A 283 -4.78 -8.72 42.89
CA ARG A 283 -5.99 -8.66 43.73
C ARG A 283 -6.95 -7.60 43.23
N GLU A 284 -6.44 -6.47 42.73
CA GLU A 284 -7.30 -5.46 42.14
C GLU A 284 -7.96 -5.98 40.87
N LEU A 285 -7.20 -6.67 40.02
CA LEU A 285 -7.76 -7.21 38.79
C LEU A 285 -8.82 -8.27 39.07
N GLU A 286 -8.59 -9.12 40.08
CA GLU A 286 -9.56 -10.15 40.41
C GLU A 286 -10.85 -9.57 40.95
N LEU A 287 -10.77 -8.46 41.70
CA LEU A 287 -11.97 -7.85 42.26
C LEU A 287 -12.85 -7.25 41.16
N ILE A 288 -12.23 -6.61 40.16
CA ILE A 288 -13.00 -5.92 39.13
C ILE A 288 -13.78 -6.92 38.28
N LEU A 289 -13.12 -7.99 37.83
CA LEU A 289 -13.74 -8.93 36.91
C LEU A 289 -14.80 -9.80 37.56
N ASN A 290 -14.87 -9.83 38.89
CA ASN A 290 -15.83 -10.68 39.59
C ASN A 290 -16.88 -9.86 40.34
N PHE A 291 -17.19 -8.66 39.87
CA PHE A 291 -18.20 -7.84 40.52
C PHE A 291 -19.59 -8.25 40.04
N ARG A 292 -20.53 -8.28 40.99
CA ARG A 292 -21.90 -8.74 40.73
C ARG A 292 -21.91 -10.14 40.13
N ASN A 304 -21.71 -16.64 37.72
CA ASN A 304 -21.19 -16.59 39.07
C ASN A 304 -19.84 -15.89 39.10
N GLU A 305 -18.78 -16.61 38.74
CA GLU A 305 -17.46 -16.03 38.67
C GLU A 305 -17.23 -15.36 37.32
N LEU A 306 -16.31 -14.40 37.30
CA LEU A 306 -16.01 -13.61 36.11
C LEU A 306 -17.28 -12.95 35.55
N ALA A 307 -18.12 -12.43 36.45
CA ALA A 307 -19.38 -11.83 36.05
C ALA A 307 -19.15 -10.59 35.19
N ARG A 308 -18.16 -9.77 35.55
CA ARG A 308 -17.91 -8.55 34.79
C ARG A 308 -17.29 -8.85 33.43
N LEU A 309 -16.50 -9.93 33.34
CA LEU A 309 -15.91 -10.29 32.05
C LEU A 309 -16.99 -10.83 31.10
N LYS A 310 -17.96 -11.57 31.63
CA LYS A 310 -19.05 -12.05 30.77
C LYS A 310 -19.98 -10.92 30.37
N LEU A 311 -20.01 -9.82 31.13
CA LEU A 311 -20.77 -8.65 30.73
C LEU A 311 -20.05 -7.87 29.64
N ALA A 312 -18.72 -7.81 29.70
CA ALA A 312 -17.93 -7.13 28.68
C ALA A 312 -17.91 -7.88 27.36
N ILE A 313 -18.32 -9.15 27.34
CA ILE A 313 -18.43 -9.89 26.09
C ILE A 313 -19.77 -9.64 25.41
N LYS A 314 -20.83 -9.49 26.21
CA LYS A 314 -22.15 -9.23 25.65
C LYS A 314 -22.21 -7.88 24.94
N TYR A 315 -21.40 -6.92 25.38
CA TYR A 315 -21.33 -5.61 24.75
C TYR A 315 -20.25 -5.51 23.68
N ARG A 316 -19.58 -6.63 23.37
CA ARG A 316 -18.58 -6.69 22.31
C ARG A 316 -17.44 -5.69 22.55
N GLN A 317 -16.92 -5.70 23.77
CA GLN A 317 -15.75 -4.88 24.13
C GLN A 317 -14.51 -5.69 23.79
N LYS A 318 -14.01 -5.51 22.57
CA LYS A 318 -12.87 -6.30 22.12
C LYS A 318 -11.56 -5.84 22.74
N GLU A 319 -11.39 -4.53 22.95
CA GLU A 319 -10.15 -4.05 23.55
C GLU A 319 -10.08 -4.38 25.03
N PHE A 320 -11.22 -4.40 25.72
CA PHE A 320 -11.25 -4.74 27.14
C PHE A 320 -10.82 -6.17 27.38
N VAL A 321 -11.29 -7.10 26.56
CA VAL A 321 -11.00 -8.52 26.79
C VAL A 321 -9.57 -8.85 26.40
N ALA A 322 -9.11 -8.33 25.26
CA ALA A 322 -7.78 -8.65 24.75
C ALA A 322 -6.72 -7.75 25.40
N GLN A 323 -6.57 -7.91 26.71
CA GLN A 323 -5.55 -7.21 27.47
C GLN A 323 -4.59 -8.21 28.09
N PRO A 324 -3.30 -7.91 28.14
CA PRO A 324 -2.33 -8.91 28.63
C PRO A 324 -2.63 -9.44 30.02
N ASN A 325 -3.10 -8.60 30.95
CA ASN A 325 -3.37 -9.09 32.30
C ASN A 325 -4.60 -10.00 32.35
N CYS A 326 -5.68 -9.60 31.68
CA CYS A 326 -6.86 -10.45 31.61
C CYS A 326 -6.56 -11.74 30.88
N GLN A 327 -5.78 -11.66 29.80
CA GLN A 327 -5.40 -12.88 29.08
C GLN A 327 -4.55 -13.78 29.95
N GLN A 328 -3.65 -13.22 30.75
CA GLN A 328 -2.83 -14.03 31.65
C GLN A 328 -3.70 -14.72 32.70
N LEU A 329 -4.65 -14.00 33.28
CA LEU A 329 -5.56 -14.62 34.24
C LEU A 329 -6.40 -15.73 33.59
N LEU A 330 -6.90 -15.47 32.39
CA LEU A 330 -7.68 -16.49 31.68
C LEU A 330 -6.84 -17.71 31.37
N ALA A 331 -5.59 -17.53 30.95
CA ALA A 331 -4.72 -18.66 30.70
C ALA A 331 -4.41 -19.44 31.98
N SER A 332 -4.22 -18.73 33.09
CA SER A 332 -3.98 -19.41 34.36
C SER A 332 -5.19 -20.23 34.80
N ARG A 333 -6.39 -19.74 34.52
CA ARG A 333 -7.59 -20.55 34.79
C ARG A 333 -7.71 -21.71 33.80
N TRP A 334 -7.28 -21.49 32.55
CA TRP A 334 -7.45 -22.49 31.51
C TRP A 334 -6.54 -23.68 31.72
N TYR A 335 -5.22 -23.45 31.75
CA TYR A 335 -4.28 -24.56 31.86
C TYR A 335 -4.36 -25.25 33.22
N ASP A 336 -4.61 -24.50 34.28
CA ASP A 336 -4.78 -25.05 35.62
C ASP A 336 -3.57 -25.90 36.04
N ARG A 344 7.78 -27.00 27.92
CA ARG A 344 7.55 -27.97 26.85
C ARG A 344 7.94 -27.40 25.49
N HIS A 345 8.06 -28.29 24.50
CA HIS A 345 8.34 -27.91 23.12
C HIS A 345 7.28 -28.53 22.22
N TRP A 346 7.43 -28.30 20.91
CA TRP A 346 6.43 -28.76 19.95
C TRP A 346 6.32 -30.29 19.94
N ALA A 347 7.45 -30.99 20.02
CA ALA A 347 7.45 -32.44 19.89
C ALA A 347 7.05 -33.15 21.17
N GLY A 348 6.86 -32.43 22.28
CA GLY A 348 6.50 -33.06 23.53
C GLY A 348 5.08 -32.78 23.99
N LYS A 349 4.40 -31.86 23.32
CA LYS A 349 3.05 -31.48 23.71
C LYS A 349 1.99 -32.35 23.04
N LEU A 350 2.07 -32.50 21.71
CA LEU A 350 1.06 -33.28 21.01
C LEU A 350 1.10 -34.75 21.42
N ILE A 351 2.25 -35.24 21.90
CA ILE A 351 2.35 -36.62 22.35
C ILE A 351 1.45 -36.84 23.57
N THR A 352 1.55 -35.97 24.56
CA THR A 352 0.69 -36.10 25.74
C THR A 352 -0.76 -35.73 25.41
N CYS A 353 -0.96 -34.86 24.41
CA CYS A 353 -2.32 -34.57 23.97
C CYS A 353 -3.00 -35.83 23.43
N VAL A 354 -2.29 -36.58 22.57
CA VAL A 354 -2.82 -37.83 22.05
C VAL A 354 -2.97 -38.85 23.17
N PHE A 355 -2.02 -38.86 24.11
CA PHE A 355 -2.09 -39.77 25.24
C PHE A 355 -3.38 -39.56 26.03
N ILE A 356 -3.71 -38.30 26.31
CA ILE A 356 -4.94 -38.00 27.04
C ILE A 356 -6.17 -38.29 26.18
N GLY A 357 -6.11 -37.96 24.89
CA GLY A 357 -7.24 -38.18 24.01
C GLY A 357 -7.60 -39.63 23.79
N LEU A 358 -6.61 -40.52 23.81
CA LEU A 358 -6.89 -41.95 23.60
C LEU A 358 -7.77 -42.50 24.70
N MET A 359 -7.55 -42.08 25.95
CA MET A 359 -8.28 -42.59 27.10
C MET A 359 -9.44 -41.69 27.51
N PHE A 360 -10.10 -41.05 26.55
CA PHE A 360 -11.24 -40.20 26.90
C PHE A 360 -12.42 -40.97 27.52
N PRO A 361 -12.64 -42.27 27.24
CA PRO A 361 -13.70 -42.98 27.99
C PRO A 361 -13.22 -43.42 29.37
N LEU A 362 -11.91 -43.67 29.48
CA LEU A 362 -11.36 -44.22 30.72
C LEU A 362 -11.58 -43.27 31.89
N LEU A 363 -11.19 -42.01 31.74
CA LEU A 363 -11.37 -41.04 32.81
C LEU A 363 -12.79 -40.47 32.85
N SER A 364 -13.56 -40.62 31.79
CA SER A 364 -14.95 -40.19 31.81
C SER A 364 -15.84 -41.16 32.59
N LEU A 365 -15.49 -42.45 32.58
CA LEU A 365 -16.23 -43.40 33.41
C LEU A 365 -16.04 -43.09 34.89
N CYS A 366 -14.87 -42.57 35.26
CA CYS A 366 -14.62 -42.23 36.66
C CYS A 366 -15.56 -41.14 37.15
N TYR A 367 -15.93 -40.20 36.29
CA TYR A 367 -16.85 -39.14 36.69
C TYR A 367 -18.23 -39.71 37.01
N LEU A 368 -18.63 -40.78 36.33
CA LEU A 368 -19.91 -41.43 36.61
C LEU A 368 -19.83 -42.41 37.77
N VAL A 369 -18.65 -42.98 38.01
CA VAL A 369 -18.50 -43.93 39.12
C VAL A 369 -18.31 -43.19 40.44
N ALA A 370 -17.23 -42.42 40.55
CA ALA A 370 -16.92 -41.67 41.77
C ALA A 370 -16.12 -40.44 41.40
N PRO A 371 -16.73 -39.26 41.45
CA PRO A 371 -15.99 -38.02 41.14
C PRO A 371 -15.02 -37.66 42.26
N LYS A 372 -13.94 -38.43 42.39
CA LYS A 372 -12.97 -38.25 43.45
C LYS A 372 -11.65 -37.75 42.88
N SER A 373 -10.69 -37.53 43.78
CA SER A 373 -9.44 -36.86 43.40
C SER A 373 -8.52 -37.73 42.56
N ARG A 374 -8.76 -39.05 42.50
CA ARG A 374 -7.87 -39.92 41.74
C ARG A 374 -7.90 -39.57 40.25
N TYR A 375 -9.05 -39.77 39.61
CA TYR A 375 -9.23 -39.37 38.22
C TYR A 375 -10.59 -38.75 37.93
N GLY A 376 -11.50 -38.70 38.91
CA GLY A 376 -12.80 -38.08 38.68
C GLY A 376 -12.75 -36.57 38.60
N LEU A 377 -11.75 -35.94 39.22
CA LEU A 377 -11.56 -34.51 39.14
C LEU A 377 -10.56 -34.09 38.06
N PHE A 378 -9.89 -35.05 37.42
CA PHE A 378 -8.92 -34.72 36.39
C PHE A 378 -9.58 -34.26 35.10
N ILE A 379 -10.83 -34.65 34.87
CA ILE A 379 -11.56 -34.15 33.71
C ILE A 379 -12.09 -32.75 33.94
N ARG A 380 -12.13 -32.29 35.19
CA ARG A 380 -12.67 -30.97 35.50
C ARG A 380 -11.80 -29.83 34.99
N LYS A 381 -10.53 -30.08 34.68
CA LYS A 381 -9.69 -29.05 34.11
C LYS A 381 -10.24 -28.65 32.74
N PRO A 382 -10.41 -27.35 32.47
CA PRO A 382 -10.97 -26.94 31.17
C PRO A 382 -10.15 -27.42 29.98
N PHE A 383 -8.81 -27.40 30.10
CA PHE A 383 -7.99 -27.88 29.00
C PHE A 383 -8.14 -29.38 28.79
N ILE A 384 -8.20 -30.14 29.89
CA ILE A 384 -8.42 -31.58 29.77
C ILE A 384 -9.81 -31.86 29.20
N LYS A 385 -10.82 -31.10 29.65
CA LYS A 385 -12.16 -31.26 29.11
C LYS A 385 -12.22 -30.92 27.63
N PHE A 386 -11.36 -30.00 27.17
CA PHE A 386 -11.33 -29.66 25.75
C PHE A 386 -10.78 -30.81 24.92
N ILE A 387 -9.96 -31.67 25.51
CA ILE A 387 -9.39 -32.80 24.76
C ILE A 387 -10.36 -33.98 24.76
N CYS A 388 -11.15 -34.15 25.82
CA CYS A 388 -12.08 -35.26 25.87
C CYS A 388 -13.29 -35.03 24.96
N HIS A 389 -13.49 -33.80 24.49
CA HIS A 389 -14.54 -33.54 23.52
C HIS A 389 -14.00 -33.56 22.10
N THR A 390 -12.78 -33.06 21.90
CA THR A 390 -12.17 -33.11 20.58
C THR A 390 -11.88 -34.55 20.15
N ALA A 391 -11.40 -35.37 21.08
CA ALA A 391 -11.15 -36.77 20.77
C ALA A 391 -12.44 -37.55 20.59
N SER A 392 -13.51 -37.11 21.25
CA SER A 392 -14.81 -37.76 21.06
C SER A 392 -15.43 -37.37 19.72
N TYR A 393 -15.03 -36.24 19.15
CA TYR A 393 -15.58 -35.84 17.85
C TYR A 393 -14.81 -36.49 16.71
N LEU A 394 -13.49 -36.69 16.87
CA LEU A 394 -12.72 -37.37 15.84
C LEU A 394 -13.09 -38.85 15.76
N THR A 395 -13.51 -39.44 16.89
CA THR A 395 -14.04 -40.80 16.84
C THR A 395 -15.32 -40.87 16.03
N PHE A 396 -16.19 -39.87 16.20
CA PHE A 396 -17.42 -39.81 15.42
C PHE A 396 -17.12 -39.70 13.92
N LEU A 397 -16.16 -38.85 13.56
CA LEU A 397 -15.76 -38.72 12.16
C LEU A 397 -15.09 -39.97 11.62
N PHE A 398 -14.59 -40.84 12.50
CA PHE A 398 -14.00 -42.10 12.03
C PHE A 398 -15.06 -43.15 11.76
N LEU A 399 -16.20 -43.08 12.45
CA LEU A 399 -17.30 -43.99 12.16
C LEU A 399 -18.07 -43.58 10.91
N LEU A 400 -18.21 -42.28 10.68
CA LEU A 400 -18.84 -41.82 9.44
C LEU A 400 -17.99 -42.21 8.23
N LEU A 401 -16.67 -42.09 8.35
CA LEU A 401 -15.78 -42.50 7.27
C LEU A 401 -15.70 -44.02 7.12
N LEU A 402 -16.08 -44.76 8.15
CA LEU A 402 -16.06 -46.22 8.10
C LEU A 402 -17.40 -46.82 7.73
N ALA A 403 -18.48 -46.02 7.73
CA ALA A 403 -19.80 -46.54 7.40
C ALA A 403 -19.95 -46.89 5.92
N SER A 404 -19.05 -46.42 5.06
CA SER A 404 -19.12 -46.67 3.63
C SER A 404 -18.11 -47.72 3.18
N GLN A 405 -17.87 -48.73 4.00
CA GLN A 405 -16.93 -49.79 3.67
C GLN A 405 -17.66 -50.98 3.06
N HIS A 406 -16.97 -51.67 2.15
CA HIS A 406 -17.56 -52.81 1.46
C HIS A 406 -17.85 -53.96 2.43
N ILE A 407 -17.12 -54.04 3.54
CA ILE A 407 -17.33 -55.13 4.49
C ILE A 407 -18.72 -55.05 5.10
N VAL A 408 -19.17 -53.85 5.46
CA VAL A 408 -20.49 -53.68 6.05
C VAL A 408 -21.31 -52.69 5.22
N ASN A 411 -22.84 -56.28 3.11
CA ASN A 411 -24.23 -55.83 3.06
C ASN A 411 -24.71 -55.74 1.61
N PRO A 412 -25.79 -56.44 1.30
CA PRO A 412 -26.31 -56.47 -0.06
C PRO A 412 -27.05 -55.17 -0.40
N ASP A 413 -27.64 -55.15 -1.59
CA ASP A 413 -28.44 -54.03 -2.08
C ASP A 413 -29.89 -54.47 -2.10
N ARG A 414 -30.72 -53.88 -1.25
CA ARG A 414 -32.11 -54.27 -1.10
C ARG A 414 -32.93 -53.10 -0.58
N GLN A 415 -34.24 -53.23 -0.69
CA GLN A 415 -35.15 -52.15 -0.30
C GLN A 415 -35.40 -52.18 1.20
N GLY A 416 -35.32 -51.01 1.82
CA GLY A 416 -35.61 -50.84 3.24
C GLY A 416 -34.90 -51.84 4.12
N PRO A 417 -33.58 -51.75 4.22
CA PRO A 417 -32.82 -52.71 5.01
C PRO A 417 -32.79 -52.33 6.49
N LYS A 418 -32.49 -53.33 7.32
CA LYS A 418 -32.23 -53.08 8.72
C LYS A 418 -30.93 -52.28 8.86
N PRO A 419 -30.88 -51.29 9.75
CA PRO A 419 -29.66 -50.50 9.88
C PRO A 419 -28.46 -51.36 10.27
N THR A 420 -27.32 -51.01 9.69
CA THR A 420 -26.10 -51.79 9.91
C THR A 420 -25.56 -51.55 11.33
N THR A 421 -24.46 -52.24 11.64
CA THR A 421 -23.89 -52.12 12.98
C THR A 421 -23.27 -50.75 13.22
N VAL A 422 -22.80 -50.09 12.16
CA VAL A 422 -22.20 -48.77 12.33
C VAL A 422 -23.26 -47.74 12.71
N GLU A 423 -24.43 -47.81 12.08
CA GLU A 423 -25.47 -46.81 12.31
C GLU A 423 -25.93 -46.82 13.77
N TRP A 424 -26.03 -48.01 14.37
CA TRP A 424 -26.40 -48.08 15.78
C TRP A 424 -25.34 -47.43 16.66
N MET A 425 -24.08 -47.49 16.26
CA MET A 425 -23.02 -46.79 16.99
C MET A 425 -23.07 -45.29 16.73
N ILE A 426 -23.47 -44.89 15.51
CA ILE A 426 -23.56 -43.48 15.18
C ILE A 426 -24.68 -42.80 15.95
N LEU A 427 -25.79 -43.51 16.17
CA LEU A 427 -27.00 -42.91 16.75
C LEU A 427 -26.77 -42.18 18.06
N PRO A 428 -26.01 -42.70 19.04
CA PRO A 428 -25.81 -41.93 20.28
C PRO A 428 -25.19 -40.56 20.08
N TRP A 429 -24.24 -40.44 19.13
CA TRP A 429 -23.65 -39.13 18.88
C TRP A 429 -24.67 -38.15 18.32
N VAL A 430 -25.52 -38.61 17.40
CA VAL A 430 -26.56 -37.75 16.85
C VAL A 430 -27.53 -37.33 17.94
N LEU A 431 -27.92 -38.28 18.81
CA LEU A 431 -28.83 -37.94 19.90
C LEU A 431 -28.19 -36.91 20.84
N GLY A 432 -26.89 -37.08 21.14
CA GLY A 432 -26.22 -36.12 21.99
C GLY A 432 -26.14 -34.73 21.37
N PHE A 433 -25.86 -34.67 20.07
CA PHE A 433 -25.82 -33.37 19.39
C PHE A 433 -27.18 -32.70 19.40
N ILE A 434 -28.25 -33.47 19.14
CA ILE A 434 -29.59 -32.91 19.17
C ILE A 434 -29.94 -32.42 20.56
N TRP A 435 -29.60 -33.20 21.58
CA TRP A 435 -29.85 -32.77 22.96
C TRP A 435 -29.11 -31.50 23.29
N THR A 436 -27.85 -31.40 22.87
CA THR A 436 -27.07 -30.18 23.13
C THR A 436 -27.69 -28.98 22.46
N GLU A 437 -28.10 -29.12 21.19
CA GLU A 437 -28.72 -28.00 20.49
C GLU A 437 -30.04 -27.59 21.15
N ILE A 438 -30.86 -28.56 21.55
CA ILE A 438 -32.13 -28.25 22.20
C ILE A 438 -31.89 -27.54 23.52
N LYS A 439 -30.91 -28.01 24.30
CA LYS A 439 -30.62 -27.38 25.58
C LYS A 439 -30.10 -25.96 25.40
N GLN A 440 -29.23 -25.74 24.40
CA GLN A 440 -28.73 -24.39 24.16
C GLN A 440 -29.83 -23.47 23.65
N MET A 441 -30.80 -24.00 22.91
CA MET A 441 -31.91 -23.17 22.45
C MET A 441 -32.80 -22.75 23.61
N TRP A 442 -32.99 -23.64 24.60
CA TRP A 442 -33.86 -23.34 25.73
C TRP A 442 -33.34 -22.14 26.53
N ASP A 443 -32.05 -22.15 26.87
CA ASP A 443 -31.49 -21.04 27.65
C ASP A 443 -31.45 -19.76 26.83
N GLY A 444 -31.06 -19.85 25.56
CA GLY A 444 -30.99 -18.67 24.72
C GLY A 444 -32.36 -18.08 24.44
N GLY A 445 -33.37 -18.94 24.26
CA GLY A 445 -34.70 -18.48 23.92
C GLY A 445 -34.80 -17.86 22.55
N PHE A 446 -34.15 -18.44 21.55
CA PHE A 446 -34.15 -18.05 20.14
C PHE A 446 -33.52 -16.69 19.89
N GLN A 447 -33.00 -16.01 20.91
CA GLN A 447 -32.30 -14.75 20.73
C GLN A 447 -30.81 -14.97 21.02
N ASP A 448 -29.96 -14.44 20.15
CA ASP A 448 -28.51 -14.57 20.21
C ASP A 448 -28.04 -16.01 20.13
N TYR A 449 -28.94 -16.96 19.84
CA TYR A 449 -28.54 -18.33 19.56
C TYR A 449 -28.38 -18.57 18.06
N ILE A 450 -29.22 -17.94 17.24
CA ILE A 450 -29.11 -18.05 15.79
C ILE A 450 -28.22 -16.98 15.19
N HIS A 451 -27.75 -16.03 16.00
CA HIS A 451 -26.93 -14.92 15.49
C HIS A 451 -25.46 -15.30 15.40
N ASP A 452 -25.20 -16.48 14.82
CA ASP A 452 -23.85 -16.97 14.55
C ASP A 452 -23.94 -18.19 13.65
N TRP A 453 -23.09 -18.25 12.63
CA TRP A 453 -23.24 -19.28 11.60
C TRP A 453 -22.90 -20.67 12.13
N TRP A 454 -22.08 -20.75 13.17
CA TRP A 454 -21.71 -22.06 13.71
C TRP A 454 -22.82 -22.71 14.51
N ASN A 455 -23.97 -22.06 14.65
CA ASN A 455 -25.18 -22.71 15.13
C ASN A 455 -26.21 -22.94 14.03
N LEU A 456 -26.23 -22.09 13.00
CA LEU A 456 -27.04 -22.38 11.83
C LEU A 456 -26.58 -23.66 11.14
N MET A 457 -25.26 -23.85 11.04
CA MET A 457 -24.73 -25.09 10.47
C MET A 457 -25.16 -26.30 11.30
N ASP A 458 -25.10 -26.18 12.63
CA ASP A 458 -25.54 -27.27 13.49
C ASP A 458 -27.02 -27.56 13.33
N PHE A 459 -27.83 -26.51 13.21
CA PHE A 459 -29.27 -26.70 13.00
C PHE A 459 -29.54 -27.43 11.70
N VAL A 460 -28.86 -27.03 10.62
CA VAL A 460 -29.03 -27.71 9.34
C VAL A 460 -28.59 -29.16 9.43
N MET A 461 -27.46 -29.41 10.07
CA MET A 461 -26.96 -30.78 10.20
C MET A 461 -27.93 -31.66 10.97
N ASN A 462 -28.46 -31.15 12.08
CA ASN A 462 -29.39 -31.92 12.88
C ASN A 462 -30.71 -32.14 12.15
N SER A 463 -31.16 -31.15 11.39
CA SER A 463 -32.35 -31.34 10.57
C SER A 463 -32.14 -32.43 9.54
N LEU A 464 -30.97 -32.44 8.89
CA LEU A 464 -30.67 -33.49 7.91
C LEU A 464 -30.63 -34.86 8.56
N TYR A 465 -30.01 -34.97 9.73
CA TYR A 465 -29.95 -36.26 10.42
C TYR A 465 -31.34 -36.74 10.83
N LEU A 466 -32.18 -35.83 11.34
CA LEU A 466 -33.54 -36.20 11.68
C LEU A 466 -34.32 -36.64 10.46
N ALA A 467 -34.14 -35.95 9.34
CA ALA A 467 -34.82 -36.34 8.10
C ALA A 467 -34.37 -37.72 7.64
N THR A 468 -33.07 -38.01 7.76
CA THR A 468 -32.56 -39.33 7.40
C THR A 468 -33.18 -40.41 8.27
N ILE A 469 -33.22 -40.18 9.58
CA ILE A 469 -33.79 -41.17 10.49
C ILE A 469 -35.26 -41.40 10.17
N SER A 470 -36.01 -40.32 9.94
CA SER A 470 -37.43 -40.44 9.63
C SER A 470 -37.65 -41.18 8.32
N LEU A 471 -36.87 -40.86 7.29
CA LEU A 471 -37.03 -41.53 6.01
C LEU A 471 -36.71 -43.02 6.11
N LYS A 472 -35.65 -43.37 6.85
CA LYS A 472 -35.33 -44.79 6.99
C LYS A 472 -36.40 -45.54 7.79
N ILE A 473 -36.90 -44.93 8.87
CA ILE A 473 -37.92 -45.61 9.66
C ILE A 473 -39.23 -45.72 8.89
N VAL A 474 -39.50 -44.78 7.98
CA VAL A 474 -40.67 -44.89 7.12
C VAL A 474 -40.49 -46.01 6.10
N ALA A 475 -39.30 -46.06 5.47
CA ALA A 475 -39.05 -47.05 4.44
C ALA A 475 -38.93 -48.47 5.00
N TYR A 476 -38.65 -48.61 6.29
CA TYR A 476 -38.50 -49.95 6.86
C TYR A 476 -39.83 -50.69 6.93
N VAL A 477 -40.93 -49.99 7.20
CA VAL A 477 -42.20 -50.64 7.48
C VAL A 477 -43.11 -50.70 6.25
N LYS A 478 -42.66 -50.21 5.10
CA LYS A 478 -43.49 -50.22 3.90
C LYS A 478 -42.82 -50.83 2.69
N TYR A 479 -41.53 -51.20 2.77
CA TYR A 479 -40.85 -51.89 1.69
C TYR A 479 -40.02 -53.02 2.27
N SER A 480 -39.94 -54.12 1.52
CA SER A 480 -39.21 -55.30 1.95
C SER A 480 -38.80 -56.09 0.71
N GLY A 481 -38.23 -57.27 0.93
CA GLY A 481 -37.78 -58.11 -0.15
C GLY A 481 -36.45 -57.65 -0.73
N CYS A 482 -36.11 -58.24 -1.87
CA CYS A 482 -34.87 -57.92 -2.57
C CYS A 482 -35.18 -57.71 -4.05
N LYS A 483 -34.77 -56.55 -4.57
CA LYS A 483 -34.92 -56.22 -5.97
C LYS A 483 -33.65 -55.50 -6.41
N PRO A 484 -33.16 -55.77 -7.62
CA PRO A 484 -31.93 -55.13 -8.07
C PRO A 484 -32.04 -53.61 -8.05
N ARG A 485 -30.95 -52.95 -7.66
CA ARG A 485 -30.96 -51.50 -7.50
C ARG A 485 -31.19 -50.78 -8.83
N ASP A 486 -30.74 -51.36 -9.94
CA ASP A 486 -30.95 -50.74 -11.24
C ASP A 486 -32.40 -50.76 -11.68
N THR A 487 -33.27 -51.53 -11.02
CA THR A 487 -34.68 -51.59 -11.37
C THR A 487 -35.53 -50.64 -10.54
N TRP A 488 -34.99 -50.07 -9.48
CA TRP A 488 -35.76 -49.17 -8.63
C TRP A 488 -36.14 -47.90 -9.38
N GLU A 489 -37.24 -47.29 -8.97
CA GLU A 489 -37.62 -45.99 -9.48
C GLU A 489 -37.08 -44.89 -8.58
N MET A 490 -36.82 -43.73 -9.17
CA MET A 490 -36.33 -42.60 -8.38
C MET A 490 -37.39 -42.15 -7.39
N TRP A 491 -36.94 -41.35 -6.41
CA TRP A 491 -37.73 -40.90 -5.26
C TRP A 491 -38.12 -42.05 -4.35
N HIS A 492 -37.47 -43.20 -4.49
CA HIS A 492 -37.62 -44.27 -3.51
C HIS A 492 -37.08 -43.78 -2.17
N PRO A 493 -37.76 -44.07 -1.05
CA PRO A 493 -37.31 -43.51 0.24
C PRO A 493 -35.90 -43.90 0.62
N THR A 494 -35.43 -45.08 0.23
CA THR A 494 -34.05 -45.46 0.53
C THR A 494 -33.05 -44.57 -0.22
N LEU A 495 -33.32 -44.31 -1.50
CA LEU A 495 -32.41 -43.49 -2.30
C LEU A 495 -32.38 -42.05 -1.80
N VAL A 496 -33.53 -41.53 -1.37
CA VAL A 496 -33.55 -40.17 -0.84
C VAL A 496 -32.90 -40.12 0.54
N ALA A 497 -33.15 -41.13 1.38
CA ALA A 497 -32.57 -41.16 2.72
C ALA A 497 -31.05 -41.23 2.67
N GLU A 498 -30.51 -42.07 1.79
CA GLU A 498 -29.06 -42.20 1.74
C GLU A 498 -28.42 -40.93 1.19
N ALA A 499 -29.07 -40.27 0.24
CA ALA A 499 -28.55 -38.99 -0.26
C ALA A 499 -28.57 -37.92 0.83
N VAL A 500 -29.65 -37.86 1.61
CA VAL A 500 -29.73 -36.90 2.69
C VAL A 500 -28.65 -37.17 3.74
N PHE A 501 -28.43 -38.45 4.05
CA PHE A 501 -27.39 -38.80 5.02
C PHE A 501 -26.00 -38.46 4.48
N ALA A 502 -25.78 -38.62 3.18
CA ALA A 502 -24.49 -38.27 2.60
C ALA A 502 -24.27 -36.76 2.57
N ILE A 503 -25.33 -35.98 2.38
CA ILE A 503 -25.19 -34.52 2.42
C ILE A 503 -24.83 -34.06 3.82
N ALA A 504 -25.39 -34.70 4.84
CA ALA A 504 -25.14 -34.28 6.22
C ALA A 504 -23.70 -34.50 6.64
N ASN A 505 -23.05 -35.54 6.10
CA ASN A 505 -21.67 -35.84 6.51
C ASN A 505 -20.72 -34.71 6.11
N ILE A 506 -21.07 -33.92 5.10
CA ILE A 506 -20.22 -32.79 4.73
C ILE A 506 -20.27 -31.70 5.78
N PHE A 507 -21.41 -31.49 6.44
CA PHE A 507 -21.52 -30.49 7.48
C PHE A 507 -20.91 -30.96 8.79
N SER A 508 -21.01 -32.25 9.09
CA SER A 508 -20.38 -32.78 10.30
C SER A 508 -18.87 -32.67 10.24
N SER A 509 -18.29 -32.95 9.07
CA SER A 509 -16.84 -32.86 8.91
C SER A 509 -16.38 -31.42 8.78
N LEU A 510 -17.20 -30.55 8.21
CA LEU A 510 -16.82 -29.14 8.06
C LEU A 510 -16.93 -28.36 9.36
N ARG A 511 -17.61 -28.90 10.37
CA ARG A 511 -17.68 -28.26 11.67
C ARG A 511 -16.34 -28.32 12.40
N LEU A 512 -15.41 -29.15 11.94
CA LEU A 512 -14.10 -29.28 12.58
C LEU A 512 -13.23 -28.04 12.40
N ILE A 513 -13.64 -27.10 11.55
CA ILE A 513 -12.82 -25.90 11.32
C ILE A 513 -12.90 -24.97 12.51
N SER A 514 -14.00 -25.01 13.27
CA SER A 514 -14.17 -24.08 14.39
C SER A 514 -13.18 -24.35 15.51
N LEU A 515 -12.50 -25.50 15.51
CA LEU A 515 -11.50 -25.79 16.51
C LEU A 515 -10.19 -25.07 16.24
N PHE A 516 -10.03 -24.44 15.07
CA PHE A 516 -8.78 -23.75 14.76
C PHE A 516 -8.59 -22.48 15.58
N THR A 517 -9.64 -21.97 16.21
CA THR A 517 -9.48 -20.79 17.06
C THR A 517 -9.05 -21.23 18.46
N ALA A 518 -8.05 -22.11 18.51
CA ALA A 518 -7.37 -22.47 19.75
C ALA A 518 -5.87 -22.59 19.57
N ASN A 519 -5.38 -22.66 18.34
CA ASN A 519 -3.96 -22.72 18.04
C ASN A 519 -3.49 -21.33 17.63
N SER A 520 -2.34 -20.91 18.15
CA SER A 520 -1.87 -19.55 17.94
C SER A 520 -1.41 -19.29 16.51
N HIS A 521 -1.27 -20.32 15.68
CA HIS A 521 -0.85 -20.14 14.29
C HIS A 521 -2.02 -20.23 13.32
N LEU A 522 -2.90 -21.20 13.50
CA LEU A 522 -4.08 -21.36 12.65
C LEU A 522 -5.27 -20.54 13.13
N GLY A 523 -5.15 -19.86 14.26
CA GLY A 523 -6.23 -19.07 14.81
C GLY A 523 -6.43 -17.76 14.08
N PRO A 524 -5.41 -16.89 14.09
CA PRO A 524 -5.54 -15.61 13.38
C PRO A 524 -5.78 -15.75 11.90
N LEU A 525 -5.47 -16.90 11.31
CA LEU A 525 -5.68 -17.07 9.88
C LEU A 525 -7.12 -17.43 9.57
N GLN A 526 -7.76 -18.24 10.41
CA GLN A 526 -9.16 -18.60 10.17
C GLN A 526 -10.08 -17.40 10.33
N ILE A 527 -9.84 -16.58 11.36
CA ILE A 527 -10.64 -15.38 11.56
C ILE A 527 -10.44 -14.40 10.42
N SER A 528 -9.20 -14.26 9.93
CA SER A 528 -8.91 -13.26 8.91
C SER A 528 -9.57 -13.59 7.58
N LEU A 529 -9.86 -14.86 7.30
CA LEU A 529 -10.51 -15.25 6.06
C LEU A 529 -11.99 -15.53 6.24
N GLY A 530 -12.50 -15.41 7.45
CA GLY A 530 -13.91 -15.48 7.71
C GLY A 530 -14.60 -14.13 7.75
N ARG A 531 -13.87 -13.06 7.44
CA ARG A 531 -14.41 -11.71 7.41
C ARG A 531 -14.34 -11.06 6.04
N MET A 532 -13.38 -11.46 5.20
CA MET A 532 -13.42 -11.13 3.79
C MET A 532 -14.25 -12.11 3.00
N LEU A 533 -15.05 -12.93 3.69
CA LEU A 533 -16.06 -13.78 3.07
C LEU A 533 -17.41 -13.08 3.01
N LEU A 534 -17.60 -12.01 3.78
CA LEU A 534 -18.79 -11.17 3.68
C LEU A 534 -18.71 -10.21 2.50
N ASP A 535 -17.55 -10.07 1.88
CA ASP A 535 -17.41 -9.26 0.67
C ASP A 535 -17.57 -10.07 -0.60
N ILE A 536 -17.40 -11.39 -0.54
CA ILE A 536 -17.69 -12.24 -1.69
C ILE A 536 -19.19 -12.27 -1.97
N LEU A 537 -20.01 -12.28 -0.92
CA LEU A 537 -21.45 -12.37 -1.08
C LEU A 537 -22.03 -11.17 -1.83
N LYS A 538 -21.33 -10.03 -1.85
CA LYS A 538 -21.79 -8.88 -2.61
C LYS A 538 -21.54 -9.04 -4.11
N PHE A 539 -20.50 -9.77 -4.48
CA PHE A 539 -20.24 -10.04 -5.90
C PHE A 539 -21.22 -11.05 -6.47
N LEU A 540 -21.84 -11.87 -5.61
CA LEU A 540 -22.78 -12.87 -6.09
C LEU A 540 -24.02 -12.22 -6.70
N PHE A 541 -24.47 -11.11 -6.13
CA PHE A 541 -25.65 -10.43 -6.67
C PHE A 541 -25.39 -9.86 -8.06
N ILE A 542 -24.14 -9.66 -8.44
CA ILE A 542 -23.81 -9.22 -9.79
C ILE A 542 -23.59 -10.40 -10.72
N TYR A 543 -22.89 -11.43 -10.24
CA TYR A 543 -22.66 -12.60 -11.08
C TYR A 543 -23.96 -13.30 -11.43
N CYS A 544 -24.89 -13.40 -10.47
CA CYS A 544 -26.18 -14.04 -10.77
C CYS A 544 -26.96 -13.25 -11.80
N LEU A 545 -26.94 -11.92 -11.71
CA LEU A 545 -27.63 -11.11 -12.70
C LEU A 545 -27.03 -11.30 -14.09
N VAL A 546 -25.70 -11.32 -14.19
CA VAL A 546 -25.07 -11.55 -15.49
C VAL A 546 -25.42 -12.93 -16.02
N LEU A 547 -25.38 -13.95 -15.15
CA LEU A 547 -25.72 -15.31 -15.54
C LEU A 547 -27.14 -15.39 -16.08
N LEU A 548 -28.09 -14.80 -15.37
CA LEU A 548 -29.48 -14.81 -15.82
C LEU A 548 -29.65 -14.05 -17.13
N ALA A 549 -28.99 -12.90 -17.26
CA ALA A 549 -29.09 -12.11 -18.48
C ALA A 549 -28.63 -12.91 -19.70
N PHE A 550 -27.50 -13.60 -19.58
CA PHE A 550 -27.01 -14.35 -20.74
C PHE A 550 -27.78 -15.65 -20.95
N ALA A 551 -28.23 -16.30 -19.88
CA ALA A 551 -29.00 -17.53 -20.02
C ALA A 551 -30.33 -17.27 -20.72
N ASN A 552 -30.98 -16.16 -20.39
CA ASN A 552 -32.24 -15.82 -21.05
C ASN A 552 -32.05 -15.74 -22.56
N GLY A 553 -31.05 -15.01 -23.02
CA GLY A 553 -30.77 -14.88 -24.43
C GLY A 553 -30.40 -16.19 -25.11
N LEU A 554 -29.53 -16.98 -24.46
CA LEU A 554 -29.13 -18.24 -25.05
C LEU A 554 -30.31 -19.20 -25.20
N ASN A 555 -31.14 -19.30 -24.15
CA ASN A 555 -32.31 -20.17 -24.22
C ASN A 555 -33.30 -19.66 -25.26
N GLN A 556 -33.51 -18.34 -25.33
CA GLN A 556 -34.41 -17.80 -26.35
C GLN A 556 -33.93 -18.16 -27.75
N LEU A 557 -32.63 -18.06 -28.00
CA LEU A 557 -32.11 -18.39 -29.31
C LEU A 557 -32.23 -19.88 -29.62
N TYR A 558 -31.91 -20.74 -28.66
CA TYR A 558 -31.69 -22.16 -28.93
C TYR A 558 -32.87 -23.07 -28.58
N PHE A 559 -33.97 -22.54 -28.05
CA PHE A 559 -35.04 -23.44 -27.60
C PHE A 559 -35.80 -24.11 -28.74
N TYR A 560 -35.66 -23.63 -29.98
CA TYR A 560 -36.44 -24.15 -31.09
C TYR A 560 -35.85 -25.40 -31.73
N TYR A 561 -34.61 -25.76 -31.40
CA TYR A 561 -33.93 -26.87 -32.06
C TYR A 561 -33.82 -28.11 -31.19
N GLU A 562 -34.61 -28.22 -30.13
CA GLU A 562 -34.54 -29.37 -29.25
C GLU A 562 -34.90 -30.65 -30.00
N ASN A 563 -34.06 -31.68 -29.82
CA ASN A 563 -34.31 -32.99 -30.39
C ASN A 563 -33.85 -34.05 -29.40
N SER A 564 -34.51 -35.21 -29.44
CA SER A 564 -34.21 -36.28 -28.51
C SER A 564 -34.22 -37.67 -29.13
N GLU A 565 -34.27 -37.78 -30.46
CA GLU A 565 -34.32 -39.09 -31.09
C GLU A 565 -32.94 -39.75 -31.07
N GLY A 566 -32.94 -41.06 -30.86
CA GLY A 566 -31.69 -41.82 -30.85
C GLY A 566 -30.71 -41.38 -29.78
N MET A 567 -31.19 -40.95 -28.62
CA MET A 567 -30.33 -40.44 -27.56
C MET A 567 -30.78 -41.07 -26.24
N THR A 568 -30.06 -42.11 -25.80
CA THR A 568 -30.30 -42.65 -24.47
C THR A 568 -29.84 -41.67 -23.39
N CYS A 569 -28.97 -40.73 -23.75
CA CYS A 569 -28.49 -39.70 -22.85
C CYS A 569 -28.87 -38.33 -23.38
N LYS A 570 -29.17 -37.42 -22.46
CA LYS A 570 -29.57 -36.06 -22.82
C LYS A 570 -29.05 -35.09 -21.78
N GLY A 571 -28.34 -34.06 -22.22
CA GLY A 571 -27.86 -33.01 -21.34
C GLY A 571 -26.38 -32.77 -21.57
N ILE A 572 -25.77 -32.11 -20.59
CA ILE A 572 -24.33 -31.83 -20.63
C ILE A 572 -23.53 -32.78 -19.76
N ARG A 573 -24.17 -33.49 -18.83
CA ARG A 573 -23.47 -34.44 -17.97
C ARG A 573 -23.44 -35.83 -18.58
N CYS A 574 -22.93 -35.93 -19.81
CA CYS A 574 -22.78 -37.22 -20.47
C CYS A 574 -21.55 -37.17 -21.37
N GLU A 575 -21.23 -38.33 -21.96
CA GLU A 575 -20.00 -38.44 -22.74
C GLU A 575 -20.05 -37.55 -23.97
N ARG A 576 -21.20 -37.45 -24.62
CA ARG A 576 -21.41 -36.52 -25.72
C ARG A 576 -22.51 -35.53 -25.33
N GLN A 577 -22.18 -34.25 -25.34
CA GLN A 577 -23.10 -33.21 -24.90
C GLN A 577 -23.91 -32.70 -26.10
N ASN A 578 -25.24 -32.69 -25.95
CA ASN A 578 -26.10 -32.45 -27.10
C ASN A 578 -27.11 -31.32 -26.88
N ASN A 579 -27.67 -31.21 -25.69
CA ASN A 579 -28.80 -30.32 -25.42
C ASN A 579 -28.43 -29.29 -24.35
N ALA A 580 -27.29 -28.65 -24.54
CA ALA A 580 -26.80 -27.69 -23.55
C ALA A 580 -27.78 -26.54 -23.35
N PHE A 581 -28.31 -25.99 -24.44
CA PHE A 581 -29.14 -24.80 -24.38
C PHE A 581 -30.57 -25.09 -24.85
N SER A 582 -31.16 -26.19 -24.37
CA SER A 582 -32.51 -26.55 -24.78
C SER A 582 -33.58 -26.12 -23.79
N THR A 583 -33.25 -26.05 -22.50
CA THR A 583 -34.18 -25.62 -21.47
C THR A 583 -33.48 -24.62 -20.55
N LEU A 584 -34.29 -23.84 -19.83
CA LEU A 584 -33.73 -22.83 -18.95
C LEU A 584 -32.96 -23.45 -17.79
N PHE A 585 -33.40 -24.60 -17.28
CA PHE A 585 -32.66 -25.29 -16.23
C PHE A 585 -31.30 -25.76 -16.75
N GLU A 586 -31.30 -26.45 -17.89
CA GLU A 586 -30.04 -26.93 -18.45
C GLU A 586 -29.16 -25.79 -18.92
N THR A 587 -29.76 -24.67 -19.35
CA THR A 587 -28.95 -23.51 -19.73
C THR A 587 -28.33 -22.85 -18.52
N LEU A 588 -29.07 -22.75 -17.42
CA LEU A 588 -28.52 -22.19 -16.20
C LEU A 588 -27.39 -23.05 -15.65
N GLN A 589 -27.56 -24.37 -15.71
CA GLN A 589 -26.52 -25.27 -15.21
C GLN A 589 -25.47 -25.60 -16.27
N SER A 590 -25.58 -25.04 -17.47
CA SER A 590 -24.57 -25.20 -18.50
C SER A 590 -23.62 -24.02 -18.60
N LEU A 591 -24.01 -22.85 -18.09
CA LEU A 591 -23.11 -21.70 -18.04
C LEU A 591 -22.29 -21.69 -16.77
N PHE A 592 -22.71 -22.45 -15.75
CA PHE A 592 -21.93 -22.57 -14.52
C PHE A 592 -20.69 -23.42 -14.76
N TRP A 593 -20.85 -24.56 -15.44
CA TRP A 593 -19.72 -25.45 -15.71
C TRP A 593 -18.74 -24.88 -16.73
N SER A 594 -19.09 -23.80 -17.42
CA SER A 594 -18.18 -23.20 -18.38
C SER A 594 -17.13 -22.32 -17.72
N ILE A 595 -17.26 -22.07 -16.42
CA ILE A 595 -16.20 -21.36 -15.69
C ILE A 595 -14.96 -22.24 -15.60
N PHE A 596 -15.14 -23.53 -15.36
CA PHE A 596 -14.05 -24.46 -15.17
C PHE A 596 -13.63 -25.14 -16.47
N GLY A 597 -14.21 -24.76 -17.60
CA GLY A 597 -13.82 -25.33 -18.87
C GLY A 597 -14.31 -26.73 -19.11
N LEU A 598 -15.43 -27.12 -18.50
CA LEU A 598 -15.97 -28.46 -18.64
C LEU A 598 -17.07 -28.56 -19.67
N ILE A 599 -17.28 -27.52 -20.48
CA ILE A 599 -18.27 -27.51 -21.55
C ILE A 599 -17.53 -27.38 -22.87
N SER A 600 -17.79 -28.32 -23.78
CA SER A 600 -17.10 -28.36 -25.06
C SER A 600 -17.68 -27.33 -26.02
N LEU A 601 -17.01 -27.19 -27.17
CA LEU A 601 -17.38 -26.18 -28.15
C LEU A 601 -18.40 -26.66 -29.18
N TYR A 602 -18.68 -27.96 -29.24
CA TYR A 602 -19.63 -28.48 -30.22
C TYR A 602 -21.07 -28.49 -29.71
N VAL A 603 -21.32 -27.93 -28.52
CA VAL A 603 -22.69 -27.79 -28.02
C VAL A 603 -23.42 -26.62 -28.66
N THR A 604 -22.74 -25.80 -29.45
CA THR A 604 -23.33 -24.64 -30.11
C THR A 604 -23.77 -24.93 -31.54
N ASN A 605 -23.78 -26.19 -31.95
CA ASN A 605 -24.21 -26.59 -33.29
C ASN A 605 -25.61 -27.17 -33.23
N VAL A 606 -26.26 -27.19 -34.40
CA VAL A 606 -27.60 -27.74 -34.56
C VAL A 606 -27.59 -28.68 -35.76
N LYS A 607 -28.59 -29.57 -35.81
CA LYS A 607 -28.74 -30.52 -36.91
C LYS A 607 -29.39 -29.84 -38.12
N ALA A 608 -28.71 -28.81 -38.61
CA ALA A 608 -29.18 -28.04 -39.76
C ALA A 608 -28.00 -27.28 -40.35
N ASP A 609 -28.26 -26.57 -41.44
CA ASP A 609 -27.26 -25.75 -42.10
C ASP A 609 -27.47 -24.26 -41.82
N HIS A 610 -28.08 -23.95 -40.69
CA HIS A 610 -28.33 -22.56 -40.28
C HIS A 610 -27.03 -22.00 -39.71
N LYS A 611 -26.13 -21.60 -40.61
CA LYS A 611 -24.83 -21.10 -40.20
C LYS A 611 -24.88 -19.73 -39.55
N PHE A 612 -26.02 -19.04 -39.60
CA PHE A 612 -26.11 -17.72 -39.00
C PHE A 612 -26.44 -17.77 -37.52
N THR A 613 -27.41 -18.59 -37.12
CA THR A 613 -27.77 -18.67 -35.71
C THR A 613 -26.66 -19.32 -34.88
N GLU A 614 -25.93 -20.27 -35.46
CA GLU A 614 -24.84 -20.91 -34.74
C GLU A 614 -23.75 -19.89 -34.39
N PHE A 615 -23.43 -19.00 -35.33
CA PHE A 615 -22.43 -17.98 -35.05
C PHE A 615 -22.90 -17.02 -33.97
N VAL A 616 -24.19 -16.65 -33.98
CA VAL A 616 -24.72 -15.77 -32.95
C VAL A 616 -24.66 -16.45 -31.58
N GLY A 617 -25.01 -17.72 -31.52
CA GLY A 617 -24.93 -18.44 -30.25
C GLY A 617 -23.50 -18.57 -29.75
N ALA A 618 -22.56 -18.85 -30.65
CA ALA A 618 -21.16 -18.92 -30.27
C ALA A 618 -20.67 -17.56 -29.79
N THR A 619 -21.12 -16.47 -30.42
CA THR A 619 -20.72 -15.14 -29.98
C THR A 619 -21.29 -14.82 -28.59
N MET A 620 -22.53 -15.23 -28.33
CA MET A 620 -23.09 -15.05 -27.00
C MET A 620 -22.29 -15.82 -25.96
N PHE A 621 -21.95 -17.07 -26.26
CA PHE A 621 -21.16 -17.88 -25.32
C PHE A 621 -19.78 -17.27 -25.08
N GLY A 622 -19.12 -16.81 -26.14
CA GLY A 622 -17.83 -16.19 -25.97
C GLY A 622 -17.89 -14.89 -25.19
N THR A 623 -18.90 -14.08 -25.44
CA THR A 623 -19.05 -12.83 -24.71
C THR A 623 -19.36 -13.08 -23.23
N TYR A 624 -20.12 -14.13 -22.93
CA TYR A 624 -20.31 -14.51 -21.54
C TYR A 624 -19.00 -14.96 -20.90
N ASN A 625 -18.19 -15.71 -21.64
CA ASN A 625 -16.91 -16.16 -21.11
C ASN A 625 -15.98 -14.98 -20.83
N VAL A 626 -15.97 -13.99 -21.72
CA VAL A 626 -15.08 -12.83 -21.54
C VAL A 626 -15.49 -12.03 -20.30
N ILE A 627 -16.79 -11.82 -20.11
CA ILE A 627 -17.25 -10.98 -19.01
C ILE A 627 -16.94 -11.63 -17.67
N SER A 628 -17.17 -12.94 -17.56
CA SER A 628 -17.07 -13.60 -16.26
C SER A 628 -15.65 -14.03 -15.91
N LEU A 629 -14.88 -14.50 -16.88
CA LEU A 629 -13.57 -15.06 -16.60
C LEU A 629 -12.43 -14.05 -16.68
N VAL A 630 -12.61 -12.96 -17.43
CA VAL A 630 -11.55 -11.98 -17.60
C VAL A 630 -11.83 -10.67 -16.85
N VAL A 631 -13.09 -10.32 -16.66
CA VAL A 631 -13.46 -9.03 -16.05
C VAL A 631 -14.09 -9.23 -14.67
N LEU A 632 -15.12 -10.07 -14.58
CA LEU A 632 -15.89 -10.11 -13.34
C LEU A 632 -15.17 -10.90 -12.25
N LEU A 633 -14.69 -12.10 -12.56
CA LEU A 633 -13.94 -12.90 -11.60
C LEU A 633 -12.46 -12.54 -11.55
N ASN A 634 -12.10 -11.36 -12.06
CA ASN A 634 -10.74 -10.87 -12.00
C ASN A 634 -10.59 -9.57 -11.22
N MET A 635 -11.67 -8.81 -11.07
CA MET A 635 -11.71 -7.69 -10.14
C MET A 635 -12.33 -8.08 -8.80
N LEU A 636 -12.71 -9.35 -8.65
CA LEU A 636 -13.08 -9.85 -7.33
C LEU A 636 -11.84 -10.02 -6.46
N ILE A 637 -10.74 -10.49 -7.06
CA ILE A 637 -9.48 -10.59 -6.34
C ILE A 637 -8.87 -9.20 -6.14
N ALA A 638 -9.07 -8.30 -7.11
CA ALA A 638 -8.47 -6.98 -7.01
C ALA A 638 -9.02 -6.19 -5.83
N MET A 639 -10.29 -6.43 -5.46
CA MET A 639 -10.87 -5.84 -4.27
C MET A 639 -10.77 -6.76 -3.06
N MET A 640 -10.37 -8.01 -3.25
CA MET A 640 -10.27 -8.95 -2.14
C MET A 640 -9.11 -8.60 -1.22
N ASN A 641 -7.97 -8.21 -1.79
CA ASN A 641 -6.82 -7.86 -0.97
C ASN A 641 -6.95 -6.44 -0.42
N ASN A 642 -7.63 -5.55 -1.14
CA ASN A 642 -7.85 -4.20 -0.62
C ASN A 642 -8.69 -4.24 0.66
N SER A 643 -9.56 -5.24 0.78
CA SER A 643 -10.29 -5.46 2.02
C SER A 643 -9.49 -6.26 3.03
N TYR A 644 -8.32 -6.77 2.65
CA TYR A 644 -7.50 -7.56 3.54
C TYR A 644 -6.49 -6.71 4.31
N GLN A 645 -6.12 -5.55 3.76
CA GLN A 645 -5.17 -4.68 4.44
C GLN A 645 -5.73 -4.16 5.75
N HIS A 646 -7.06 -3.97 5.82
CA HIS A 646 -7.67 -3.46 7.04
C HIS A 646 -7.96 -4.57 8.05
N ILE A 647 -8.31 -5.76 7.55
CA ILE A 647 -8.59 -6.87 8.44
C ILE A 647 -7.32 -7.32 9.16
N ALA A 648 -6.18 -7.26 8.47
CA ALA A 648 -4.92 -7.66 9.08
C ALA A 648 -4.50 -6.74 10.21
N ASP A 649 -5.04 -5.51 10.27
CA ASP A 649 -4.71 -4.62 11.37
C ASP A 649 -5.31 -5.10 12.68
N HIS A 650 -6.59 -5.48 12.67
CA HIS A 650 -7.29 -5.94 13.86
C HIS A 650 -7.36 -7.47 13.94
N ALA A 651 -6.42 -8.16 13.29
CA ALA A 651 -6.47 -9.62 13.28
C ALA A 651 -6.05 -10.21 14.62
N ASP A 652 -5.40 -9.42 15.48
CA ASP A 652 -4.92 -9.95 16.74
C ASP A 652 -5.98 -9.83 17.84
N ILE A 653 -6.72 -8.72 17.87
CA ILE A 653 -7.71 -8.52 18.93
C ILE A 653 -8.89 -9.45 18.75
N GLU A 654 -9.36 -9.61 17.50
CA GLU A 654 -10.54 -10.43 17.27
C GLU A 654 -10.25 -11.91 17.51
N TRP A 655 -9.04 -12.36 17.15
CA TRP A 655 -8.69 -13.75 17.44
C TRP A 655 -8.68 -14.02 18.95
N LYS A 656 -8.16 -13.07 19.73
CA LYS A 656 -8.15 -13.26 21.18
C LYS A 656 -9.56 -13.20 21.76
N PHE A 657 -10.41 -12.35 21.19
CA PHE A 657 -11.81 -12.30 21.63
C PHE A 657 -12.50 -13.64 21.37
N ALA A 658 -12.32 -14.18 20.16
CA ALA A 658 -12.92 -15.47 19.83
C ALA A 658 -12.35 -16.59 20.71
N ARG A 659 -11.05 -16.55 20.97
CA ARG A 659 -10.42 -17.58 21.79
C ARG A 659 -10.94 -17.51 23.23
N THR A 660 -11.12 -16.31 23.77
CA THR A 660 -11.71 -16.18 25.10
C THR A 660 -13.14 -16.70 25.12
N LYS A 661 -13.91 -16.41 24.08
CA LYS A 661 -15.28 -16.94 24.03
C LYS A 661 -15.27 -18.46 24.00
N LEU A 662 -14.34 -19.06 23.24
CA LEU A 662 -14.22 -20.51 23.24
C LEU A 662 -13.79 -21.05 24.59
N TRP A 663 -12.83 -20.38 25.24
CA TRP A 663 -12.32 -20.85 26.53
C TRP A 663 -13.40 -20.83 27.61
N MET A 664 -14.19 -19.76 27.65
CA MET A 664 -15.13 -19.60 28.75
C MET A 664 -16.28 -20.60 28.71
N SER A 665 -16.44 -21.34 27.61
CA SER A 665 -17.49 -22.35 27.53
C SER A 665 -17.17 -23.59 28.35
N TYR A 666 -15.90 -23.87 28.61
CA TYR A 666 -15.49 -25.04 29.36
C TYR A 666 -15.24 -24.75 30.84
N PHE A 667 -15.37 -23.50 31.26
CA PHE A 667 -15.07 -23.16 32.65
C PHE A 667 -16.15 -23.62 33.63
N GLU A 668 -17.40 -23.61 33.20
CA GLU A 668 -18.52 -23.86 34.11
C GLU A 668 -18.96 -25.32 34.07
N GLU A 669 -19.64 -25.73 35.13
CA GLU A 669 -20.17 -27.08 35.21
C GLU A 669 -21.36 -27.25 34.28
N GLY A 670 -21.59 -28.48 33.85
CA GLY A 670 -22.67 -28.78 32.93
C GLY A 670 -22.17 -29.00 31.51
N GLY A 671 -22.29 -30.24 31.04
CA GLY A 671 -21.78 -30.60 29.74
C GLY A 671 -20.37 -31.16 29.74
N THR A 672 -19.83 -31.51 30.92
CA THR A 672 -18.48 -32.04 30.99
C THR A 672 -18.36 -33.37 30.24
N LEU A 673 -19.36 -34.23 30.39
CA LEU A 673 -19.31 -35.54 29.76
C LEU A 673 -19.39 -35.40 28.24
N PRO A 674 -18.60 -36.16 27.49
CA PRO A 674 -18.64 -36.07 26.02
C PRO A 674 -19.96 -36.60 25.47
N PRO A 675 -20.27 -36.33 24.21
CA PRO A 675 -21.57 -36.72 23.64
C PRO A 675 -21.87 -38.20 23.76
N PRO A 676 -20.87 -39.12 23.59
CA PRO A 676 -21.20 -40.56 23.72
C PRO A 676 -21.83 -40.90 25.06
N PHE A 677 -21.14 -40.60 26.16
CA PHE A 677 -21.69 -40.82 27.49
C PHE A 677 -22.30 -39.52 28.03
N ASN A 678 -23.32 -39.04 27.34
CA ASN A 678 -24.00 -37.81 27.71
C ASN A 678 -25.48 -37.98 27.99
N ILE A 679 -26.13 -38.97 27.37
CA ILE A 679 -27.55 -39.19 27.58
C ILE A 679 -27.76 -40.41 28.47
N ASN A 718 -24.44 -7.29 48.53
CA ASN A 718 -23.03 -6.97 48.40
C ASN A 718 -22.66 -5.74 49.24
N VAL A 719 -22.91 -5.83 50.55
CA VAL A 719 -22.62 -4.71 51.43
C VAL A 719 -21.12 -4.51 51.58
N ARG A 720 -20.37 -5.60 51.75
CA ARG A 720 -18.93 -5.50 51.98
C ARG A 720 -18.12 -5.46 50.70
N LEU A 721 -18.62 -6.05 49.62
CA LEU A 721 -17.87 -6.06 48.36
C LEU A 721 -17.85 -4.68 47.72
N ASN A 722 -18.91 -3.91 47.91
CA ASN A 722 -18.99 -2.58 47.29
C ASN A 722 -17.94 -1.64 47.85
N HIS A 723 -17.62 -1.75 49.14
CA HIS A 723 -16.57 -0.93 49.72
C HIS A 723 -15.23 -1.18 49.03
N GLN A 724 -14.86 -2.45 48.88
CA GLN A 724 -13.60 -2.78 48.22
C GLN A 724 -13.60 -2.34 46.76
N TYR A 725 -14.73 -2.54 46.08
CA TYR A 725 -14.82 -2.14 44.68
C TYR A 725 -14.65 -0.63 44.54
N GLN A 726 -15.29 0.15 45.41
CA GLN A 726 -15.15 1.60 45.36
C GLN A 726 -13.72 2.03 45.70
N GLU A 727 -13.10 1.36 46.67
CA GLU A 727 -11.73 1.71 47.04
C GLU A 727 -10.77 1.45 45.89
N VAL A 728 -10.96 0.35 45.15
CA VAL A 728 -10.12 0.09 43.99
C VAL A 728 -10.41 1.09 42.87
N LEU A 729 -11.69 1.40 42.66
CA LEU A 729 -12.08 2.25 41.55
C LEU A 729 -11.59 3.69 41.74
N ARG A 730 -11.61 4.18 42.98
CA ARG A 730 -11.10 5.52 43.24
C ARG A 730 -9.62 5.63 42.87
N ASN A 731 -8.84 4.62 43.27
CA ASN A 731 -7.42 4.63 42.93
C ASN A 731 -7.21 4.54 41.43
N LEU A 732 -8.00 3.69 40.75
CA LEU A 732 -7.89 3.57 39.31
C LEU A 732 -8.16 4.90 38.61
N VAL A 733 -9.25 5.57 39.01
CA VAL A 733 -9.59 6.84 38.38
C VAL A 733 -8.53 7.90 38.68
N LYS A 734 -8.05 7.95 39.93
CA LYS A 734 -7.05 8.95 40.30
C LYS A 734 -5.76 8.76 39.50
N ARG A 735 -5.29 7.51 39.38
CA ARG A 735 -4.04 7.31 38.65
C ARG A 735 -4.23 7.31 37.14
N TYR A 736 -5.47 7.21 36.64
CA TYR A 736 -5.71 7.48 35.23
C TYR A 736 -5.67 8.97 34.95
N VAL A 737 -6.27 9.78 35.83
CA VAL A 737 -6.23 11.23 35.68
C VAL A 737 -4.79 11.74 35.80
N ALA A 738 -4.04 11.23 36.76
CA ALA A 738 -2.66 11.64 36.95
C ALA A 738 -1.79 11.33 35.74
N ALA A 739 -2.12 10.30 34.97
CA ALA A 739 -1.38 9.98 33.76
C ALA A 739 -1.86 10.78 32.56
N MET A 740 -3.18 11.01 32.47
CA MET A 740 -3.71 11.79 31.36
C MET A 740 -3.24 13.23 31.42
N ILE A 741 -3.15 13.81 32.63
CA ILE A 741 -2.69 15.19 32.73
C ILE A 741 -1.22 15.30 32.32
N ARG A 742 -0.41 14.30 32.69
CA ARG A 742 0.98 14.27 32.24
C ARG A 742 1.07 14.16 30.73
N ASP A 743 0.35 13.20 30.14
CA ASP A 743 0.43 12.97 28.70
C ASP A 743 -0.19 14.11 27.90
N ALA A 744 -1.02 14.94 28.52
CA ALA A 744 -1.59 16.09 27.82
C ALA A 744 -0.71 17.33 27.97
N LYS A 745 -0.24 17.62 29.17
CA LYS A 745 0.61 18.79 29.38
C LYS A 745 1.95 18.64 28.68
N THR A 746 2.64 17.52 28.90
CA THR A 746 3.94 17.30 28.27
C THR A 746 3.79 17.07 26.78
N GLU A 747 2.83 16.24 26.37
CA GLU A 747 2.61 15.93 24.97
C GLU A 747 1.16 16.16 24.56
N THR A 751 6.33 19.34 21.55
CA THR A 751 7.34 20.13 22.24
C THR A 751 6.72 21.30 22.98
N GLU A 752 5.47 21.11 23.44
CA GLU A 752 4.79 22.15 24.21
C GLU A 752 5.43 22.35 25.58
N GLU A 753 6.13 21.34 26.10
CA GLU A 753 6.81 21.49 27.38
C GLU A 753 7.89 22.57 27.31
N ASN A 754 8.60 22.66 26.19
CA ASN A 754 9.67 23.64 26.06
C ASN A 754 9.14 25.07 26.08
N PHE A 755 7.94 25.29 25.56
CA PHE A 755 7.39 26.64 25.53
C PHE A 755 7.06 27.14 26.93
N LYS A 756 6.64 26.25 27.82
CA LYS A 756 6.32 26.65 29.19
C LYS A 756 7.55 27.16 29.92
N GLU A 757 8.70 26.51 29.71
CA GLU A 757 9.93 26.90 30.40
C GLU A 757 10.38 28.30 29.99
N LEU A 758 10.25 28.62 28.69
CA LEU A 758 10.64 29.95 28.23
C LEU A 758 9.79 31.03 28.87
N LYS A 759 8.47 30.80 28.94
CA LYS A 759 7.58 31.75 29.60
C LYS A 759 7.90 31.86 31.09
N GLN A 760 8.23 30.74 31.74
CA GLN A 760 8.56 30.77 33.16
C GLN A 760 9.82 31.59 33.39
N ASP A 761 10.84 31.42 32.55
CA ASP A 761 12.06 32.21 32.68
C ASP A 761 11.78 33.69 32.45
N ILE A 762 10.97 34.02 31.43
CA ILE A 762 10.65 35.42 31.17
C ILE A 762 9.91 36.03 32.34
N SER A 763 8.94 35.30 32.91
CA SER A 763 8.18 35.82 34.04
C SER A 763 9.06 36.00 35.26
N SER A 764 9.97 35.06 35.52
CA SER A 764 10.88 35.21 36.65
C SER A 764 11.79 36.42 36.48
N PHE A 765 12.33 36.61 35.28
CA PHE A 765 13.17 37.78 35.03
C PHE A 765 12.38 39.08 35.20
N ARG A 766 11.14 39.11 34.68
CA ARG A 766 10.31 40.30 34.83
C ARG A 766 10.02 40.61 36.30
N TYR A 767 9.67 39.58 37.07
CA TYR A 767 9.37 39.79 38.48
C TYR A 767 10.61 40.26 39.25
N GLU A 768 11.78 39.69 38.95
CA GLU A 768 12.99 40.13 39.63
C GLU A 768 13.32 41.57 39.27
N VAL A 769 13.17 41.95 38.01
CA VAL A 769 13.44 43.33 37.61
C VAL A 769 12.47 44.29 38.30
N ILE A 770 11.19 43.93 38.34
CA ILE A 770 10.19 44.79 38.97
C ILE A 770 10.47 44.92 40.46
N GLY A 771 10.89 43.83 41.11
CA GLY A 771 11.21 43.90 42.52
C GLY A 771 12.55 44.53 42.85
N MET A 772 13.42 44.70 41.85
CA MET A 772 14.70 45.37 42.11
C MET A 772 14.54 46.88 42.20
N MET A 773 13.86 47.48 41.21
CA MET A 773 13.62 48.92 41.22
C MET A 773 12.41 49.26 42.07
N PRO B 39 -28.77 15.31 33.38
CA PRO B 39 -28.65 14.94 34.78
C PRO B 39 -27.99 16.03 35.64
N LEU B 40 -28.19 15.96 36.96
CA LEU B 40 -27.60 16.91 37.88
C LEU B 40 -26.18 16.44 38.22
N ARG B 41 -25.25 16.80 37.35
CA ARG B 41 -23.87 16.36 37.51
C ARG B 41 -23.24 16.97 38.76
N ILE B 42 -22.56 16.13 39.53
CA ILE B 42 -21.91 16.54 40.77
C ILE B 42 -20.48 15.98 40.78
N VAL B 43 -19.67 16.55 41.66
CA VAL B 43 -18.29 16.10 41.84
C VAL B 43 -18.31 15.04 42.94
N ARG B 44 -18.08 13.80 42.56
CA ARG B 44 -18.08 12.69 43.49
C ARG B 44 -16.66 12.21 43.78
N ALA B 45 -16.41 11.86 45.04
CA ALA B 45 -15.11 11.37 45.52
C ALA B 45 -14.02 12.42 45.30
N GLU B 46 -14.24 13.57 45.94
CA GLU B 46 -13.24 14.63 46.00
C GLU B 46 -13.41 15.39 47.31
N SER B 47 -12.33 15.50 48.08
CA SER B 47 -12.49 15.99 49.44
C SER B 47 -12.56 17.51 49.53
N GLU B 48 -11.44 18.19 49.32
CA GLU B 48 -11.39 19.65 49.39
C GLU B 48 -10.03 20.23 49.02
N LEU B 49 -9.89 21.54 49.18
CA LEU B 49 -8.60 22.23 49.17
C LEU B 49 -8.67 23.32 50.24
N SER B 50 -7.63 24.16 50.32
CA SER B 50 -7.60 25.19 51.34
C SER B 50 -7.53 26.59 50.75
N THR B 51 -7.58 27.61 51.61
CA THR B 51 -7.63 29.00 51.17
C THR B 51 -6.25 29.57 50.86
N GLN B 52 -5.38 29.61 51.88
CA GLN B 52 -4.08 30.27 51.77
C GLN B 52 -3.19 29.59 50.73
N GLU B 53 -3.22 28.26 50.70
CA GLU B 53 -2.28 27.47 49.89
C GLU B 53 -2.38 27.77 48.40
N LYS B 54 -3.54 28.28 47.96
CA LYS B 54 -3.71 28.62 46.55
C LYS B 54 -2.74 29.72 46.13
N SER B 55 -2.61 30.76 46.95
CA SER B 55 -1.67 31.84 46.65
C SER B 55 -0.24 31.33 46.65
N TYR B 56 0.08 30.44 47.61
CA TYR B 56 1.40 29.80 47.67
C TYR B 56 1.72 29.08 46.37
N LEU B 57 0.80 28.22 45.92
CA LEU B 57 1.04 27.46 44.70
C LEU B 57 1.12 28.36 43.47
N SER B 58 0.28 29.41 43.43
CA SER B 58 0.33 30.34 42.30
C SER B 58 1.66 31.08 42.26
N ALA B 59 2.16 31.52 43.41
CA ALA B 59 3.46 32.18 43.45
C ALA B 59 4.58 31.24 43.04
N VAL B 60 4.51 29.98 43.49
CA VAL B 60 5.52 28.99 43.08
C VAL B 60 5.50 28.79 41.57
N GLU B 61 4.31 28.65 41.00
CA GLU B 61 4.19 28.39 39.57
C GLU B 61 4.65 29.58 38.75
N LYS B 62 4.33 30.80 39.19
CA LYS B 62 4.69 31.99 38.44
C LYS B 62 6.18 32.32 38.55
N GLY B 63 6.90 31.72 39.49
CA GLY B 63 8.33 31.99 39.61
C GLY B 63 8.70 33.19 40.43
N ASP B 64 7.80 33.67 41.29
CA ASP B 64 8.09 34.82 42.15
C ASP B 64 8.86 34.34 43.37
N TYR B 65 10.16 34.65 43.40
CA TYR B 65 11.01 34.17 44.48
C TYR B 65 10.66 34.82 45.81
N ALA B 66 10.49 36.14 45.82
CA ALA B 66 10.26 36.85 47.07
C ALA B 66 8.93 36.46 47.72
N SER B 67 7.88 36.29 46.92
CA SER B 67 6.58 35.94 47.47
C SER B 67 6.61 34.58 48.16
N VAL B 68 7.23 33.59 47.52
CA VAL B 68 7.38 32.28 48.16
C VAL B 68 8.30 32.37 49.37
N LYS B 69 9.33 33.22 49.28
CA LYS B 69 10.24 33.39 50.41
C LYS B 69 9.50 33.90 51.65
N LEU B 70 8.68 34.93 51.48
CA LEU B 70 7.95 35.45 52.64
C LEU B 70 6.80 34.54 53.04
N ALA B 71 6.21 33.81 52.08
CA ALA B 71 5.15 32.88 52.41
C ALA B 71 5.65 31.63 53.12
N LEU B 72 6.97 31.42 53.15
CA LEU B 72 7.56 30.29 53.86
C LEU B 72 8.11 30.66 55.23
N GLU B 73 8.16 31.95 55.56
CA GLU B 73 8.82 32.41 56.78
C GLU B 73 7.99 32.17 58.04
N GLU B 74 6.90 31.41 58.04
CA GLU B 74 6.20 31.10 59.28
C GLU B 74 6.85 29.92 59.99
N ALA B 75 8.17 30.00 60.19
CA ALA B 75 8.94 28.90 60.76
C ALA B 75 8.45 28.54 62.16
N GLU B 76 7.85 27.37 62.29
CA GLU B 76 7.40 26.75 63.55
C GLU B 76 6.22 27.49 64.18
N ILE B 77 5.77 28.61 63.61
CA ILE B 77 4.57 29.30 64.03
C ILE B 77 3.78 29.59 62.75
N TYR B 78 2.88 28.68 62.39
CA TYR B 78 2.16 28.74 61.13
C TYR B 78 0.71 29.15 61.36
N PHE B 79 0.20 29.98 60.46
CA PHE B 79 -1.20 30.38 60.48
C PHE B 79 -2.07 29.39 59.71
N LYS B 80 -1.93 28.11 60.08
CA LYS B 80 -2.68 27.01 59.47
C LYS B 80 -2.50 26.98 57.95
N ILE B 81 -1.26 27.12 57.50
CA ILE B 81 -0.90 26.96 56.11
C ILE B 81 0.00 25.73 56.00
N ASN B 82 -0.43 24.76 55.20
CA ASN B 82 0.29 23.50 55.07
C ASN B 82 1.24 23.58 53.88
N ILE B 83 2.54 23.48 54.16
CA ILE B 83 3.55 23.48 53.10
C ILE B 83 3.51 22.22 52.25
N ASN B 84 2.80 21.19 52.71
CA ASN B 84 2.66 19.93 51.97
C ASN B 84 1.30 19.85 51.27
N CYS B 85 0.77 21.00 50.85
CA CYS B 85 -0.53 21.03 50.19
C CYS B 85 -0.45 20.34 48.83
N ILE B 86 -1.58 19.74 48.43
CA ILE B 86 -1.66 18.97 47.20
C ILE B 86 -2.66 19.65 46.28
N ASP B 87 -2.22 20.00 45.08
CA ASP B 87 -3.13 20.49 44.06
C ASP B 87 -4.13 19.38 43.70
N PRO B 88 -5.38 19.73 43.38
CA PRO B 88 -6.36 18.69 43.02
C PRO B 88 -5.91 17.80 41.88
N LEU B 89 -4.94 18.25 41.10
CA LEU B 89 -4.32 17.46 40.04
C LEU B 89 -3.21 16.55 40.57
N GLY B 90 -2.90 16.63 41.86
CA GLY B 90 -1.85 15.82 42.46
C GLY B 90 -0.52 16.51 42.60
N ARG B 91 -0.32 17.62 41.89
CA ARG B 91 0.96 18.32 41.94
C ARG B 91 1.19 18.96 43.30
N THR B 92 2.46 19.10 43.65
CA THR B 92 2.88 19.74 44.89
C THR B 92 3.86 20.85 44.55
N ALA B 93 4.08 21.75 45.52
CA ALA B 93 4.97 22.89 45.29
C ALA B 93 6.38 22.43 44.95
N LEU B 94 6.88 21.41 45.65
CA LEU B 94 8.17 20.83 45.30
C LEU B 94 8.14 20.24 43.90
N LEU B 95 7.06 19.52 43.56
N LEU B 95 7.06 19.52 43.56
CA LEU B 95 6.95 18.93 42.23
CA LEU B 95 6.94 18.93 42.23
C LEU B 95 6.73 19.99 41.16
C LEU B 95 6.73 19.99 41.16
N ILE B 96 6.03 21.07 41.49
CA ILE B 96 5.81 22.14 40.51
C ILE B 96 7.13 22.80 40.13
N ALA B 97 7.99 23.05 41.13
CA ALA B 97 9.29 23.66 40.85
C ALA B 97 10.17 22.73 40.02
N ILE B 98 10.03 21.41 40.19
CA ILE B 98 10.79 20.46 39.40
C ILE B 98 10.39 20.55 37.93
N GLU B 99 9.10 20.64 37.64
CA GLU B 99 8.61 20.70 36.27
C GLU B 99 8.90 22.04 35.59
N ASN B 100 9.26 23.07 36.36
CA ASN B 100 9.69 24.34 35.81
C ASN B 100 11.20 24.53 35.93
N GLU B 101 11.90 23.56 36.53
CA GLU B 101 13.35 23.56 36.76
C GLU B 101 13.89 24.93 37.12
N ASN B 102 13.29 25.58 38.11
CA ASN B 102 13.81 26.81 38.69
C ASN B 102 14.50 26.44 40.00
N LEU B 103 15.82 26.29 39.95
CA LEU B 103 16.54 25.69 41.08
C LEU B 103 16.58 26.59 42.30
N GLU B 104 16.30 27.89 42.16
CA GLU B 104 16.26 28.77 43.32
C GLU B 104 15.15 28.35 44.29
N ILE B 105 13.94 28.20 43.76
CA ILE B 105 12.81 27.76 44.59
C ILE B 105 13.03 26.34 45.09
N ILE B 106 13.63 25.49 44.26
CA ILE B 106 13.90 24.11 44.69
C ILE B 106 14.83 24.09 45.89
N GLU B 107 15.91 24.86 45.83
CA GLU B 107 16.85 24.92 46.95
C GLU B 107 16.21 25.54 48.17
N LEU B 108 15.40 26.58 47.99
CA LEU B 108 14.72 27.20 49.13
C LEU B 108 13.79 26.21 49.82
N LEU B 109 13.01 25.47 49.03
CA LEU B 109 12.12 24.48 49.61
C LEU B 109 12.89 23.35 50.30
N LEU B 110 13.97 22.89 49.68
CA LEU B 110 14.77 21.83 50.30
C LEU B 110 15.38 22.29 51.62
N SER B 111 15.78 23.56 51.71
CA SER B 111 16.33 24.08 52.95
C SER B 111 15.28 24.18 54.06
N PHE B 112 13.99 24.13 53.71
CA PHE B 112 12.91 24.28 54.68
C PHE B 112 12.31 22.95 55.09
N ASN B 113 13.00 21.84 54.83
CA ASN B 113 12.61 20.50 55.26
C ASN B 113 11.26 20.07 54.72
N VAL B 114 10.91 20.47 53.49
CA VAL B 114 9.66 20.02 52.89
C VAL B 114 9.73 18.51 52.66
N TYR B 115 8.61 17.83 52.89
CA TYR B 115 8.55 16.39 52.63
C TYR B 115 8.79 16.11 51.16
N VAL B 116 9.63 15.12 50.88
CA VAL B 116 10.08 14.83 49.53
C VAL B 116 9.25 13.72 48.89
N GLY B 117 9.10 12.59 49.57
CA GLY B 117 8.38 11.48 48.97
C GLY B 117 9.10 10.96 47.75
N ASP B 118 8.32 10.63 46.71
CA ASP B 118 8.88 10.14 45.46
C ASP B 118 9.12 11.32 44.51
N ALA B 119 10.04 12.18 44.91
CA ALA B 119 10.43 13.34 44.12
C ALA B 119 11.67 13.06 43.27
N LEU B 120 12.61 12.26 43.78
CA LEU B 120 13.78 11.89 43.02
C LEU B 120 13.41 11.16 41.73
N LEU B 121 12.43 10.25 41.83
CA LEU B 121 11.99 9.52 40.64
C LEU B 121 11.37 10.47 39.62
N HIS B 122 10.58 11.44 40.09
CA HIS B 122 10.01 12.43 39.19
C HIS B 122 11.10 13.24 38.50
N ALA B 123 12.11 13.67 39.26
CA ALA B 123 13.21 14.42 38.67
C ALA B 123 13.96 13.58 37.63
N ILE B 124 14.19 12.31 37.94
CA ILE B 124 14.87 11.42 36.99
C ILE B 124 14.06 11.28 35.71
N ARG B 125 12.74 11.07 35.83
CA ARG B 125 11.92 10.90 34.64
C ARG B 125 11.84 12.18 33.82
N LYS B 126 11.82 13.33 34.49
CA LYS B 126 11.79 14.62 33.78
C LYS B 126 13.14 14.98 33.16
N GLU B 127 14.20 14.24 33.46
CA GLU B 127 15.52 14.46 32.88
C GLU B 127 16.06 15.85 33.21
N VAL B 128 16.05 16.17 34.50
CA VAL B 128 16.64 17.41 35.01
C VAL B 128 17.86 17.03 35.84
N VAL B 129 19.04 17.42 35.36
CA VAL B 129 20.28 17.04 36.03
C VAL B 129 20.41 17.76 37.37
N GLY B 130 20.13 19.07 37.39
CA GLY B 130 20.31 19.84 38.61
C GLY B 130 19.42 19.38 39.74
N ALA B 131 18.16 19.05 39.43
CA ALA B 131 17.24 18.58 40.45
C ALA B 131 17.72 17.27 41.06
N VAL B 132 18.20 16.34 40.22
CA VAL B 132 18.72 15.08 40.74
C VAL B 132 19.96 15.33 41.59
N GLU B 133 20.86 16.21 41.13
CA GLU B 133 22.05 16.53 41.90
C GLU B 133 21.69 17.06 43.28
N LEU B 134 20.73 17.99 43.35
CA LEU B 134 20.34 18.57 44.62
C LEU B 134 19.64 17.54 45.50
N LEU B 135 18.79 16.69 44.92
CA LEU B 135 18.02 15.74 45.71
C LEU B 135 18.84 14.54 46.17
N LEU B 136 19.98 14.27 45.53
CA LEU B 136 20.79 13.11 45.91
C LEU B 136 21.63 13.34 47.15
N ASN B 137 21.81 14.58 47.58
CA ASN B 137 22.56 14.90 48.79
C ASN B 137 21.61 15.62 49.75
N HIS B 138 20.94 14.85 50.60
CA HIS B 138 20.01 15.41 51.57
C HIS B 138 19.74 14.42 52.71
N GLN B 155 -2.39 6.34 50.97
CA GLN B 155 -1.15 6.44 50.23
C GLN B 155 -1.36 6.28 48.73
N PHE B 156 -0.86 7.24 47.97
CA PHE B 156 -0.96 7.23 46.51
C PHE B 156 0.41 7.48 45.92
N SER B 157 0.90 6.51 45.15
CA SER B 157 2.20 6.62 44.49
C SER B 157 2.02 6.61 42.98
N ASP B 158 2.79 7.47 42.31
CA ASP B 158 2.72 7.61 40.86
C ASP B 158 3.57 6.58 40.12
N PHE B 159 4.40 5.81 40.83
CA PHE B 159 5.28 4.83 40.24
C PHE B 159 5.00 3.45 40.83
N THR B 160 5.26 2.42 40.04
CA THR B 160 5.12 1.04 40.47
C THR B 160 6.00 0.78 41.69
N PRO B 161 5.55 -0.04 42.64
CA PRO B 161 6.34 -0.22 43.88
C PRO B 161 7.70 -0.84 43.66
N ASP B 162 7.91 -1.59 42.57
CA ASP B 162 9.17 -2.28 42.32
C ASP B 162 10.14 -1.45 41.50
N ILE B 163 9.83 -0.20 41.21
CA ILE B 163 10.72 0.66 40.44
C ILE B 163 11.71 1.35 41.37
N THR B 164 12.99 1.29 41.01
CA THR B 164 14.07 1.93 41.74
C THR B 164 14.73 2.99 40.86
N PRO B 165 15.43 3.97 41.46
CA PRO B 165 15.98 5.07 40.64
C PRO B 165 16.93 4.61 39.54
N ILE B 166 17.71 3.57 39.78
CA ILE B 166 18.64 3.09 38.74
C ILE B 166 17.87 2.51 37.57
N ILE B 167 16.84 1.72 37.85
CA ILE B 167 16.03 1.12 36.78
C ILE B 167 15.33 2.19 35.97
N LEU B 168 14.75 3.18 36.66
CA LEU B 168 14.06 4.26 35.96
C LEU B 168 15.03 5.08 35.12
N ALA B 169 16.23 5.36 35.65
CA ALA B 169 17.23 6.10 34.89
C ALA B 169 17.67 5.33 33.66
N ALA B 170 17.86 4.02 33.78
CA ALA B 170 18.21 3.19 32.63
C ALA B 170 17.08 3.22 31.60
N HIS B 171 15.83 3.16 32.06
CA HIS B 171 14.69 3.27 31.16
C HIS B 171 14.68 4.60 30.42
N THR B 172 15.01 5.70 31.10
CA THR B 172 15.06 7.01 30.45
C THR B 172 16.27 7.17 29.54
N ASN B 173 17.29 6.32 29.69
CA ASN B 173 18.47 6.35 28.83
C ASN B 173 19.17 7.70 28.88
N ASN B 174 19.51 8.16 30.09
CA ASN B 174 20.20 9.44 30.27
C ASN B 174 21.61 9.16 30.76
N TYR B 175 22.60 9.58 29.97
CA TYR B 175 23.98 9.23 30.26
C TYR B 175 24.48 9.85 31.56
N GLU B 176 24.17 11.13 31.79
CA GLU B 176 24.69 11.83 32.96
C GLU B 176 24.09 11.26 34.25
N ILE B 177 22.77 11.09 34.27
CA ILE B 177 22.11 10.59 35.49
C ILE B 177 22.55 9.17 35.80
N ILE B 178 22.71 8.32 34.77
CA ILE B 178 23.19 6.96 34.99
C ILE B 178 24.58 6.98 35.58
N LYS B 179 25.47 7.82 35.05
CA LYS B 179 26.83 7.91 35.58
C LYS B 179 26.82 8.37 37.03
N MET B 180 26.03 9.40 37.33
CA MET B 180 25.96 9.91 38.70
C MET B 180 25.43 8.86 39.67
N LEU B 181 24.41 8.11 39.26
CA LEU B 181 23.86 7.07 40.12
C LEU B 181 24.86 5.92 40.32
N VAL B 182 25.58 5.55 39.27
CA VAL B 182 26.54 4.46 39.38
C VAL B 182 27.71 4.86 40.27
N GLN B 183 28.13 6.13 40.17
CA GLN B 183 29.27 6.60 40.97
C GLN B 183 28.98 6.48 42.46
N LYS B 184 27.76 6.82 42.89
CA LYS B 184 27.42 6.73 44.30
C LYS B 184 27.26 5.30 44.78
N GLY B 185 27.05 4.35 43.86
CA GLY B 185 26.94 2.95 44.23
C GLY B 185 25.52 2.42 44.15
N VAL B 186 25.21 1.68 43.08
CA VAL B 186 23.88 1.10 42.89
C VAL B 186 24.04 -0.33 42.41
N SER B 187 22.92 -1.03 42.25
CA SER B 187 22.94 -2.41 41.78
C SER B 187 21.55 -2.84 41.28
N VAL B 188 21.47 -3.37 40.07
CA VAL B 188 20.22 -3.87 39.52
C VAL B 188 19.98 -5.25 40.13
N PRO B 189 18.73 -5.65 40.37
CA PRO B 189 18.48 -6.99 40.92
C PRO B 189 18.81 -8.07 39.90
N GLN B 190 18.76 -9.32 40.39
CA GLN B 190 19.03 -10.47 39.55
C GLN B 190 17.74 -10.90 38.86
N PRO B 191 17.71 -10.98 37.53
CA PRO B 191 16.44 -11.36 36.85
C PRO B 191 15.96 -12.75 37.20
N HIS B 192 16.85 -13.64 37.66
CA HIS B 192 16.50 -15.01 38.01
C HIS B 192 15.83 -15.75 36.85
N ASP B 206 3.68 -17.13 40.41
CA ASP B 206 4.31 -17.39 41.71
C ASP B 206 3.80 -16.41 42.76
N VAL B 207 2.50 -16.52 43.08
CA VAL B 207 1.83 -15.68 44.07
C VAL B 207 1.85 -14.22 43.63
N ASP B 208 0.68 -13.69 43.28
CA ASP B 208 0.54 -12.34 42.71
C ASP B 208 1.34 -12.24 41.42
N SER B 209 0.91 -13.04 40.44
CA SER B 209 1.59 -13.15 39.16
C SER B 209 1.53 -11.88 38.33
N LEU B 210 0.67 -10.93 38.69
CA LEU B 210 0.56 -9.71 37.90
C LEU B 210 1.79 -8.82 38.10
N ARG B 211 2.25 -8.67 39.34
CA ARG B 211 3.41 -7.85 39.62
C ARG B 211 4.73 -8.62 39.48
N HIS B 212 4.69 -9.94 39.47
CA HIS B 212 5.91 -10.71 39.26
C HIS B 212 6.32 -10.69 37.80
N SER B 213 5.35 -10.72 36.87
CA SER B 213 5.66 -10.61 35.46
C SER B 213 5.97 -9.17 35.06
N ARG B 214 5.41 -8.20 35.78
CA ARG B 214 5.71 -6.80 35.50
C ARG B 214 7.10 -6.43 36.00
N SER B 215 7.49 -6.95 37.17
CA SER B 215 8.82 -6.66 37.70
C SER B 215 9.91 -7.20 36.80
N ARG B 216 9.71 -8.41 36.25
CA ARG B 216 10.72 -9.02 35.40
C ARG B 216 10.95 -8.20 34.13
N LEU B 217 9.88 -7.66 33.55
CA LEU B 217 10.04 -6.87 32.32
C LEU B 217 10.73 -5.54 32.60
N ASN B 218 10.58 -5.00 33.81
CA ASN B 218 11.21 -3.72 34.13
C ASN B 218 12.74 -3.84 34.16
N ILE B 219 13.26 -4.94 34.72
CA ILE B 219 14.70 -5.09 34.84
C ILE B 219 15.36 -5.53 33.53
N TYR B 220 14.63 -6.26 32.68
CA TYR B 220 15.17 -6.59 31.37
C TYR B 220 15.18 -5.40 30.43
N LYS B 221 14.33 -4.40 30.70
CA LYS B 221 14.34 -3.18 29.91
C LYS B 221 15.46 -2.24 30.34
N ALA B 222 15.92 -2.36 31.59
CA ALA B 222 17.04 -1.54 32.05
C ALA B 222 18.36 -2.09 31.54
N LEU B 223 18.56 -3.41 31.61
CA LEU B 223 19.80 -4.01 31.15
C LEU B 223 20.01 -3.79 29.66
N ALA B 224 18.93 -3.85 28.88
CA ALA B 224 19.02 -3.71 27.43
C ALA B 224 18.95 -2.24 26.99
N SER B 225 19.82 -1.42 27.55
CA SER B 225 19.88 0.00 27.22
C SER B 225 21.28 0.38 26.77
N PRO B 226 21.43 1.10 25.66
CA PRO B 226 22.79 1.40 25.16
C PRO B 226 23.64 2.19 26.14
N SER B 227 23.06 3.12 26.90
CA SER B 227 23.86 3.94 27.79
C SER B 227 24.33 3.19 29.02
N LEU B 228 23.52 2.29 29.55
CA LEU B 228 23.94 1.51 30.71
C LEU B 228 24.92 0.42 30.31
N ILE B 229 24.73 -0.18 29.13
CA ILE B 229 25.62 -1.26 28.70
C ILE B 229 27.04 -0.74 28.50
N ALA B 230 27.20 0.34 27.74
CA ALA B 230 28.54 0.85 27.50
C ALA B 230 28.94 1.86 28.57
N LEU B 231 28.71 1.54 29.84
CA LEU B 231 29.33 2.27 30.94
C LEU B 231 29.71 1.33 32.06
N SER B 232 29.11 0.13 32.08
CA SER B 232 29.30 -0.81 33.17
C SER B 232 29.39 -2.25 32.64
N SER B 233 30.03 -2.44 31.50
CA SER B 233 30.20 -3.77 30.93
C SER B 233 31.63 -3.96 30.47
N GLU B 234 32.16 -5.15 30.75
CA GLU B 234 33.53 -5.47 30.34
C GLU B 234 33.65 -5.60 28.83
N ASP B 235 32.71 -6.30 28.20
CA ASP B 235 32.71 -6.50 26.75
C ASP B 235 31.33 -6.13 26.21
N PRO B 236 31.15 -4.89 25.76
CA PRO B 236 29.84 -4.50 25.23
C PRO B 236 29.43 -5.27 23.98
N PHE B 237 30.38 -5.79 23.21
CA PHE B 237 30.03 -6.59 22.04
C PHE B 237 29.47 -7.94 22.42
N LEU B 238 30.01 -8.57 23.46
CA LEU B 238 29.57 -9.89 23.88
C LEU B 238 28.27 -9.87 24.67
N THR B 239 28.03 -8.80 25.45
CA THR B 239 26.81 -8.73 26.24
C THR B 239 25.62 -8.27 25.42
N ALA B 240 25.85 -7.71 24.22
CA ALA B 240 24.76 -7.39 23.32
C ALA B 240 24.33 -8.59 22.48
N PHE B 241 25.11 -9.67 22.51
CA PHE B 241 24.72 -10.88 21.79
C PHE B 241 23.89 -11.80 22.68
N GLN B 242 24.34 -12.02 23.92
CA GLN B 242 23.61 -12.90 24.83
C GLN B 242 22.28 -12.28 25.23
N LEU B 243 22.21 -10.95 25.31
CA LEU B 243 20.99 -10.28 25.74
C LEU B 243 19.90 -10.35 24.68
N SER B 244 20.24 -10.12 23.42
CA SER B 244 19.24 -10.23 22.36
C SER B 244 18.76 -11.66 22.19
N TRP B 245 19.63 -12.65 22.43
CA TRP B 245 19.24 -14.04 22.32
C TRP B 245 18.29 -14.43 23.45
N GLU B 246 18.59 -13.98 24.68
CA GLU B 246 17.75 -14.33 25.82
C GLU B 246 16.38 -13.68 25.73
N LEU B 247 16.30 -12.44 25.24
CA LEU B 247 15.01 -11.79 25.09
C LEU B 247 14.20 -12.41 23.95
N GLN B 248 14.87 -12.99 22.95
CA GLN B 248 14.15 -13.63 21.86
C GLN B 248 13.45 -14.90 22.34
N GLU B 249 14.14 -15.72 23.12
CA GLU B 249 13.55 -16.95 23.64
C GLU B 249 12.65 -16.70 24.85
N LEU B 250 12.70 -15.50 25.43
CA LEU B 250 11.81 -15.17 26.53
C LEU B 250 10.46 -14.65 26.06
N SER B 251 10.32 -14.34 24.77
CA SER B 251 9.04 -13.92 24.21
C SER B 251 8.17 -15.09 23.79
N LYS B 252 8.68 -16.32 23.87
CA LYS B 252 7.92 -17.50 23.51
C LYS B 252 7.35 -18.23 24.72
N VAL B 253 7.85 -17.94 25.92
CA VAL B 253 7.25 -18.48 27.14
C VAL B 253 6.26 -17.50 27.76
N GLU B 254 6.32 -16.22 27.40
CA GLU B 254 5.38 -15.19 27.84
C GLU B 254 4.63 -14.72 26.60
N ASN B 255 3.53 -15.41 26.28
CA ASN B 255 2.80 -15.10 25.05
C ASN B 255 2.10 -13.76 25.12
N GLU B 256 1.61 -13.37 26.31
CA GLU B 256 0.88 -12.12 26.43
C GLU B 256 1.78 -10.92 26.15
N PHE B 257 3.01 -10.94 26.68
CA PHE B 257 3.96 -9.86 26.51
C PHE B 257 4.94 -10.13 25.36
N LYS B 258 4.50 -10.88 24.35
CA LYS B 258 5.39 -11.22 23.24
C LYS B 258 5.82 -9.99 22.45
N ALA B 259 4.90 -9.06 22.19
CA ALA B 259 5.21 -7.91 21.35
C ALA B 259 6.23 -6.97 22.00
N GLU B 260 6.39 -7.04 23.32
CA GLU B 260 7.33 -6.16 24.02
C GLU B 260 8.72 -6.76 24.18
N TYR B 261 8.81 -8.08 24.42
CA TYR B 261 10.12 -8.70 24.57
C TYR B 261 10.89 -8.70 23.26
N GLU B 262 10.22 -8.96 22.14
CA GLU B 262 10.90 -9.04 20.85
C GLU B 262 11.27 -7.67 20.30
N GLU B 263 10.71 -6.60 20.85
CA GLU B 263 11.18 -5.26 20.50
C GLU B 263 12.41 -4.89 21.31
N LEU B 264 12.49 -5.33 22.56
CA LEU B 264 13.69 -5.14 23.36
C LEU B 264 14.88 -5.87 22.74
N SER B 265 14.64 -7.01 22.10
CA SER B 265 15.73 -7.75 21.48
C SER B 265 16.21 -7.05 20.21
N HIS B 266 15.32 -6.35 19.52
CA HIS B 266 15.70 -5.71 18.26
C HIS B 266 16.63 -4.52 18.48
N GLN B 267 16.48 -3.81 19.60
CA GLN B 267 17.36 -2.67 19.85
C GLN B 267 18.73 -3.09 20.35
N CYS B 268 18.87 -4.34 20.80
CA CYS B 268 20.20 -4.86 21.13
C CYS B 268 20.98 -5.23 19.86
N LYS B 269 20.29 -5.72 18.83
CA LYS B 269 20.96 -6.03 17.57
C LYS B 269 21.47 -4.77 16.89
N HIS B 270 20.71 -3.68 16.95
CA HIS B 270 21.16 -2.43 16.33
C HIS B 270 22.26 -1.75 17.13
N PHE B 271 22.33 -2.00 18.44
CA PHE B 271 23.39 -1.41 19.24
C PHE B 271 24.75 -1.94 18.83
N ALA B 272 24.84 -3.25 18.57
CA ALA B 272 26.11 -3.84 18.12
C ALA B 272 26.51 -3.28 16.76
N LYS B 273 25.56 -3.13 15.84
CA LYS B 273 25.87 -2.56 14.54
C LYS B 273 26.33 -1.12 14.66
N ASP B 274 25.68 -0.32 15.51
CA ASP B 274 26.08 1.07 15.69
C ASP B 274 27.46 1.17 16.32
N LEU B 275 27.76 0.31 17.30
CA LEU B 275 29.08 0.32 17.92
C LEU B 275 30.16 -0.09 16.92
N LEU B 276 29.88 -1.10 16.10
CA LEU B 276 30.84 -1.55 15.10
C LEU B 276 31.09 -0.51 14.02
N ASP B 277 30.18 0.44 13.82
CA ASP B 277 30.29 1.41 12.75
C ASP B 277 31.25 2.54 13.07
N GLN B 278 31.84 2.56 14.26
CA GLN B 278 32.74 3.63 14.66
C GLN B 278 34.20 3.34 14.32
N THR B 279 34.48 2.24 13.62
CA THR B 279 35.85 1.93 13.23
C THR B 279 36.35 2.94 12.21
N ARG B 280 37.58 3.42 12.41
CA ARG B 280 38.14 4.47 11.57
C ARG B 280 39.04 3.96 10.45
N SER B 281 39.57 2.75 10.56
CA SER B 281 40.46 2.20 9.55
C SER B 281 40.41 0.68 9.62
N SER B 282 40.92 0.05 8.56
CA SER B 282 40.90 -1.41 8.48
C SER B 282 41.70 -2.07 9.59
N ARG B 283 42.64 -1.35 10.20
CA ARG B 283 43.44 -1.94 11.28
C ARG B 283 42.56 -2.25 12.50
N GLU B 284 41.67 -1.32 12.86
CA GLU B 284 40.81 -1.54 14.02
C GLU B 284 39.71 -2.56 13.71
N LEU B 285 39.20 -2.55 12.47
CA LEU B 285 38.11 -3.45 12.11
C LEU B 285 38.52 -4.91 12.24
N GLU B 286 39.71 -5.28 11.77
CA GLU B 286 40.16 -6.67 11.84
C GLU B 286 40.61 -7.08 13.22
N LEU B 287 40.83 -6.12 14.13
CA LEU B 287 41.13 -6.46 15.52
C LEU B 287 39.92 -7.01 16.26
N ILE B 288 38.72 -6.56 15.89
CA ILE B 288 37.50 -6.98 16.55
C ILE B 288 37.06 -8.37 16.08
N LEU B 289 37.06 -8.58 14.77
CA LEU B 289 36.54 -9.82 14.18
C LEU B 289 37.41 -11.03 14.50
N ASN B 290 38.67 -10.84 14.89
CA ASN B 290 39.59 -11.94 15.11
C ASN B 290 39.82 -12.26 16.58
N PHE B 291 39.04 -11.67 17.49
CA PHE B 291 39.23 -11.90 18.92
C PHE B 291 38.95 -13.36 19.27
N ARG B 292 39.80 -13.92 20.12
CA ARG B 292 39.73 -15.32 20.53
C ARG B 292 39.65 -16.27 19.32
N ASN B 304 39.86 -20.08 15.33
CA ASN B 304 41.20 -19.60 15.03
C ASN B 304 41.12 -18.21 14.40
N GLU B 305 40.68 -18.15 13.15
CA GLU B 305 40.57 -16.91 12.40
C GLU B 305 39.09 -16.54 12.25
N LEU B 306 38.81 -15.24 12.33
CA LEU B 306 37.43 -14.73 12.30
C LEU B 306 36.57 -15.41 13.36
N ALA B 307 37.10 -15.47 14.58
CA ALA B 307 36.42 -16.19 15.65
C ALA B 307 35.27 -15.41 16.26
N ARG B 308 35.16 -14.11 15.99
CA ARG B 308 34.03 -13.33 16.44
C ARG B 308 33.11 -12.93 15.29
N LEU B 309 33.30 -13.55 14.12
CA LEU B 309 32.33 -13.46 13.04
C LEU B 309 31.55 -14.75 12.88
N LYS B 310 32.05 -15.87 13.44
CA LYS B 310 31.28 -17.09 13.56
C LYS B 310 30.38 -17.10 14.79
N LEU B 311 30.73 -16.30 15.80
CA LEU B 311 29.87 -16.16 16.98
C LEU B 311 28.65 -15.31 16.68
N ALA B 312 28.79 -14.27 15.86
CA ALA B 312 27.64 -13.48 15.45
C ALA B 312 26.68 -14.30 14.61
N ILE B 313 27.20 -15.11 13.70
CA ILE B 313 26.34 -16.01 12.92
C ILE B 313 25.68 -17.03 13.81
N LYS B 314 26.41 -17.53 14.81
CA LYS B 314 25.82 -18.46 15.77
C LYS B 314 24.67 -17.83 16.55
N TYR B 315 24.74 -16.51 16.79
CA TYR B 315 23.69 -15.80 17.50
C TYR B 315 22.72 -15.10 16.56
N ARG B 316 22.85 -15.31 15.25
CA ARG B 316 21.94 -14.76 14.24
C ARG B 316 21.88 -13.24 14.30
N GLN B 317 23.05 -12.62 14.47
CA GLN B 317 23.16 -11.16 14.43
C GLN B 317 23.25 -10.72 12.97
N LYS B 318 22.07 -10.58 12.35
CA LYS B 318 22.02 -10.30 10.92
C LYS B 318 22.45 -8.87 10.61
N GLU B 319 22.16 -7.93 11.50
CA GLU B 319 22.57 -6.54 11.26
C GLU B 319 24.07 -6.37 11.45
N PHE B 320 24.65 -7.06 12.44
CA PHE B 320 26.09 -6.98 12.68
C PHE B 320 26.87 -7.55 11.49
N VAL B 321 26.44 -8.70 10.97
CA VAL B 321 27.17 -9.36 9.91
C VAL B 321 27.09 -8.58 8.60
N ALA B 322 25.90 -8.08 8.27
CA ALA B 322 25.66 -7.44 6.98
C ALA B 322 25.98 -5.95 7.01
N GLN B 323 27.21 -5.61 7.39
CA GLN B 323 27.67 -4.23 7.38
C GLN B 323 28.66 -4.01 6.25
N PRO B 324 28.65 -2.85 5.59
CA PRO B 324 29.56 -2.64 4.46
C PRO B 324 31.03 -2.82 4.81
N ASN B 325 31.45 -2.40 5.99
CA ASN B 325 32.85 -2.55 6.37
C ASN B 325 33.24 -4.02 6.50
N CYS B 326 32.37 -4.81 7.13
CA CYS B 326 32.62 -6.25 7.23
C CYS B 326 32.46 -6.95 5.89
N GLN B 327 31.47 -6.53 5.10
CA GLN B 327 31.22 -7.17 3.81
C GLN B 327 32.37 -6.94 2.84
N GLN B 328 32.97 -5.74 2.87
CA GLN B 328 34.11 -5.48 2.00
C GLN B 328 35.30 -6.35 2.38
N LEU B 329 35.56 -6.52 3.68
CA LEU B 329 36.63 -7.39 4.11
C LEU B 329 36.37 -8.84 3.69
N LEU B 330 35.12 -9.30 3.85
CA LEU B 330 34.77 -10.66 3.44
C LEU B 330 34.93 -10.83 1.93
N ALA B 331 34.54 -9.82 1.15
CA ALA B 331 34.71 -9.90 -0.30
C ALA B 331 36.18 -9.91 -0.70
N SER B 332 37.01 -9.15 0.01
CA SER B 332 38.45 -9.19 -0.25
C SER B 332 39.03 -10.57 0.07
N ARG B 333 38.57 -11.18 1.15
CA ARG B 333 39.01 -12.54 1.47
C ARG B 333 38.51 -13.54 0.44
N TRP B 334 37.31 -13.33 -0.10
CA TRP B 334 36.70 -14.29 -1.01
C TRP B 334 37.32 -14.19 -2.41
N TYR B 335 37.20 -13.03 -3.05
CA TYR B 335 37.73 -12.86 -4.39
C TYR B 335 39.25 -13.03 -4.45
N ASP B 336 39.95 -12.62 -3.40
CA ASP B 336 41.41 -12.75 -3.33
C ASP B 336 42.10 -12.06 -4.50
N ARG B 344 36.56 -6.36 -15.98
CA ARG B 344 35.61 -7.44 -16.17
C ARG B 344 34.19 -6.90 -16.34
N HIS B 345 33.45 -7.46 -17.30
CA HIS B 345 32.08 -7.03 -17.56
C HIS B 345 31.16 -8.22 -17.73
N TRP B 346 29.92 -7.98 -18.17
CA TRP B 346 28.94 -9.05 -18.28
C TRP B 346 29.40 -10.12 -19.28
N ALA B 347 29.93 -9.70 -20.42
CA ALA B 347 30.36 -10.63 -21.45
C ALA B 347 31.76 -11.19 -21.23
N GLY B 348 32.50 -10.65 -20.25
CA GLY B 348 33.86 -11.09 -20.01
C GLY B 348 34.04 -11.93 -18.77
N LYS B 349 33.00 -12.03 -17.94
CA LYS B 349 33.05 -12.76 -16.69
C LYS B 349 32.49 -14.17 -16.80
N LEU B 350 31.35 -14.35 -17.45
CA LEU B 350 30.79 -15.69 -17.62
C LEU B 350 31.71 -16.56 -18.45
N ILE B 351 32.32 -16.00 -19.49
CA ILE B 351 33.18 -16.80 -20.35
C ILE B 351 34.40 -17.31 -19.58
N THR B 352 35.02 -16.45 -18.77
CA THR B 352 36.20 -16.89 -18.03
C THR B 352 35.81 -17.82 -16.88
N CYS B 353 34.62 -17.63 -16.29
CA CYS B 353 34.16 -18.59 -15.28
C CYS B 353 33.96 -19.97 -15.90
N VAL B 354 33.35 -20.03 -17.09
CA VAL B 354 33.18 -21.30 -17.78
C VAL B 354 34.53 -21.91 -18.13
N PHE B 355 35.47 -21.06 -18.61
CA PHE B 355 36.81 -21.56 -18.93
C PHE B 355 37.48 -22.18 -17.72
N ILE B 356 37.40 -21.50 -16.56
CA ILE B 356 37.99 -22.05 -15.34
C ILE B 356 37.30 -23.35 -14.95
N GLY B 357 35.97 -23.40 -15.06
CA GLY B 357 35.25 -24.61 -14.71
C GLY B 357 35.50 -25.77 -15.65
N LEU B 358 35.97 -25.50 -16.88
CA LEU B 358 36.25 -26.57 -17.82
C LEU B 358 37.36 -27.49 -17.31
N MET B 359 38.43 -26.91 -16.79
CA MET B 359 39.53 -27.71 -16.26
C MET B 359 39.33 -28.05 -14.79
N PHE B 360 38.14 -28.58 -14.48
CA PHE B 360 37.86 -29.03 -13.12
C PHE B 360 38.75 -30.19 -12.68
N PRO B 361 38.96 -31.26 -13.47
CA PRO B 361 39.74 -32.39 -12.95
C PRO B 361 41.25 -32.18 -13.00
N LEU B 362 41.72 -31.08 -13.58
CA LEU B 362 43.17 -30.86 -13.67
C LEU B 362 43.72 -30.37 -12.33
N LEU B 363 43.27 -29.19 -11.89
CA LEU B 363 43.70 -28.67 -10.60
C LEU B 363 42.89 -29.24 -9.44
N SER B 364 42.66 -30.55 -9.47
CA SER B 364 42.33 -31.36 -8.32
C SER B 364 43.37 -32.45 -8.12
N LEU B 365 43.73 -33.16 -9.20
CA LEU B 365 44.89 -34.03 -9.15
C LEU B 365 46.17 -33.22 -8.96
N CYS B 366 46.19 -31.97 -9.44
CA CYS B 366 47.33 -31.10 -9.17
C CYS B 366 47.48 -30.86 -7.67
N TYR B 367 46.36 -30.61 -6.99
CA TYR B 367 46.40 -30.47 -5.54
C TYR B 367 46.77 -31.78 -4.86
N LEU B 368 46.28 -32.90 -5.39
CA LEU B 368 46.57 -34.20 -4.80
C LEU B 368 48.05 -34.54 -4.88
N VAL B 369 48.70 -34.22 -6.00
CA VAL B 369 50.09 -34.61 -6.19
C VAL B 369 51.04 -33.59 -5.57
N ALA B 370 51.00 -32.36 -6.03
CA ALA B 370 51.95 -31.33 -5.61
C ALA B 370 51.19 -30.08 -5.21
N PRO B 371 50.88 -29.92 -3.93
CA PRO B 371 50.21 -28.70 -3.47
C PRO B 371 51.14 -27.50 -3.49
N LYS B 372 51.41 -26.97 -4.68
CA LYS B 372 52.32 -25.86 -4.87
C LYS B 372 51.55 -24.57 -5.17
N SER B 373 52.26 -23.44 -5.11
CA SER B 373 51.63 -22.16 -5.38
C SER B 373 51.19 -22.03 -6.83
N ARG B 374 51.84 -22.77 -7.74
CA ARG B 374 51.49 -22.68 -9.16
C ARG B 374 50.10 -23.24 -9.43
N TYR B 375 49.82 -24.45 -8.95
CA TYR B 375 48.53 -25.07 -9.19
C TYR B 375 47.84 -25.55 -7.91
N GLY B 376 48.60 -26.08 -6.95
CA GLY B 376 47.98 -26.60 -5.74
C GLY B 376 47.31 -25.53 -4.91
N LEU B 377 47.91 -24.33 -4.85
CA LEU B 377 47.33 -23.22 -4.12
C LEU B 377 46.38 -22.39 -4.95
N PHE B 378 46.17 -22.74 -6.22
CA PHE B 378 45.20 -22.04 -7.06
C PHE B 378 43.77 -22.51 -6.80
N ILE B 379 43.61 -23.74 -6.30
CA ILE B 379 42.28 -24.21 -5.90
C ILE B 379 41.91 -23.73 -4.50
N ARG B 380 42.88 -23.27 -3.71
CA ARG B 380 42.61 -22.81 -2.35
C ARG B 380 41.94 -21.46 -2.30
N LYS B 381 41.95 -20.71 -3.40
CA LYS B 381 41.17 -19.49 -3.49
C LYS B 381 39.69 -19.83 -3.44
N PRO B 382 38.92 -19.24 -2.52
CA PRO B 382 37.51 -19.66 -2.38
C PRO B 382 36.68 -19.50 -3.64
N PHE B 383 36.93 -18.44 -4.42
CA PHE B 383 36.18 -18.26 -5.66
C PHE B 383 36.49 -19.37 -6.65
N ILE B 384 37.71 -19.90 -6.64
CA ILE B 384 38.07 -20.99 -7.53
C ILE B 384 37.54 -22.33 -7.02
N LYS B 385 37.58 -22.55 -5.69
CA LYS B 385 37.03 -23.77 -5.13
C LYS B 385 35.53 -23.86 -5.39
N PHE B 386 34.82 -22.75 -5.22
CA PHE B 386 33.38 -22.70 -5.47
C PHE B 386 33.05 -23.09 -6.90
N ILE B 387 33.80 -22.53 -7.85
CA ILE B 387 33.57 -22.86 -9.27
C ILE B 387 33.85 -24.34 -9.52
N CYS B 388 34.96 -24.84 -8.97
CA CYS B 388 35.29 -26.25 -9.16
C CYS B 388 34.25 -27.16 -8.52
N HIS B 389 33.78 -26.82 -7.33
CA HIS B 389 32.72 -27.60 -6.70
C HIS B 389 31.39 -27.45 -7.42
N THR B 390 31.19 -26.36 -8.16
CA THR B 390 29.96 -26.19 -8.94
C THR B 390 30.05 -26.91 -10.28
N ALA B 391 31.17 -26.74 -10.98
CA ALA B 391 31.36 -27.45 -12.24
C ALA B 391 31.46 -28.95 -12.05
N SER B 392 31.75 -29.41 -10.84
CA SER B 392 31.73 -30.84 -10.54
C SER B 392 30.31 -31.36 -10.32
N TYR B 393 29.35 -30.47 -10.06
CA TYR B 393 27.97 -30.89 -9.85
C TYR B 393 27.18 -30.90 -11.15
N LEU B 394 27.44 -29.95 -12.06
CA LEU B 394 26.81 -29.99 -13.37
C LEU B 394 27.25 -31.21 -14.17
N THR B 395 28.45 -31.74 -13.86
CA THR B 395 28.88 -32.98 -14.51
C THR B 395 28.07 -34.16 -14.00
N PHE B 396 27.70 -34.14 -12.72
CA PHE B 396 26.85 -35.20 -12.17
C PHE B 396 25.49 -35.21 -12.84
N LEU B 397 24.92 -34.04 -13.09
CA LEU B 397 23.61 -33.97 -13.72
C LEU B 397 23.66 -34.32 -15.20
N PHE B 398 24.78 -34.00 -15.87
CA PHE B 398 24.87 -34.25 -17.31
C PHE B 398 24.79 -35.75 -17.62
N LEU B 399 25.58 -36.56 -16.91
CA LEU B 399 25.49 -38.00 -17.10
C LEU B 399 24.32 -38.60 -16.35
N LEU B 400 23.65 -37.83 -15.49
CA LEU B 400 22.38 -38.27 -14.93
C LEU B 400 21.29 -38.24 -15.98
N LEU B 401 21.36 -37.28 -16.90
CA LEU B 401 20.48 -37.24 -18.06
C LEU B 401 20.86 -38.27 -19.11
N LEU B 402 22.11 -38.72 -19.12
CA LEU B 402 22.58 -39.69 -20.09
C LEU B 402 22.39 -41.13 -19.62
N ALA B 403 21.88 -41.34 -18.41
CA ALA B 403 21.62 -42.68 -17.91
C ALA B 403 20.28 -43.24 -18.38
N SER B 404 19.47 -42.45 -19.06
CA SER B 404 18.16 -42.87 -19.54
C SER B 404 18.10 -42.99 -21.05
N GLN B 405 19.24 -42.89 -21.75
CA GLN B 405 19.25 -43.00 -23.19
C GLN B 405 19.17 -44.46 -23.61
N HIS B 406 18.46 -44.70 -24.72
CA HIS B 406 18.27 -46.07 -25.20
C HIS B 406 19.57 -46.68 -25.69
N ILE B 407 20.50 -45.86 -26.19
CA ILE B 407 21.75 -46.39 -26.74
C ILE B 407 22.55 -47.09 -25.64
N VAL B 408 22.66 -46.45 -24.48
CA VAL B 408 23.41 -47.02 -23.37
C VAL B 408 22.64 -48.18 -22.74
N ASN B 411 20.31 -51.62 -21.43
CA ASN B 411 20.39 -52.99 -20.90
C ASN B 411 19.06 -53.72 -21.05
N PRO B 412 18.48 -53.62 -22.27
CA PRO B 412 17.05 -53.93 -22.49
C PRO B 412 16.18 -54.37 -21.32
N ASP B 413 15.32 -55.34 -21.57
CA ASP B 413 14.40 -55.87 -20.56
C ASP B 413 14.90 -57.21 -20.03
N ARG B 414 16.04 -57.18 -19.34
CA ARG B 414 16.59 -58.37 -18.70
C ARG B 414 16.36 -58.30 -17.20
N GLN B 415 15.81 -59.38 -16.64
CA GLN B 415 15.42 -59.42 -15.24
C GLN B 415 16.66 -59.57 -14.37
N GLY B 416 16.84 -58.64 -13.43
CA GLY B 416 18.00 -58.63 -12.57
C GLY B 416 19.29 -58.42 -13.33
N PRO B 417 19.46 -57.25 -13.92
CA PRO B 417 20.65 -57.01 -14.75
C PRO B 417 21.84 -56.52 -13.93
N LYS B 418 23.01 -56.66 -14.53
CA LYS B 418 24.22 -56.13 -13.94
C LYS B 418 24.29 -54.62 -14.18
N PRO B 419 24.99 -53.88 -13.30
CA PRO B 419 25.06 -52.42 -13.45
C PRO B 419 25.66 -52.03 -14.79
N THR B 420 25.11 -50.97 -15.37
CA THR B 420 25.53 -50.50 -16.68
C THR B 420 26.81 -49.65 -16.57
N THR B 421 27.28 -49.18 -17.72
CA THR B 421 28.52 -48.41 -17.74
C THR B 421 28.36 -47.00 -17.16
N VAL B 422 27.12 -46.54 -16.98
CA VAL B 422 26.92 -45.19 -16.46
C VAL B 422 26.87 -45.19 -14.94
N GLU B 423 26.18 -46.17 -14.34
CA GLU B 423 26.07 -46.20 -12.89
C GLU B 423 27.41 -46.40 -12.21
N TRP B 424 28.36 -47.07 -12.86
CA TRP B 424 29.71 -47.15 -12.31
C TRP B 424 30.32 -45.75 -12.20
N MET B 425 30.10 -44.91 -13.21
CA MET B 425 30.51 -43.52 -13.11
C MET B 425 29.68 -42.75 -12.09
N ILE B 426 28.42 -43.15 -11.87
CA ILE B 426 27.58 -42.48 -10.89
C ILE B 426 28.08 -42.73 -9.48
N LEU B 427 28.59 -43.93 -9.22
CA LEU B 427 28.88 -44.37 -7.86
C LEU B 427 29.83 -43.44 -7.10
N PRO B 428 30.94 -42.93 -7.68
CA PRO B 428 31.83 -42.05 -6.91
C PRO B 428 31.16 -40.81 -6.33
N TRP B 429 30.30 -40.16 -7.11
CA TRP B 429 29.63 -38.95 -6.63
C TRP B 429 28.71 -39.26 -5.46
N VAL B 430 27.94 -40.34 -5.58
CA VAL B 430 27.01 -40.77 -4.54
C VAL B 430 27.79 -41.10 -3.27
N LEU B 431 28.88 -41.84 -3.42
CA LEU B 431 29.70 -42.22 -2.28
C LEU B 431 30.29 -40.99 -1.60
N GLY B 432 30.74 -40.02 -2.40
CA GLY B 432 31.25 -38.79 -1.82
C GLY B 432 30.20 -38.01 -1.05
N PHE B 433 28.99 -37.92 -1.61
CA PHE B 433 27.91 -37.24 -0.91
C PHE B 433 27.57 -37.95 0.40
N ILE B 434 27.50 -39.28 0.37
CA ILE B 434 27.18 -40.05 1.57
C ILE B 434 28.27 -39.87 2.62
N TRP B 435 29.53 -39.91 2.20
CA TRP B 435 30.63 -39.72 3.14
C TRP B 435 30.62 -38.32 3.74
N THR B 436 30.33 -37.30 2.93
CA THR B 436 30.23 -35.95 3.47
C THR B 436 29.10 -35.84 4.49
N GLU B 437 27.95 -36.44 4.20
CA GLU B 437 26.85 -36.43 5.15
C GLU B 437 27.23 -37.15 6.43
N ILE B 438 27.91 -38.29 6.31
CA ILE B 438 28.32 -39.05 7.51
C ILE B 438 29.29 -38.23 8.35
N LYS B 439 30.26 -37.58 7.70
CA LYS B 439 31.26 -36.83 8.45
C LYS B 439 30.67 -35.57 9.08
N GLN B 440 29.63 -35.01 8.48
CA GLN B 440 28.97 -33.86 9.10
C GLN B 440 27.90 -34.27 10.10
N MET B 441 27.52 -35.55 10.13
CA MET B 441 26.53 -36.00 11.11
C MET B 441 27.09 -35.97 12.52
N TRP B 442 28.30 -36.52 12.72
CA TRP B 442 28.87 -36.59 14.05
C TRP B 442 29.56 -35.29 14.47
N ASP B 443 29.83 -34.37 13.53
CA ASP B 443 30.48 -33.12 13.89
C ASP B 443 29.53 -32.15 14.58
N GLY B 444 28.23 -32.38 14.48
CA GLY B 444 27.27 -31.46 15.06
C GLY B 444 26.30 -32.12 16.02
N GLY B 445 26.22 -33.45 15.99
CA GLY B 445 25.31 -34.18 16.86
C GLY B 445 23.84 -33.94 16.58
N PHE B 446 23.45 -33.94 15.30
CA PHE B 446 22.07 -33.86 14.83
C PHE B 446 21.28 -32.71 15.46
N GLN B 447 21.95 -31.73 16.06
CA GLN B 447 21.32 -30.53 16.58
C GLN B 447 21.76 -29.33 15.74
N ASP B 448 20.78 -28.55 15.28
CA ASP B 448 20.97 -27.46 14.33
C ASP B 448 21.58 -27.95 13.01
N TYR B 449 21.59 -29.25 12.78
CA TYR B 449 22.06 -29.86 11.53
C TYR B 449 20.91 -30.38 10.68
N ILE B 450 19.94 -31.07 11.31
CA ILE B 450 18.73 -31.51 10.63
C ILE B 450 17.63 -30.45 10.69
N HIS B 451 17.93 -29.29 11.30
CA HIS B 451 16.95 -28.22 11.49
C HIS B 451 16.94 -27.22 10.34
N ASP B 452 17.37 -27.63 9.15
CA ASP B 452 17.48 -26.72 8.02
C ASP B 452 16.79 -27.34 6.81
N TRP B 453 16.24 -26.49 5.94
CA TRP B 453 15.54 -26.96 4.75
C TRP B 453 16.46 -27.75 3.82
N TRP B 454 17.67 -27.26 3.59
CA TRP B 454 18.57 -27.87 2.62
C TRP B 454 19.41 -29.00 3.20
N ASN B 455 19.15 -29.42 4.44
CA ASN B 455 19.94 -30.48 5.04
C ASN B 455 19.11 -31.70 5.39
N LEU B 456 17.79 -31.68 5.15
CA LEU B 456 16.95 -32.86 5.26
C LEU B 456 16.62 -33.45 3.89
N MET B 457 16.54 -32.60 2.87
CA MET B 457 16.47 -33.08 1.50
C MET B 457 17.68 -33.94 1.18
N ASP B 458 18.86 -33.56 1.68
CA ASP B 458 20.05 -34.37 1.49
C ASP B 458 19.90 -35.73 2.16
N PHE B 459 19.35 -35.76 3.38
CA PHE B 459 19.14 -37.02 4.08
C PHE B 459 18.20 -37.93 3.30
N VAL B 460 17.10 -37.38 2.80
CA VAL B 460 16.14 -38.17 2.04
C VAL B 460 16.76 -38.67 0.74
N MET B 461 17.50 -37.80 0.05
CA MET B 461 18.15 -38.18 -1.20
C MET B 461 19.16 -39.30 -0.99
N ASN B 462 19.97 -39.20 0.07
CA ASN B 462 20.96 -40.23 0.33
C ASN B 462 20.30 -41.54 0.77
N SER B 463 19.20 -41.46 1.52
CA SER B 463 18.47 -42.68 1.88
C SER B 463 17.93 -43.36 0.63
N LEU B 464 17.37 -42.59 -0.30
CA LEU B 464 16.88 -43.18 -1.54
C LEU B 464 18.01 -43.78 -2.37
N TYR B 465 19.15 -43.10 -2.44
CA TYR B 465 20.29 -43.62 -3.18
C TYR B 465 20.85 -44.90 -2.54
N LEU B 466 20.79 -45.00 -1.21
CA LEU B 466 21.24 -46.22 -0.55
C LEU B 466 20.24 -47.35 -0.78
N ALA B 467 18.94 -47.06 -0.72
CA ALA B 467 17.93 -48.08 -0.99
C ALA B 467 17.96 -48.57 -2.42
N THR B 468 18.33 -47.72 -3.38
CA THR B 468 18.48 -48.18 -4.76
C THR B 468 19.50 -49.30 -4.85
N ILE B 469 20.68 -49.11 -4.25
CA ILE B 469 21.71 -50.13 -4.24
C ILE B 469 21.23 -51.35 -3.46
N SER B 470 20.59 -51.11 -2.31
CA SER B 470 20.10 -52.21 -1.47
C SER B 470 19.12 -53.10 -2.20
N LEU B 471 18.33 -52.54 -3.12
CA LEU B 471 17.41 -53.34 -3.93
C LEU B 471 18.08 -53.95 -5.15
N LYS B 472 19.00 -53.22 -5.79
CA LYS B 472 19.67 -53.76 -6.97
C LYS B 472 20.54 -54.96 -6.63
N ILE B 473 21.25 -54.92 -5.51
CA ILE B 473 22.09 -56.04 -5.12
C ILE B 473 21.23 -57.25 -4.77
N VAL B 474 20.08 -57.01 -4.14
CA VAL B 474 19.15 -58.09 -3.82
C VAL B 474 18.55 -58.70 -5.07
N ALA B 475 18.28 -57.89 -6.09
CA ALA B 475 17.71 -58.41 -7.35
C ALA B 475 18.71 -59.33 -8.06
N TYR B 476 19.98 -58.93 -8.07
CA TYR B 476 21.02 -59.68 -8.76
C TYR B 476 21.23 -61.07 -8.15
N VAL B 477 21.23 -61.16 -6.82
CA VAL B 477 21.59 -62.41 -6.15
C VAL B 477 20.44 -63.40 -6.05
N LYS B 478 19.22 -63.00 -6.42
CA LYS B 478 18.08 -63.92 -6.30
C LYS B 478 17.21 -63.96 -7.55
N TYR B 479 17.69 -63.45 -8.69
CA TYR B 479 16.94 -63.51 -9.93
C TYR B 479 17.89 -63.65 -11.10
N SER B 480 17.39 -64.24 -12.19
CA SER B 480 18.19 -64.48 -13.38
C SER B 480 17.25 -64.78 -14.54
N GLY B 481 17.80 -64.71 -15.75
CA GLY B 481 17.05 -65.05 -16.94
C GLY B 481 16.40 -63.86 -17.61
N CYS B 482 16.36 -63.86 -18.94
CA CYS B 482 15.70 -62.81 -19.70
C CYS B 482 14.21 -63.13 -19.82
N LYS B 483 13.37 -62.22 -19.34
CA LYS B 483 11.93 -62.41 -19.32
C LYS B 483 11.26 -61.13 -19.82
N PRO B 484 10.21 -61.25 -20.64
CA PRO B 484 9.53 -60.05 -21.14
C PRO B 484 9.00 -59.19 -20.00
N ARG B 485 9.14 -57.87 -20.17
CA ARG B 485 8.78 -56.93 -19.10
C ARG B 485 7.28 -56.96 -18.80
N ASP B 486 6.45 -57.20 -19.82
CA ASP B 486 5.00 -57.17 -19.61
C ASP B 486 4.51 -58.32 -18.73
N THR B 487 5.34 -59.34 -18.51
CA THR B 487 4.94 -60.50 -17.72
C THR B 487 5.43 -60.46 -16.28
N TRP B 488 6.21 -59.45 -15.89
CA TRP B 488 6.71 -59.36 -14.53
C TRP B 488 5.56 -59.12 -13.55
N GLU B 489 5.59 -59.84 -12.44
CA GLU B 489 4.63 -59.59 -11.38
C GLU B 489 4.95 -58.28 -10.67
N MET B 490 3.92 -57.62 -10.17
CA MET B 490 4.09 -56.35 -9.47
C MET B 490 4.88 -56.56 -8.18
N TRP B 491 5.52 -55.47 -7.73
CA TRP B 491 6.40 -55.45 -6.56
C TRP B 491 7.71 -56.20 -6.82
N HIS B 492 8.08 -56.38 -8.08
CA HIS B 492 9.37 -56.97 -8.40
C HIS B 492 10.48 -56.02 -7.95
N PRO B 493 11.59 -56.56 -7.41
CA PRO B 493 12.65 -55.67 -6.90
C PRO B 493 13.24 -54.73 -7.95
N THR B 494 13.30 -55.15 -9.22
CA THR B 494 13.87 -54.28 -10.24
C THR B 494 12.99 -53.04 -10.47
N LEU B 495 11.67 -53.24 -10.57
CA LEU B 495 10.77 -52.12 -10.78
C LEU B 495 10.82 -51.14 -9.62
N VAL B 496 10.81 -51.67 -8.39
CA VAL B 496 10.87 -50.82 -7.21
C VAL B 496 12.20 -50.07 -7.16
N ALA B 497 13.30 -50.76 -7.49
CA ALA B 497 14.61 -50.11 -7.46
C ALA B 497 14.68 -48.98 -8.47
N GLU B 498 14.20 -49.20 -9.68
CA GLU B 498 14.28 -48.14 -10.69
C GLU B 498 13.32 -47.00 -10.39
N ALA B 499 12.16 -47.30 -9.79
CA ALA B 499 11.25 -46.25 -9.36
C ALA B 499 11.89 -45.38 -8.27
N VAL B 500 12.53 -46.02 -7.29
CA VAL B 500 13.19 -45.27 -6.23
C VAL B 500 14.33 -44.45 -6.79
N PHE B 501 15.07 -44.99 -7.76
CA PHE B 501 16.15 -44.23 -8.39
C PHE B 501 15.61 -43.03 -9.14
N ALA B 502 14.48 -43.19 -9.84
CA ALA B 502 13.88 -42.07 -10.56
C ALA B 502 13.39 -40.99 -9.60
N ILE B 503 12.82 -41.39 -8.46
CA ILE B 503 12.43 -40.42 -7.44
C ILE B 503 13.67 -39.76 -6.84
N ALA B 504 14.74 -40.53 -6.69
CA ALA B 504 15.94 -40.03 -6.01
C ALA B 504 16.56 -38.85 -6.74
N ASN B 505 16.66 -38.92 -8.06
CA ASN B 505 17.38 -37.92 -8.82
C ASN B 505 16.54 -36.71 -9.19
N ILE B 506 15.41 -36.50 -8.51
CA ILE B 506 14.68 -35.24 -8.63
C ILE B 506 15.15 -34.26 -7.57
N PHE B 507 15.35 -34.74 -6.34
CA PHE B 507 15.90 -33.88 -5.29
C PHE B 507 17.30 -33.41 -5.64
N SER B 508 18.08 -34.24 -6.34
CA SER B 508 19.43 -33.86 -6.70
C SER B 508 19.44 -32.65 -7.62
N SER B 509 18.52 -32.60 -8.57
CA SER B 509 18.43 -31.44 -9.46
C SER B 509 17.77 -30.26 -8.77
N LEU B 510 16.90 -30.51 -7.80
CA LEU B 510 16.26 -29.43 -7.06
C LEU B 510 17.19 -28.80 -6.03
N ARG B 511 18.25 -29.52 -5.64
CA ARG B 511 19.22 -28.93 -4.72
C ARG B 511 20.13 -27.92 -5.40
N LEU B 512 20.05 -27.80 -6.72
CA LEU B 512 20.86 -26.84 -7.45
C LEU B 512 20.26 -25.44 -7.31
N ILE B 513 19.21 -25.31 -6.51
CA ILE B 513 18.55 -24.03 -6.29
C ILE B 513 19.33 -23.25 -5.24
N SER B 514 19.94 -23.96 -4.30
CA SER B 514 20.67 -23.33 -3.21
C SER B 514 21.96 -22.68 -3.66
N LEU B 515 22.26 -22.65 -4.95
CA LEU B 515 23.45 -21.99 -5.48
C LEU B 515 23.12 -20.60 -6.03
N PHE B 516 21.91 -20.13 -5.78
CA PHE B 516 21.50 -18.80 -6.22
C PHE B 516 21.86 -17.70 -5.24
N THR B 517 22.17 -18.03 -3.98
CA THR B 517 22.55 -17.03 -3.00
C THR B 517 23.85 -16.32 -3.37
N ALA B 518 24.68 -16.92 -4.22
CA ALA B 518 25.94 -16.32 -4.62
C ALA B 518 25.79 -15.25 -5.68
N ASN B 519 24.64 -15.16 -6.33
CA ASN B 519 24.40 -14.19 -7.38
C ASN B 519 23.64 -13.00 -6.82
N SER B 520 24.01 -11.80 -7.26
CA SER B 520 23.40 -10.59 -6.72
C SER B 520 22.00 -10.34 -7.28
N HIS B 521 21.64 -10.93 -8.42
CA HIS B 521 20.33 -10.74 -8.99
C HIS B 521 19.32 -11.78 -8.50
N LEU B 522 19.66 -13.06 -8.62
CA LEU B 522 18.78 -14.14 -8.21
C LEU B 522 18.87 -14.46 -6.73
N GLY B 523 19.76 -13.81 -6.00
CA GLY B 523 19.94 -14.08 -4.59
C GLY B 523 18.78 -13.62 -3.73
N PRO B 524 18.53 -12.31 -3.69
CA PRO B 524 17.40 -11.81 -2.88
C PRO B 524 16.06 -12.37 -3.32
N LEU B 525 15.88 -12.62 -4.62
CA LEU B 525 14.62 -13.19 -5.09
C LEU B 525 14.40 -14.60 -4.54
N GLN B 526 15.46 -15.42 -4.51
CA GLN B 526 15.32 -16.78 -4.03
C GLN B 526 15.10 -16.83 -2.53
N ILE B 527 15.75 -15.93 -1.78
CA ILE B 527 15.61 -15.94 -0.32
C ILE B 527 14.20 -15.55 0.09
N SER B 528 13.63 -14.53 -0.56
CA SER B 528 12.28 -14.10 -0.25
C SER B 528 11.23 -15.14 -0.66
N LEU B 529 11.53 -15.95 -1.68
CA LEU B 529 10.58 -16.99 -2.10
C LEU B 529 10.45 -18.07 -1.04
N GLY B 530 11.55 -18.41 -0.37
CA GLY B 530 11.52 -19.45 0.64
C GLY B 530 10.90 -19.04 1.95
N ARG B 531 10.71 -17.74 2.18
CA ARG B 531 10.01 -17.25 3.36
C ARG B 531 8.55 -16.95 3.08
N MET B 532 8.16 -16.81 1.82
CA MET B 532 6.77 -16.73 1.41
C MET B 532 6.15 -18.12 1.25
N LEU B 533 6.83 -19.16 1.71
CA LEU B 533 6.37 -20.52 1.57
C LEU B 533 6.00 -21.17 2.90
N LEU B 534 6.35 -20.56 4.03
CA LEU B 534 5.89 -21.02 5.33
C LEU B 534 4.50 -20.51 5.66
N ASP B 535 3.98 -19.56 4.89
CA ASP B 535 2.59 -19.15 5.02
C ASP B 535 1.65 -19.97 4.16
N ILE B 536 2.15 -20.48 3.03
CA ILE B 536 1.37 -21.43 2.23
C ILE B 536 1.12 -22.70 3.02
N LEU B 537 2.10 -23.12 3.84
CA LEU B 537 1.94 -24.31 4.65
C LEU B 537 0.81 -24.19 5.67
N LYS B 538 0.44 -22.97 6.06
CA LYS B 538 -0.73 -22.77 6.89
C LYS B 538 -2.01 -22.80 6.07
N PHE B 539 -1.95 -22.39 4.80
CA PHE B 539 -3.09 -22.58 3.93
C PHE B 539 -3.06 -23.98 3.34
N LEU B 540 -2.85 -24.99 4.19
CA LEU B 540 -2.95 -26.37 3.78
C LEU B 540 -3.68 -27.22 4.81
N PHE B 541 -4.06 -26.66 5.96
CA PHE B 541 -4.94 -27.32 6.91
C PHE B 541 -6.41 -27.00 6.67
N ILE B 542 -6.69 -25.97 5.88
CA ILE B 542 -8.05 -25.67 5.44
C ILE B 542 -8.43 -26.50 4.22
N TYR B 543 -7.55 -26.55 3.22
CA TYR B 543 -7.81 -27.34 2.02
C TYR B 543 -7.82 -28.83 2.30
N CYS B 544 -6.90 -29.33 3.13
CA CYS B 544 -6.87 -30.74 3.48
C CYS B 544 -8.03 -31.17 4.36
N LEU B 545 -8.77 -30.22 4.93
CA LEU B 545 -10.02 -30.53 5.61
C LEU B 545 -11.23 -30.42 4.71
N VAL B 546 -11.27 -29.42 3.82
CA VAL B 546 -12.35 -29.33 2.84
C VAL B 546 -12.34 -30.55 1.92
N LEU B 547 -11.15 -30.96 1.46
CA LEU B 547 -11.04 -32.11 0.58
C LEU B 547 -11.55 -33.37 1.27
N LEU B 548 -11.16 -33.58 2.53
CA LEU B 548 -11.64 -34.75 3.26
C LEU B 548 -13.15 -34.68 3.47
N ALA B 549 -13.67 -33.51 3.83
CA ALA B 549 -15.10 -33.38 4.08
C ALA B 549 -15.92 -33.70 2.84
N PHE B 550 -15.50 -33.20 1.69
CA PHE B 550 -16.26 -33.47 0.47
C PHE B 550 -16.06 -34.88 -0.05
N ALA B 551 -14.83 -35.43 0.10
CA ALA B 551 -14.59 -36.79 -0.34
C ALA B 551 -15.41 -37.79 0.46
N ASN B 552 -15.53 -37.56 1.77
CA ASN B 552 -16.36 -38.44 2.60
C ASN B 552 -17.79 -38.48 2.09
N GLY B 553 -18.38 -37.32 1.83
CA GLY B 553 -19.75 -37.29 1.34
C GLY B 553 -19.91 -37.90 -0.03
N LEU B 554 -18.98 -37.61 -0.94
CA LEU B 554 -19.07 -38.17 -2.29
C LEU B 554 -18.95 -39.69 -2.27
N ASN B 555 -18.01 -40.22 -1.49
CA ASN B 555 -17.88 -41.66 -1.39
C ASN B 555 -19.11 -42.29 -0.74
N GLN B 556 -19.63 -41.65 0.31
CA GLN B 556 -20.84 -42.16 0.95
C GLN B 556 -22.00 -42.24 -0.04
N LEU B 557 -22.10 -41.25 -0.93
CA LEU B 557 -23.19 -41.26 -1.91
C LEU B 557 -22.96 -42.33 -2.98
N TYR B 558 -21.74 -42.41 -3.52
CA TYR B 558 -21.50 -43.18 -4.74
C TYR B 558 -20.92 -44.58 -4.52
N PHE B 559 -20.71 -45.02 -3.28
CA PHE B 559 -20.04 -46.30 -3.08
C PHE B 559 -20.93 -47.50 -3.41
N TYR B 560 -22.23 -47.30 -3.59
CA TYR B 560 -23.15 -48.41 -3.83
C TYR B 560 -23.31 -48.76 -5.31
N TYR B 561 -22.73 -47.97 -6.21
CA TYR B 561 -22.93 -48.16 -7.65
C TYR B 561 -21.68 -48.65 -8.37
N GLU B 562 -20.69 -49.17 -7.64
CA GLU B 562 -19.46 -49.59 -8.29
C GLU B 562 -19.68 -50.83 -9.16
N ASN B 563 -18.96 -50.89 -10.28
CA ASN B 563 -19.01 -52.03 -11.17
C ASN B 563 -17.69 -52.13 -11.92
N SER B 564 -17.33 -53.35 -12.32
CA SER B 564 -16.11 -53.57 -13.08
C SER B 564 -16.30 -54.57 -14.21
N GLU B 565 -17.54 -54.88 -14.57
CA GLU B 565 -17.83 -55.82 -15.64
C GLU B 565 -17.82 -55.12 -16.98
N GLY B 566 -17.21 -55.75 -17.97
CA GLY B 566 -17.09 -55.13 -19.28
C GLY B 566 -16.12 -53.97 -19.33
N MET B 567 -15.18 -53.91 -18.39
CA MET B 567 -14.21 -52.81 -18.31
C MET B 567 -12.83 -53.41 -18.07
N THR B 568 -12.01 -53.44 -19.13
CA THR B 568 -10.61 -53.84 -18.98
C THR B 568 -9.80 -52.78 -18.24
N CYS B 569 -10.34 -51.58 -18.07
CA CYS B 569 -9.66 -50.47 -17.42
C CYS B 569 -10.54 -49.89 -16.32
N LYS B 570 -9.96 -49.70 -15.14
CA LYS B 570 -10.68 -49.17 -14.00
C LYS B 570 -9.94 -47.97 -13.43
N GLY B 571 -10.67 -46.93 -13.08
CA GLY B 571 -10.14 -45.75 -12.44
C GLY B 571 -10.28 -44.52 -13.31
N ILE B 572 -9.97 -43.38 -12.70
CA ILE B 572 -10.00 -42.12 -13.43
C ILE B 572 -8.84 -41.99 -14.40
N ARG B 573 -7.76 -42.74 -14.19
CA ARG B 573 -6.57 -42.63 -15.05
C ARG B 573 -6.67 -43.59 -16.23
N CYS B 574 -7.72 -43.40 -17.02
CA CYS B 574 -7.88 -44.10 -18.29
C CYS B 574 -8.65 -43.20 -19.24
N GLU B 575 -8.88 -43.72 -20.46
CA GLU B 575 -9.48 -42.91 -21.52
C GLU B 575 -10.99 -42.75 -21.35
N ARG B 576 -11.63 -43.61 -20.58
CA ARG B 576 -13.06 -43.50 -20.26
C ARG B 576 -13.18 -43.65 -18.74
N GLN B 577 -13.10 -42.52 -18.03
CA GLN B 577 -13.21 -42.54 -16.58
C GLN B 577 -14.57 -43.07 -16.15
N ASN B 578 -14.55 -44.03 -15.21
CA ASN B 578 -15.78 -44.76 -14.90
C ASN B 578 -16.10 -44.86 -13.41
N ASN B 579 -15.08 -44.88 -12.56
CA ASN B 579 -15.25 -45.16 -11.13
C ASN B 579 -14.62 -44.07 -10.28
N ALA B 580 -14.95 -42.82 -10.59
CA ALA B 580 -14.30 -41.70 -9.92
C ALA B 580 -14.54 -41.70 -8.43
N PHE B 581 -15.77 -41.99 -8.00
CA PHE B 581 -16.18 -41.84 -6.60
C PHE B 581 -16.61 -43.18 -6.01
N SER B 582 -15.90 -44.26 -6.34
CA SER B 582 -16.27 -45.58 -5.83
C SER B 582 -15.64 -45.88 -4.47
N THR B 583 -14.36 -45.56 -4.31
CA THR B 583 -13.64 -45.81 -3.06
C THR B 583 -13.04 -44.51 -2.53
N LEU B 584 -12.73 -44.51 -1.24
CA LEU B 584 -12.19 -43.32 -0.61
C LEU B 584 -10.82 -42.95 -1.18
N PHE B 585 -9.98 -43.96 -1.43
CA PHE B 585 -8.68 -43.68 -2.02
C PHE B 585 -8.82 -43.10 -3.43
N GLU B 586 -9.81 -43.61 -4.19
CA GLU B 586 -10.05 -43.06 -5.53
C GLU B 586 -10.73 -41.70 -5.47
N THR B 587 -11.64 -41.51 -4.51
CA THR B 587 -12.32 -40.23 -4.37
C THR B 587 -11.34 -39.13 -3.98
N LEU B 588 -10.39 -39.43 -3.10
CA LEU B 588 -9.42 -38.43 -2.68
C LEU B 588 -8.56 -37.95 -3.85
N GLN B 589 -8.18 -38.87 -4.74
CA GLN B 589 -7.34 -38.51 -5.87
C GLN B 589 -8.14 -38.12 -7.11
N SER B 590 -9.48 -38.19 -7.05
CA SER B 590 -10.31 -37.67 -8.12
C SER B 590 -10.75 -36.23 -7.89
N LEU B 591 -10.80 -35.80 -6.62
CA LEU B 591 -11.05 -34.40 -6.30
C LEU B 591 -9.79 -33.55 -6.39
N PHE B 592 -8.62 -34.18 -6.45
CA PHE B 592 -7.37 -33.44 -6.61
C PHE B 592 -7.18 -33.00 -8.05
N TRP B 593 -7.32 -33.94 -8.99
CA TRP B 593 -7.16 -33.61 -10.40
C TRP B 593 -8.24 -32.67 -10.91
N SER B 594 -9.36 -32.53 -10.18
CA SER B 594 -10.41 -31.63 -10.61
C SER B 594 -10.02 -30.16 -10.45
N ILE B 595 -8.98 -29.86 -9.68
CA ILE B 595 -8.51 -28.49 -9.55
C ILE B 595 -7.92 -28.02 -10.88
N PHE B 596 -7.25 -28.91 -11.59
CA PHE B 596 -6.64 -28.57 -12.87
C PHE B 596 -7.56 -28.84 -14.05
N GLY B 597 -8.78 -29.29 -13.80
CA GLY B 597 -9.74 -29.50 -14.87
C GLY B 597 -9.52 -30.76 -15.69
N LEU B 598 -8.95 -31.80 -15.09
CA LEU B 598 -8.67 -33.05 -15.80
C LEU B 598 -9.70 -34.14 -15.52
N ILE B 599 -10.76 -33.83 -14.77
CA ILE B 599 -11.83 -34.78 -14.50
C ILE B 599 -13.07 -34.32 -15.25
N SER B 600 -13.62 -35.20 -16.08
CA SER B 600 -14.76 -34.88 -16.92
C SER B 600 -16.05 -34.85 -16.10
N LEU B 601 -17.18 -34.65 -16.78
CA LEU B 601 -18.46 -34.54 -16.12
C LEU B 601 -19.28 -35.83 -16.13
N TYR B 602 -19.04 -36.73 -17.09
CA TYR B 602 -19.81 -37.96 -17.15
C TYR B 602 -19.43 -38.95 -16.06
N VAL B 603 -18.38 -38.67 -15.28
CA VAL B 603 -18.02 -39.52 -14.15
C VAL B 603 -19.03 -39.47 -13.03
N THR B 604 -19.96 -38.51 -13.06
CA THR B 604 -20.98 -38.38 -12.03
C THR B 604 -22.26 -39.13 -12.37
N ASN B 605 -22.30 -39.83 -13.48
CA ASN B 605 -23.47 -40.62 -13.86
C ASN B 605 -23.36 -42.04 -13.30
N VAL B 606 -24.49 -42.75 -13.35
CA VAL B 606 -24.56 -44.14 -12.92
C VAL B 606 -25.28 -44.94 -14.00
N LYS B 607 -25.09 -46.26 -13.95
CA LYS B 607 -25.73 -47.16 -14.91
C LYS B 607 -27.16 -47.48 -14.46
N ALA B 608 -27.92 -46.41 -14.23
CA ALA B 608 -29.31 -46.51 -13.81
C ALA B 608 -29.97 -45.17 -14.05
N ASP B 609 -31.30 -45.18 -14.10
CA ASP B 609 -32.06 -43.95 -14.32
C ASP B 609 -32.49 -43.32 -13.00
N HIS B 610 -31.53 -43.11 -12.12
CA HIS B 610 -31.75 -42.45 -10.84
C HIS B 610 -31.22 -41.02 -10.96
N LYS B 611 -32.07 -40.12 -11.46
CA LYS B 611 -31.64 -38.75 -11.71
C LYS B 611 -31.50 -37.93 -10.44
N PHE B 612 -32.10 -38.38 -9.32
CA PHE B 612 -31.96 -37.62 -8.08
C PHE B 612 -30.57 -37.78 -7.49
N THR B 613 -30.03 -39.00 -7.47
CA THR B 613 -28.69 -39.22 -6.94
C THR B 613 -27.64 -38.53 -7.81
N GLU B 614 -27.78 -38.61 -9.14
CA GLU B 614 -26.82 -37.99 -10.04
C GLU B 614 -26.80 -36.48 -9.86
N PHE B 615 -27.97 -35.86 -9.69
CA PHE B 615 -28.02 -34.42 -9.51
C PHE B 615 -27.37 -34.00 -8.19
N VAL B 616 -27.58 -34.78 -7.12
CA VAL B 616 -26.96 -34.47 -5.84
C VAL B 616 -25.44 -34.60 -5.95
N GLY B 617 -24.96 -35.65 -6.62
CA GLY B 617 -23.53 -35.81 -6.79
C GLY B 617 -22.92 -34.68 -7.60
N ALA B 618 -23.58 -34.29 -8.69
CA ALA B 618 -23.08 -33.19 -9.51
C ALA B 618 -23.10 -31.88 -8.72
N THR B 619 -24.13 -31.66 -7.90
CA THR B 619 -24.20 -30.47 -7.08
C THR B 619 -23.10 -30.42 -6.03
N MET B 620 -22.79 -31.55 -5.39
CA MET B 620 -21.67 -31.59 -4.45
C MET B 620 -20.33 -31.39 -5.15
N PHE B 621 -20.12 -31.96 -6.32
CA PHE B 621 -18.91 -31.71 -7.09
C PHE B 621 -18.76 -30.26 -7.50
N GLY B 622 -19.84 -29.62 -7.93
CA GLY B 622 -19.82 -28.21 -8.27
C GLY B 622 -19.55 -27.34 -7.06
N THR B 623 -20.16 -27.68 -5.92
CA THR B 623 -19.91 -26.93 -4.69
C THR B 623 -18.47 -27.04 -4.25
N TYR B 624 -17.87 -28.24 -4.38
CA TYR B 624 -16.45 -28.38 -4.09
C TYR B 624 -15.61 -27.54 -5.05
N ASN B 625 -15.98 -27.52 -6.34
CA ASN B 625 -15.22 -26.73 -7.30
C ASN B 625 -15.30 -25.23 -6.98
N VAL B 626 -16.45 -24.77 -6.52
CA VAL B 626 -16.60 -23.35 -6.20
C VAL B 626 -15.74 -22.97 -5.00
N ILE B 627 -15.77 -23.78 -3.94
CA ILE B 627 -15.07 -23.42 -2.71
C ILE B 627 -13.56 -23.35 -2.95
N SER B 628 -13.02 -24.32 -3.66
CA SER B 628 -11.56 -24.40 -3.81
C SER B 628 -11.04 -23.42 -4.86
N LEU B 629 -11.59 -23.45 -6.06
CA LEU B 629 -11.03 -22.70 -7.17
C LEU B 629 -11.41 -21.23 -7.18
N VAL B 630 -12.42 -20.83 -6.41
CA VAL B 630 -12.85 -19.45 -6.39
C VAL B 630 -12.63 -18.78 -5.04
N VAL B 631 -12.86 -19.48 -3.93
CA VAL B 631 -12.76 -18.86 -2.62
C VAL B 631 -11.36 -19.09 -2.05
N LEU B 632 -11.00 -20.35 -1.84
CA LEU B 632 -9.75 -20.65 -1.14
C LEU B 632 -8.52 -20.26 -1.96
N LEU B 633 -8.57 -20.50 -3.28
CA LEU B 633 -7.40 -20.22 -4.11
C LEU B 633 -7.32 -18.75 -4.56
N ASN B 634 -8.33 -17.94 -4.26
CA ASN B 634 -8.26 -16.51 -4.51
C ASN B 634 -7.92 -15.71 -3.26
N MET B 635 -7.96 -16.32 -2.08
CA MET B 635 -7.48 -15.70 -0.86
C MET B 635 -6.13 -16.25 -0.43
N LEU B 636 -5.62 -17.27 -1.12
CA LEU B 636 -4.23 -17.65 -0.95
C LEU B 636 -3.29 -16.65 -1.63
N ILE B 637 -3.70 -16.14 -2.78
CA ILE B 637 -2.95 -15.09 -3.46
C ILE B 637 -3.14 -13.74 -2.80
N ALA B 638 -4.28 -13.53 -2.14
CA ALA B 638 -4.54 -12.27 -1.46
C ALA B 638 -3.83 -12.17 -0.11
N MET B 639 -3.34 -13.29 0.44
CA MET B 639 -2.54 -13.26 1.66
C MET B 639 -1.06 -13.54 1.36
N MET B 640 -0.74 -13.79 0.08
CA MET B 640 0.64 -13.80 -0.37
C MET B 640 1.01 -12.45 -0.97
N ASN B 641 0.15 -11.46 -0.78
CA ASN B 641 0.40 -10.10 -1.21
C ASN B 641 0.49 -9.13 -0.04
N ASN B 642 0.10 -9.56 1.17
CA ASN B 642 0.29 -8.80 2.39
C ASN B 642 1.43 -9.41 3.17
N SER B 643 2.25 -10.21 2.49
CA SER B 643 3.39 -10.87 3.09
C SER B 643 4.61 -10.73 2.18
N TYR B 644 4.44 -10.00 1.08
CA TYR B 644 5.55 -9.61 0.22
C TYR B 644 5.84 -8.12 0.36
N GLN B 645 5.34 -7.52 1.43
CA GLN B 645 5.62 -6.12 1.72
C GLN B 645 6.40 -6.03 3.03
N HIS B 646 6.27 -7.06 3.87
CA HIS B 646 7.11 -7.17 5.05
C HIS B 646 8.38 -7.95 4.75
N ILE B 647 8.26 -9.05 4.00
CA ILE B 647 9.44 -9.83 3.62
C ILE B 647 10.36 -9.01 2.72
N ALA B 648 9.79 -8.30 1.75
CA ALA B 648 10.58 -7.49 0.84
C ALA B 648 11.08 -6.20 1.49
N ASP B 649 10.59 -5.86 2.68
CA ASP B 649 11.07 -4.68 3.40
C ASP B 649 12.55 -4.83 3.74
N HIS B 650 12.88 -5.83 4.55
CA HIS B 650 14.27 -6.14 4.90
C HIS B 650 14.66 -7.44 4.20
N ALA B 651 15.11 -7.31 2.95
CA ALA B 651 15.55 -8.45 2.16
C ALA B 651 17.03 -8.43 1.83
N ASP B 652 17.67 -7.25 1.78
CA ASP B 652 19.10 -7.19 1.55
C ASP B 652 19.90 -7.73 2.72
N ILE B 653 19.40 -7.57 3.95
CA ILE B 653 20.09 -8.09 5.11
C ILE B 653 20.04 -9.61 5.13
N GLU B 654 18.87 -10.19 4.86
CA GLU B 654 18.74 -11.65 4.85
C GLU B 654 19.59 -12.28 3.76
N TRP B 655 19.56 -11.70 2.56
CA TRP B 655 20.36 -12.24 1.46
C TRP B 655 21.85 -12.16 1.76
N LYS B 656 22.29 -11.04 2.33
CA LYS B 656 23.71 -10.91 2.66
C LYS B 656 24.12 -11.84 3.80
N PHE B 657 23.23 -12.07 4.76
CA PHE B 657 23.52 -13.05 5.81
C PHE B 657 23.66 -14.45 5.22
N ALA B 658 22.76 -14.82 4.30
CA ALA B 658 22.85 -16.12 3.66
C ALA B 658 24.11 -16.23 2.82
N ARG B 659 24.47 -15.16 2.10
CA ARG B 659 25.68 -15.18 1.28
C ARG B 659 26.93 -15.28 2.15
N THR B 660 26.93 -14.62 3.31
CA THR B 660 28.05 -14.76 4.23
C THR B 660 28.16 -16.17 4.76
N LYS B 661 27.03 -16.79 5.10
CA LYS B 661 27.06 -18.18 5.53
C LYS B 661 27.55 -19.11 4.42
N LEU B 662 27.24 -18.79 3.16
CA LEU B 662 27.75 -19.58 2.05
C LEU B 662 29.25 -19.38 1.89
N TRP B 663 29.72 -18.14 1.96
CA TRP B 663 31.13 -17.84 1.78
C TRP B 663 31.98 -18.48 2.87
N MET B 664 31.51 -18.44 4.13
CA MET B 664 32.32 -18.93 5.24
C MET B 664 32.59 -20.43 5.16
N SER B 665 31.88 -21.17 4.32
CA SER B 665 32.14 -22.60 4.19
C SER B 665 33.28 -22.92 3.24
N TYR B 666 33.74 -21.96 2.44
CA TYR B 666 34.84 -22.17 1.51
C TYR B 666 36.12 -21.44 1.95
N PHE B 667 36.29 -21.21 3.25
CA PHE B 667 37.47 -20.52 3.75
C PHE B 667 38.47 -21.45 4.43
N GLU B 668 38.02 -22.56 5.01
CA GLU B 668 38.86 -23.42 5.81
C GLU B 668 39.48 -24.53 4.96
N GLU B 669 40.26 -25.37 5.61
CA GLU B 669 40.93 -26.50 4.96
C GLU B 669 40.30 -27.80 5.44
N GLY B 670 40.14 -28.74 4.50
CA GLY B 670 39.57 -30.04 4.81
C GLY B 670 38.53 -30.50 3.82
N GLY B 671 37.77 -29.55 3.28
CA GLY B 671 36.76 -29.83 2.27
C GLY B 671 37.15 -29.45 0.86
N THR B 672 38.43 -29.19 0.60
CA THR B 672 38.87 -28.75 -0.72
C THR B 672 39.06 -29.94 -1.66
N LEU B 673 38.06 -30.81 -1.76
CA LEU B 673 38.12 -31.97 -2.63
C LEU B 673 36.73 -32.30 -3.17
N PRO B 674 36.53 -32.23 -4.48
CA PRO B 674 35.24 -32.61 -5.03
C PRO B 674 34.94 -34.07 -4.76
N PRO B 675 33.67 -34.44 -4.66
CA PRO B 675 33.29 -35.83 -4.35
C PRO B 675 33.89 -36.83 -5.33
N PRO B 676 33.98 -36.52 -6.64
CA PRO B 676 34.68 -37.47 -7.52
C PRO B 676 36.12 -37.71 -7.13
N PHE B 677 36.82 -36.71 -6.60
CA PHE B 677 38.20 -36.85 -6.17
C PHE B 677 38.31 -36.86 -4.64
N ASN B 678 37.31 -37.39 -3.96
CA ASN B 678 37.33 -37.51 -2.50
C ASN B 678 37.05 -38.93 -2.04
N ILE B 679 36.12 -39.63 -2.68
CA ILE B 679 35.74 -41.02 -2.37
C ILE B 679 35.88 -41.41 -0.91
N ASN B 718 46.77 -14.67 26.07
CA ASN B 718 46.69 -13.51 25.17
C ASN B 718 46.73 -12.20 25.96
N VAL B 719 47.88 -11.93 26.59
CA VAL B 719 48.01 -10.72 27.39
C VAL B 719 48.06 -9.48 26.48
N ARG B 720 48.78 -9.56 25.37
CA ARG B 720 48.91 -8.40 24.49
C ARG B 720 47.69 -8.23 23.59
N LEU B 721 47.11 -9.34 23.11
CA LEU B 721 45.90 -9.25 22.29
C LEU B 721 44.76 -8.63 23.08
N ASN B 722 44.60 -9.05 24.34
CA ASN B 722 43.59 -8.44 25.20
C ASN B 722 43.87 -6.96 25.39
N HIS B 723 45.15 -6.59 25.56
CA HIS B 723 45.51 -5.19 25.70
C HIS B 723 45.06 -4.37 24.49
N GLN B 724 45.41 -4.83 23.29
CA GLN B 724 45.04 -4.10 22.08
C GLN B 724 43.53 -4.03 21.92
N TYR B 725 42.84 -5.14 22.19
CA TYR B 725 41.39 -5.19 22.02
C TYR B 725 40.69 -4.23 22.98
N GLN B 726 41.08 -4.26 24.27
CA GLN B 726 40.46 -3.40 25.26
C GLN B 726 40.87 -1.95 25.05
N GLU B 727 41.98 -1.72 24.35
CA GLU B 727 42.37 -0.36 24.01
C GLU B 727 41.54 0.22 22.86
N VAL B 728 41.23 -0.59 21.84
CA VAL B 728 40.39 -0.11 20.75
C VAL B 728 38.93 -0.05 21.17
N LEU B 729 38.52 -0.93 22.09
CA LEU B 729 37.15 -0.96 22.57
C LEU B 729 36.79 0.34 23.28
N ARG B 730 37.71 0.86 24.09
CA ARG B 730 37.44 2.12 24.78
C ARG B 730 37.25 3.26 23.79
N ASN B 731 38.08 3.30 22.74
CA ASN B 731 37.91 4.34 21.73
C ASN B 731 36.57 4.20 21.01
N LEU B 732 36.17 2.97 20.69
CA LEU B 732 34.88 2.76 20.05
C LEU B 732 33.73 3.23 20.94
N VAL B 733 33.78 2.87 22.22
CA VAL B 733 32.71 3.24 23.14
C VAL B 733 32.65 4.76 23.32
N LYS B 734 33.82 5.39 23.48
CA LYS B 734 33.86 6.83 23.72
C LYS B 734 33.56 7.64 22.47
N ARG B 735 33.73 7.08 21.28
CA ARG B 735 33.19 7.70 20.07
C ARG B 735 31.69 7.51 19.93
N TYR B 736 31.17 6.33 20.27
CA TYR B 736 29.74 6.09 20.17
C TYR B 736 28.95 6.99 21.11
N VAL B 737 29.41 7.12 22.36
CA VAL B 737 28.66 7.93 23.30
C VAL B 737 28.65 9.39 22.88
N ALA B 738 29.77 9.88 22.33
CA ALA B 738 29.82 11.26 21.86
C ALA B 738 28.91 11.47 20.66
N ALA B 739 28.97 10.58 19.68
CA ALA B 739 28.15 10.69 18.48
C ALA B 739 26.68 10.39 18.76
N MET B 740 26.37 9.88 19.96
CA MET B 740 25.01 9.72 20.42
C MET B 740 24.49 10.96 21.13
N ILE B 741 25.27 11.53 22.05
CA ILE B 741 24.82 12.71 22.79
C ILE B 741 24.73 13.91 21.86
N ARG B 742 25.77 14.13 21.04
CA ARG B 742 25.84 15.34 20.24
C ARG B 742 25.00 15.22 18.98
N ASP B 743 24.22 14.16 18.88
CA ASP B 743 23.17 14.03 17.87
C ASP B 743 21.78 13.96 18.49
N ALA B 744 21.66 13.42 19.70
CA ALA B 744 20.39 13.47 20.42
C ALA B 744 20.04 14.89 20.85
N LYS B 745 21.05 15.72 21.12
CA LYS B 745 20.79 17.10 21.49
C LYS B 745 20.07 17.85 20.35
N THR B 746 20.60 17.76 19.13
CA THR B 746 20.01 18.48 18.01
C THR B 746 18.71 17.82 17.54
N GLU B 747 18.71 16.49 17.45
CA GLU B 747 17.56 15.77 16.91
C GLU B 747 16.50 15.56 17.99
N THR B 751 15.68 21.45 16.10
CA THR B 751 14.74 22.36 16.76
C THR B 751 15.11 22.55 18.22
N GLU B 752 15.46 21.45 18.89
CA GLU B 752 15.85 21.52 20.29
C GLU B 752 17.16 22.30 20.47
N GLU B 753 18.08 22.21 19.50
CA GLU B 753 19.37 22.87 19.65
C GLU B 753 19.26 24.39 19.62
N ASN B 754 18.17 24.93 19.07
CA ASN B 754 17.96 26.37 19.06
C ASN B 754 17.01 26.84 20.15
N PHE B 755 16.27 25.93 20.79
CA PHE B 755 15.47 26.30 21.95
C PHE B 755 16.36 26.79 23.09
N LYS B 756 17.50 26.12 23.29
CA LYS B 756 18.43 26.54 24.34
C LYS B 756 19.15 27.84 23.97
N GLU B 757 19.12 28.24 22.70
CA GLU B 757 19.73 29.51 22.31
C GLU B 757 18.96 30.69 22.86
N LEU B 758 17.62 30.65 22.76
CA LEU B 758 16.81 31.71 23.34
C LEU B 758 16.98 31.78 24.85
N LYS B 759 17.04 30.61 25.51
CA LYS B 759 17.24 30.60 26.96
C LYS B 759 18.61 31.12 27.32
N GLN B 760 19.62 30.82 26.50
CA GLN B 760 20.96 31.38 26.72
C GLN B 760 20.94 32.89 26.61
N ASP B 761 20.25 33.42 25.59
CA ASP B 761 20.14 34.88 25.44
C ASP B 761 19.44 35.49 26.64
N ILE B 762 18.36 34.87 27.10
CA ILE B 762 17.62 35.38 28.25
C ILE B 762 18.50 35.37 29.50
N SER B 763 19.23 34.28 29.71
CA SER B 763 20.09 34.19 30.89
C SER B 763 21.21 35.23 30.84
N SER B 764 21.82 35.42 29.66
CA SER B 764 22.87 36.43 29.54
C SER B 764 22.32 37.82 29.80
N PHE B 765 21.16 38.14 29.25
CA PHE B 765 20.55 39.45 29.46
C PHE B 765 20.22 39.66 30.93
N ARG B 766 19.65 38.64 31.57
CA ARG B 766 19.31 38.74 32.99
C ARG B 766 20.55 38.96 33.84
N TYR B 767 21.60 38.16 33.60
CA TYR B 767 22.82 38.30 34.39
C TYR B 767 23.45 39.67 34.19
N GLU B 768 23.51 40.15 32.95
CA GLU B 768 24.07 41.47 32.68
C GLU B 768 23.29 42.57 33.39
N VAL B 769 21.96 42.54 33.28
CA VAL B 769 21.14 43.59 33.88
C VAL B 769 21.29 43.57 35.40
N ILE B 770 21.22 42.38 36.00
CA ILE B 770 21.30 42.28 37.46
C ILE B 770 22.67 42.73 37.94
N GLY B 771 23.74 42.28 37.27
CA GLY B 771 25.08 42.68 37.68
C GLY B 771 25.33 44.17 37.52
N MET B 772 24.71 44.79 36.51
CA MET B 772 24.89 46.22 36.30
C MET B 772 24.39 47.02 37.48
N MET B 773 23.24 46.65 38.03
CA MET B 773 22.67 47.36 39.17
C MET B 773 23.00 46.65 40.48
N PRO C 39 23.34 -8.09 39.90
CA PRO C 39 24.69 -7.68 39.51
C PRO C 39 25.14 -6.38 40.19
N LEU C 40 26.45 -6.16 40.25
CA LEU C 40 27.03 -4.96 40.82
C LEU C 40 27.66 -4.14 39.71
N ARG C 41 27.34 -2.85 39.67
CA ARG C 41 27.75 -1.96 38.58
C ARG C 41 28.73 -0.92 39.09
N ILE C 42 29.87 -0.81 38.40
CA ILE C 42 30.88 0.20 38.70
C ILE C 42 31.33 0.82 37.39
N VAL C 43 31.81 2.07 37.48
CA VAL C 43 32.23 2.80 36.30
C VAL C 43 33.54 2.23 35.77
N ARG C 44 33.59 2.01 34.46
CA ARG C 44 34.74 1.42 33.79
C ARG C 44 35.51 2.50 33.04
N ALA C 45 36.76 2.75 33.45
CA ALA C 45 37.70 3.59 32.72
C ALA C 45 37.16 5.02 32.55
N GLU C 46 36.94 5.68 33.67
CA GLU C 46 36.55 7.09 33.67
C GLU C 46 37.11 7.76 34.92
N SER C 47 37.65 8.96 34.76
CA SER C 47 38.21 9.73 35.87
C SER C 47 37.37 10.98 36.12
N GLU C 48 37.59 11.58 37.28
CA GLU C 48 36.88 12.79 37.66
C GLU C 48 37.73 14.02 37.39
N LEU C 49 37.08 15.08 36.93
CA LEU C 49 37.82 16.24 36.43
C LEU C 49 38.29 17.15 37.57
N SER C 50 37.35 17.74 38.31
CA SER C 50 37.68 18.76 39.30
C SER C 50 36.44 19.24 40.04
N THR C 51 36.64 20.19 40.97
CA THR C 51 35.54 20.85 41.68
C THR C 51 35.41 22.32 41.31
N GLN C 52 36.53 23.04 41.24
CA GLN C 52 36.48 24.46 40.94
C GLN C 52 35.98 24.71 39.52
N GLU C 53 36.39 23.89 38.56
CA GLU C 53 36.04 24.10 37.16
C GLU C 53 34.57 23.92 36.88
N LYS C 54 33.80 23.34 37.82
CA LYS C 54 32.36 23.17 37.60
C LYS C 54 31.68 24.53 37.46
N SER C 55 32.01 25.49 38.33
CA SER C 55 31.44 26.82 38.23
C SER C 55 31.89 27.50 36.93
N TYR C 56 33.15 27.32 36.54
CA TYR C 56 33.65 27.92 35.31
C TYR C 56 32.89 27.38 34.10
N LEU C 57 32.64 26.07 34.06
CA LEU C 57 31.87 25.49 32.96
C LEU C 57 30.43 25.99 32.99
N SER C 58 29.81 26.05 34.17
CA SER C 58 28.46 26.61 34.27
C SER C 58 28.44 28.07 33.87
N ALA C 59 29.48 28.84 34.23
CA ALA C 59 29.53 30.25 33.84
C ALA C 59 29.66 30.42 32.33
N VAL C 60 30.52 29.63 31.68
CA VAL C 60 30.65 29.74 30.23
C VAL C 60 29.40 29.22 29.53
N GLU C 61 28.65 28.32 30.18
CA GLU C 61 27.42 27.82 29.59
C GLU C 61 26.31 28.87 29.66
N LYS C 62 26.00 29.35 30.87
CA LYS C 62 24.89 30.27 31.07
C LYS C 62 25.07 31.56 30.29
N GLY C 63 26.27 32.13 30.32
CA GLY C 63 26.53 33.33 29.56
C GLY C 63 26.99 34.51 30.39
N ASP C 64 27.57 34.23 31.56
CA ASP C 64 28.09 35.28 32.43
C ASP C 64 29.41 35.82 31.89
N TYR C 65 29.34 36.84 31.02
CA TYR C 65 30.54 37.37 30.37
C TYR C 65 31.58 37.85 31.37
N ALA C 66 31.15 38.57 32.41
CA ALA C 66 32.11 39.07 33.39
C ALA C 66 32.73 37.93 34.21
N SER C 67 31.94 36.90 34.54
CA SER C 67 32.45 35.80 35.35
C SER C 67 33.52 35.03 34.59
N VAL C 68 33.29 34.76 33.30
CA VAL C 68 34.28 34.01 32.52
C VAL C 68 35.56 34.83 32.34
N LYS C 69 35.41 36.14 32.21
CA LYS C 69 36.59 37.02 32.15
C LYS C 69 37.37 36.96 33.46
N LEU C 70 36.66 37.00 34.59
CA LEU C 70 37.33 36.93 35.88
C LEU C 70 38.03 35.59 36.06
N ALA C 71 37.41 34.50 35.62
CA ALA C 71 38.02 33.18 35.73
C ALA C 71 39.32 33.10 34.93
N LEU C 72 39.31 33.65 33.72
CA LEU C 72 40.51 33.68 32.90
C LEU C 72 41.51 34.74 33.35
N GLU C 73 41.10 35.68 34.18
CA GLU C 73 41.99 36.77 34.60
C GLU C 73 42.94 36.29 35.70
N GLU C 74 44.12 35.82 35.30
CA GLU C 74 45.14 35.36 36.23
C GLU C 74 46.44 36.11 35.95
N ALA C 75 47.04 36.68 36.99
CA ALA C 75 48.25 37.46 36.87
C ALA C 75 49.35 36.83 37.70
N GLU C 76 50.42 36.39 37.03
CA GLU C 76 51.63 35.83 37.62
C GLU C 76 51.39 34.52 38.37
N ILE C 77 50.16 34.02 38.42
CA ILE C 77 49.87 32.77 39.10
C ILE C 77 48.56 32.21 38.56
N TYR C 78 48.54 30.91 38.24
CA TYR C 78 47.32 30.25 37.81
C TYR C 78 46.53 29.80 39.04
N PHE C 79 45.20 29.87 38.94
CA PHE C 79 44.30 29.57 40.04
C PHE C 79 44.10 28.07 40.25
N LYS C 80 44.97 27.23 39.68
CA LYS C 80 44.87 25.77 39.61
C LYS C 80 43.67 25.30 38.80
N ILE C 81 42.89 26.23 38.26
CA ILE C 81 41.76 25.90 37.40
C ILE C 81 42.30 25.70 35.98
N ASN C 82 42.14 24.49 35.45
CA ASN C 82 42.58 24.19 34.09
C ASN C 82 41.56 24.73 33.11
N ILE C 83 41.94 25.80 32.39
CA ILE C 83 41.01 26.45 31.47
C ILE C 83 40.67 25.53 30.31
N ASN C 84 41.63 24.74 29.85
CA ASN C 84 41.40 23.76 28.78
C ASN C 84 41.02 22.39 29.34
N CYS C 85 40.02 22.37 30.20
CA CYS C 85 39.53 21.13 30.79
C CYS C 85 38.31 20.61 30.04
N ILE C 86 38.14 19.31 30.06
CA ILE C 86 37.03 18.66 29.38
C ILE C 86 36.02 18.22 30.42
N ASP C 87 34.76 18.13 30.00
CA ASP C 87 33.63 17.76 30.84
C ASP C 87 33.24 16.31 30.59
N PRO C 88 32.39 15.73 31.45
CA PRO C 88 31.89 14.39 31.17
C PRO C 88 31.18 14.28 29.84
N LEU C 89 30.51 15.35 29.38
CA LEU C 89 29.88 15.34 28.07
C LEU C 89 30.91 15.34 26.94
N GLY C 90 32.14 15.74 27.21
CA GLY C 90 33.19 15.71 26.21
C GLY C 90 33.42 16.98 25.43
N ARG C 91 32.88 18.11 25.87
CA ARG C 91 33.00 19.38 25.16
C ARG C 91 33.99 20.29 25.86
N THR C 92 34.81 20.97 25.07
CA THR C 92 35.77 21.93 25.60
C THR C 92 35.05 23.24 25.93
N ALA C 93 35.77 24.17 26.57
CA ALA C 93 35.18 25.46 26.91
C ALA C 93 34.76 26.22 25.65
N LEU C 94 35.59 26.17 24.60
CA LEU C 94 35.22 26.79 23.34
C LEU C 94 34.06 26.07 22.67
N LEU C 95 33.86 24.78 22.94
N LEU C 95 33.87 24.78 22.95
CA LEU C 95 32.76 24.05 22.35
CA LEU C 95 32.76 24.03 22.35
C LEU C 95 31.42 24.43 22.98
C LEU C 95 31.43 24.42 22.99
N ILE C 96 31.43 24.68 24.30
CA ILE C 96 30.21 25.11 24.98
C ILE C 96 29.74 26.44 24.43
N ALA C 97 30.67 27.37 24.22
CA ALA C 97 30.32 28.72 23.80
C ALA C 97 29.73 28.74 22.39
N ILE C 98 30.35 28.00 21.47
CA ILE C 98 29.90 27.98 20.08
C ILE C 98 28.58 27.24 19.98
N GLU C 99 28.28 26.39 20.96
CA GLU C 99 27.01 25.69 21.01
C GLU C 99 25.86 26.62 21.35
N ASN C 100 26.10 27.62 22.18
CA ASN C 100 25.08 28.55 22.62
C ASN C 100 25.03 29.84 21.80
N GLU C 101 25.85 29.95 20.76
CA GLU C 101 25.89 31.07 19.82
C GLU C 101 26.45 32.34 20.43
N ASN C 102 26.77 32.34 21.73
CA ASN C 102 27.25 33.55 22.41
C ASN C 102 28.65 33.87 21.91
N LEU C 103 28.74 34.88 21.01
CA LEU C 103 30.01 35.22 20.38
C LEU C 103 30.94 35.99 21.30
N GLU C 104 30.40 36.73 22.27
CA GLU C 104 31.23 37.56 23.13
C GLU C 104 32.18 36.70 23.98
N ILE C 105 31.65 35.64 24.58
CA ILE C 105 32.51 34.75 25.36
C ILE C 105 33.48 34.00 24.44
N ILE C 106 33.08 33.74 23.19
CA ILE C 106 33.99 33.14 22.22
C ILE C 106 35.20 34.05 22.00
N GLU C 107 34.94 35.35 21.77
CA GLU C 107 36.03 36.29 21.58
C GLU C 107 36.88 36.42 22.83
N LEU C 108 36.25 36.44 24.00
CA LEU C 108 36.96 36.54 25.26
C LEU C 108 37.92 35.35 25.42
N LEU C 109 37.43 34.14 25.15
CA LEU C 109 38.25 32.94 25.22
C LEU C 109 39.38 32.98 24.21
N LEU C 110 39.08 33.41 22.99
CA LEU C 110 40.10 33.45 21.94
C LEU C 110 41.20 34.45 22.26
N SER C 111 40.87 35.57 22.90
CA SER C 111 41.87 36.56 23.26
C SER C 111 42.81 36.10 24.36
N PHE C 112 42.45 35.05 25.09
CA PHE C 112 43.30 34.50 26.14
C PHE C 112 44.10 33.29 25.68
N ASN C 113 44.06 32.96 24.38
CA ASN C 113 44.85 31.88 23.79
C ASN C 113 44.53 30.53 24.44
N VAL C 114 43.27 30.13 24.32
CA VAL C 114 42.86 28.77 24.65
C VAL C 114 43.20 27.87 23.48
N TYR C 115 43.15 26.56 23.69
CA TYR C 115 43.52 25.62 22.64
C TYR C 115 42.56 25.72 21.45
N VAL C 116 43.13 25.78 20.25
CA VAL C 116 42.36 25.90 19.02
C VAL C 116 42.93 24.91 18.01
N GLY C 117 42.08 24.46 17.09
CA GLY C 117 42.48 23.50 16.08
C GLY C 117 41.39 22.52 15.72
N ASP C 118 40.38 22.43 16.60
CA ASP C 118 39.20 21.62 16.33
C ASP C 118 37.90 22.41 16.38
N ALA C 119 37.93 23.66 16.86
CA ALA C 119 36.71 24.44 16.98
C ALA C 119 36.20 24.94 15.64
N LEU C 120 37.10 25.16 14.67
CA LEU C 120 36.68 25.65 13.36
C LEU C 120 35.76 24.64 12.68
N LEU C 121 36.12 23.36 12.71
CA LEU C 121 35.29 22.34 12.07
C LEU C 121 33.94 22.22 12.75
N HIS C 122 33.90 22.28 14.09
CA HIS C 122 32.64 22.23 14.80
C HIS C 122 31.77 23.44 14.47
N ALA C 123 32.38 24.62 14.38
CA ALA C 123 31.64 25.82 14.03
C ALA C 123 31.06 25.71 12.62
N ILE C 124 31.84 25.19 11.68
CA ILE C 124 31.33 25.02 10.32
C ILE C 124 30.20 24.01 10.29
N ARG C 125 30.33 22.92 11.06
CA ARG C 125 29.26 21.92 11.12
C ARG C 125 27.99 22.52 11.70
N LYS C 126 28.12 23.33 12.74
CA LYS C 126 26.97 24.04 13.31
C LYS C 126 26.52 25.21 12.45
N GLU C 127 27.31 25.59 11.44
CA GLU C 127 26.96 26.64 10.49
C GLU C 127 26.78 28.00 11.16
N VAL C 128 27.47 28.23 12.28
CA VAL C 128 27.46 29.54 12.93
C VAL C 128 28.45 30.43 12.15
N VAL C 129 27.90 31.31 11.31
CA VAL C 129 28.74 32.12 10.42
C VAL C 129 29.56 33.12 11.22
N GLY C 130 29.02 33.65 12.32
CA GLY C 130 29.76 34.62 13.11
C GLY C 130 31.03 34.04 13.69
N ALA C 131 30.95 32.81 14.20
CA ALA C 131 32.11 32.18 14.80
C ALA C 131 33.15 31.74 13.78
N VAL C 132 32.73 31.42 12.55
CA VAL C 132 33.67 30.95 11.53
C VAL C 132 34.67 32.05 11.21
N GLU C 133 34.20 33.27 11.01
CA GLU C 133 35.10 34.38 10.69
C GLU C 133 36.10 34.61 11.81
N LEU C 134 35.63 34.59 13.07
CA LEU C 134 36.50 34.79 14.21
C LEU C 134 37.55 33.69 14.30
N LEU C 135 37.14 32.44 14.11
CA LEU C 135 38.06 31.31 14.19
C LEU C 135 39.03 31.30 13.02
N LEU C 136 38.69 31.99 11.94
CA LEU C 136 39.56 32.03 10.76
C LEU C 136 40.59 33.14 10.79
N ASN C 137 40.25 34.34 11.27
CA ASN C 137 41.20 35.44 11.32
C ASN C 137 41.87 35.50 12.69
N HIS C 138 42.46 34.36 13.05
CA HIS C 138 43.14 34.22 14.33
C HIS C 138 44.61 33.86 14.14
N GLN C 155 44.84 12.23 22.28
CA GLN C 155 44.35 12.73 21.00
C GLN C 155 43.02 12.09 20.64
N PHE C 156 41.94 12.87 20.76
CA PHE C 156 40.60 12.41 20.43
C PHE C 156 39.88 13.50 19.66
N SER C 157 39.48 13.19 18.43
CA SER C 157 38.71 14.10 17.60
C SER C 157 37.51 13.34 17.02
N ASP C 158 36.44 14.10 16.75
CA ASP C 158 35.20 13.53 16.25
C ASP C 158 35.04 13.71 14.74
N PHE C 159 36.09 14.13 14.06
CA PHE C 159 36.06 14.32 12.61
C PHE C 159 37.19 13.49 11.99
N THR C 160 36.86 12.75 10.94
CA THR C 160 37.79 11.86 10.24
C THR C 160 39.02 12.65 9.80
N PRO C 161 40.23 12.06 9.90
CA PRO C 161 41.45 12.82 9.61
C PRO C 161 41.61 13.25 8.17
N ASP C 162 40.66 12.89 7.30
CA ASP C 162 40.67 13.34 5.92
C ASP C 162 39.71 14.50 5.66
N ILE C 163 39.00 14.98 6.68
CA ILE C 163 37.98 16.01 6.49
C ILE C 163 38.67 17.37 6.56
N THR C 164 38.82 18.02 5.41
CA THR C 164 39.25 19.41 5.35
C THR C 164 38.06 20.32 5.62
N PRO C 165 38.32 21.55 6.09
CA PRO C 165 37.19 22.47 6.34
C PRO C 165 36.36 22.77 5.11
N ILE C 166 36.97 22.83 3.94
CA ILE C 166 36.20 23.10 2.72
C ILE C 166 35.27 21.94 2.41
N ILE C 167 35.73 20.70 2.61
CA ILE C 167 34.89 19.54 2.36
C ILE C 167 33.70 19.52 3.30
N LEU C 168 33.93 19.81 4.58
CA LEU C 168 32.83 19.85 5.54
C LEU C 168 31.87 20.97 5.22
N ALA C 169 32.39 22.14 4.80
CA ALA C 169 31.53 23.25 4.43
C ALA C 169 30.65 22.89 3.23
N ALA C 170 31.22 22.21 2.24
CA ALA C 170 30.44 21.77 1.09
C ALA C 170 29.42 20.70 1.49
N HIS C 171 29.76 19.85 2.45
CA HIS C 171 28.79 18.89 2.97
C HIS C 171 27.61 19.61 3.62
N THR C 172 27.89 20.67 4.39
CA THR C 172 26.82 21.43 5.01
C THR C 172 25.99 22.19 3.98
N ASN C 173 26.58 22.51 2.83
CA ASN C 173 25.91 23.20 1.73
C ASN C 173 25.38 24.57 2.19
N ASN C 174 26.31 25.41 2.61
CA ASN C 174 26.01 26.78 3.01
C ASN C 174 26.74 27.73 2.08
N TYR C 175 26.00 28.66 1.47
CA TYR C 175 26.58 29.56 0.49
C TYR C 175 27.57 30.53 1.12
N GLU C 176 27.26 31.05 2.31
CA GLU C 176 28.11 32.06 2.93
C GLU C 176 29.44 31.46 3.39
N ILE C 177 29.40 30.31 4.06
CA ILE C 177 30.62 29.70 4.60
C ILE C 177 31.55 29.31 3.46
N ILE C 178 30.99 28.70 2.41
CA ILE C 178 31.81 28.32 1.26
C ILE C 178 32.42 29.53 0.58
N LYS C 179 31.65 30.60 0.42
CA LYS C 179 32.17 31.84 -0.15
C LYS C 179 33.31 32.41 0.69
N MET C 180 33.13 32.45 2.02
CA MET C 180 34.19 32.97 2.88
C MET C 180 35.45 32.13 2.78
N LEU C 181 35.30 30.80 2.77
CA LEU C 181 36.48 29.93 2.67
C LEU C 181 37.19 30.11 1.34
N VAL C 182 36.44 30.12 0.23
CA VAL C 182 37.06 30.19 -1.09
C VAL C 182 37.69 31.56 -1.33
N GLN C 183 37.14 32.62 -0.72
CA GLN C 183 37.71 33.95 -0.90
C GLN C 183 39.17 33.99 -0.51
N LYS C 184 39.56 33.25 0.53
CA LYS C 184 40.96 33.19 0.93
C LYS C 184 41.77 32.23 0.06
N GLY C 185 41.11 31.32 -0.66
CA GLY C 185 41.79 30.42 -1.56
C GLY C 185 41.98 29.02 -1.01
N VAL C 186 41.13 28.09 -1.43
CA VAL C 186 41.23 26.69 -1.04
C VAL C 186 41.10 25.84 -2.30
N SER C 187 41.68 24.64 -2.25
CA SER C 187 41.67 23.71 -3.37
C SER C 187 41.11 22.37 -2.92
N VAL C 188 40.16 21.83 -3.68
CA VAL C 188 39.57 20.53 -3.40
C VAL C 188 40.39 19.45 -4.12
N PRO C 189 40.84 18.41 -3.41
CA PRO C 189 41.65 17.39 -4.06
C PRO C 189 40.88 16.64 -5.13
N GLN C 190 41.62 16.20 -6.16
CA GLN C 190 41.09 15.44 -7.30
C GLN C 190 40.89 13.98 -6.90
N PRO C 191 39.70 13.42 -7.09
CA PRO C 191 39.50 12.00 -6.77
C PRO C 191 40.15 11.11 -7.82
N HIS C 192 40.88 10.09 -7.35
CA HIS C 192 41.55 9.15 -8.24
C HIS C 192 40.55 8.24 -8.94
N VAL C 207 46.70 -1.98 0.79
CA VAL C 207 46.81 -0.95 1.80
C VAL C 207 45.52 -0.85 2.62
N ASP C 208 45.23 0.34 3.12
CA ASP C 208 44.04 0.56 3.95
C ASP C 208 42.87 0.84 3.03
N SER C 209 42.01 -0.16 2.84
CA SER C 209 40.87 -0.02 1.96
C SER C 209 39.68 0.66 2.62
N LEU C 210 39.66 0.71 3.96
CA LEU C 210 38.54 1.36 4.65
C LEU C 210 38.65 2.88 4.55
N ARG C 211 39.86 3.43 4.70
CA ARG C 211 40.03 4.88 4.63
C ARG C 211 39.99 5.37 3.19
N HIS C 212 40.53 4.60 2.26
CA HIS C 212 40.58 5.05 0.87
C HIS C 212 39.19 5.10 0.25
N SER C 213 38.33 4.15 0.60
CA SER C 213 36.96 4.17 0.09
C SER C 213 36.16 5.31 0.69
N ARG C 214 36.37 5.61 1.98
CA ARG C 214 35.67 6.71 2.62
C ARG C 214 36.15 8.05 2.10
N SER C 215 37.46 8.19 1.93
CA SER C 215 38.05 9.42 1.43
C SER C 215 37.50 9.76 0.04
N ARG C 216 37.40 8.76 -0.83
CA ARG C 216 36.85 9.00 -2.16
C ARG C 216 35.40 9.45 -2.07
N LEU C 217 34.62 8.84 -1.19
CA LEU C 217 33.20 9.20 -1.08
C LEU C 217 33.01 10.60 -0.51
N ASN C 218 33.86 11.02 0.42
CA ASN C 218 33.72 12.35 1.00
C ASN C 218 34.04 13.43 -0.02
N ILE C 219 35.02 13.19 -0.88
CA ILE C 219 35.35 14.18 -1.92
C ILE C 219 34.21 14.30 -2.92
N TYR C 220 33.60 13.18 -3.31
CA TYR C 220 32.50 13.23 -4.24
C TYR C 220 31.25 13.82 -3.60
N LYS C 221 30.99 13.49 -2.33
CA LYS C 221 29.85 14.06 -1.63
C LYS C 221 29.97 15.57 -1.46
N ALA C 222 31.19 16.11 -1.45
CA ALA C 222 31.39 17.54 -1.34
C ALA C 222 31.59 18.22 -2.68
N LEU C 223 31.89 17.46 -3.73
CA LEU C 223 32.03 18.01 -5.06
C LEU C 223 30.70 18.12 -5.80
N ALA C 224 29.64 17.49 -5.28
CA ALA C 224 28.34 17.50 -5.92
C ALA C 224 27.36 18.47 -5.26
N SER C 225 27.81 19.26 -4.30
CA SER C 225 26.92 20.22 -3.65
C SER C 225 26.52 21.31 -4.65
N PRO C 226 25.24 21.69 -4.70
CA PRO C 226 24.82 22.73 -5.65
C PRO C 226 25.52 24.07 -5.43
N SER C 227 25.85 24.40 -4.19
CA SER C 227 26.48 25.70 -3.92
C SER C 227 27.84 25.82 -4.57
N LEU C 228 28.65 24.76 -4.49
CA LEU C 228 30.00 24.82 -5.05
C LEU C 228 29.96 24.93 -6.58
N ILE C 229 29.04 24.21 -7.22
CA ILE C 229 28.91 24.29 -8.68
C ILE C 229 28.51 25.70 -9.10
N ALA C 230 27.55 26.29 -8.39
CA ALA C 230 27.10 27.65 -8.72
C ALA C 230 28.14 28.70 -8.38
N LEU C 231 29.07 28.41 -7.48
CA LEU C 231 30.05 29.38 -7.02
C LEU C 231 31.38 29.30 -7.74
N SER C 232 31.77 28.13 -8.25
CA SER C 232 33.05 27.96 -8.92
C SER C 232 32.85 27.02 -10.10
N SER C 233 32.64 27.58 -11.28
CA SER C 233 32.50 26.79 -12.50
C SER C 233 32.67 27.66 -13.74
N GLU C 234 32.42 27.09 -14.91
CA GLU C 234 32.46 27.83 -16.16
C GLU C 234 31.16 27.58 -16.93
N ASP C 235 30.50 26.47 -16.60
CA ASP C 235 29.19 26.12 -17.18
C ASP C 235 28.50 25.15 -16.23
N PRO C 236 27.65 25.67 -15.33
CA PRO C 236 27.03 24.80 -14.32
C PRO C 236 26.17 23.69 -14.90
N PHE C 237 25.76 23.84 -16.16
CA PHE C 237 25.01 22.77 -16.82
C PHE C 237 25.90 21.58 -17.17
N LEU C 238 27.04 21.85 -17.82
CA LEU C 238 27.92 20.76 -18.25
C LEU C 238 28.47 19.99 -17.06
N THR C 239 28.89 20.70 -16.01
CA THR C 239 29.43 20.02 -14.82
C THR C 239 28.38 19.17 -14.14
N ALA C 240 27.11 19.59 -14.18
CA ALA C 240 26.05 18.78 -13.59
C ALA C 240 25.80 17.52 -14.40
N PHE C 241 25.90 17.59 -15.73
CA PHE C 241 25.68 16.41 -16.56
C PHE C 241 26.81 15.40 -16.41
N GLN C 242 28.06 15.87 -16.45
CA GLN C 242 29.20 14.96 -16.43
C GLN C 242 29.36 14.31 -15.06
N LEU C 243 29.22 15.10 -13.99
CA LEU C 243 29.38 14.56 -12.64
C LEU C 243 28.29 13.54 -12.33
N SER C 244 27.05 13.80 -12.78
CA SER C 244 25.97 12.87 -12.54
C SER C 244 26.15 11.55 -13.28
N TRP C 245 26.90 11.54 -14.38
CA TRP C 245 27.14 10.31 -15.11
C TRP C 245 28.26 9.49 -14.47
N GLU C 246 29.39 10.13 -14.16
CA GLU C 246 30.49 9.42 -13.54
C GLU C 246 30.18 8.98 -12.11
N LEU C 247 29.15 9.55 -11.49
CA LEU C 247 28.64 9.04 -10.22
C LEU C 247 27.66 7.90 -10.40
N GLN C 248 27.17 7.66 -11.62
CA GLN C 248 26.27 6.56 -11.89
C GLN C 248 27.02 5.27 -12.23
N GLU C 249 28.09 5.38 -13.03
CA GLU C 249 28.92 4.22 -13.33
C GLU C 249 29.88 3.88 -12.20
N LEU C 250 30.04 4.77 -11.22
CA LEU C 250 30.83 4.48 -10.03
C LEU C 250 30.05 3.74 -8.97
N SER C 251 28.72 3.68 -9.09
CA SER C 251 27.89 2.97 -8.13
C SER C 251 27.85 1.47 -8.37
N LYS C 252 28.38 0.99 -9.49
CA LYS C 252 28.41 -0.43 -9.82
C LYS C 252 29.78 -1.06 -9.65
N VAL C 253 30.85 -0.29 -9.85
CA VAL C 253 32.21 -0.78 -9.66
C VAL C 253 32.58 -0.67 -8.19
N GLU C 254 31.65 -0.16 -7.39
CA GLU C 254 31.83 0.02 -5.96
C GLU C 254 30.61 -0.51 -5.22
N ASN C 255 30.21 -1.75 -5.54
CA ASN C 255 28.92 -2.27 -5.11
C ASN C 255 28.92 -2.65 -3.64
N GLU C 256 29.28 -1.69 -2.78
CA GLU C 256 29.05 -1.80 -1.35
C GLU C 256 28.52 -0.52 -0.74
N PHE C 257 28.62 0.62 -1.44
CA PHE C 257 28.02 1.88 -1.04
C PHE C 257 27.14 2.38 -2.19
N LYS C 258 26.46 1.43 -2.83
CA LYS C 258 25.64 1.70 -4.00
C LYS C 258 24.44 2.59 -3.69
N ALA C 259 23.82 2.41 -2.52
CA ALA C 259 22.68 3.25 -2.16
C ALA C 259 23.09 4.70 -1.96
N GLU C 260 24.27 4.94 -1.40
CA GLU C 260 24.75 6.30 -1.17
C GLU C 260 25.46 6.88 -2.38
N TYR C 261 25.62 6.11 -3.46
CA TYR C 261 26.15 6.64 -4.71
C TYR C 261 25.07 6.92 -5.74
N GLU C 262 23.96 6.17 -5.72
CA GLU C 262 22.84 6.49 -6.58
C GLU C 262 22.18 7.80 -6.17
N GLU C 263 22.01 8.00 -4.86
CA GLU C 263 21.37 9.23 -4.37
C GLU C 263 22.22 10.46 -4.65
N LEU C 264 23.55 10.32 -4.57
CA LEU C 264 24.43 11.44 -4.89
C LEU C 264 24.31 11.84 -6.36
N SER C 265 24.06 10.87 -7.24
CA SER C 265 23.80 11.19 -8.64
C SER C 265 22.40 11.74 -8.85
N HIS C 266 21.45 11.33 -8.02
CA HIS C 266 20.08 11.79 -8.18
C HIS C 266 19.97 13.30 -7.96
N GLN C 267 20.66 13.82 -6.93
CA GLN C 267 20.56 15.25 -6.64
C GLN C 267 21.29 16.10 -7.66
N CYS C 268 22.14 15.51 -8.48
CA CYS C 268 22.78 16.24 -9.58
C CYS C 268 21.91 16.30 -10.83
N LYS C 269 20.84 15.50 -10.89
CA LYS C 269 19.89 15.58 -11.99
C LYS C 269 18.88 16.70 -11.79
N HIS C 270 18.46 16.93 -10.55
CA HIS C 270 17.51 17.99 -10.27
C HIS C 270 18.13 19.38 -10.31
N PHE C 271 19.44 19.49 -10.14
CA PHE C 271 20.09 20.80 -10.19
C PHE C 271 19.94 21.44 -11.56
N ALA C 272 20.15 20.65 -12.62
CA ALA C 272 19.98 21.19 -13.97
C ALA C 272 18.52 21.59 -14.23
N LYS C 273 17.58 20.78 -13.76
CA LYS C 273 16.17 21.12 -13.92
C LYS C 273 15.83 22.42 -13.21
N ASP C 274 16.31 22.59 -11.97
CA ASP C 274 16.05 23.82 -11.23
C ASP C 274 16.70 25.02 -11.89
N LEU C 275 17.93 24.85 -12.40
CA LEU C 275 18.61 25.95 -13.06
C LEU C 275 17.88 26.36 -14.34
N LEU C 276 17.35 25.39 -15.08
CA LEU C 276 16.56 25.68 -16.27
C LEU C 276 15.18 26.25 -15.93
N ASP C 277 14.65 25.92 -14.74
CA ASP C 277 13.35 26.42 -14.33
C ASP C 277 13.35 27.91 -14.03
N GLN C 278 14.52 28.55 -13.96
CA GLN C 278 14.62 29.96 -13.64
C GLN C 278 14.52 30.87 -14.86
N THR C 279 14.25 30.30 -16.04
CA THR C 279 14.12 31.10 -17.24
C THR C 279 12.89 32.00 -17.16
N ARG C 280 13.03 33.22 -17.69
CA ARG C 280 11.98 34.22 -17.66
C ARG C 280 11.26 34.40 -18.99
N SER C 281 12.01 34.51 -20.08
CA SER C 281 11.44 34.76 -21.40
C SER C 281 11.74 33.59 -22.33
N SER C 282 11.06 33.58 -23.48
CA SER C 282 11.25 32.51 -24.44
C SER C 282 12.56 32.66 -25.19
N ARG C 283 13.05 33.88 -25.38
CA ARG C 283 14.27 34.10 -26.14
C ARG C 283 15.47 33.44 -25.45
N GLU C 284 15.58 33.61 -24.13
CA GLU C 284 16.73 33.05 -23.42
C GLU C 284 16.67 31.53 -23.33
N LEU C 285 15.46 30.96 -23.26
CA LEU C 285 15.34 29.50 -23.25
C LEU C 285 15.84 28.90 -24.56
N GLU C 286 15.54 29.56 -25.69
CA GLU C 286 16.02 29.09 -26.97
C GLU C 286 17.55 29.17 -27.06
N LEU C 287 18.14 30.23 -26.51
CA LEU C 287 19.59 30.39 -26.58
C LEU C 287 20.30 29.35 -25.71
N ILE C 288 19.71 29.00 -24.57
CA ILE C 288 20.29 27.95 -23.73
C ILE C 288 20.28 26.62 -24.46
N LEU C 289 19.17 26.28 -25.13
CA LEU C 289 19.03 24.99 -25.78
C LEU C 289 19.68 24.94 -27.16
N ASN C 290 20.22 26.05 -27.66
CA ASN C 290 20.86 26.10 -28.96
C ASN C 290 22.33 26.49 -28.87
N PHE C 291 22.93 26.37 -27.69
CA PHE C 291 24.35 26.69 -27.53
C PHE C 291 25.21 25.59 -28.14
N ARG C 292 26.40 25.99 -28.59
CA ARG C 292 27.39 25.07 -29.16
C ARG C 292 26.85 24.36 -30.39
N ASN C 304 23.98 22.37 -35.04
CA ASN C 304 22.96 23.06 -35.83
C ASN C 304 21.87 23.63 -34.93
N GLU C 305 20.76 22.90 -34.83
CA GLU C 305 19.66 23.30 -33.97
C GLU C 305 19.49 22.33 -32.81
N LEU C 306 19.14 22.89 -31.64
CA LEU C 306 18.96 22.11 -30.42
C LEU C 306 20.20 21.26 -30.11
N ALA C 307 21.38 21.87 -30.24
CA ALA C 307 22.62 21.16 -29.99
C ALA C 307 22.72 20.72 -28.53
N ARG C 308 22.34 21.59 -27.60
CA ARG C 308 22.44 21.23 -26.18
C ARG C 308 21.38 20.21 -25.79
N LEU C 309 20.20 20.28 -26.40
CA LEU C 309 19.16 19.31 -26.08
C LEU C 309 19.57 17.90 -26.47
N LYS C 310 20.20 17.74 -27.64
CA LYS C 310 20.72 16.43 -28.03
C LYS C 310 21.80 15.96 -27.07
N LEU C 311 22.56 16.88 -26.48
CA LEU C 311 23.59 16.50 -25.53
C LEU C 311 22.98 16.00 -24.23
N ALA C 312 21.83 16.56 -23.82
CA ALA C 312 21.20 16.14 -22.59
C ALA C 312 20.57 14.75 -22.72
N ILE C 313 20.08 14.40 -23.91
CA ILE C 313 19.55 13.07 -24.12
C ILE C 313 20.66 12.03 -24.04
N LYS C 314 21.87 12.40 -24.47
CA LYS C 314 23.00 11.48 -24.42
C LYS C 314 23.31 11.05 -22.98
N TYR C 315 23.27 11.99 -22.04
CA TYR C 315 23.59 11.72 -20.65
C TYR C 315 22.39 11.22 -19.85
N ARG C 316 21.31 10.82 -20.52
CA ARG C 316 20.11 10.28 -19.86
C ARG C 316 19.57 11.25 -18.80
N GLN C 317 19.45 12.51 -19.16
CA GLN C 317 18.88 13.53 -18.29
C GLN C 317 17.36 13.51 -18.49
N LYS C 318 16.68 12.70 -17.69
CA LYS C 318 15.23 12.57 -17.85
C LYS C 318 14.50 13.79 -17.31
N GLU C 319 14.97 14.34 -16.20
CA GLU C 319 14.30 15.50 -15.62
C GLU C 319 14.54 16.77 -16.42
N PHE C 320 15.72 16.90 -17.04
CA PHE C 320 16.00 18.09 -17.85
C PHE C 320 15.13 18.15 -19.10
N VAL C 321 14.71 17.00 -19.62
CA VAL C 321 13.92 16.96 -20.85
C VAL C 321 12.43 17.01 -20.56
N ALA C 322 11.99 16.35 -19.49
CA ALA C 322 10.57 16.32 -19.13
C ALA C 322 10.17 17.54 -18.30
N GLN C 323 10.44 18.73 -18.84
CA GLN C 323 10.12 20.00 -18.23
C GLN C 323 9.11 20.76 -19.07
N PRO C 324 8.10 21.39 -18.47
CA PRO C 324 7.02 21.99 -19.27
C PRO C 324 7.47 22.98 -20.31
N ASN C 325 8.48 23.81 -20.02
CA ASN C 325 8.91 24.82 -20.97
C ASN C 325 9.49 24.21 -22.23
N CYS C 326 10.44 23.29 -22.07
CA CYS C 326 11.04 22.65 -23.24
C CYS C 326 10.06 21.71 -23.92
N GLN C 327 9.13 21.11 -23.18
CA GLN C 327 8.09 20.32 -23.81
C GLN C 327 7.21 21.18 -24.71
N GLN C 328 6.83 22.37 -24.24
CA GLN C 328 6.07 23.28 -25.08
C GLN C 328 6.88 23.74 -26.29
N LEU C 329 8.16 24.03 -26.09
CA LEU C 329 9.01 24.45 -27.21
C LEU C 329 9.12 23.35 -28.26
N LEU C 330 9.24 22.09 -27.82
CA LEU C 330 9.32 20.99 -28.77
C LEU C 330 7.98 20.74 -29.45
N ALA C 331 6.87 20.88 -28.71
CA ALA C 331 5.56 20.69 -29.32
C ALA C 331 5.29 21.74 -30.38
N SER C 332 5.75 22.97 -30.16
CA SER C 332 5.57 24.02 -31.16
C SER C 332 6.22 23.66 -32.48
N ARG C 333 7.44 23.12 -32.43
CA ARG C 333 8.10 22.67 -33.66
C ARG C 333 7.43 21.43 -34.22
N TRP C 334 6.98 20.53 -33.35
CA TRP C 334 6.38 19.27 -33.81
C TRP C 334 5.11 19.52 -34.61
N TYR C 335 4.17 20.28 -34.04
CA TYR C 335 2.92 20.54 -34.75
C TYR C 335 3.09 21.58 -35.85
N ASP C 336 3.91 22.60 -35.60
CA ASP C 336 4.17 23.67 -36.56
C ASP C 336 2.88 24.32 -37.05
N ARG C 344 -9.28 21.34 -32.92
CA ARG C 344 -9.80 20.03 -33.33
C ARG C 344 -10.38 19.28 -32.14
N HIS C 345 -11.18 18.27 -32.42
CA HIS C 345 -11.87 17.51 -31.39
C HIS C 345 -11.51 16.03 -31.51
N TRP C 346 -12.15 15.20 -30.67
CA TRP C 346 -11.87 13.77 -30.68
C TRP C 346 -12.26 13.14 -32.02
N ALA C 347 -13.44 13.51 -32.54
CA ALA C 347 -13.88 13.04 -33.84
C ALA C 347 -13.37 13.91 -34.99
N GLY C 348 -12.84 15.10 -34.68
CA GLY C 348 -12.29 15.98 -35.68
C GLY C 348 -10.82 15.77 -35.96
N LYS C 349 -10.18 14.81 -35.31
CA LYS C 349 -8.77 14.50 -35.53
C LYS C 349 -8.55 13.14 -36.19
N LEU C 350 -9.34 12.13 -35.83
CA LEU C 350 -9.19 10.82 -36.46
C LEU C 350 -9.48 10.88 -37.95
N ILE C 351 -10.56 11.57 -38.34
CA ILE C 351 -10.90 11.68 -39.75
C ILE C 351 -9.85 12.50 -40.49
N THR C 352 -9.32 13.55 -39.86
CA THR C 352 -8.25 14.33 -40.47
C THR C 352 -7.00 13.49 -40.69
N CYS C 353 -6.62 12.68 -39.69
CA CYS C 353 -5.46 11.81 -39.83
C CYS C 353 -5.67 10.79 -40.94
N VAL C 354 -6.86 10.20 -41.03
CA VAL C 354 -7.14 9.24 -42.08
C VAL C 354 -7.07 9.90 -43.45
N PHE C 355 -7.65 11.10 -43.57
CA PHE C 355 -7.61 11.82 -44.85
C PHE C 355 -6.18 12.18 -45.25
N ILE C 356 -5.36 12.59 -44.30
CA ILE C 356 -3.97 12.92 -44.61
C ILE C 356 -3.20 11.67 -45.01
N GLY C 357 -3.39 10.57 -44.29
CA GLY C 357 -2.69 9.34 -44.59
C GLY C 357 -3.11 8.69 -45.89
N LEU C 358 -4.35 8.91 -46.33
CA LEU C 358 -4.81 8.33 -47.59
C LEU C 358 -4.12 8.94 -48.79
N MET C 359 -3.63 10.18 -48.69
CA MET C 359 -3.02 10.88 -49.80
C MET C 359 -1.51 11.07 -49.62
N PHE C 360 -0.87 10.17 -48.89
CA PHE C 360 0.58 10.27 -48.71
C PHE C 360 1.38 10.13 -50.01
N PRO C 361 1.05 9.24 -50.96
CA PRO C 361 1.92 9.12 -52.14
C PRO C 361 2.02 10.40 -52.96
N LEU C 362 0.94 11.18 -53.04
CA LEU C 362 0.97 12.41 -53.84
C LEU C 362 1.96 13.41 -53.26
N LEU C 363 1.84 13.70 -51.96
CA LEU C 363 2.76 14.65 -51.34
C LEU C 363 4.17 14.08 -51.20
N SER C 364 4.32 12.75 -51.23
CA SER C 364 5.65 12.16 -51.22
C SER C 364 6.33 12.31 -52.58
N LEU C 365 5.57 12.14 -53.67
CA LEU C 365 6.12 12.37 -55.00
C LEU C 365 6.36 13.85 -55.25
N CYS C 366 5.58 14.72 -54.61
CA CYS C 366 5.83 16.16 -54.71
C CYS C 366 7.18 16.52 -54.09
N TYR C 367 7.66 15.74 -53.12
CA TYR C 367 8.96 15.99 -52.52
C TYR C 367 10.10 15.70 -53.49
N LEU C 368 9.88 14.84 -54.47
CA LEU C 368 10.89 14.52 -55.47
C LEU C 368 10.75 15.33 -56.75
N VAL C 369 9.53 15.55 -57.22
CA VAL C 369 9.33 16.31 -58.45
C VAL C 369 9.69 17.77 -58.25
N ALA C 370 9.21 18.36 -57.15
CA ALA C 370 9.46 19.78 -56.88
C ALA C 370 9.34 20.07 -55.38
N PRO C 371 10.44 20.06 -54.64
CA PRO C 371 10.37 20.37 -53.21
C PRO C 371 10.04 21.83 -52.94
N LYS C 372 8.80 22.23 -53.19
CA LYS C 372 8.38 23.62 -53.07
C LYS C 372 7.31 23.76 -51.99
N SER C 373 6.77 24.97 -51.87
CA SER C 373 5.84 25.30 -50.79
C SER C 373 4.44 24.74 -51.02
N ARG C 374 4.03 24.57 -52.28
CA ARG C 374 2.64 24.22 -52.55
C ARG C 374 2.27 22.85 -51.98
N TYR C 375 3.09 21.84 -52.28
CA TYR C 375 2.85 20.50 -51.75
C TYR C 375 4.11 19.76 -51.35
N GLY C 376 5.28 20.37 -51.46
CA GLY C 376 6.52 19.70 -51.10
C GLY C 376 7.01 20.06 -49.71
N LEU C 377 6.57 21.21 -49.21
CA LEU C 377 6.91 21.63 -47.85
C LEU C 377 5.94 21.08 -46.81
N PHE C 378 4.83 20.49 -47.22
CA PHE C 378 3.90 19.90 -46.27
C PHE C 378 4.53 18.67 -45.59
N ILE C 379 5.27 17.87 -46.36
CA ILE C 379 5.89 16.66 -45.83
C ILE C 379 7.02 17.04 -44.89
N ARG C 380 7.47 18.29 -44.95
CA ARG C 380 8.52 18.75 -44.07
C ARG C 380 8.05 18.97 -42.63
N LYS C 381 6.75 19.06 -42.42
CA LYS C 381 6.20 19.15 -41.07
C LYS C 381 6.37 17.82 -40.36
N PRO C 382 6.97 17.80 -39.17
CA PRO C 382 7.21 16.51 -38.48
C PRO C 382 5.94 15.71 -38.24
N PHE C 383 4.86 16.39 -37.88
CA PHE C 383 3.58 15.71 -37.66
C PHE C 383 3.08 15.07 -38.95
N ILE C 384 3.17 15.80 -40.06
CA ILE C 384 2.75 15.26 -41.34
C ILE C 384 3.62 14.07 -41.73
N LYS C 385 4.93 14.19 -41.53
CA LYS C 385 5.84 13.10 -41.86
C LYS C 385 5.55 11.85 -41.04
N PHE C 386 5.21 12.04 -39.76
CA PHE C 386 4.91 10.89 -38.89
C PHE C 386 3.66 10.16 -39.37
N ILE C 387 2.63 10.91 -39.79
CA ILE C 387 1.40 10.28 -40.26
C ILE C 387 1.65 9.47 -41.53
N CYS C 388 2.41 10.03 -42.47
CA CYS C 388 2.65 9.35 -43.73
C CYS C 388 3.44 8.06 -43.53
N HIS C 389 4.47 8.09 -42.69
CA HIS C 389 5.25 6.88 -42.42
C HIS C 389 4.39 5.82 -41.75
N THR C 390 3.52 6.23 -40.83
CA THR C 390 2.61 5.28 -40.21
C THR C 390 1.64 4.69 -41.23
N ALA C 391 1.12 5.54 -42.13
CA ALA C 391 0.21 5.05 -43.16
C ALA C 391 0.93 4.14 -44.15
N SER C 392 2.17 4.50 -44.51
CA SER C 392 2.93 3.68 -45.45
C SER C 392 3.24 2.31 -44.85
N TYR C 393 3.58 2.26 -43.56
CA TYR C 393 3.84 0.98 -42.91
C TYR C 393 2.57 0.14 -42.80
N LEU C 394 1.42 0.79 -42.64
CA LEU C 394 0.16 0.06 -42.63
C LEU C 394 -0.22 -0.44 -44.02
N THR C 395 0.19 0.26 -45.07
CA THR C 395 0.00 -0.27 -46.42
C THR C 395 0.81 -1.56 -46.62
N PHE C 396 2.03 -1.58 -46.11
CA PHE C 396 2.83 -2.80 -46.17
C PHE C 396 2.19 -3.93 -45.35
N LEU C 397 1.60 -3.59 -44.21
CA LEU C 397 0.95 -4.61 -43.40
C LEU C 397 -0.34 -5.10 -44.05
N PHE C 398 -1.03 -4.23 -44.80
CA PHE C 398 -2.29 -4.62 -45.40
C PHE C 398 -2.09 -5.70 -46.47
N LEU C 399 -1.16 -5.48 -47.40
CA LEU C 399 -0.89 -6.49 -48.41
C LEU C 399 -0.16 -7.69 -47.84
N LEU C 400 0.45 -7.54 -46.67
CA LEU C 400 1.00 -8.71 -45.98
C LEU C 400 -0.10 -9.69 -45.58
N LEU C 401 -1.30 -9.17 -45.32
CA LEU C 401 -2.49 -9.99 -45.07
C LEU C 401 -3.13 -10.48 -46.35
N LEU C 402 -2.78 -9.91 -47.50
CA LEU C 402 -3.30 -10.34 -48.79
C LEU C 402 -2.42 -11.39 -49.46
N ALA C 403 -1.29 -11.75 -48.84
CA ALA C 403 -0.42 -12.78 -49.37
C ALA C 403 -0.80 -14.17 -48.88
N SER C 404 -1.85 -14.28 -48.07
CA SER C 404 -2.32 -15.57 -47.57
C SER C 404 -3.72 -15.89 -48.07
N GLN C 405 -4.21 -15.14 -49.06
CA GLN C 405 -5.53 -15.40 -49.67
C GLN C 405 -5.34 -16.45 -50.75
N HIS C 406 -6.18 -17.48 -50.72
CA HIS C 406 -6.06 -18.60 -51.65
C HIS C 406 -6.07 -18.19 -53.11
N ILE C 407 -6.72 -17.07 -53.41
CA ILE C 407 -6.82 -16.57 -54.79
C ILE C 407 -5.45 -16.41 -55.40
N VAL C 408 -4.55 -15.74 -54.69
CA VAL C 408 -3.18 -15.54 -55.17
C VAL C 408 -2.17 -15.94 -54.11
N ASN C 411 -2.91 -19.66 -57.04
CA ASN C 411 -1.61 -20.31 -57.21
C ASN C 411 -1.63 -21.72 -56.64
N PRO C 412 -1.43 -22.72 -57.50
CA PRO C 412 -1.45 -24.11 -57.02
C PRO C 412 -0.15 -24.51 -56.33
N ASP C 413 -0.04 -25.78 -55.95
CA ASP C 413 1.15 -26.30 -55.33
C ASP C 413 2.10 -26.86 -56.38
N ARG C 414 3.36 -26.43 -56.33
CA ARG C 414 4.37 -26.85 -57.29
C ARG C 414 5.74 -26.47 -56.77
N GLN C 415 6.72 -27.33 -57.04
CA GLN C 415 8.07 -27.12 -56.53
C GLN C 415 8.73 -25.92 -57.21
N GLY C 416 9.44 -25.12 -56.42
CA GLY C 416 10.16 -23.97 -56.91
C GLY C 416 9.32 -23.00 -57.73
N PRO C 417 8.37 -22.33 -57.09
CA PRO C 417 7.52 -21.37 -57.82
C PRO C 417 8.14 -19.98 -57.89
N LYS C 418 7.85 -19.29 -58.98
CA LYS C 418 8.22 -17.88 -59.07
C LYS C 418 7.36 -17.08 -58.09
N PRO C 419 7.88 -15.99 -57.53
CA PRO C 419 7.12 -15.24 -56.53
C PRO C 419 5.81 -14.72 -57.11
N THR C 420 4.79 -14.66 -56.26
CA THR C 420 3.47 -14.21 -56.68
C THR C 420 3.43 -12.68 -56.76
N THR C 421 2.27 -12.16 -57.17
CA THR C 421 2.08 -10.74 -57.38
C THR C 421 2.40 -9.93 -56.14
N VAL C 422 1.98 -10.43 -54.97
CA VAL C 422 2.18 -9.69 -53.74
C VAL C 422 3.66 -9.55 -53.40
N GLU C 423 4.44 -10.59 -53.69
CA GLU C 423 5.87 -10.59 -53.33
C GLU C 423 6.64 -9.48 -54.04
N TRP C 424 6.30 -9.16 -55.28
CA TRP C 424 7.01 -8.13 -56.02
C TRP C 424 6.70 -6.73 -55.52
N MET C 425 5.54 -6.52 -54.89
CA MET C 425 5.25 -5.26 -54.21
C MET C 425 5.62 -5.31 -52.73
N ILE C 426 6.01 -6.47 -52.22
CA ILE C 426 6.55 -6.57 -50.86
C ILE C 426 8.05 -6.27 -50.86
N LEU C 427 8.77 -6.73 -51.88
CA LEU C 427 10.22 -6.59 -51.98
C LEU C 427 10.71 -5.14 -51.77
N PRO C 428 10.08 -4.13 -52.37
CA PRO C 428 10.55 -2.75 -52.11
C PRO C 428 10.55 -2.37 -50.64
N TRP C 429 9.54 -2.78 -49.87
CA TRP C 429 9.51 -2.44 -48.45
C TRP C 429 10.65 -3.13 -47.69
N VAL C 430 10.92 -4.39 -48.00
CA VAL C 430 12.02 -5.10 -47.35
C VAL C 430 13.35 -4.44 -47.68
N LEU C 431 13.54 -4.08 -48.95
CA LEU C 431 14.77 -3.42 -49.35
C LEU C 431 14.91 -2.07 -48.66
N GLY C 432 13.81 -1.33 -48.53
CA GLY C 432 13.85 -0.06 -47.84
C GLY C 432 14.20 -0.20 -46.36
N PHE C 433 13.64 -1.22 -45.70
CA PHE C 433 13.96 -1.45 -44.30
C PHE C 433 15.42 -1.83 -44.12
N ILE C 434 15.94 -2.69 -45.00
CA ILE C 434 17.36 -3.06 -44.93
C ILE C 434 18.24 -1.85 -45.19
N TRP C 435 17.85 -1.01 -46.15
CA TRP C 435 18.59 0.22 -46.44
C TRP C 435 18.60 1.15 -45.24
N THR C 436 17.45 1.29 -44.56
CA THR C 436 17.38 2.15 -43.38
C THR C 436 18.26 1.61 -42.26
N GLU C 437 18.27 0.29 -42.06
CA GLU C 437 19.14 -0.29 -41.04
C GLU C 437 20.61 -0.05 -41.37
N ILE C 438 20.99 -0.24 -42.64
CA ILE C 438 22.38 -0.06 -43.05
C ILE C 438 22.79 1.40 -42.88
N LYS C 439 21.89 2.33 -43.22
CA LYS C 439 22.17 3.75 -42.97
C LYS C 439 22.33 4.03 -41.49
N GLN C 440 21.48 3.44 -40.64
CA GLN C 440 21.61 3.62 -39.20
C GLN C 440 22.91 3.00 -38.67
N MET C 441 23.52 2.06 -39.41
CA MET C 441 24.75 1.43 -38.95
C MET C 441 25.89 2.43 -38.80
N TRP C 442 26.01 3.38 -39.75
CA TRP C 442 27.22 4.19 -39.84
C TRP C 442 27.45 5.08 -38.62
N ASP C 443 26.41 5.37 -37.85
CA ASP C 443 26.53 6.20 -36.66
C ASP C 443 26.47 5.39 -35.38
N GLY C 444 26.50 4.07 -35.47
CA GLY C 444 26.46 3.22 -34.29
C GLY C 444 27.77 2.50 -34.07
N GLY C 445 27.79 1.20 -34.33
CA GLY C 445 29.00 0.41 -34.14
C GLY C 445 28.86 -0.55 -32.99
N PHE C 446 27.63 -1.03 -32.76
CA PHE C 446 27.26 -1.92 -31.66
C PHE C 446 27.39 -1.25 -30.30
N GLN C 447 27.58 0.06 -30.26
CA GLN C 447 27.68 0.82 -29.02
C GLN C 447 26.35 1.56 -28.81
N ASP C 448 25.52 1.02 -27.92
CA ASP C 448 24.16 1.49 -27.61
C ASP C 448 23.21 1.32 -28.78
N TYR C 449 23.67 0.82 -29.92
CA TYR C 449 22.79 0.54 -31.05
C TYR C 449 22.11 -0.83 -30.92
N ILE C 450 22.75 -1.78 -30.25
CA ILE C 450 22.20 -3.13 -30.10
C ILE C 450 21.54 -3.33 -28.75
N HIS C 451 21.73 -2.42 -27.79
CA HIS C 451 21.11 -2.59 -26.49
C HIS C 451 19.61 -2.27 -26.52
N ASP C 452 19.19 -1.37 -27.40
CA ASP C 452 17.77 -1.05 -27.51
C ASP C 452 16.99 -2.25 -28.04
N TRP C 453 15.80 -2.44 -27.50
CA TRP C 453 14.98 -3.58 -27.90
C TRP C 453 14.57 -3.49 -29.37
N TRP C 454 14.07 -2.33 -29.79
CA TRP C 454 13.63 -2.17 -31.17
C TRP C 454 14.80 -1.81 -32.07
N ASN C 455 15.91 -2.52 -31.92
CA ASN C 455 16.95 -2.58 -32.94
C ASN C 455 17.33 -4.04 -33.14
N LEU C 456 17.36 -4.79 -32.03
CA LEU C 456 17.55 -6.23 -32.08
C LEU C 456 16.26 -6.96 -32.42
N MET C 457 15.12 -6.25 -32.42
CA MET C 457 13.90 -6.79 -32.98
C MET C 457 13.73 -6.45 -34.46
N ASP C 458 14.54 -5.52 -34.97
CA ASP C 458 14.55 -5.25 -36.40
C ASP C 458 15.63 -6.05 -37.11
N PHE C 459 16.78 -6.26 -36.45
CA PHE C 459 17.83 -7.07 -37.04
C PHE C 459 17.36 -8.50 -37.30
N VAL C 460 16.62 -9.07 -36.35
CA VAL C 460 16.15 -10.45 -36.49
C VAL C 460 15.18 -10.57 -37.68
N MET C 461 14.24 -9.63 -37.79
CA MET C 461 13.28 -9.72 -38.88
C MET C 461 13.92 -9.46 -40.23
N ASN C 462 14.89 -8.53 -40.29
CA ASN C 462 15.61 -8.32 -41.55
C ASN C 462 16.42 -9.56 -41.94
N SER C 463 17.06 -10.20 -40.96
CA SER C 463 17.77 -11.44 -41.24
C SER C 463 16.83 -12.53 -41.73
N LEU C 464 15.65 -12.63 -41.12
CA LEU C 464 14.67 -13.62 -41.56
C LEU C 464 14.20 -13.35 -42.99
N TYR C 465 13.97 -12.08 -43.32
CA TYR C 465 13.56 -11.75 -44.69
C TYR C 465 14.67 -12.08 -45.69
N LEU C 466 15.92 -11.77 -45.35
CA LEU C 466 17.02 -12.11 -46.24
C LEU C 466 17.17 -13.61 -46.41
N ALA C 467 17.00 -14.37 -45.32
CA ALA C 467 17.06 -15.82 -45.41
C ALA C 467 15.92 -16.37 -46.26
N THR C 468 14.72 -15.78 -46.15
CA THR C 468 13.62 -16.19 -47.00
C THR C 468 13.95 -15.95 -48.47
N ILE C 469 14.50 -14.78 -48.79
CA ILE C 469 14.87 -14.49 -50.17
C ILE C 469 15.91 -15.47 -50.67
N SER C 470 16.91 -15.76 -49.85
CA SER C 470 17.98 -16.68 -50.24
C SER C 470 17.42 -18.08 -50.50
N LEU C 471 16.59 -18.58 -49.57
CA LEU C 471 16.03 -19.91 -49.73
C LEU C 471 15.13 -20.00 -50.94
N LYS C 472 14.32 -18.96 -51.19
CA LYS C 472 13.43 -18.98 -52.34
C LYS C 472 14.23 -18.95 -53.65
N ILE C 473 15.29 -18.14 -53.71
CA ILE C 473 16.08 -18.07 -54.94
C ILE C 473 16.87 -19.37 -55.14
N VAL C 474 17.26 -20.03 -54.05
CA VAL C 474 17.90 -21.35 -54.17
C VAL C 474 16.90 -22.37 -54.73
N ALA C 475 15.67 -22.36 -54.20
CA ALA C 475 14.69 -23.36 -54.60
C ALA C 475 14.18 -23.13 -56.02
N TYR C 476 14.22 -21.88 -56.49
CA TYR C 476 13.64 -21.58 -57.81
C TYR C 476 14.45 -22.21 -58.93
N VAL C 477 15.78 -22.07 -58.90
CA VAL C 477 16.61 -22.45 -60.05
C VAL C 477 16.99 -23.92 -60.06
N LYS C 478 16.75 -24.67 -58.99
CA LYS C 478 17.17 -26.06 -58.91
C LYS C 478 16.00 -27.00 -58.64
N TYR C 479 14.78 -26.55 -58.90
CA TYR C 479 13.61 -27.40 -58.68
C TYR C 479 12.49 -26.95 -59.62
N SER C 480 11.69 -27.94 -60.03
CA SER C 480 10.54 -27.70 -60.90
C SER C 480 9.65 -28.94 -60.87
N GLY C 481 8.43 -28.79 -61.34
CA GLY C 481 7.50 -29.90 -61.40
C GLY C 481 6.36 -29.73 -60.43
N CYS C 482 5.14 -29.96 -60.92
CA CYS C 482 3.93 -29.84 -60.09
C CYS C 482 3.66 -31.14 -59.33
N LYS C 483 4.66 -31.62 -58.60
CA LYS C 483 4.49 -32.81 -57.78
C LYS C 483 3.55 -32.51 -56.61
N PRO C 484 2.67 -33.44 -56.23
CA PRO C 484 1.76 -33.19 -55.11
C PRO C 484 2.50 -32.85 -53.83
N ARG C 485 1.94 -31.90 -53.07
CA ARG C 485 2.59 -31.43 -51.85
C ARG C 485 2.68 -32.51 -50.78
N ASP C 486 1.84 -33.54 -50.84
CA ASP C 486 1.85 -34.60 -49.85
C ASP C 486 2.97 -35.62 -50.08
N THR C 487 3.87 -35.35 -51.01
CA THR C 487 4.99 -36.24 -51.29
C THR C 487 6.35 -35.60 -51.08
N TRP C 488 6.41 -34.29 -50.83
CA TRP C 488 7.69 -33.61 -50.66
C TRP C 488 8.36 -34.05 -49.37
N GLU C 489 9.69 -34.02 -49.36
CA GLU C 489 10.44 -34.29 -48.15
C GLU C 489 10.22 -33.16 -47.14
N MET C 490 10.31 -33.50 -45.86
CA MET C 490 10.06 -32.52 -44.80
C MET C 490 11.09 -31.40 -44.78
N TRP C 491 12.28 -31.63 -45.34
CA TRP C 491 13.32 -30.63 -45.40
C TRP C 491 13.43 -29.97 -46.77
N HIS C 492 12.36 -29.98 -47.56
CA HIS C 492 12.38 -29.30 -48.84
C HIS C 492 12.63 -27.81 -48.64
N PRO C 493 13.45 -27.19 -49.50
CA PRO C 493 13.74 -25.76 -49.30
C PRO C 493 12.52 -24.85 -49.35
N THR C 494 11.51 -25.20 -50.13
CA THR C 494 10.30 -24.37 -50.22
C THR C 494 9.59 -24.31 -48.88
N LEU C 495 9.47 -25.46 -48.21
CA LEU C 495 8.81 -25.49 -46.90
C LEU C 495 9.56 -24.65 -45.88
N VAL C 496 10.89 -24.73 -45.85
CA VAL C 496 11.68 -23.95 -44.91
C VAL C 496 11.60 -22.45 -45.22
N ALA C 497 11.62 -22.10 -46.51
CA ALA C 497 11.46 -20.69 -46.89
C ALA C 497 10.11 -20.16 -46.45
N GLU C 498 9.04 -20.94 -46.67
CA GLU C 498 7.72 -20.51 -46.24
C GLU C 498 7.65 -20.37 -44.73
N ALA C 499 8.28 -21.31 -43.99
CA ALA C 499 8.25 -21.23 -42.53
C ALA C 499 8.99 -19.99 -42.03
N VAL C 500 10.18 -19.72 -42.57
CA VAL C 500 10.93 -18.57 -42.09
C VAL C 500 10.27 -17.26 -42.54
N PHE C 501 9.55 -17.27 -43.66
CA PHE C 501 8.76 -16.10 -44.03
C PHE C 501 7.60 -15.90 -43.06
N ALA C 502 6.99 -16.99 -42.60
CA ALA C 502 5.89 -16.89 -41.65
C ALA C 502 6.38 -16.41 -40.29
N ILE C 503 7.58 -16.80 -39.88
CA ILE C 503 8.11 -16.40 -38.59
C ILE C 503 8.50 -14.93 -38.66
N ALA C 504 8.58 -14.38 -39.87
CA ALA C 504 8.97 -13.00 -40.05
C ALA C 504 7.80 -12.03 -40.07
N ASN C 505 6.57 -12.50 -40.32
CA ASN C 505 5.41 -11.63 -40.24
C ASN C 505 4.99 -11.35 -38.81
N ILE C 506 5.32 -12.24 -37.88
CA ILE C 506 4.99 -12.01 -36.47
C ILE C 506 5.83 -10.90 -35.85
N PHE C 507 7.08 -10.74 -36.28
CA PHE C 507 7.95 -9.69 -35.77
C PHE C 507 7.73 -8.34 -36.44
N SER C 508 7.26 -8.32 -37.69
CA SER C 508 6.98 -7.06 -38.36
C SER C 508 5.73 -6.41 -37.79
N SER C 509 4.73 -7.20 -37.42
CA SER C 509 3.49 -6.67 -36.87
C SER C 509 3.57 -6.39 -35.38
N LEU C 510 4.63 -6.84 -34.71
CA LEU C 510 4.81 -6.56 -33.29
C LEU C 510 5.61 -5.30 -33.03
N ARG C 511 5.99 -4.57 -34.07
CA ARG C 511 6.66 -3.29 -33.92
C ARG C 511 5.69 -2.12 -33.96
N LEU C 512 4.40 -2.37 -34.17
CA LEU C 512 3.41 -1.31 -34.08
C LEU C 512 3.21 -0.84 -32.65
N ILE C 513 3.54 -1.68 -31.66
CA ILE C 513 3.44 -1.25 -30.28
C ILE C 513 4.47 -0.18 -29.95
N SER C 514 5.56 -0.11 -30.72
CA SER C 514 6.55 0.94 -30.52
C SER C 514 6.05 2.32 -30.94
N LEU C 515 4.92 2.38 -31.64
CA LEU C 515 4.30 3.66 -31.99
C LEU C 515 3.32 4.13 -30.93
N PHE C 516 3.11 3.36 -29.87
CA PHE C 516 2.22 3.79 -28.80
C PHE C 516 2.81 4.94 -27.98
N THR C 517 4.11 5.21 -28.11
CA THR C 517 4.69 6.34 -27.40
C THR C 517 4.46 7.63 -28.19
N ALA C 518 3.21 7.83 -28.62
CA ALA C 518 2.79 9.10 -29.19
C ALA C 518 1.39 9.47 -28.74
N ASN C 519 0.70 8.60 -28.00
CA ASN C 519 -0.65 8.83 -27.52
C ASN C 519 -0.61 9.07 -26.02
N SER C 520 -1.37 10.07 -25.55
CA SER C 520 -1.34 10.43 -24.14
C SER C 520 -1.93 9.36 -23.24
N HIS C 521 -2.71 8.44 -23.79
CA HIS C 521 -3.34 7.38 -23.01
C HIS C 521 -2.57 6.06 -23.08
N LEU C 522 -2.26 5.60 -24.29
CA LEU C 522 -1.52 4.36 -24.46
C LEU C 522 -0.03 4.50 -24.23
N GLY C 523 0.49 5.73 -24.18
CA GLY C 523 1.89 5.97 -23.99
C GLY C 523 2.44 5.45 -22.68
N PRO C 524 1.97 6.01 -21.56
CA PRO C 524 2.47 5.55 -20.26
C PRO C 524 2.24 4.07 -20.00
N LEU C 525 1.16 3.50 -20.54
CA LEU C 525 0.88 2.09 -20.31
C LEU C 525 1.97 1.21 -20.91
N GLN C 526 2.40 1.49 -22.14
CA GLN C 526 3.44 0.70 -22.78
C GLN C 526 4.77 0.82 -22.03
N ILE C 527 5.11 2.04 -21.61
CA ILE C 527 6.38 2.26 -20.90
C ILE C 527 6.38 1.50 -19.58
N SER C 528 5.27 1.55 -18.85
CA SER C 528 5.18 0.83 -17.58
C SER C 528 5.06 -0.67 -17.79
N LEU C 529 4.53 -1.11 -18.93
CA LEU C 529 4.41 -2.54 -19.21
C LEU C 529 5.76 -3.15 -19.55
N GLY C 530 6.63 -2.40 -20.21
CA GLY C 530 7.95 -2.88 -20.55
C GLY C 530 8.97 -2.78 -19.44
N ARG C 531 8.58 -2.23 -18.28
CA ARG C 531 9.47 -2.13 -17.14
C ARG C 531 9.23 -3.22 -16.10
N MET C 532 8.00 -3.71 -15.99
CA MET C 532 7.74 -4.91 -15.20
C MET C 532 7.87 -6.15 -16.07
N LEU C 533 8.99 -6.21 -16.79
CA LEU C 533 9.31 -7.34 -17.64
C LEU C 533 10.71 -7.89 -17.41
N LEU C 534 11.61 -7.12 -16.79
CA LEU C 534 12.86 -7.68 -16.30
C LEU C 534 12.67 -8.46 -15.01
N ASP C 535 11.54 -8.25 -14.33
CA ASP C 535 11.21 -9.06 -13.16
C ASP C 535 10.75 -10.45 -13.57
N ILE C 536 10.02 -10.55 -14.68
CA ILE C 536 9.58 -11.86 -15.17
C ILE C 536 10.77 -12.67 -15.66
N LEU C 537 11.74 -12.01 -16.29
CA LEU C 537 12.93 -12.71 -16.77
C LEU C 537 13.71 -13.35 -15.64
N LYS C 538 13.76 -12.69 -14.48
CA LYS C 538 14.43 -13.28 -13.33
C LYS C 538 13.68 -14.48 -12.76
N PHE C 539 12.38 -14.58 -13.01
CA PHE C 539 11.58 -15.69 -12.50
C PHE C 539 11.62 -16.91 -13.40
N LEU C 540 12.15 -16.78 -14.62
CA LEU C 540 12.23 -17.94 -15.52
C LEU C 540 13.33 -18.90 -15.09
N PHE C 541 14.37 -18.40 -14.41
CA PHE C 541 15.50 -19.24 -14.05
C PHE C 541 15.17 -20.29 -12.98
N ILE C 542 14.02 -20.16 -12.31
CA ILE C 542 13.57 -21.15 -11.35
C ILE C 542 12.63 -22.16 -11.99
N TYR C 543 11.71 -21.67 -12.83
CA TYR C 543 10.82 -22.58 -13.55
C TYR C 543 11.61 -23.47 -14.50
N CYS C 544 12.64 -22.94 -15.15
CA CYS C 544 13.44 -23.75 -16.06
C CYS C 544 14.24 -24.82 -15.33
N LEU C 545 14.49 -24.64 -14.04
CA LEU C 545 15.16 -25.68 -13.27
C LEU C 545 14.18 -26.71 -12.76
N VAL C 546 13.01 -26.26 -12.28
CA VAL C 546 11.99 -27.20 -11.82
C VAL C 546 11.51 -28.08 -12.97
N LEU C 547 11.28 -27.47 -14.14
CA LEU C 547 10.86 -28.22 -15.31
C LEU C 547 11.90 -29.26 -15.71
N LEU C 548 13.18 -28.86 -15.70
CA LEU C 548 14.23 -29.81 -16.08
C LEU C 548 14.33 -30.96 -15.09
N ALA C 549 14.24 -30.65 -13.79
CA ALA C 549 14.30 -31.70 -12.78
C ALA C 549 13.15 -32.70 -12.94
N PHE C 550 11.93 -32.20 -13.07
CA PHE C 550 10.79 -33.12 -13.19
C PHE C 550 10.80 -33.87 -14.52
N ALA C 551 11.27 -33.24 -15.60
CA ALA C 551 11.40 -33.93 -16.87
C ALA C 551 12.42 -35.06 -16.77
N ASN C 552 13.55 -34.80 -16.11
CA ASN C 552 14.55 -35.85 -15.90
C ASN C 552 13.95 -37.00 -15.12
N GLY C 553 13.23 -36.71 -14.03
CA GLY C 553 12.64 -37.78 -13.24
C GLY C 553 11.63 -38.59 -14.02
N LEU C 554 10.73 -37.92 -14.73
CA LEU C 554 9.69 -38.64 -15.47
C LEU C 554 10.27 -39.47 -16.60
N ASN C 555 11.25 -38.92 -17.33
CA ASN C 555 11.88 -39.69 -18.40
C ASN C 555 12.63 -40.90 -17.83
N GLN C 556 13.34 -40.71 -16.72
CA GLN C 556 14.05 -41.82 -16.09
C GLN C 556 13.09 -42.91 -15.66
N LEU C 557 11.89 -42.54 -15.22
CA LEU C 557 10.92 -43.56 -14.83
C LEU C 557 10.30 -44.27 -16.04
N TYR C 558 9.98 -43.51 -17.09
CA TYR C 558 9.10 -44.01 -18.15
C TYR C 558 9.81 -44.42 -19.43
N PHE C 559 11.13 -44.26 -19.53
CA PHE C 559 11.77 -44.54 -20.82
C PHE C 559 11.84 -46.03 -21.15
N TYR C 560 11.57 -46.91 -20.19
CA TYR C 560 11.63 -48.35 -20.46
C TYR C 560 10.40 -48.88 -21.19
N TYR C 561 9.34 -48.08 -21.35
CA TYR C 561 8.07 -48.58 -21.88
C TYR C 561 7.73 -47.97 -23.23
N GLU C 562 8.72 -47.53 -24.00
CA GLU C 562 8.44 -46.95 -25.31
C GLU C 562 7.93 -48.03 -26.26
N ASN C 563 6.90 -47.68 -27.04
CA ASN C 563 6.36 -48.58 -28.04
C ASN C 563 5.70 -47.79 -29.15
N SER C 564 5.83 -48.28 -30.38
CA SER C 564 5.23 -47.66 -31.55
C SER C 564 4.60 -48.71 -32.46
N GLU C 565 3.90 -49.67 -31.87
CA GLU C 565 3.32 -50.80 -32.60
C GLU C 565 1.84 -50.52 -32.85
N GLY C 566 1.45 -50.56 -34.12
CA GLY C 566 0.06 -50.38 -34.50
C GLY C 566 -0.51 -49.01 -34.23
N MET C 567 0.29 -47.96 -34.41
CA MET C 567 -0.17 -46.59 -34.21
C MET C 567 0.31 -45.72 -35.35
N THR C 568 -0.62 -44.94 -35.92
CA THR C 568 -0.27 -44.04 -37.02
C THR C 568 0.50 -42.82 -36.53
N CYS C 569 0.07 -42.22 -35.43
CA CYS C 569 0.73 -41.07 -34.86
C CYS C 569 1.54 -41.48 -33.62
N LYS C 570 2.40 -40.56 -33.18
CA LYS C 570 3.30 -40.84 -32.05
C LYS C 570 3.63 -39.51 -31.39
N GLY C 571 3.18 -39.34 -30.15
CA GLY C 571 3.45 -38.14 -29.38
C GLY C 571 2.18 -37.64 -28.74
N ILE C 572 2.23 -36.39 -28.28
CA ILE C 572 1.08 -35.77 -27.63
C ILE C 572 0.22 -34.95 -28.59
N ARG C 573 0.76 -34.57 -29.75
CA ARG C 573 -0.01 -33.74 -30.68
C ARG C 573 -0.78 -34.58 -31.69
N CYS C 574 -1.57 -35.54 -31.21
CA CYS C 574 -2.59 -36.17 -32.02
C CYS C 574 -3.76 -36.55 -31.12
N GLU C 575 -4.80 -37.10 -31.73
CA GLU C 575 -6.07 -37.28 -31.03
C GLU C 575 -5.96 -38.26 -29.87
N ARG C 576 -5.28 -39.39 -30.06
CA ARG C 576 -5.04 -40.37 -29.02
C ARG C 576 -3.60 -40.24 -28.54
N GLN C 577 -3.39 -39.35 -27.57
CA GLN C 577 -2.06 -39.07 -27.04
C GLN C 577 -1.42 -40.33 -26.48
N ASN C 578 -0.15 -40.54 -26.86
CA ASN C 578 0.62 -41.69 -26.43
C ASN C 578 2.10 -41.35 -26.49
N ASN C 579 2.91 -42.15 -25.80
CA ASN C 579 4.35 -41.94 -25.74
C ASN C 579 4.67 -40.53 -25.24
N ALA C 580 4.01 -40.13 -24.16
CA ALA C 580 4.19 -38.78 -23.63
C ALA C 580 5.55 -38.65 -22.95
N PHE C 581 5.96 -39.65 -22.18
CA PHE C 581 7.19 -39.57 -21.42
C PHE C 581 8.21 -40.62 -21.87
N SER C 582 8.34 -40.82 -23.18
CA SER C 582 9.26 -41.82 -23.70
C SER C 582 10.67 -41.29 -23.93
N THR C 583 10.81 -40.04 -24.35
CA THR C 583 12.11 -39.40 -24.56
C THR C 583 12.16 -38.10 -23.77
N LEU C 584 13.31 -37.41 -23.85
CA LEU C 584 13.48 -36.15 -23.14
C LEU C 584 12.85 -34.97 -23.86
N PHE C 585 12.82 -34.98 -25.18
CA PHE C 585 12.15 -33.92 -25.94
C PHE C 585 10.65 -33.95 -25.68
N GLU C 586 10.04 -35.13 -25.85
CA GLU C 586 8.61 -35.26 -25.59
C GLU C 586 8.27 -35.04 -24.12
N THR C 587 9.19 -35.33 -23.20
CA THR C 587 8.92 -35.04 -21.80
C THR C 587 8.99 -33.55 -21.50
N LEU C 588 9.93 -32.83 -22.12
CA LEU C 588 9.98 -31.39 -21.96
C LEU C 588 8.79 -30.70 -22.63
N GLN C 589 8.23 -31.30 -23.68
CA GLN C 589 7.03 -30.73 -24.30
C GLN C 589 5.76 -31.07 -23.52
N SER C 590 5.69 -32.28 -22.94
CA SER C 590 4.51 -32.69 -22.20
C SER C 590 4.32 -31.88 -20.92
N LEU C 591 5.41 -31.49 -20.26
CA LEU C 591 5.32 -30.70 -19.04
C LEU C 591 5.09 -29.22 -19.31
N PHE C 592 5.26 -28.77 -20.55
CA PHE C 592 4.95 -27.39 -20.88
C PHE C 592 3.46 -27.22 -21.22
N TRP C 593 2.91 -28.17 -21.98
CA TRP C 593 1.49 -28.13 -22.32
C TRP C 593 0.59 -28.48 -21.16
N SER C 594 1.13 -28.97 -20.05
CA SER C 594 0.29 -29.29 -18.90
C SER C 594 -0.05 -28.06 -18.07
N ILE C 595 0.59 -26.92 -18.34
CA ILE C 595 0.24 -25.68 -17.67
C ILE C 595 -1.14 -25.21 -18.11
N PHE C 596 -1.44 -25.37 -19.39
CA PHE C 596 -2.72 -24.95 -19.95
C PHE C 596 -3.75 -26.07 -19.94
N GLY C 597 -3.42 -27.23 -19.38
CA GLY C 597 -4.38 -28.31 -19.29
C GLY C 597 -4.65 -29.03 -20.59
N LEU C 598 -3.69 -29.02 -21.52
CA LEU C 598 -3.86 -29.65 -22.82
C LEU C 598 -3.29 -31.06 -22.88
N ILE C 599 -2.86 -31.60 -21.74
CA ILE C 599 -2.36 -32.97 -21.65
C ILE C 599 -3.32 -33.77 -20.78
N SER C 600 -3.79 -34.90 -21.31
CA SER C 600 -4.77 -35.71 -20.62
C SER C 600 -4.13 -36.57 -19.54
N LEU C 601 -4.96 -37.32 -18.84
CA LEU C 601 -4.52 -38.14 -17.71
C LEU C 601 -4.21 -39.58 -18.08
N TYR C 602 -4.64 -40.05 -19.26
CA TYR C 602 -4.37 -41.42 -19.65
C TYR C 602 -2.99 -41.62 -20.26
N VAL C 603 -2.20 -40.54 -20.36
CA VAL C 603 -0.82 -40.67 -20.87
C VAL C 603 0.12 -41.23 -19.82
N THR C 604 -0.32 -41.34 -18.56
CA THR C 604 0.50 -41.91 -17.50
C THR C 604 0.28 -43.41 -17.34
N ASN C 605 -0.21 -44.08 -18.37
CA ASN C 605 -0.44 -45.52 -18.35
C ASN C 605 0.51 -46.22 -19.31
N VAL C 606 0.69 -47.52 -19.08
CA VAL C 606 1.56 -48.35 -19.90
C VAL C 606 0.80 -49.60 -20.30
N LYS C 607 1.30 -50.26 -21.34
CA LYS C 607 0.69 -51.49 -21.83
C LYS C 607 1.11 -52.68 -20.98
N ALA C 608 0.95 -52.57 -19.67
CA ALA C 608 1.31 -53.63 -18.74
C ALA C 608 0.58 -53.39 -17.43
N ASP C 609 0.48 -54.44 -16.62
CA ASP C 609 -0.22 -54.37 -15.34
C ASP C 609 0.77 -54.04 -14.22
N HIS C 610 1.47 -52.92 -14.40
CA HIS C 610 2.39 -52.40 -13.39
C HIS C 610 1.78 -51.16 -12.77
N LYS C 611 0.95 -51.39 -11.75
CA LYS C 611 0.26 -50.28 -11.09
C LYS C 611 1.20 -49.45 -10.20
N PHE C 612 2.32 -50.03 -9.76
CA PHE C 612 3.22 -49.28 -8.90
C PHE C 612 3.92 -48.17 -9.66
N THR C 613 4.42 -48.46 -10.86
CA THR C 613 5.12 -47.43 -11.64
C THR C 613 4.15 -46.38 -12.18
N GLU C 614 2.94 -46.79 -12.54
CA GLU C 614 1.94 -45.83 -12.99
C GLU C 614 1.57 -44.86 -11.87
N PHE C 615 1.42 -45.36 -10.64
CA PHE C 615 1.09 -44.49 -9.52
C PHE C 615 2.22 -43.52 -9.23
N VAL C 616 3.47 -43.97 -9.34
CA VAL C 616 4.60 -43.09 -9.11
C VAL C 616 4.67 -42.01 -10.19
N GLY C 617 4.45 -42.39 -11.45
CA GLY C 617 4.43 -41.39 -12.52
C GLY C 617 3.31 -40.37 -12.33
N ALA C 618 2.12 -40.85 -11.96
CA ALA C 618 1.02 -39.93 -11.72
C ALA C 618 1.31 -39.00 -10.55
N THR C 619 1.92 -39.53 -9.49
CA THR C 619 2.25 -38.70 -8.33
C THR C 619 3.28 -37.64 -8.69
N MET C 620 4.28 -38.00 -9.50
CA MET C 620 5.26 -37.00 -9.93
C MET C 620 4.62 -35.94 -10.83
N PHE C 621 3.72 -36.36 -11.73
CA PHE C 621 3.03 -35.39 -12.57
C PHE C 621 2.17 -34.45 -11.73
N GLY C 622 1.47 -34.99 -10.74
CA GLY C 622 0.68 -34.14 -9.86
C GLY C 622 1.53 -33.20 -9.03
N THR C 623 2.69 -33.68 -8.56
CA THR C 623 3.58 -32.82 -7.79
C THR C 623 4.14 -31.69 -8.65
N TYR C 624 4.45 -31.98 -9.92
CA TYR C 624 4.86 -30.92 -10.83
C TYR C 624 3.73 -29.93 -11.05
N ASN C 625 2.50 -30.43 -11.17
CA ASN C 625 1.36 -29.54 -11.38
C ASN C 625 1.15 -28.62 -10.18
N VAL C 626 1.30 -29.15 -8.97
CA VAL C 626 1.11 -28.33 -7.78
C VAL C 626 2.16 -27.23 -7.69
N ILE C 627 3.43 -27.59 -7.92
CA ILE C 627 4.51 -26.64 -7.71
C ILE C 627 4.41 -25.47 -8.68
N SER C 628 4.11 -25.74 -9.95
CA SER C 628 4.20 -24.71 -10.97
C SER C 628 2.92 -23.90 -11.13
N LEU C 629 1.78 -24.36 -10.61
CA LEU C 629 0.51 -23.69 -10.85
C LEU C 629 -0.07 -22.99 -9.64
N VAL C 630 0.23 -23.44 -8.42
CA VAL C 630 -0.31 -22.82 -7.21
C VAL C 630 0.77 -22.32 -6.28
N VAL C 631 2.04 -22.59 -6.55
CA VAL C 631 3.12 -22.15 -5.69
C VAL C 631 4.07 -21.25 -6.47
N LEU C 632 4.15 -21.45 -7.79
CA LEU C 632 5.07 -20.70 -8.62
C LEU C 632 4.42 -19.64 -9.49
N LEU C 633 3.14 -19.79 -9.82
CA LEU C 633 2.42 -18.78 -10.56
C LEU C 633 1.66 -17.82 -9.66
N ASN C 634 1.66 -18.04 -8.35
CA ASN C 634 1.10 -17.10 -7.40
C ASN C 634 2.16 -16.20 -6.77
N MET C 635 3.44 -16.55 -6.92
CA MET C 635 4.53 -15.67 -6.52
C MET C 635 4.98 -14.76 -7.65
N LEU C 636 4.62 -15.06 -8.89
CA LEU C 636 4.84 -14.14 -9.99
C LEU C 636 3.83 -13.01 -9.98
N ILE C 637 2.58 -13.31 -9.59
CA ILE C 637 1.58 -12.27 -9.40
C ILE C 637 1.91 -11.42 -8.19
N ALA C 638 2.34 -12.06 -7.09
CA ALA C 638 2.57 -11.33 -5.85
C ALA C 638 3.74 -10.36 -5.96
N MET C 639 4.74 -10.69 -6.77
CA MET C 639 5.93 -9.85 -6.88
C MET C 639 5.86 -8.89 -8.06
N MET C 640 4.93 -9.08 -8.99
CA MET C 640 4.61 -8.08 -9.99
C MET C 640 3.64 -7.04 -9.49
N ASN C 641 2.75 -7.42 -8.56
CA ASN C 641 1.84 -6.47 -7.95
C ASN C 641 2.55 -5.51 -7.00
N ASN C 642 3.66 -5.93 -6.41
CA ASN C 642 4.44 -5.08 -5.51
C ASN C 642 5.60 -4.39 -6.23
N SER C 643 5.71 -4.55 -7.55
CA SER C 643 6.71 -3.86 -8.34
C SER C 643 6.10 -2.84 -9.30
N TYR C 644 4.78 -2.88 -9.51
CA TYR C 644 4.12 -1.90 -10.35
C TYR C 644 3.98 -0.55 -9.65
N GLN C 645 3.95 -0.54 -8.32
CA GLN C 645 3.75 0.70 -7.58
C GLN C 645 4.97 1.62 -7.69
N HIS C 646 6.18 1.04 -7.76
CA HIS C 646 7.37 1.85 -7.93
C HIS C 646 7.47 2.43 -9.33
N ILE C 647 7.08 1.65 -10.34
CA ILE C 647 7.13 2.13 -11.73
C ILE C 647 6.15 3.28 -11.96
N ALA C 648 5.00 3.27 -11.28
CA ALA C 648 3.98 4.29 -11.46
C ALA C 648 4.31 5.59 -10.72
N ASP C 649 5.31 5.60 -9.84
CA ASP C 649 5.70 6.83 -9.18
C ASP C 649 6.38 7.79 -10.16
N HIS C 650 7.30 7.27 -10.98
CA HIS C 650 7.96 8.04 -12.02
C HIS C 650 7.65 7.37 -13.35
N ALA C 651 6.50 7.70 -13.92
CA ALA C 651 6.08 7.18 -15.22
C ALA C 651 5.72 8.26 -16.21
N ASP C 652 5.67 9.53 -15.80
CA ASP C 652 5.45 10.63 -16.74
C ASP C 652 6.75 11.25 -17.20
N ILE C 653 7.81 11.20 -16.38
CA ILE C 653 9.11 11.72 -16.81
C ILE C 653 9.85 10.75 -17.72
N GLU C 654 9.41 9.50 -17.79
CA GLU C 654 10.00 8.52 -18.70
C GLU C 654 9.25 8.47 -20.03
N TRP C 655 7.92 8.52 -19.97
CA TRP C 655 7.14 8.56 -21.21
C TRP C 655 7.43 9.82 -22.01
N LYS C 656 7.55 10.96 -21.33
CA LYS C 656 7.86 12.20 -22.03
C LYS C 656 9.27 12.16 -22.61
N PHE C 657 10.22 11.56 -21.88
CA PHE C 657 11.57 11.41 -22.40
C PHE C 657 11.57 10.56 -23.66
N ALA C 658 10.87 9.43 -23.64
CA ALA C 658 10.78 8.57 -24.81
C ALA C 658 10.08 9.28 -25.97
N ARG C 659 9.04 10.06 -25.67
CA ARG C 659 8.31 10.75 -26.72
C ARG C 659 9.16 11.85 -27.35
N THR C 660 9.97 12.55 -26.55
CA THR C 660 10.89 13.53 -27.10
C THR C 660 11.95 12.85 -27.96
N LYS C 661 12.44 11.68 -27.52
CA LYS C 661 13.40 10.93 -28.33
C LYS C 661 12.79 10.54 -29.66
N LEU C 662 11.53 10.11 -29.65
CA LEU C 662 10.83 9.80 -30.90
C LEU C 662 10.64 11.06 -31.76
N TRP C 663 10.30 12.18 -31.13
CA TRP C 663 10.03 13.41 -31.86
C TRP C 663 11.27 13.91 -32.58
N MET C 664 12.43 13.89 -31.92
CA MET C 664 13.62 14.50 -32.48
C MET C 664 14.15 13.77 -33.72
N SER C 665 13.64 12.56 -34.01
CA SER C 665 14.09 11.85 -35.20
C SER C 665 13.45 12.39 -36.48
N TYR C 666 12.32 13.08 -36.39
CA TYR C 666 11.62 13.59 -37.56
C TYR C 666 11.91 15.05 -37.87
N PHE C 667 12.77 15.71 -37.08
CA PHE C 667 12.99 17.14 -37.26
C PHE C 667 13.86 17.47 -38.45
N GLU C 668 14.77 16.57 -38.85
CA GLU C 668 15.77 16.88 -39.85
C GLU C 668 15.56 16.02 -41.10
N GLU C 669 16.08 16.51 -42.22
CA GLU C 669 16.05 15.76 -43.46
C GLU C 669 16.96 14.52 -43.36
N GLY C 670 16.86 13.66 -44.35
CA GLY C 670 17.49 12.37 -44.30
C GLY C 670 16.59 11.20 -43.97
N GLY C 671 15.45 11.08 -44.65
CA GLY C 671 14.38 10.20 -44.19
C GLY C 671 13.02 10.79 -44.46
N THR C 672 12.97 11.97 -45.07
CA THR C 672 11.71 12.59 -45.46
C THR C 672 11.17 12.00 -46.75
N LEU C 673 11.06 10.68 -46.79
CA LEU C 673 10.54 9.90 -47.90
C LEU C 673 10.08 8.55 -47.36
N PRO C 674 8.80 8.24 -47.44
CA PRO C 674 8.29 6.97 -46.89
C PRO C 674 9.07 5.78 -47.42
N PRO C 675 9.12 4.68 -46.66
CA PRO C 675 9.91 3.51 -47.06
C PRO C 675 9.52 2.96 -48.43
N PRO C 676 8.22 3.03 -48.83
CA PRO C 676 7.89 2.62 -50.21
C PRO C 676 8.68 3.37 -51.27
N PHE C 677 8.66 4.69 -51.23
CA PHE C 677 9.43 5.51 -52.17
C PHE C 677 10.75 5.94 -51.55
N ASN C 678 11.54 4.94 -51.15
CA ASN C 678 12.82 5.19 -50.50
C ASN C 678 14.01 5.13 -51.45
N ILE C 679 13.91 4.38 -52.55
CA ILE C 679 15.01 4.25 -53.49
C ILE C 679 14.71 5.04 -54.76
N ASN C 718 32.87 31.40 -30.25
CA ASN C 718 32.11 32.43 -30.94
C ASN C 718 32.53 33.82 -30.47
N VAL C 719 32.09 34.85 -31.18
CA VAL C 719 32.47 36.22 -30.86
C VAL C 719 31.53 36.84 -29.83
N ARG C 720 30.22 36.68 -30.00
CA ARG C 720 29.25 37.23 -29.05
C ARG C 720 28.20 36.24 -28.58
N LEU C 721 28.02 35.10 -29.26
CA LEU C 721 27.11 34.08 -28.75
C LEU C 721 27.56 33.57 -27.39
N ASN C 722 28.88 33.39 -27.21
CA ASN C 722 29.40 33.01 -25.91
C ASN C 722 29.09 34.07 -24.86
N HIS C 723 29.22 35.34 -25.22
CA HIS C 723 28.94 36.41 -24.27
C HIS C 723 27.47 36.42 -23.87
N GLN C 724 26.56 36.27 -24.84
CA GLN C 724 25.14 36.23 -24.52
C GLN C 724 24.80 35.02 -23.67
N TYR C 725 25.36 33.86 -24.00
CA TYR C 725 25.12 32.66 -23.21
C TYR C 725 25.63 32.84 -21.79
N GLN C 726 26.81 33.46 -21.62
CA GLN C 726 27.35 33.71 -20.30
C GLN C 726 26.46 34.67 -19.51
N GLU C 727 25.94 35.70 -20.18
CA GLU C 727 25.05 36.64 -19.47
C GLU C 727 23.78 35.95 -19.00
N VAL C 728 23.17 35.13 -19.86
CA VAL C 728 21.98 34.38 -19.47
C VAL C 728 22.33 33.42 -18.33
N LEU C 729 23.51 32.81 -18.40
CA LEU C 729 23.96 31.92 -17.33
C LEU C 729 24.11 32.66 -16.01
N ARG C 730 24.66 33.87 -16.05
CA ARG C 730 24.79 34.69 -14.85
C ARG C 730 23.42 34.98 -14.25
N ASN C 731 22.47 35.38 -15.11
CA ASN C 731 21.12 35.67 -14.61
C ASN C 731 20.50 34.44 -13.98
N LEU C 732 20.61 33.29 -14.65
CA LEU C 732 20.03 32.05 -14.11
C LEU C 732 20.67 31.67 -12.78
N VAL C 733 22.00 31.77 -12.69
CA VAL C 733 22.68 31.39 -11.46
C VAL C 733 22.31 32.32 -10.31
N LYS C 734 22.25 33.63 -10.58
CA LYS C 734 21.87 34.58 -9.53
C LYS C 734 20.45 34.33 -9.05
N ARG C 735 19.51 34.11 -9.99
CA ARG C 735 18.14 33.85 -9.59
C ARG C 735 18.03 32.55 -8.81
N TYR C 736 18.77 31.51 -9.21
CA TYR C 736 18.73 30.25 -8.49
C TYR C 736 19.30 30.40 -7.09
N VAL C 737 20.39 31.15 -6.94
CA VAL C 737 20.95 31.38 -5.62
C VAL C 737 19.97 32.14 -4.73
N ALA C 738 19.33 33.17 -5.28
CA ALA C 738 18.33 33.91 -4.51
C ALA C 738 17.19 33.00 -4.07
N ALA C 739 16.69 32.18 -4.99
CA ALA C 739 15.58 31.28 -4.66
C ALA C 739 15.98 30.28 -3.59
N MET C 740 17.18 29.68 -3.71
CA MET C 740 17.59 28.67 -2.75
C MET C 740 17.81 29.28 -1.36
N ILE C 741 18.42 30.46 -1.28
CA ILE C 741 18.64 31.07 0.02
C ILE C 741 17.30 31.49 0.63
N ARG C 742 16.38 32.00 -0.20
CA ARG C 742 15.06 32.37 0.29
C ARG C 742 14.31 31.17 0.84
N ASP C 743 14.36 30.04 0.14
CA ASP C 743 13.64 28.85 0.60
C ASP C 743 14.29 28.25 1.85
N ALA C 744 15.62 28.16 1.87
CA ALA C 744 16.30 27.55 3.00
C ALA C 744 16.15 28.41 4.26
N LYS C 745 16.24 29.73 4.12
CA LYS C 745 16.17 30.61 5.28
C LYS C 745 14.80 30.57 5.94
N THR C 746 13.74 30.55 5.12
CA THR C 746 12.38 30.67 5.67
C THR C 746 11.96 29.41 6.41
N GLU C 747 11.92 28.27 5.71
CA GLU C 747 11.48 27.03 6.32
C GLU C 747 12.66 26.24 6.88
N THR C 751 8.31 28.29 10.19
CA THR C 751 8.72 27.98 11.56
C THR C 751 10.10 28.54 11.87
N GLU C 752 11.06 28.24 10.99
CA GLU C 752 12.43 28.72 11.21
C GLU C 752 12.50 30.25 11.16
N GLU C 753 11.65 30.89 10.36
CA GLU C 753 11.62 32.34 10.32
C GLU C 753 11.13 32.93 11.64
N ASN C 754 10.23 32.22 12.35
CA ASN C 754 9.73 32.70 13.62
C ASN C 754 10.82 32.73 14.69
N PHE C 755 11.89 31.95 14.53
CA PHE C 755 12.96 31.94 15.51
C PHE C 755 13.77 33.24 15.47
N LYS C 756 13.92 33.83 14.30
CA LYS C 756 14.79 35.00 14.16
C LYS C 756 14.15 36.23 14.79
N GLU C 757 12.83 36.36 14.71
CA GLU C 757 12.15 37.54 15.26
C GLU C 757 12.28 37.64 16.77
N LEU C 758 12.20 36.51 17.48
CA LEU C 758 12.37 36.54 18.93
C LEU C 758 13.75 37.05 19.32
N LYS C 759 14.79 36.52 18.68
CA LYS C 759 16.14 37.00 18.95
C LYS C 759 16.29 38.47 18.59
N GLN C 760 15.69 38.89 17.47
CA GLN C 760 15.81 40.28 17.05
C GLN C 760 15.17 41.21 18.07
N ASP C 761 13.98 40.89 18.55
CA ASP C 761 13.31 41.77 19.50
C ASP C 761 13.99 41.74 20.86
N ILE C 762 14.51 40.58 21.27
CA ILE C 762 15.25 40.51 22.53
C ILE C 762 16.52 41.35 22.45
N SER C 763 17.24 41.26 21.33
CA SER C 763 18.44 42.07 21.16
C SER C 763 18.11 43.57 21.10
N SER C 764 17.01 43.92 20.45
CA SER C 764 16.61 45.33 20.41
C SER C 764 16.28 45.84 21.81
N PHE C 765 15.56 45.04 22.60
CA PHE C 765 15.25 45.45 23.97
C PHE C 765 16.53 45.58 24.80
N ARG C 766 17.45 44.63 24.65
CA ARG C 766 18.70 44.70 25.40
C ARG C 766 19.51 45.94 25.04
N TYR C 767 19.60 46.24 23.74
CA TYR C 767 20.35 47.42 23.31
C TYR C 767 19.67 48.70 23.78
N GLU C 768 18.34 48.74 23.76
CA GLU C 768 17.61 49.90 24.25
C GLU C 768 17.88 50.11 25.75
N VAL C 769 17.87 49.03 26.52
CA VAL C 769 18.14 49.12 27.96
C VAL C 769 19.58 49.61 28.19
N ILE C 770 20.53 49.07 27.42
CA ILE C 770 21.93 49.48 27.59
C ILE C 770 22.10 50.95 27.24
N GLY C 771 21.46 51.40 26.15
CA GLY C 771 21.55 52.80 25.79
C GLY C 771 20.92 53.72 26.82
N MET C 772 19.80 53.30 27.40
CA MET C 772 19.18 54.10 28.45
C MET C 772 20.04 54.15 29.71
N MET C 773 20.79 53.07 29.97
CA MET C 773 21.67 53.02 31.14
C MET C 773 23.09 53.40 30.76
N PRO D 39 42.05 20.22 -8.73
CA PRO D 39 41.61 21.54 -9.21
C PRO D 39 41.70 22.60 -8.12
N LEU D 40 41.64 23.87 -8.54
CA LEU D 40 41.71 25.00 -7.62
C LEU D 40 40.37 25.72 -7.66
N ARG D 41 39.63 25.66 -6.55
CA ARG D 41 38.36 26.35 -6.45
C ARG D 41 38.60 27.84 -6.22
N ILE D 42 37.95 28.67 -7.05
CA ILE D 42 38.10 30.11 -7.01
C ILE D 42 36.71 30.75 -6.91
N VAL D 43 36.70 32.08 -6.82
CA VAL D 43 35.46 32.85 -6.82
C VAL D 43 35.30 33.47 -8.20
N ARG D 44 34.23 33.10 -8.90
CA ARG D 44 34.01 33.53 -10.27
C ARG D 44 32.90 34.57 -10.31
N ALA D 45 33.16 35.69 -11.00
CA ALA D 45 32.16 36.72 -11.27
C ALA D 45 31.53 37.27 -10.00
N GLU D 46 32.37 37.63 -9.04
CA GLU D 46 31.89 38.21 -7.79
C GLU D 46 32.87 39.26 -7.30
N SER D 47 32.36 40.19 -6.50
CA SER D 47 33.17 41.28 -5.95
C SER D 47 33.02 41.35 -4.43
N GLU D 48 33.57 42.40 -3.83
CA GLU D 48 33.49 42.61 -2.40
C GLU D 48 32.53 43.75 -2.09
N LEU D 49 31.90 43.70 -0.92
CA LEU D 49 30.91 44.70 -0.56
C LEU D 49 31.56 45.97 -0.03
N SER D 50 32.21 45.88 1.13
CA SER D 50 32.77 47.04 1.80
C SER D 50 33.50 46.64 3.07
N THR D 51 34.15 47.61 3.72
CA THR D 51 34.76 47.39 5.02
C THR D 51 34.09 48.19 6.14
N GLN D 52 33.37 49.27 5.81
CA GLN D 52 32.66 50.06 6.80
C GLN D 52 31.15 49.87 6.75
N GLU D 53 30.62 49.41 5.61
CA GLU D 53 29.19 49.16 5.50
C GLU D 53 28.77 47.83 6.13
N LYS D 54 29.72 46.95 6.42
CA LYS D 54 29.39 45.70 7.11
C LYS D 54 28.85 45.97 8.49
N SER D 55 29.46 46.91 9.23
CA SER D 55 28.95 47.28 10.54
C SER D 55 27.58 47.92 10.44
N TYR D 56 27.38 48.77 9.42
CA TYR D 56 26.07 49.39 9.22
C TYR D 56 24.99 48.35 8.96
N LEU D 57 25.30 47.33 8.15
CA LEU D 57 24.33 46.27 7.91
C LEU D 57 24.11 45.41 9.14
N SER D 58 25.16 45.11 9.91
CA SER D 58 24.99 44.32 11.12
C SER D 58 24.17 45.08 12.16
N ALA D 59 24.22 46.41 12.15
CA ALA D 59 23.43 47.20 13.08
C ALA D 59 21.94 46.93 12.88
N VAL D 60 21.46 46.92 11.63
CA VAL D 60 20.07 46.60 11.38
C VAL D 60 19.82 45.09 11.45
N GLU D 61 20.86 44.28 11.29
CA GLU D 61 20.70 42.83 11.46
C GLU D 61 20.36 42.48 12.91
N LYS D 62 21.08 43.07 13.86
CA LYS D 62 20.78 42.85 15.27
C LYS D 62 19.71 43.77 15.82
N GLY D 63 19.69 45.04 15.39
CA GLY D 63 18.66 45.96 15.82
C GLY D 63 19.07 46.86 16.97
N ASP D 64 19.37 48.13 16.66
CA ASP D 64 19.72 49.12 17.66
C ASP D 64 19.46 50.50 17.09
N TYR D 65 18.48 51.21 17.64
CA TYR D 65 18.02 52.47 17.04
C TYR D 65 19.15 53.50 17.00
N ALA D 66 19.92 53.59 18.09
CA ALA D 66 21.02 54.56 18.19
C ALA D 66 21.97 54.49 17.00
N SER D 67 22.60 53.32 16.81
CA SER D 67 23.62 53.19 15.77
C SER D 67 23.02 53.34 14.37
N VAL D 68 21.86 52.72 14.14
CA VAL D 68 21.20 52.76 12.83
C VAL D 68 20.86 54.19 12.46
N LYS D 69 20.28 54.95 13.40
CA LYS D 69 19.95 56.35 13.17
C LYS D 69 21.21 57.16 12.94
N LEU D 70 22.23 56.95 13.77
CA LEU D 70 23.47 57.73 13.69
C LEU D 70 24.15 57.55 12.35
N ALA D 71 24.23 56.31 11.87
CA ALA D 71 24.88 56.01 10.60
C ALA D 71 24.22 56.76 9.45
N LEU D 72 22.88 56.74 9.43
CA LEU D 72 22.15 57.46 8.39
C LEU D 72 22.25 58.98 8.55
N GLU D 73 22.19 59.48 9.79
CA GLU D 73 22.24 60.93 10.00
C GLU D 73 23.61 61.50 9.62
N GLU D 74 24.69 60.83 10.01
CA GLU D 74 26.02 61.37 9.79
C GLU D 74 26.42 61.32 8.31
N ALA D 75 25.71 60.53 7.50
CA ALA D 75 26.02 60.39 6.08
C ALA D 75 25.14 61.26 5.20
N GLU D 76 24.58 62.34 5.74
CA GLU D 76 23.67 63.18 4.96
C GLU D 76 24.40 63.87 3.81
N ILE D 77 25.53 64.51 4.10
CA ILE D 77 26.26 65.28 3.07
C ILE D 77 27.28 64.33 2.46
N TYR D 78 26.80 63.53 1.49
CA TYR D 78 27.61 62.72 0.58
C TYR D 78 28.85 62.11 1.27
N PHE D 79 28.60 61.35 2.33
CA PHE D 79 29.70 60.79 3.12
C PHE D 79 30.15 59.42 2.64
N LYS D 80 29.82 59.03 1.40
CA LYS D 80 30.36 57.82 0.77
C LYS D 80 30.08 56.57 1.60
N ILE D 81 28.85 56.41 2.09
CA ILE D 81 28.47 55.22 2.83
C ILE D 81 27.55 54.30 2.03
N ASN D 82 26.87 54.81 0.99
CA ASN D 82 26.00 54.02 0.12
C ASN D 82 24.91 53.31 0.94
N ILE D 83 24.01 54.14 1.47
CA ILE D 83 22.93 53.68 2.34
C ILE D 83 22.13 52.56 1.67
N ASN D 84 22.10 52.56 0.33
CA ASN D 84 21.47 51.49 -0.43
C ASN D 84 22.50 50.37 -0.60
N CYS D 85 22.76 49.67 0.51
CA CYS D 85 23.80 48.65 0.53
C CYS D 85 23.34 47.40 -0.21
N ILE D 86 24.26 46.44 -0.32
CA ILE D 86 23.98 45.14 -0.90
C ILE D 86 24.57 44.08 0.02
N ASP D 87 24.12 42.85 -0.15
CA ASP D 87 24.54 41.72 0.66
C ASP D 87 24.96 40.57 -0.24
N PRO D 88 25.75 39.62 0.28
CA PRO D 88 25.99 38.40 -0.50
C PRO D 88 24.73 37.68 -0.88
N LEU D 89 23.68 37.80 -0.08
CA LEU D 89 22.35 37.29 -0.43
C LEU D 89 21.53 38.28 -1.25
N GLY D 90 22.07 39.47 -1.53
CA GLY D 90 21.35 40.44 -2.32
C GLY D 90 20.31 41.25 -1.57
N ARG D 91 20.50 41.44 -0.27
CA ARG D 91 19.54 42.14 0.59
C ARG D 91 20.01 43.56 0.83
N THR D 92 19.23 44.54 0.38
CA THR D 92 19.53 45.93 0.66
C THR D 92 19.06 46.30 2.07
N ALA D 93 19.31 47.55 2.47
CA ALA D 93 18.95 47.99 3.81
C ALA D 93 17.45 47.92 4.05
N LEU D 94 16.66 48.42 3.09
CA LEU D 94 15.20 48.34 3.22
C LEU D 94 14.72 46.90 3.26
N LEU D 95 15.31 46.04 2.41
N LEU D 95 15.31 46.04 2.41
CA LEU D 95 14.93 44.63 2.34
CA LEU D 95 14.93 44.63 2.34
C LEU D 95 15.36 43.84 3.56
C LEU D 95 15.36 43.84 3.56
N ILE D 96 16.00 44.45 4.55
CA ILE D 96 16.36 43.76 5.78
C ILE D 96 15.44 44.13 6.94
N ALA D 97 15.08 45.41 7.09
CA ALA D 97 14.12 45.79 8.12
C ALA D 97 12.76 45.17 7.86
N ILE D 98 12.35 45.11 6.59
CA ILE D 98 11.10 44.44 6.24
C ILE D 98 11.21 42.94 6.50
N GLU D 99 12.39 42.37 6.29
CA GLU D 99 12.60 40.94 6.53
C GLU D 99 12.31 40.58 7.98
N ASN D 100 12.80 41.40 8.91
CA ASN D 100 12.60 41.14 10.33
C ASN D 100 11.38 41.87 10.90
N GLU D 101 10.61 42.57 10.06
CA GLU D 101 9.31 43.13 10.42
C GLU D 101 9.39 44.27 11.43
N ASN D 102 10.61 44.67 11.82
CA ASN D 102 10.78 45.76 12.76
C ASN D 102 10.19 47.05 12.19
N LEU D 103 9.11 47.55 12.80
CA LEU D 103 8.39 48.69 12.23
C LEU D 103 9.12 50.00 12.48
N GLU D 104 9.75 50.15 13.65
CA GLU D 104 10.46 51.37 13.98
C GLU D 104 11.60 51.62 13.00
N ILE D 105 12.35 50.55 12.68
CA ILE D 105 13.45 50.67 11.72
C ILE D 105 12.92 51.04 10.35
N ILE D 106 11.79 50.44 9.94
CA ILE D 106 11.21 50.76 8.65
C ILE D 106 10.78 52.22 8.59
N GLU D 107 10.16 52.72 9.66
CA GLU D 107 9.77 54.12 9.72
C GLU D 107 10.99 55.04 9.64
N LEU D 108 12.04 54.71 10.39
CA LEU D 108 13.24 55.54 10.39
C LEU D 108 13.88 55.57 9.01
N LEU D 109 13.97 54.41 8.35
CA LEU D 109 14.58 54.36 7.03
C LEU D 109 13.74 55.11 6.00
N LEU D 110 12.42 54.91 6.02
CA LEU D 110 11.54 55.57 5.07
C LEU D 110 11.42 57.06 5.34
N SER D 111 11.79 57.53 6.52
CA SER D 111 11.80 58.96 6.78
C SER D 111 12.76 59.68 5.85
N PHE D 112 13.94 59.10 5.63
CA PHE D 112 14.89 59.66 4.68
C PHE D 112 14.53 59.25 3.26
N ASN D 113 15.32 59.73 2.30
CA ASN D 113 15.11 59.44 0.88
C ASN D 113 15.88 58.17 0.52
N VAL D 114 15.21 57.03 0.66
CA VAL D 114 15.80 55.73 0.35
C VAL D 114 15.02 55.10 -0.79
N TYR D 115 15.75 54.47 -1.71
CA TYR D 115 15.12 53.84 -2.87
C TYR D 115 14.35 52.61 -2.44
N VAL D 116 13.11 52.50 -2.89
CA VAL D 116 12.23 51.40 -2.52
C VAL D 116 12.24 50.28 -3.56
N GLY D 117 12.22 50.65 -4.84
CA GLY D 117 12.22 49.64 -5.89
C GLY D 117 10.98 48.78 -5.82
N ASP D 118 11.17 47.49 -5.52
CA ASP D 118 10.09 46.53 -5.40
C ASP D 118 9.93 46.03 -3.97
N ALA D 119 10.13 46.91 -2.98
CA ALA D 119 9.97 46.50 -1.59
C ALA D 119 8.51 46.24 -1.25
N LEU D 120 7.58 46.86 -1.97
CA LEU D 120 6.16 46.62 -1.74
C LEU D 120 5.80 45.17 -2.00
N LEU D 121 6.30 44.60 -3.10
CA LEU D 121 6.01 43.21 -3.41
C LEU D 121 6.64 42.27 -2.39
N HIS D 122 7.85 42.59 -1.93
CA HIS D 122 8.50 41.77 -0.90
C HIS D 122 7.70 41.81 0.40
N ALA D 123 7.21 42.99 0.78
CA ALA D 123 6.39 43.09 1.99
C ALA D 123 5.08 42.33 1.84
N ILE D 124 4.46 42.40 0.66
CA ILE D 124 3.21 41.67 0.43
C ILE D 124 3.45 40.16 0.54
N ARG D 125 4.52 39.67 -0.08
CA ARG D 125 4.82 38.25 -0.02
C ARG D 125 5.20 37.81 1.38
N LYS D 126 5.89 38.66 2.14
CA LYS D 126 6.30 38.33 3.50
C LYS D 126 5.15 38.34 4.50
N GLU D 127 3.96 38.79 4.09
CA GLU D 127 2.78 38.82 4.96
C GLU D 127 2.99 39.73 6.16
N VAL D 128 3.47 40.94 5.91
CA VAL D 128 3.65 41.96 6.94
C VAL D 128 2.66 43.08 6.67
N VAL D 129 1.62 43.16 7.51
CA VAL D 129 0.58 44.15 7.31
C VAL D 129 1.11 45.56 7.60
N GLY D 130 1.92 45.70 8.64
CA GLY D 130 2.46 47.01 8.96
C GLY D 130 3.35 47.58 7.88
N ALA D 131 4.22 46.74 7.31
CA ALA D 131 5.13 47.20 6.26
C ALA D 131 4.36 47.64 5.02
N VAL D 132 3.38 46.85 4.59
CA VAL D 132 2.61 47.24 3.41
C VAL D 132 1.77 48.47 3.69
N GLU D 133 1.26 48.60 4.91
CA GLU D 133 0.50 49.81 5.27
C GLU D 133 1.40 51.04 5.20
N LEU D 134 2.63 50.94 5.70
CA LEU D 134 3.56 52.06 5.62
C LEU D 134 3.94 52.36 4.17
N LEU D 135 4.15 51.32 3.36
CA LEU D 135 4.62 51.53 1.99
C LEU D 135 3.54 52.07 1.08
N LEU D 136 2.27 51.70 1.31
CA LEU D 136 1.20 52.15 0.43
C LEU D 136 1.05 53.66 0.46
N ASN D 137 1.12 54.26 1.64
CA ASN D 137 1.04 55.71 1.80
C ASN D 137 2.42 56.21 2.17
N HIS D 138 3.24 56.48 1.15
CA HIS D 138 4.61 56.94 1.36
C HIS D 138 5.17 57.56 0.09
N GLN D 155 19.42 46.16 -13.72
CA GLN D 155 18.08 45.64 -13.54
C GLN D 155 18.10 44.23 -12.96
N PHE D 156 17.46 44.05 -11.81
CA PHE D 156 17.36 42.73 -11.18
C PHE D 156 16.20 42.75 -10.20
N SER D 157 15.18 41.93 -10.47
CA SER D 157 14.03 41.81 -9.60
C SER D 157 13.71 40.34 -9.39
N ASP D 158 13.07 40.04 -8.27
CA ASP D 158 12.75 38.66 -7.90
C ASP D 158 11.38 38.21 -8.40
N PHE D 159 10.66 39.07 -9.11
CA PHE D 159 9.32 38.75 -9.62
C PHE D 159 9.28 39.00 -11.12
N THR D 160 8.51 38.17 -11.82
CA THR D 160 8.33 38.35 -13.25
C THR D 160 7.65 39.69 -13.53
N PRO D 161 7.96 40.32 -14.67
CA PRO D 161 7.43 41.67 -14.92
C PRO D 161 5.96 41.67 -15.34
N ASP D 162 5.12 40.91 -14.65
CA ASP D 162 3.69 40.93 -14.90
C ASP D 162 2.90 40.89 -13.59
N ILE D 163 3.59 40.55 -12.50
CA ILE D 163 2.94 40.41 -11.19
C ILE D 163 2.70 41.78 -10.57
N THR D 164 1.45 42.22 -10.57
CA THR D 164 1.07 43.44 -9.88
C THR D 164 0.82 43.14 -8.40
N PRO D 165 0.83 44.18 -7.54
CA PRO D 165 0.61 43.91 -6.11
C PRO D 165 -0.71 43.22 -5.80
N ILE D 166 -1.77 43.52 -6.54
CA ILE D 166 -3.05 42.86 -6.29
C ILE D 166 -2.96 41.37 -6.61
N ILE D 167 -2.31 41.02 -7.72
CA ILE D 167 -2.17 39.61 -8.10
C ILE D 167 -1.33 38.88 -7.07
N LEU D 168 -0.23 39.49 -6.61
CA LEU D 168 0.61 38.85 -5.60
C LEU D 168 -0.15 38.67 -4.29
N ALA D 169 -0.94 39.67 -3.90
CA ALA D 169 -1.72 39.57 -2.68
C ALA D 169 -2.75 38.45 -2.79
N ALA D 170 -3.40 38.33 -3.95
CA ALA D 170 -4.35 37.24 -4.16
C ALA D 170 -3.64 35.89 -4.11
N HIS D 171 -2.41 35.82 -4.64
CA HIS D 171 -1.62 34.61 -4.52
C HIS D 171 -1.36 34.26 -3.05
N THR D 172 -0.99 35.26 -2.26
CA THR D 172 -0.73 35.02 -0.84
C THR D 172 -2.00 34.68 -0.06
N ASN D 173 -3.17 35.10 -0.56
CA ASN D 173 -4.46 34.77 0.04
C ASN D 173 -4.55 35.30 1.48
N ASN D 174 -4.42 36.61 1.61
CA ASN D 174 -4.54 37.30 2.89
C ASN D 174 -5.70 38.27 2.82
N TYR D 175 -6.58 38.22 3.81
CA TYR D 175 -7.80 39.02 3.77
C TYR D 175 -7.51 40.51 3.93
N GLU D 176 -6.64 40.88 4.87
CA GLU D 176 -6.44 42.29 5.19
C GLU D 176 -5.69 43.01 4.09
N ILE D 177 -4.63 42.40 3.55
CA ILE D 177 -3.84 43.06 2.51
C ILE D 177 -4.67 43.25 1.24
N ILE D 178 -5.44 42.24 0.87
CA ILE D 178 -6.33 42.36 -0.29
C ILE D 178 -7.38 43.44 -0.04
N LYS D 179 -7.90 43.52 1.19
CA LYS D 179 -8.85 44.57 1.55
C LYS D 179 -8.23 45.95 1.33
N MET D 180 -7.02 46.14 1.84
CA MET D 180 -6.34 47.43 1.71
C MET D 180 -6.08 47.78 0.25
N LEU D 181 -5.65 46.79 -0.54
CA LEU D 181 -5.38 47.05 -1.95
C LEU D 181 -6.65 47.38 -2.72
N VAL D 182 -7.76 46.69 -2.43
CA VAL D 182 -9.01 46.94 -3.14
C VAL D 182 -9.57 48.30 -2.75
N GLN D 183 -9.44 48.68 -1.47
CA GLN D 183 -9.95 49.98 -1.04
C GLN D 183 -9.23 51.12 -1.76
N LYS D 184 -7.92 50.97 -2.00
CA LYS D 184 -7.20 51.95 -2.81
C LYS D 184 -7.74 52.00 -4.23
N GLY D 185 -8.08 50.84 -4.80
CA GLY D 185 -8.58 50.78 -6.15
C GLY D 185 -7.64 50.07 -7.10
N VAL D 186 -7.94 48.81 -7.41
CA VAL D 186 -7.13 48.00 -8.30
C VAL D 186 -8.05 47.30 -9.30
N SER D 187 -7.44 46.67 -10.30
CA SER D 187 -8.21 45.97 -11.34
C SER D 187 -7.30 44.94 -11.99
N VAL D 188 -7.63 43.66 -11.80
CA VAL D 188 -6.89 42.59 -12.46
C VAL D 188 -7.32 42.55 -13.92
N PRO D 189 -6.46 42.08 -14.84
CA PRO D 189 -6.85 42.04 -16.26
C PRO D 189 -7.89 40.97 -16.55
N GLN D 190 -8.32 40.89 -17.81
CA GLN D 190 -9.29 39.89 -18.23
C GLN D 190 -8.56 38.79 -18.99
N PRO D 191 -8.60 37.54 -18.52
CA PRO D 191 -7.92 36.47 -19.25
C PRO D 191 -8.54 36.24 -20.61
N HIS D 192 -7.71 35.83 -21.55
CA HIS D 192 -8.15 35.62 -22.92
C HIS D 192 -7.62 34.30 -23.48
N VAL D 207 3.19 36.34 -29.10
CA VAL D 207 4.52 36.20 -29.67
C VAL D 207 5.43 35.44 -28.71
N ASP D 208 5.72 36.04 -27.56
CA ASP D 208 6.54 35.41 -26.54
C ASP D 208 5.71 34.33 -25.86
N SER D 209 5.87 33.08 -26.33
CA SER D 209 5.02 32.00 -25.85
C SER D 209 5.23 31.73 -24.36
N LEU D 210 6.48 31.73 -23.91
CA LEU D 210 6.75 31.46 -22.50
C LEU D 210 6.17 32.55 -21.61
N ARG D 211 6.27 33.81 -22.04
CA ARG D 211 5.66 34.90 -21.29
C ARG D 211 4.15 34.76 -21.24
N HIS D 212 3.52 34.40 -22.37
CA HIS D 212 2.07 34.35 -22.44
C HIS D 212 1.48 33.18 -21.67
N SER D 213 2.27 32.12 -21.42
CA SER D 213 1.74 30.97 -20.69
C SER D 213 1.86 31.17 -19.18
N ARG D 214 2.82 31.98 -18.74
CA ARG D 214 2.93 32.33 -17.33
C ARG D 214 2.31 33.72 -17.07
N SER D 215 1.40 34.10 -17.96
CA SER D 215 0.65 35.34 -17.81
C SER D 215 -0.86 35.12 -17.73
N ARG D 216 -1.36 33.95 -18.12
CA ARG D 216 -2.75 33.59 -17.88
C ARG D 216 -2.91 32.65 -16.69
N LEU D 217 -1.86 31.90 -16.34
CA LEU D 217 -1.92 31.05 -15.15
C LEU D 217 -1.80 31.87 -13.88
N ASN D 218 -1.06 32.97 -13.91
CA ASN D 218 -1.00 33.86 -12.77
C ASN D 218 -2.34 34.57 -12.55
N ILE D 219 -3.03 34.91 -13.63
CA ILE D 219 -4.32 35.57 -13.51
C ILE D 219 -5.35 34.63 -12.89
N TYR D 220 -5.39 33.38 -13.35
CA TYR D 220 -6.39 32.45 -12.85
C TYR D 220 -6.10 32.01 -11.42
N LYS D 221 -4.85 32.10 -10.97
CA LYS D 221 -4.57 31.83 -9.57
C LYS D 221 -5.04 32.96 -8.68
N ALA D 222 -5.03 34.19 -9.20
CA ALA D 222 -5.57 35.33 -8.45
C ALA D 222 -7.09 35.28 -8.41
N LEU D 223 -7.73 34.91 -9.51
CA LEU D 223 -9.19 34.87 -9.60
C LEU D 223 -9.80 33.74 -8.79
N ALA D 224 -9.03 32.69 -8.46
CA ALA D 224 -9.56 31.53 -7.77
C ALA D 224 -9.19 31.52 -6.29
N SER D 225 -8.83 32.67 -5.73
CA SER D 225 -8.52 32.75 -4.31
C SER D 225 -9.79 33.01 -3.51
N PRO D 226 -10.06 32.20 -2.46
CA PRO D 226 -11.32 32.39 -1.71
C PRO D 226 -11.46 33.77 -1.11
N SER D 227 -10.37 34.41 -0.70
CA SER D 227 -10.48 35.71 -0.06
C SER D 227 -10.93 36.79 -1.04
N LEU D 228 -10.46 36.71 -2.29
CA LEU D 228 -10.86 37.70 -3.28
C LEU D 228 -12.28 37.43 -3.78
N ILE D 229 -12.66 36.16 -3.92
CA ILE D 229 -14.01 35.83 -4.37
C ILE D 229 -15.04 36.26 -3.32
N ALA D 230 -14.76 36.00 -2.05
CA ALA D 230 -15.69 36.35 -0.98
C ALA D 230 -15.77 37.85 -0.73
N LEU D 231 -14.89 38.64 -1.34
CA LEU D 231 -14.82 40.08 -1.08
C LEU D 231 -15.33 40.94 -2.22
N SER D 232 -15.16 40.53 -3.46
CA SER D 232 -15.50 41.35 -4.62
C SER D 232 -16.26 40.55 -5.66
N SER D 233 -17.23 39.76 -5.21
CA SER D 233 -18.11 39.02 -6.12
C SER D 233 -19.55 39.18 -5.65
N GLU D 234 -20.46 39.39 -6.59
CA GLU D 234 -21.87 39.56 -6.23
C GLU D 234 -22.47 38.24 -5.73
N ASP D 235 -22.08 37.12 -6.33
CA ASP D 235 -22.58 35.81 -5.93
C ASP D 235 -21.41 34.83 -5.93
N PRO D 236 -20.85 34.53 -4.76
CA PRO D 236 -19.72 33.59 -4.71
C PRO D 236 -20.07 32.17 -5.13
N PHE D 237 -21.35 31.78 -5.05
CA PHE D 237 -21.74 30.44 -5.48
C PHE D 237 -21.65 30.30 -6.98
N LEU D 238 -22.20 31.26 -7.72
CA LEU D 238 -22.14 31.21 -9.18
C LEU D 238 -20.71 31.33 -9.67
N THR D 239 -19.93 32.25 -9.08
CA THR D 239 -18.56 32.46 -9.53
C THR D 239 -17.63 31.31 -9.14
N ALA D 240 -18.06 30.41 -8.28
CA ALA D 240 -17.29 29.21 -7.98
C ALA D 240 -17.61 28.06 -8.93
N PHE D 241 -18.86 27.96 -9.38
CA PHE D 241 -19.23 26.91 -10.32
C PHE D 241 -18.62 27.17 -11.69
N GLN D 242 -18.72 28.41 -12.17
CA GLN D 242 -18.29 28.73 -13.53
C GLN D 242 -16.76 28.80 -13.62
N LEU D 243 -16.10 29.24 -12.56
CA LEU D 243 -14.64 29.34 -12.59
C LEU D 243 -14.00 27.96 -12.63
N SER D 244 -14.52 27.01 -11.86
CA SER D 244 -13.97 25.66 -11.88
C SER D 244 -14.24 24.97 -13.22
N TRP D 245 -15.32 25.33 -13.90
CA TRP D 245 -15.61 24.76 -15.22
C TRP D 245 -14.63 25.27 -16.26
N GLU D 246 -14.35 26.57 -16.25
CA GLU D 246 -13.40 27.13 -17.22
C GLU D 246 -12.00 26.60 -17.00
N LEU D 247 -11.59 26.46 -15.74
CA LEU D 247 -10.27 25.92 -15.44
C LEU D 247 -10.17 24.45 -15.86
N GLN D 248 -11.23 23.68 -15.65
CA GLN D 248 -11.20 22.27 -16.01
C GLN D 248 -11.03 22.09 -17.52
N GLU D 249 -11.77 22.87 -18.32
CA GLU D 249 -11.61 22.79 -19.77
C GLU D 249 -10.25 23.29 -20.21
N LEU D 250 -9.72 24.31 -19.55
CA LEU D 250 -8.41 24.84 -19.90
C LEU D 250 -7.31 23.83 -19.64
N SER D 251 -7.52 22.89 -18.72
CA SER D 251 -6.51 21.87 -18.46
C SER D 251 -6.33 20.93 -19.65
N LYS D 252 -7.32 20.84 -20.53
CA LYS D 252 -7.19 19.98 -21.71
C LYS D 252 -6.38 20.66 -22.81
N VAL D 253 -6.79 21.86 -23.21
CA VAL D 253 -6.06 22.61 -24.24
C VAL D 253 -5.01 23.43 -23.49
N GLU D 254 -3.91 22.75 -23.14
CA GLU D 254 -2.78 23.25 -22.35
C GLU D 254 -2.08 22.04 -21.74
N ASN D 255 -1.62 21.12 -22.59
CA ASN D 255 -1.14 19.83 -22.11
C ASN D 255 0.06 19.97 -21.18
N GLU D 256 0.90 20.98 -21.41
CA GLU D 256 2.10 21.15 -20.59
C GLU D 256 1.75 21.53 -19.16
N PHE D 257 0.83 22.48 -18.99
CA PHE D 257 0.41 22.92 -17.67
C PHE D 257 -0.91 22.23 -17.31
N LYS D 258 -0.83 20.91 -17.15
CA LYS D 258 -2.02 20.14 -16.82
C LYS D 258 -2.23 20.01 -15.31
N ALA D 259 -1.17 19.73 -14.57
CA ALA D 259 -1.32 19.52 -13.13
C ALA D 259 -1.68 20.80 -12.41
N GLU D 260 -1.24 21.95 -12.92
CA GLU D 260 -1.51 23.21 -12.24
C GLU D 260 -2.96 23.63 -12.39
N TYR D 261 -3.53 23.50 -13.59
CA TYR D 261 -4.92 23.90 -13.80
C TYR D 261 -5.89 22.97 -13.07
N GLU D 262 -5.60 21.67 -13.06
CA GLU D 262 -6.51 20.72 -12.40
C GLU D 262 -6.55 20.90 -10.89
N GLU D 263 -5.48 21.43 -10.29
CA GLU D 263 -5.50 21.66 -8.84
C GLU D 263 -6.33 22.89 -8.50
N LEU D 264 -6.34 23.89 -9.38
CA LEU D 264 -7.18 25.06 -9.15
C LEU D 264 -8.66 24.69 -9.20
N SER D 265 -9.04 23.81 -10.12
CA SER D 265 -10.43 23.38 -10.21
C SER D 265 -10.88 22.68 -8.93
N HIS D 266 -10.04 21.80 -8.40
CA HIS D 266 -10.38 21.13 -7.14
C HIS D 266 -10.36 22.11 -5.97
N GLN D 267 -9.62 23.21 -6.11
CA GLN D 267 -9.62 24.23 -5.06
C GLN D 267 -10.94 24.99 -5.04
N CYS D 268 -11.52 25.25 -6.21
CA CYS D 268 -12.79 25.97 -6.28
C CYS D 268 -13.98 25.11 -5.87
N LYS D 269 -13.88 23.80 -6.03
CA LYS D 269 -14.99 22.93 -5.62
C LYS D 269 -15.11 22.84 -4.11
N HIS D 270 -13.99 22.88 -3.38
CA HIS D 270 -14.05 22.85 -1.93
C HIS D 270 -14.51 24.17 -1.34
N PHE D 271 -14.35 25.28 -2.07
CA PHE D 271 -14.80 26.57 -1.57
C PHE D 271 -16.30 26.60 -1.40
N ALA D 272 -17.04 26.09 -2.39
CA ALA D 272 -18.50 26.05 -2.29
C ALA D 272 -18.95 25.11 -1.17
N LYS D 273 -18.26 23.98 -1.02
CA LYS D 273 -18.57 23.06 0.08
C LYS D 273 -18.36 23.74 1.43
N ASP D 274 -17.24 24.45 1.60
CA ASP D 274 -16.97 25.13 2.86
C ASP D 274 -17.96 26.24 3.12
N LEU D 275 -18.35 26.98 2.08
CA LEU D 275 -19.32 28.07 2.26
C LEU D 275 -20.72 27.52 2.57
N LEU D 276 -21.05 26.34 2.04
CA LEU D 276 -22.34 25.74 2.33
C LEU D 276 -22.42 25.18 3.75
N ASP D 277 -21.29 24.80 4.33
CA ASP D 277 -21.28 24.20 5.66
C ASP D 277 -21.63 25.19 6.77
N GLN D 278 -21.73 26.48 6.46
CA GLN D 278 -21.99 27.52 7.46
C GLN D 278 -23.47 27.84 7.58
N THR D 279 -24.34 26.85 7.36
CA THR D 279 -25.78 27.01 7.51
C THR D 279 -26.21 26.36 8.82
N ARG D 280 -26.99 27.10 9.62
CA ARG D 280 -27.35 26.67 10.96
C ARG D 280 -28.83 26.34 11.12
N SER D 281 -29.60 26.37 10.03
CA SER D 281 -31.02 26.03 10.11
C SER D 281 -31.48 25.54 8.75
N SER D 282 -32.60 24.80 8.76
CA SER D 282 -33.15 24.29 7.51
C SER D 282 -33.78 25.39 6.67
N ARG D 283 -34.23 26.49 7.31
CA ARG D 283 -34.75 27.61 6.54
C ARG D 283 -33.66 28.24 5.69
N GLU D 284 -32.46 28.41 6.24
CA GLU D 284 -31.37 29.01 5.48
C GLU D 284 -30.89 28.08 4.36
N LEU D 285 -31.02 26.77 4.54
CA LEU D 285 -30.59 25.84 3.50
C LEU D 285 -31.55 25.84 2.32
N GLU D 286 -32.86 25.88 2.59
CA GLU D 286 -33.84 25.89 1.51
C GLU D 286 -33.81 27.18 0.70
N LEU D 287 -33.34 28.28 1.28
CA LEU D 287 -33.23 29.53 0.53
C LEU D 287 -32.07 29.51 -0.45
N ILE D 288 -31.06 28.67 -0.21
CA ILE D 288 -29.91 28.61 -1.12
C ILE D 288 -30.20 27.69 -2.29
N LEU D 289 -30.75 26.50 -2.02
CA LEU D 289 -30.96 25.50 -3.07
C LEU D 289 -32.11 25.85 -3.99
N ASN D 290 -33.12 26.56 -3.50
CA ASN D 290 -34.31 26.88 -4.29
C ASN D 290 -34.25 28.27 -4.90
N PHE D 291 -33.08 28.92 -4.88
CA PHE D 291 -32.97 30.26 -5.42
C PHE D 291 -33.12 30.27 -6.93
N ARG D 292 -33.83 31.29 -7.43
CA ARG D 292 -34.07 31.47 -8.86
C ARG D 292 -34.71 30.25 -9.50
N ASN D 304 -37.94 24.52 -10.99
CA ASN D 304 -38.62 25.28 -9.95
C ASN D 304 -38.03 24.95 -8.58
N GLU D 305 -38.59 23.94 -7.92
CA GLU D 305 -38.06 23.50 -6.64
C GLU D 305 -36.67 22.93 -6.82
N LEU D 306 -35.77 23.25 -5.87
CA LEU D 306 -34.37 22.84 -5.92
C LEU D 306 -33.72 23.31 -7.23
N ALA D 307 -33.89 24.59 -7.53
CA ALA D 307 -33.41 25.13 -8.80
C ALA D 307 -31.88 25.16 -8.85
N ARG D 308 -31.24 25.61 -7.77
CA ARG D 308 -29.78 25.66 -7.74
C ARG D 308 -29.16 24.29 -7.51
N LEU D 309 -29.86 23.38 -6.86
CA LEU D 309 -29.34 22.03 -6.67
C LEU D 309 -29.21 21.31 -8.01
N LYS D 310 -30.11 21.59 -8.96
CA LYS D 310 -29.98 21.02 -10.30
C LYS D 310 -28.87 21.70 -11.07
N LEU D 311 -28.58 22.96 -10.77
CA LEU D 311 -27.48 23.65 -11.43
C LEU D 311 -26.13 23.14 -10.95
N ALA D 312 -26.04 22.73 -9.67
CA ALA D 312 -24.81 22.15 -9.15
C ALA D 312 -24.49 20.79 -9.75
N ILE D 313 -25.47 20.14 -10.39
CA ILE D 313 -25.20 18.88 -11.06
C ILE D 313 -24.79 19.09 -12.51
N LYS D 314 -25.31 20.14 -13.17
CA LYS D 314 -24.88 20.45 -14.53
C LYS D 314 -23.40 20.85 -14.57
N TYR D 315 -22.87 21.37 -13.46
CA TYR D 315 -21.46 21.75 -13.38
C TYR D 315 -20.62 20.68 -12.68
N ARG D 316 -21.21 19.53 -12.34
CA ARG D 316 -20.50 18.41 -11.73
C ARG D 316 -19.81 18.83 -10.43
N GLN D 317 -20.60 19.33 -9.49
CA GLN D 317 -20.10 19.70 -8.17
C GLN D 317 -20.41 18.56 -7.20
N LYS D 318 -19.55 17.54 -7.22
CA LYS D 318 -19.80 16.35 -6.43
C LYS D 318 -19.69 16.64 -4.94
N GLU D 319 -18.78 17.54 -4.55
CA GLU D 319 -18.61 17.86 -3.13
C GLU D 319 -19.79 18.66 -2.60
N PHE D 320 -20.32 19.58 -3.42
CA PHE D 320 -21.47 20.38 -3.01
C PHE D 320 -22.70 19.52 -2.78
N VAL D 321 -22.95 18.56 -3.67
CA VAL D 321 -24.17 17.75 -3.59
C VAL D 321 -24.10 16.80 -2.40
N ALA D 322 -22.94 16.24 -2.12
CA ALA D 322 -22.80 15.17 -1.13
C ALA D 322 -22.60 15.72 0.28
N GLN D 323 -23.13 16.91 0.53
CA GLN D 323 -23.08 17.48 1.87
C GLN D 323 -24.11 16.81 2.77
N PRO D 324 -23.78 16.56 4.05
CA PRO D 324 -24.75 15.86 4.91
C PRO D 324 -26.11 16.54 5.01
N ASN D 325 -26.16 17.87 4.99
CA ASN D 325 -27.43 18.57 5.03
C ASN D 325 -28.22 18.42 3.73
N CYS D 326 -27.54 18.49 2.58
CA CYS D 326 -28.18 18.28 1.30
C CYS D 326 -28.59 16.84 1.08
N GLN D 327 -28.06 15.90 1.86
CA GLN D 327 -28.49 14.51 1.81
C GLN D 327 -29.58 14.19 2.82
N GLN D 328 -29.67 14.95 3.92
CA GLN D 328 -30.78 14.79 4.84
C GLN D 328 -32.03 15.50 4.33
N LEU D 329 -31.87 16.59 3.58
CA LEU D 329 -33.03 17.26 2.99
C LEU D 329 -33.67 16.40 1.91
N LEU D 330 -32.85 15.79 1.06
CA LEU D 330 -33.39 15.00 -0.06
C LEU D 330 -34.07 13.74 0.44
N ALA D 331 -33.57 13.15 1.54
CA ALA D 331 -34.16 11.94 2.09
C ALA D 331 -35.59 12.16 2.59
N SER D 332 -35.90 13.34 3.12
CA SER D 332 -37.25 13.66 3.59
C SER D 332 -38.22 13.88 2.45
N ARG D 333 -37.75 14.33 1.29
CA ARG D 333 -38.57 14.36 0.09
C ARG D 333 -38.73 13.00 -0.56
N TRP D 334 -37.70 12.15 -0.45
CA TRP D 334 -37.75 10.82 -1.05
C TRP D 334 -38.71 9.92 -0.28
N TYR D 335 -38.44 9.69 1.00
CA TYR D 335 -39.33 8.84 1.78
C TYR D 335 -40.66 9.52 2.07
N ASP D 336 -40.67 10.84 2.21
CA ASP D 336 -41.88 11.62 2.42
C ASP D 336 -42.68 11.11 3.62
N ARG D 344 -36.31 0.34 11.47
CA ARG D 344 -36.94 -0.87 10.98
C ARG D 344 -35.89 -1.87 10.50
N HIS D 345 -36.09 -3.14 10.82
CA HIS D 345 -35.16 -4.18 10.43
C HIS D 345 -35.34 -4.55 8.96
N TRP D 346 -34.42 -5.37 8.45
CA TRP D 346 -34.40 -5.69 7.02
C TRP D 346 -35.64 -6.49 6.62
N ALA D 347 -35.99 -7.51 7.40
CA ALA D 347 -37.17 -8.31 7.09
C ALA D 347 -38.41 -7.75 7.80
N GLY D 348 -38.56 -6.44 7.73
CA GLY D 348 -39.80 -5.77 8.03
C GLY D 348 -40.02 -4.73 6.96
N LYS D 349 -38.95 -4.49 6.19
CA LYS D 349 -38.97 -3.58 5.05
C LYS D 349 -38.99 -4.30 3.72
N LEU D 350 -38.32 -5.47 3.62
CA LEU D 350 -38.38 -6.23 2.39
C LEU D 350 -39.81 -6.69 2.08
N ILE D 351 -40.51 -7.17 3.12
CA ILE D 351 -41.90 -7.59 2.93
C ILE D 351 -42.77 -6.40 2.55
N THR D 352 -42.54 -5.25 3.19
CA THR D 352 -43.30 -4.05 2.86
C THR D 352 -43.07 -3.64 1.41
N CYS D 353 -41.82 -3.69 0.95
CA CYS D 353 -41.51 -3.31 -0.42
C CYS D 353 -42.15 -4.27 -1.42
N VAL D 354 -42.05 -5.58 -1.15
CA VAL D 354 -42.64 -6.52 -2.10
C VAL D 354 -44.16 -6.40 -2.11
N PHE D 355 -44.78 -6.12 -0.96
CA PHE D 355 -46.23 -5.95 -0.93
C PHE D 355 -46.65 -4.68 -1.66
N ILE D 356 -45.94 -3.58 -1.45
CA ILE D 356 -46.32 -2.33 -2.12
C ILE D 356 -46.03 -2.40 -3.62
N GLY D 357 -45.08 -3.23 -4.04
CA GLY D 357 -44.88 -3.47 -5.46
C GLY D 357 -45.74 -4.56 -6.04
N LEU D 358 -46.47 -5.31 -5.20
CA LEU D 358 -47.29 -6.40 -5.69
C LEU D 358 -48.49 -5.89 -6.50
N MET D 359 -49.03 -4.73 -6.13
CA MET D 359 -50.26 -4.27 -6.75
C MET D 359 -50.10 -2.92 -7.44
N PHE D 360 -49.03 -2.77 -8.23
CA PHE D 360 -48.86 -1.53 -8.98
C PHE D 360 -50.01 -1.23 -9.96
N PRO D 361 -50.61 -2.20 -10.68
CA PRO D 361 -51.69 -1.81 -11.62
C PRO D 361 -52.87 -1.18 -10.92
N LEU D 362 -53.19 -1.61 -9.70
CA LEU D 362 -54.29 -1.02 -8.93
C LEU D 362 -54.03 0.46 -8.69
N LEU D 363 -52.83 0.79 -8.21
CA LEU D 363 -52.49 2.18 -7.95
C LEU D 363 -52.46 2.99 -9.25
N SER D 364 -51.96 2.39 -10.33
CA SER D 364 -51.93 3.08 -11.61
C SER D 364 -53.34 3.38 -12.12
N LEU D 365 -54.26 2.45 -11.95
CA LEU D 365 -55.65 2.68 -12.35
C LEU D 365 -56.29 3.77 -11.48
N CYS D 366 -56.07 3.69 -10.16
CA CYS D 366 -56.64 4.67 -9.25
C CYS D 366 -56.10 6.06 -9.50
N TYR D 367 -54.85 6.17 -9.95
CA TYR D 367 -54.29 7.48 -10.30
C TYR D 367 -55.00 8.12 -11.47
N LEU D 368 -55.64 7.32 -12.34
CA LEU D 368 -56.29 7.85 -13.53
C LEU D 368 -57.81 7.84 -13.44
N VAL D 369 -58.39 7.16 -12.44
CA VAL D 369 -59.83 7.11 -12.30
C VAL D 369 -60.34 7.85 -11.06
N ALA D 370 -59.53 7.98 -10.00
CA ALA D 370 -59.96 8.66 -8.80
C ALA D 370 -58.75 9.22 -8.04
N PRO D 371 -58.07 10.22 -8.59
CA PRO D 371 -56.82 10.68 -7.96
C PRO D 371 -56.99 11.81 -6.95
N LYS D 372 -57.83 11.63 -5.93
CA LYS D 372 -58.00 12.76 -5.01
C LYS D 372 -57.10 12.66 -3.79
N SER D 373 -57.36 11.71 -2.89
CA SER D 373 -56.50 11.53 -1.73
C SER D 373 -55.98 10.11 -1.55
N ARG D 374 -56.92 9.16 -1.45
CA ARG D 374 -56.65 7.83 -0.88
C ARG D 374 -55.64 7.01 -1.68
N TYR D 375 -55.87 6.84 -2.98
CA TYR D 375 -55.03 5.95 -3.77
C TYR D 375 -54.67 6.60 -5.09
N GLY D 376 -54.81 7.92 -5.18
CA GLY D 376 -54.51 8.63 -6.40
C GLY D 376 -53.24 9.44 -6.31
N LEU D 377 -52.90 9.86 -5.10
CA LEU D 377 -51.65 10.58 -4.83
C LEU D 377 -50.69 9.70 -4.04
N PHE D 378 -51.03 8.41 -3.93
CA PHE D 378 -50.15 7.47 -3.27
C PHE D 378 -49.02 7.00 -4.19
N ILE D 379 -49.17 7.23 -5.50
CA ILE D 379 -48.13 6.87 -6.46
C ILE D 379 -47.35 8.14 -6.79
N ARG D 380 -47.62 9.22 -6.07
CA ARG D 380 -46.91 10.47 -6.26
C ARG D 380 -45.70 10.62 -5.35
N LYS D 381 -45.63 9.88 -4.25
CA LYS D 381 -44.43 9.83 -3.45
C LYS D 381 -43.30 9.19 -4.25
N PRO D 382 -42.13 9.82 -4.33
CA PRO D 382 -41.06 9.26 -5.20
C PRO D 382 -40.64 7.86 -4.82
N PHE D 383 -40.63 7.52 -3.53
CA PHE D 383 -40.22 6.18 -3.12
C PHE D 383 -41.21 5.13 -3.63
N ILE D 384 -42.51 5.41 -3.53
CA ILE D 384 -43.51 4.48 -4.04
C ILE D 384 -43.46 4.40 -5.56
N LYS D 385 -43.24 5.54 -6.22
CA LYS D 385 -43.13 5.55 -7.67
C LYS D 385 -41.95 4.72 -8.15
N PHE D 386 -40.83 4.78 -7.43
CA PHE D 386 -39.66 3.99 -7.80
C PHE D 386 -39.96 2.50 -7.70
N ILE D 387 -40.67 2.08 -6.65
CA ILE D 387 -40.98 0.67 -6.48
C ILE D 387 -41.93 0.19 -7.57
N CYS D 388 -42.94 1.00 -7.89
CA CYS D 388 -43.90 0.62 -8.93
C CYS D 388 -43.22 0.49 -10.29
N HIS D 389 -42.31 1.42 -10.61
CA HIS D 389 -41.58 1.32 -11.88
C HIS D 389 -40.67 0.11 -11.91
N THR D 390 -40.10 -0.28 -10.77
CA THR D 390 -39.27 -1.46 -10.72
C THR D 390 -40.10 -2.74 -10.88
N ALA D 391 -41.28 -2.78 -10.26
CA ALA D 391 -42.13 -3.95 -10.36
C ALA D 391 -42.62 -4.19 -11.78
N SER D 392 -42.80 -3.11 -12.55
CA SER D 392 -43.18 -3.27 -13.95
C SER D 392 -42.03 -3.83 -14.77
N TYR D 393 -40.79 -3.43 -14.46
CA TYR D 393 -39.65 -3.96 -15.20
C TYR D 393 -39.42 -5.43 -14.89
N LEU D 394 -39.66 -5.85 -13.65
CA LEU D 394 -39.51 -7.26 -13.31
C LEU D 394 -40.58 -8.11 -13.99
N THR D 395 -41.79 -7.58 -14.15
CA THR D 395 -42.82 -8.31 -14.87
C THR D 395 -42.49 -8.41 -16.35
N PHE D 396 -41.81 -7.40 -16.91
CA PHE D 396 -41.38 -7.47 -18.30
C PHE D 396 -40.36 -8.58 -18.50
N LEU D 397 -39.43 -8.74 -17.57
CA LEU D 397 -38.45 -9.82 -17.67
C LEU D 397 -39.11 -11.18 -17.53
N PHE D 398 -40.13 -11.27 -16.67
CA PHE D 398 -40.85 -12.52 -16.50
C PHE D 398 -41.62 -12.94 -17.75
N LEU D 399 -42.00 -11.98 -18.60
CA LEU D 399 -42.62 -12.31 -19.88
C LEU D 399 -41.59 -12.82 -20.87
N LEU D 400 -40.37 -12.27 -20.84
CA LEU D 400 -39.32 -12.74 -21.72
C LEU D 400 -38.89 -14.16 -21.36
N LEU D 401 -38.99 -14.54 -20.08
CA LEU D 401 -38.65 -15.89 -19.66
C LEU D 401 -39.77 -16.89 -19.94
N LEU D 402 -40.99 -16.42 -20.21
CA LEU D 402 -42.08 -17.30 -20.60
C LEU D 402 -42.23 -17.40 -22.11
N ALA D 403 -41.48 -16.62 -22.88
CA ALA D 403 -41.55 -16.71 -24.33
C ALA D 403 -40.83 -17.95 -24.86
N SER D 404 -39.96 -18.56 -24.05
CA SER D 404 -39.23 -19.75 -24.46
C SER D 404 -39.89 -21.04 -24.00
N GLN D 405 -41.03 -20.96 -23.33
CA GLN D 405 -41.72 -22.15 -22.89
C GLN D 405 -42.42 -22.84 -24.06
N HIS D 406 -42.55 -24.16 -23.95
CA HIS D 406 -43.15 -24.94 -25.03
C HIS D 406 -44.67 -24.93 -25.00
N ILE D 407 -45.28 -24.58 -23.87
CA ILE D 407 -46.72 -24.53 -23.76
C ILE D 407 -47.26 -23.36 -24.58
N VAL D 408 -46.57 -22.23 -24.52
CA VAL D 408 -47.00 -21.04 -25.25
C VAL D 408 -46.92 -21.26 -26.75
N ASN D 411 -46.58 -24.05 -30.09
CA ASN D 411 -45.39 -23.55 -30.77
C ASN D 411 -44.98 -24.46 -31.93
N PRO D 412 -45.60 -24.27 -33.09
CA PRO D 412 -45.19 -25.06 -34.26
C PRO D 412 -43.99 -24.43 -34.96
N ASP D 413 -43.56 -25.05 -36.06
CA ASP D 413 -42.42 -24.53 -36.83
C ASP D 413 -42.90 -24.27 -38.26
N ARG D 414 -43.39 -23.05 -38.50
CA ARG D 414 -43.90 -22.66 -39.80
C ARG D 414 -43.34 -21.28 -40.16
N GLN D 415 -43.16 -21.05 -41.46
CA GLN D 415 -42.61 -19.78 -41.91
C GLN D 415 -43.61 -18.65 -41.69
N GLY D 416 -43.11 -17.53 -41.17
CA GLY D 416 -43.92 -16.35 -40.96
C GLY D 416 -45.15 -16.60 -40.11
N PRO D 417 -44.96 -16.90 -38.84
CA PRO D 417 -46.10 -17.20 -37.98
C PRO D 417 -46.77 -15.93 -37.46
N LYS D 418 -48.02 -16.08 -37.06
CA LYS D 418 -48.73 -15.00 -36.41
C LYS D 418 -48.16 -14.79 -35.00
N PRO D 419 -48.13 -13.55 -34.51
CA PRO D 419 -47.57 -13.32 -33.17
C PRO D 419 -48.31 -14.10 -32.10
N THR D 420 -47.54 -14.63 -31.14
CA THR D 420 -48.09 -15.44 -30.07
C THR D 420 -48.75 -14.55 -29.02
N THR D 421 -49.31 -15.19 -27.99
CA THR D 421 -50.00 -14.44 -26.95
C THR D 421 -49.05 -13.60 -26.11
N VAL D 422 -47.82 -14.08 -25.90
CA VAL D 422 -46.86 -13.34 -25.08
C VAL D 422 -46.40 -12.07 -25.79
N GLU D 423 -46.15 -12.16 -27.09
CA GLU D 423 -45.63 -11.00 -27.83
C GLU D 423 -46.61 -9.84 -27.81
N TRP D 424 -47.92 -10.13 -27.85
CA TRP D 424 -48.91 -9.07 -27.73
C TRP D 424 -48.81 -8.37 -26.38
N MET D 425 -48.49 -9.12 -25.34
CA MET D 425 -48.30 -8.55 -24.00
C MET D 425 -46.92 -7.94 -23.81
N ILE D 426 -46.00 -8.14 -24.75
CA ILE D 426 -44.66 -7.57 -24.64
C ILE D 426 -44.62 -6.25 -25.41
N LEU D 427 -45.43 -6.15 -26.46
CA LEU D 427 -45.47 -4.98 -27.33
C LEU D 427 -45.70 -3.67 -26.57
N PRO D 428 -46.65 -3.60 -25.60
CA PRO D 428 -46.83 -2.34 -24.86
C PRO D 428 -45.57 -1.86 -24.14
N TRP D 429 -44.81 -2.78 -23.55
CA TRP D 429 -43.59 -2.38 -22.84
C TRP D 429 -42.56 -1.79 -23.80
N VAL D 430 -42.39 -2.41 -24.97
CA VAL D 430 -41.45 -1.89 -25.96
C VAL D 430 -41.90 -0.52 -26.46
N LEU D 431 -43.20 -0.36 -26.72
CA LEU D 431 -43.71 0.93 -27.16
C LEU D 431 -43.49 1.99 -26.08
N GLY D 432 -43.74 1.64 -24.82
CA GLY D 432 -43.51 2.58 -23.74
C GLY D 432 -42.05 2.98 -23.61
N PHE D 433 -41.14 2.02 -23.72
CA PHE D 433 -39.71 2.33 -23.65
C PHE D 433 -39.30 3.26 -24.78
N ILE D 434 -39.73 2.96 -26.01
CA ILE D 434 -39.35 3.77 -27.15
C ILE D 434 -39.93 5.17 -27.02
N TRP D 435 -41.20 5.28 -26.60
CA TRP D 435 -41.82 6.59 -26.43
C TRP D 435 -41.14 7.39 -25.33
N THR D 436 -40.74 6.72 -24.24
CA THR D 436 -40.04 7.42 -23.17
C THR D 436 -38.70 7.96 -23.65
N GLU D 437 -37.96 7.17 -24.43
CA GLU D 437 -36.72 7.68 -25.01
C GLU D 437 -36.96 8.83 -25.96
N ILE D 438 -38.01 8.73 -26.80
CA ILE D 438 -38.35 9.81 -27.73
C ILE D 438 -38.67 11.09 -26.97
N LYS D 439 -39.32 10.96 -25.82
CA LYS D 439 -39.74 12.15 -25.07
C LYS D 439 -38.69 12.56 -24.05
N GLN D 440 -37.45 12.14 -24.28
CA GLN D 440 -36.35 12.49 -23.39
C GLN D 440 -35.15 12.90 -24.23
N MET D 441 -35.19 12.56 -25.52
CA MET D 441 -34.14 12.97 -26.46
C MET D 441 -34.33 14.39 -26.96
N TRP D 442 -35.44 15.05 -26.61
CA TRP D 442 -35.71 16.38 -27.16
C TRP D 442 -34.95 17.46 -26.41
N ASP D 443 -34.47 17.18 -25.20
CA ASP D 443 -33.67 18.18 -24.49
C ASP D 443 -32.43 18.56 -25.29
N GLY D 444 -31.73 17.57 -25.83
CA GLY D 444 -30.76 17.79 -26.88
C GLY D 444 -30.73 16.61 -27.82
N GLY D 445 -30.97 16.83 -29.11
CA GLY D 445 -30.92 15.73 -30.05
C GLY D 445 -29.52 15.22 -30.20
N PHE D 446 -29.22 14.07 -29.59
CA PHE D 446 -27.89 13.50 -29.51
C PHE D 446 -26.88 14.45 -28.85
N GLN D 447 -27.35 15.53 -28.24
CA GLN D 447 -26.50 16.53 -27.60
C GLN D 447 -26.36 16.18 -26.13
N ASP D 448 -25.21 15.62 -25.75
CA ASP D 448 -24.94 15.15 -24.40
C ASP D 448 -25.90 14.02 -24.02
N TYR D 449 -26.67 13.55 -25.00
CA TYR D 449 -27.53 12.38 -24.78
C TYR D 449 -26.68 11.11 -24.75
N ILE D 450 -25.92 10.86 -25.80
CA ILE D 450 -25.03 9.70 -25.85
C ILE D 450 -23.72 10.15 -25.23
N HIS D 451 -23.69 10.18 -23.91
CA HIS D 451 -22.47 10.40 -23.16
C HIS D 451 -22.28 9.36 -22.06
N ASP D 452 -23.35 8.89 -21.45
CA ASP D 452 -23.32 7.85 -20.45
C ASP D 452 -23.61 6.49 -21.06
N TRP D 453 -23.22 5.44 -20.33
CA TRP D 453 -23.34 4.07 -20.83
C TRP D 453 -24.80 3.68 -21.05
N TRP D 454 -25.67 4.02 -20.10
CA TRP D 454 -27.03 3.48 -20.11
C TRP D 454 -27.85 4.05 -21.26
N ASN D 455 -27.63 5.31 -21.61
CA ASN D 455 -28.35 5.88 -22.75
C ASN D 455 -27.99 5.17 -24.05
N LEU D 456 -26.69 4.90 -24.25
CA LEU D 456 -26.26 4.16 -25.44
C LEU D 456 -26.83 2.74 -25.44
N MET D 457 -26.83 2.09 -24.28
CA MET D 457 -27.40 0.74 -24.20
C MET D 457 -28.89 0.76 -24.55
N ASP D 458 -29.63 1.75 -24.03
CA ASP D 458 -31.04 1.87 -24.35
C ASP D 458 -31.26 2.12 -25.84
N PHE D 459 -30.44 2.96 -26.45
CA PHE D 459 -30.56 3.23 -27.88
C PHE D 459 -30.33 1.95 -28.69
N VAL D 460 -29.30 1.19 -28.33
CA VAL D 460 -29.01 -0.06 -29.05
C VAL D 460 -30.17 -1.04 -28.88
N MET D 461 -30.69 -1.18 -27.66
CA MET D 461 -31.79 -2.10 -27.41
C MET D 461 -33.03 -1.70 -28.19
N ASN D 462 -33.34 -0.40 -28.25
CA ASN D 462 -34.52 0.05 -28.98
C ASN D 462 -34.34 -0.16 -30.48
N SER D 463 -33.13 0.07 -31.01
CA SER D 463 -32.88 -0.21 -32.41
C SER D 463 -33.07 -1.69 -32.72
N LEU D 464 -32.57 -2.57 -31.84
CA LEU D 464 -32.74 -4.00 -32.04
C LEU D 464 -34.22 -4.40 -32.01
N TYR D 465 -34.98 -3.81 -31.09
CA TYR D 465 -36.41 -4.11 -31.04
C TYR D 465 -37.14 -3.61 -32.28
N LEU D 466 -36.79 -2.42 -32.77
CA LEU D 466 -37.39 -1.92 -34.00
C LEU D 466 -37.07 -2.84 -35.17
N ALA D 467 -35.82 -3.30 -35.27
CA ALA D 467 -35.45 -4.23 -36.33
C ALA D 467 -36.18 -5.56 -36.22
N THR D 468 -36.35 -6.10 -35.01
CA THR D 468 -37.14 -7.31 -34.82
C THR D 468 -38.57 -7.13 -35.30
N ILE D 469 -39.23 -6.04 -34.84
CA ILE D 469 -40.59 -5.77 -35.26
C ILE D 469 -40.70 -5.62 -36.77
N SER D 470 -39.71 -4.97 -37.40
CA SER D 470 -39.75 -4.80 -38.85
C SER D 470 -39.61 -6.14 -39.56
N LEU D 471 -38.65 -6.97 -39.13
CA LEU D 471 -38.41 -8.25 -39.78
C LEU D 471 -39.58 -9.21 -39.60
N LYS D 472 -40.19 -9.22 -38.42
CA LYS D 472 -41.30 -10.15 -38.20
C LYS D 472 -42.51 -9.79 -39.04
N ILE D 473 -42.64 -8.53 -39.45
CA ILE D 473 -43.72 -8.10 -40.31
C ILE D 473 -43.37 -8.34 -41.78
N VAL D 474 -42.10 -8.12 -42.15
CA VAL D 474 -41.64 -8.41 -43.50
C VAL D 474 -41.83 -9.88 -43.80
N ALA D 475 -41.54 -10.74 -42.82
CA ALA D 475 -41.64 -12.18 -43.02
C ALA D 475 -43.08 -12.68 -43.09
N TYR D 476 -44.06 -11.87 -42.69
CA TYR D 476 -45.45 -12.32 -42.63
C TYR D 476 -46.17 -12.17 -43.96
N VAL D 477 -45.85 -11.15 -44.74
CA VAL D 477 -46.59 -10.87 -45.97
C VAL D 477 -46.06 -11.63 -47.18
N LYS D 478 -44.80 -12.05 -47.16
CA LYS D 478 -44.19 -12.72 -48.32
C LYS D 478 -43.83 -14.17 -48.02
N TYR D 479 -43.08 -14.43 -46.97
CA TYR D 479 -42.56 -15.77 -46.69
C TYR D 479 -43.49 -16.51 -45.73
N SER D 480 -44.63 -16.92 -46.26
CA SER D 480 -45.62 -17.68 -45.53
C SER D 480 -45.59 -19.14 -45.97
N GLY D 481 -46.33 -19.97 -45.25
CA GLY D 481 -46.42 -21.39 -45.53
C GLY D 481 -45.74 -22.23 -44.47
N CYS D 482 -46.02 -23.53 -44.53
CA CYS D 482 -45.49 -24.51 -43.59
C CYS D 482 -44.43 -25.35 -44.28
N LYS D 483 -43.27 -25.47 -43.64
CA LYS D 483 -42.15 -26.23 -44.20
C LYS D 483 -41.24 -26.61 -43.04
N PRO D 484 -40.63 -27.80 -43.07
CA PRO D 484 -39.74 -28.20 -41.97
C PRO D 484 -38.61 -27.20 -41.79
N ARG D 485 -38.27 -26.95 -40.52
CA ARG D 485 -37.30 -25.91 -40.19
C ARG D 485 -35.91 -26.23 -40.72
N ASP D 486 -35.49 -27.50 -40.66
CA ASP D 486 -34.15 -27.87 -41.12
C ASP D 486 -33.97 -27.68 -42.62
N THR D 487 -35.06 -27.58 -43.37
CA THR D 487 -34.98 -27.37 -44.82
C THR D 487 -34.94 -25.89 -45.19
N TRP D 488 -35.11 -24.98 -44.24
CA TRP D 488 -35.05 -23.57 -44.54
C TRP D 488 -33.64 -23.16 -44.94
N GLU D 489 -33.55 -22.19 -45.84
CA GLU D 489 -32.26 -21.62 -46.21
C GLU D 489 -31.88 -20.52 -45.22
N MET D 490 -30.58 -20.37 -44.99
CA MET D 490 -30.11 -19.35 -44.07
C MET D 490 -30.38 -17.96 -44.65
N TRP D 491 -30.38 -16.97 -43.76
CA TRP D 491 -30.75 -15.57 -44.01
C TRP D 491 -32.26 -15.44 -44.20
N HIS D 492 -33.03 -16.47 -43.85
CA HIS D 492 -34.48 -16.35 -43.86
C HIS D 492 -34.90 -15.32 -42.82
N PRO D 493 -35.90 -14.48 -43.12
CA PRO D 493 -36.29 -13.43 -42.17
C PRO D 493 -36.73 -13.96 -40.81
N THR D 494 -37.38 -15.13 -40.78
CA THR D 494 -37.84 -15.68 -39.51
C THR D 494 -36.68 -16.12 -38.62
N LEU D 495 -35.49 -16.30 -39.19
CA LEU D 495 -34.31 -16.63 -38.41
C LEU D 495 -33.58 -15.38 -37.93
N VAL D 496 -33.41 -14.39 -38.80
CA VAL D 496 -32.74 -13.16 -38.41
C VAL D 496 -33.57 -12.41 -37.37
N ALA D 497 -34.89 -12.44 -37.51
CA ALA D 497 -35.76 -11.80 -36.52
C ALA D 497 -35.59 -12.43 -35.15
N GLU D 498 -35.57 -13.77 -35.10
CA GLU D 498 -35.38 -14.46 -33.82
C GLU D 498 -34.00 -14.19 -33.25
N ALA D 499 -32.97 -14.15 -34.10
CA ALA D 499 -31.62 -13.87 -33.61
C ALA D 499 -31.55 -12.47 -33.00
N VAL D 500 -32.13 -11.47 -33.69
CA VAL D 500 -32.09 -10.11 -33.17
C VAL D 500 -32.91 -9.99 -31.89
N PHE D 501 -34.04 -10.69 -31.83
CA PHE D 501 -34.85 -10.66 -30.62
C PHE D 501 -34.12 -11.30 -29.44
N ALA D 502 -33.35 -12.36 -29.71
CA ALA D 502 -32.59 -13.01 -28.64
C ALA D 502 -31.41 -12.14 -28.20
N ILE D 503 -30.79 -11.42 -29.12
CA ILE D 503 -29.70 -10.53 -28.74
C ILE D 503 -30.21 -9.38 -27.87
N ALA D 504 -31.43 -8.90 -28.13
CA ALA D 504 -31.97 -7.78 -27.38
C ALA D 504 -32.45 -8.17 -25.99
N ASN D 505 -32.62 -9.47 -25.72
CA ASN D 505 -32.99 -9.89 -24.37
C ASN D 505 -31.82 -9.81 -23.40
N ILE D 506 -30.58 -9.85 -23.90
CA ILE D 506 -29.42 -9.72 -23.02
C ILE D 506 -29.32 -8.30 -22.49
N PHE D 507 -29.49 -7.30 -23.35
CA PHE D 507 -29.41 -5.91 -22.94
C PHE D 507 -30.56 -5.48 -22.04
N SER D 508 -31.72 -6.15 -22.15
CA SER D 508 -32.85 -5.81 -21.29
C SER D 508 -32.59 -6.20 -19.84
N SER D 509 -31.96 -7.36 -19.61
CA SER D 509 -31.66 -7.80 -18.26
C SER D 509 -30.38 -7.19 -17.70
N LEU D 510 -29.55 -6.59 -18.54
CA LEU D 510 -28.39 -5.86 -18.05
C LEU D 510 -28.73 -4.43 -17.64
N ARG D 511 -29.89 -3.94 -18.04
CA ARG D 511 -30.38 -2.65 -17.55
C ARG D 511 -30.82 -2.72 -16.09
N LEU D 512 -31.01 -3.93 -15.56
CA LEU D 512 -31.35 -4.10 -14.15
C LEU D 512 -30.17 -3.80 -13.24
N ILE D 513 -28.96 -3.68 -13.78
CA ILE D 513 -27.79 -3.36 -12.97
C ILE D 513 -27.87 -1.94 -12.44
N SER D 514 -28.36 -1.01 -13.27
CA SER D 514 -28.34 0.41 -12.93
C SER D 514 -29.24 0.75 -11.75
N LEU D 515 -30.06 -0.20 -11.27
CA LEU D 515 -30.91 0.03 -10.12
C LEU D 515 -30.22 -0.30 -8.81
N PHE D 516 -28.92 -0.59 -8.85
CA PHE D 516 -28.16 -0.89 -7.65
C PHE D 516 -27.63 0.35 -6.93
N THR D 517 -27.67 1.52 -7.56
CA THR D 517 -27.19 2.72 -6.92
C THR D 517 -28.06 3.13 -5.74
N ALA D 518 -29.30 2.65 -5.69
CA ALA D 518 -30.21 2.99 -4.60
C ALA D 518 -29.94 2.22 -3.32
N ASN D 519 -29.09 1.21 -3.35
CA ASN D 519 -28.81 0.38 -2.19
C ASN D 519 -27.54 0.84 -1.51
N SER D 520 -27.50 0.67 -0.18
CA SER D 520 -26.35 1.14 0.59
C SER D 520 -25.13 0.23 0.45
N HIS D 521 -25.34 -1.07 0.32
CA HIS D 521 -24.24 -2.03 0.24
C HIS D 521 -23.81 -2.28 -1.20
N LEU D 522 -24.77 -2.54 -2.08
CA LEU D 522 -24.47 -2.82 -3.48
C LEU D 522 -24.25 -1.55 -4.30
N GLY D 523 -24.45 -0.38 -3.71
CA GLY D 523 -24.31 0.87 -4.42
C GLY D 523 -22.87 1.22 -4.74
N PRO D 524 -22.06 1.45 -3.71
CA PRO D 524 -20.64 1.78 -3.96
C PRO D 524 -19.90 0.70 -4.72
N LEU D 525 -20.32 -0.56 -4.60
CA LEU D 525 -19.65 -1.63 -5.33
C LEU D 525 -19.82 -1.46 -6.84
N GLN D 526 -21.02 -1.07 -7.28
CA GLN D 526 -21.25 -0.92 -8.71
C GLN D 526 -20.46 0.25 -9.29
N ILE D 527 -20.35 1.35 -8.53
CA ILE D 527 -19.63 2.52 -9.04
C ILE D 527 -18.14 2.22 -9.16
N SER D 528 -17.57 1.52 -8.17
CA SER D 528 -16.16 1.13 -8.25
C SER D 528 -15.93 0.15 -9.40
N LEU D 529 -16.86 -0.76 -9.64
CA LEU D 529 -16.75 -1.72 -10.73
C LEU D 529 -17.06 -1.11 -12.09
N GLY D 530 -17.58 0.11 -12.13
CA GLY D 530 -17.89 0.74 -13.40
C GLY D 530 -16.87 1.81 -13.76
N ARG D 531 -16.12 2.26 -12.77
CA ARG D 531 -15.01 3.19 -13.01
C ARG D 531 -13.68 2.47 -13.17
N MET D 532 -13.57 1.25 -12.66
CA MET D 532 -12.44 0.36 -12.97
C MET D 532 -12.71 -0.45 -14.22
N LEU D 533 -13.12 0.23 -15.29
CA LEU D 533 -13.36 -0.41 -16.58
C LEU D 533 -12.78 0.34 -17.75
N LEU D 534 -12.49 1.65 -17.63
CA LEU D 534 -11.77 2.35 -18.68
C LEU D 534 -10.29 1.95 -18.72
N ASP D 535 -9.77 1.42 -17.61
CA ASP D 535 -8.42 0.86 -17.62
C ASP D 535 -8.36 -0.45 -18.38
N ILE D 536 -9.38 -1.30 -18.22
CA ILE D 536 -9.41 -2.58 -18.94
C ILE D 536 -9.44 -2.35 -20.44
N LEU D 537 -10.19 -1.33 -20.88
CA LEU D 537 -10.30 -1.04 -22.31
C LEU D 537 -9.01 -0.53 -22.92
N LYS D 538 -8.02 -0.16 -22.10
CA LYS D 538 -6.73 0.26 -22.62
C LYS D 538 -5.79 -0.91 -22.88
N PHE D 539 -5.99 -2.04 -22.20
CA PHE D 539 -5.24 -3.26 -22.47
C PHE D 539 -5.70 -3.97 -23.74
N LEU D 540 -6.89 -3.66 -24.22
N LEU D 540 -6.89 -3.66 -24.22
CA LEU D 540 -7.45 -4.31 -25.40
CA LEU D 540 -7.45 -4.31 -25.40
C LEU D 540 -6.98 -3.66 -26.70
C LEU D 540 -6.98 -3.66 -26.70
N PHE D 541 -6.07 -2.68 -26.61
CA PHE D 541 -5.40 -2.16 -27.79
C PHE D 541 -4.04 -2.81 -27.98
N ILE D 542 -3.49 -3.43 -26.93
CA ILE D 542 -2.29 -4.24 -27.03
C ILE D 542 -2.64 -5.70 -27.28
N TYR D 543 -3.64 -6.21 -26.57
CA TYR D 543 -4.03 -7.61 -26.78
C TYR D 543 -4.52 -7.83 -28.20
N CYS D 544 -5.29 -6.88 -28.75
CA CYS D 544 -5.76 -7.04 -30.12
C CYS D 544 -4.60 -7.00 -31.12
N LEU D 545 -3.60 -6.16 -30.87
CA LEU D 545 -2.42 -6.13 -31.73
C LEU D 545 -1.68 -7.47 -31.71
N VAL D 546 -1.48 -8.02 -30.52
CA VAL D 546 -0.80 -9.31 -30.39
C VAL D 546 -1.61 -10.40 -31.10
N LEU D 547 -2.94 -10.40 -30.90
CA LEU D 547 -3.79 -11.38 -31.54
C LEU D 547 -3.72 -11.27 -33.06
N LEU D 548 -3.76 -10.05 -33.58
CA LEU D 548 -3.69 -9.86 -35.03
C LEU D 548 -2.35 -10.34 -35.59
N ALA D 549 -1.25 -10.02 -34.91
CA ALA D 549 0.05 -10.44 -35.40
C ALA D 549 0.18 -11.96 -35.43
N PHE D 550 -0.19 -12.62 -34.33
CA PHE D 550 -0.07 -14.07 -34.27
C PHE D 550 -1.03 -14.76 -35.24
N ALA D 551 -2.24 -14.23 -35.39
CA ALA D 551 -3.18 -14.80 -36.35
C ALA D 551 -2.67 -14.67 -37.77
N ASN D 552 -2.09 -13.52 -38.12
CA ASN D 552 -1.51 -13.36 -39.45
C ASN D 552 -0.39 -14.35 -39.68
N GLY D 553 0.49 -14.52 -38.70
CA GLY D 553 1.57 -15.47 -38.84
C GLY D 553 1.10 -16.90 -39.01
N LEU D 554 0.16 -17.32 -38.15
CA LEU D 554 -0.34 -18.69 -38.21
C LEU D 554 -1.08 -18.96 -39.51
N ASN D 555 -1.89 -18.00 -39.97
CA ASN D 555 -2.60 -18.18 -41.23
C ASN D 555 -1.63 -18.26 -42.40
N GLN D 556 -0.62 -17.37 -42.42
CA GLN D 556 0.37 -17.42 -43.48
C GLN D 556 1.08 -18.77 -43.51
N LEU D 557 1.36 -19.33 -42.33
CA LEU D 557 2.02 -20.64 -42.29
C LEU D 557 1.10 -21.75 -42.76
N TYR D 558 -0.14 -21.78 -42.29
CA TYR D 558 -1.00 -22.95 -42.40
C TYR D 558 -2.02 -22.89 -43.54
N PHE D 559 -2.08 -21.81 -44.32
CA PHE D 559 -3.17 -21.70 -45.28
C PHE D 559 -3.03 -22.61 -46.49
N TYR D 560 -1.87 -23.25 -46.69
CA TYR D 560 -1.68 -24.09 -47.86
C TYR D 560 -2.16 -25.52 -47.67
N TYR D 561 -2.58 -25.91 -46.46
CA TYR D 561 -2.94 -27.28 -46.16
C TYR D 561 -4.45 -27.46 -45.95
N GLU D 562 -5.26 -26.60 -46.54
CA GLU D 562 -6.71 -26.73 -46.39
C GLU D 562 -7.22 -27.97 -47.11
N ASN D 563 -8.06 -28.74 -46.42
CA ASN D 563 -8.65 -29.94 -47.00
C ASN D 563 -10.08 -30.09 -46.51
N SER D 564 -10.96 -30.54 -47.40
CA SER D 564 -12.38 -30.71 -47.09
C SER D 564 -12.93 -31.99 -47.69
N GLU D 565 -12.19 -33.08 -47.54
CA GLU D 565 -12.63 -34.37 -48.06
C GLU D 565 -13.14 -35.24 -46.91
N GLY D 566 -14.29 -35.88 -47.14
CA GLY D 566 -14.87 -36.78 -46.15
C GLY D 566 -15.15 -36.13 -44.81
N MET D 567 -15.60 -34.87 -44.84
CA MET D 567 -15.87 -34.12 -43.61
C MET D 567 -17.28 -33.55 -43.68
N THR D 568 -18.12 -33.94 -42.73
CA THR D 568 -19.42 -33.30 -42.59
C THR D 568 -19.31 -31.90 -41.99
N CYS D 569 -18.45 -31.75 -40.99
CA CYS D 569 -18.23 -30.48 -40.30
C CYS D 569 -16.91 -29.87 -40.76
N LYS D 570 -16.80 -28.55 -40.59
CA LYS D 570 -15.62 -27.82 -41.03
C LYS D 570 -15.43 -26.63 -40.09
N GLY D 571 -14.49 -26.74 -39.18
CA GLY D 571 -14.20 -25.66 -38.25
C GLY D 571 -13.80 -26.21 -36.91
N ILE D 572 -13.63 -25.29 -35.96
CA ILE D 572 -13.29 -25.68 -34.59
C ILE D 572 -14.51 -26.02 -33.76
N ARG D 573 -15.71 -25.70 -34.23
CA ARG D 573 -16.94 -26.05 -33.51
C ARG D 573 -17.50 -27.37 -34.04
N CYS D 574 -16.65 -28.39 -33.97
CA CYS D 574 -17.00 -29.75 -34.35
C CYS D 574 -16.51 -30.68 -33.25
N GLU D 575 -16.92 -31.95 -33.32
CA GLU D 575 -16.43 -32.92 -32.34
C GLU D 575 -14.95 -33.23 -32.59
N ARG D 576 -14.59 -33.44 -33.85
CA ARG D 576 -13.20 -33.64 -34.25
C ARG D 576 -12.75 -32.36 -34.97
N GLN D 577 -12.12 -31.46 -34.20
CA GLN D 577 -11.77 -30.16 -34.74
C GLN D 577 -10.77 -30.27 -35.89
N ASN D 578 -10.96 -29.44 -36.91
CA ASN D 578 -10.12 -29.45 -38.09
C ASN D 578 -10.15 -28.08 -38.74
N ASN D 579 -9.16 -27.82 -39.59
CA ASN D 579 -9.06 -26.55 -40.33
C ASN D 579 -9.10 -25.35 -39.39
N ALA D 580 -8.37 -25.46 -38.27
CA ALA D 580 -8.39 -24.39 -37.28
C ALA D 580 -7.67 -23.14 -37.76
N PHE D 581 -6.62 -23.29 -38.56
CA PHE D 581 -5.82 -22.17 -39.03
C PHE D 581 -5.83 -22.04 -40.55
N SER D 582 -6.88 -22.52 -41.21
CA SER D 582 -6.91 -22.53 -42.67
C SER D 582 -7.30 -21.19 -43.26
N THR D 583 -7.86 -20.28 -42.47
CA THR D 583 -8.26 -18.97 -42.98
C THR D 583 -8.19 -17.96 -41.85
N LEU D 584 -8.15 -16.68 -42.23
CA LEU D 584 -7.96 -15.62 -41.24
C LEU D 584 -9.12 -15.54 -40.26
N PHE D 585 -10.35 -15.76 -40.74
CA PHE D 585 -11.50 -15.75 -39.85
C PHE D 585 -11.42 -16.88 -38.83
N GLU D 586 -11.17 -18.11 -39.31
CA GLU D 586 -11.02 -19.23 -38.39
C GLU D 586 -9.77 -19.10 -37.53
N THR D 587 -8.70 -18.49 -38.07
CA THR D 587 -7.51 -18.27 -37.26
C THR D 587 -7.79 -17.31 -36.10
N LEU D 588 -8.52 -16.23 -36.38
CA LEU D 588 -8.89 -15.30 -35.33
C LEU D 588 -9.86 -15.92 -34.34
N GLN D 589 -10.73 -16.83 -34.78
CA GLN D 589 -11.62 -17.53 -33.87
C GLN D 589 -10.91 -18.56 -33.01
N SER D 590 -9.88 -19.22 -33.53
CA SER D 590 -9.18 -20.27 -32.79
C SER D 590 -8.29 -19.68 -31.70
N LEU D 591 -7.61 -18.57 -31.99
CA LEU D 591 -6.73 -17.94 -31.01
C LEU D 591 -7.49 -17.22 -29.91
N PHE D 592 -8.81 -17.08 -30.05
CA PHE D 592 -9.63 -16.53 -28.97
C PHE D 592 -10.12 -17.62 -28.03
N TRP D 593 -10.54 -18.77 -28.58
CA TRP D 593 -11.02 -19.87 -27.76
C TRP D 593 -9.89 -20.58 -27.02
N SER D 594 -8.62 -20.32 -27.38
CA SER D 594 -7.50 -20.90 -26.66
C SER D 594 -7.20 -20.16 -25.36
N ILE D 595 -7.82 -19.00 -25.14
CA ILE D 595 -7.67 -18.30 -23.87
C ILE D 595 -8.31 -19.11 -22.75
N PHE D 596 -9.43 -19.77 -23.05
CA PHE D 596 -10.17 -20.56 -22.08
C PHE D 596 -9.84 -22.04 -22.17
N GLY D 597 -8.90 -22.42 -23.04
CA GLY D 597 -8.48 -23.81 -23.13
C GLY D 597 -9.46 -24.72 -23.81
N LEU D 598 -10.22 -24.22 -24.79
CA LEU D 598 -11.20 -25.02 -25.49
C LEU D 598 -10.74 -25.47 -26.87
N ILE D 599 -9.45 -25.32 -27.17
CA ILE D 599 -8.88 -25.75 -28.44
C ILE D 599 -7.93 -26.91 -28.16
N SER D 600 -8.18 -28.06 -28.79
CA SER D 600 -7.34 -29.24 -28.60
C SER D 600 -5.99 -29.06 -29.29
N LEU D 601 -5.03 -29.90 -28.88
CA LEU D 601 -3.67 -29.78 -29.38
C LEU D 601 -3.51 -30.32 -30.80
N TYR D 602 -4.29 -31.34 -31.18
CA TYR D 602 -4.08 -31.99 -32.46
C TYR D 602 -4.51 -31.14 -33.66
N VAL D 603 -5.01 -29.93 -33.44
CA VAL D 603 -5.39 -29.06 -34.56
C VAL D 603 -4.19 -28.51 -35.30
N THR D 604 -2.98 -28.73 -34.79
CA THR D 604 -1.76 -28.22 -35.41
C THR D 604 -1.09 -29.25 -36.33
N ASN D 605 -1.81 -30.29 -36.72
CA ASN D 605 -1.30 -31.32 -37.62
C ASN D 605 -1.87 -31.12 -39.02
N VAL D 606 -1.19 -31.72 -39.99
CA VAL D 606 -1.59 -31.63 -41.39
C VAL D 606 -1.61 -33.04 -41.98
N LYS D 607 -2.34 -33.19 -43.09
CA LYS D 607 -2.46 -34.47 -43.79
C LYS D 607 -1.22 -34.68 -44.67
N ALA D 608 -0.07 -34.72 -44.01
CA ALA D 608 1.20 -34.92 -44.67
C ALA D 608 2.24 -35.30 -43.62
N ASP D 609 3.38 -35.78 -44.09
CA ASP D 609 4.50 -36.13 -43.23
C ASP D 609 5.47 -34.97 -43.06
N HIS D 610 5.00 -33.74 -43.25
CA HIS D 610 5.83 -32.56 -43.06
C HIS D 610 5.94 -32.24 -41.58
N LYS D 611 6.95 -32.79 -40.91
CA LYS D 611 7.10 -32.66 -39.48
C LYS D 611 7.91 -31.44 -39.07
N PHE D 612 8.34 -30.61 -40.02
CA PHE D 612 9.04 -29.38 -39.68
C PHE D 612 8.07 -28.20 -39.58
N THR D 613 7.07 -28.13 -40.47
CA THR D 613 6.09 -27.06 -40.38
C THR D 613 5.14 -27.27 -39.20
N GLU D 614 4.85 -28.52 -38.85
CA GLU D 614 4.02 -28.79 -37.69
C GLU D 614 4.67 -28.28 -36.41
N PHE D 615 5.98 -28.47 -36.28
CA PHE D 615 6.69 -28.00 -35.10
C PHE D 615 6.71 -26.48 -35.03
N VAL D 616 6.85 -25.81 -36.18
CA VAL D 616 6.82 -24.35 -36.19
C VAL D 616 5.44 -23.84 -35.81
N GLY D 617 4.39 -24.48 -36.34
CA GLY D 617 3.03 -24.07 -35.99
C GLY D 617 2.74 -24.29 -34.51
N ALA D 618 3.17 -25.43 -33.98
CA ALA D 618 2.98 -25.69 -32.55
C ALA D 618 3.77 -24.69 -31.71
N THR D 619 4.98 -24.32 -32.15
CA THR D 619 5.76 -23.33 -31.42
C THR D 619 5.07 -21.98 -31.43
N MET D 620 4.49 -21.58 -32.57
CA MET D 620 3.76 -20.31 -32.63
C MET D 620 2.55 -20.34 -31.70
N PHE D 621 1.80 -21.44 -31.71
CA PHE D 621 0.63 -21.56 -30.84
C PHE D 621 1.05 -21.53 -29.37
N GLY D 622 2.13 -22.22 -29.02
CA GLY D 622 2.60 -22.20 -27.65
C GLY D 622 3.11 -20.84 -27.23
N THR D 623 3.81 -20.14 -28.13
CA THR D 623 4.28 -18.79 -27.83
C THR D 623 3.10 -17.84 -27.59
N TYR D 624 2.06 -17.95 -28.41
CA TYR D 624 0.85 -17.17 -28.18
C TYR D 624 0.24 -17.52 -26.82
N ASN D 625 0.18 -18.81 -26.48
CA ASN D 625 -0.35 -19.21 -25.19
C ASN D 625 0.53 -18.73 -24.04
N VAL D 626 1.80 -18.44 -24.31
CA VAL D 626 2.70 -17.98 -23.24
C VAL D 626 2.44 -16.51 -22.92
N ILE D 627 2.67 -15.62 -23.89
CA ILE D 627 2.30 -14.23 -23.64
C ILE D 627 0.88 -13.99 -24.13
N SER D 628 -0.10 -14.57 -23.45
CA SER D 628 -1.48 -14.11 -23.51
C SER D 628 -2.10 -14.30 -22.14
N LEU D 629 -1.56 -15.24 -21.37
CA LEU D 629 -2.12 -15.71 -20.12
C LEU D 629 -1.18 -15.55 -18.94
N VAL D 630 0.13 -15.65 -19.16
CA VAL D 630 1.08 -15.50 -18.07
C VAL D 630 1.59 -14.07 -17.98
N VAL D 631 1.89 -13.46 -19.12
CA VAL D 631 2.48 -12.12 -19.14
C VAL D 631 1.40 -11.06 -19.30
N LEU D 632 0.62 -11.16 -20.37
CA LEU D 632 -0.32 -10.10 -20.69
C LEU D 632 -1.57 -10.12 -19.81
N LEU D 633 -1.95 -11.30 -19.31
CA LEU D 633 -3.13 -11.41 -18.46
C LEU D 633 -2.80 -11.41 -16.97
N ASN D 634 -1.53 -11.26 -16.61
CA ASN D 634 -1.15 -11.00 -15.23
C ASN D 634 -0.79 -9.55 -14.98
N MET D 635 -0.44 -8.80 -16.02
CA MET D 635 -0.29 -7.35 -15.92
C MET D 635 -1.62 -6.63 -15.91
N LEU D 636 -2.69 -7.29 -16.35
CA LEU D 636 -4.02 -6.70 -16.26
C LEU D 636 -4.51 -6.70 -14.82
N ILE D 637 -4.31 -7.81 -14.10
CA ILE D 637 -4.72 -7.87 -12.70
C ILE D 637 -3.74 -7.15 -11.78
N ALA D 638 -2.51 -6.89 -12.24
CA ALA D 638 -1.54 -6.17 -11.43
C ALA D 638 -1.85 -4.67 -11.42
N MET D 639 -2.47 -4.16 -12.48
CA MET D 639 -2.80 -2.75 -12.56
C MET D 639 -4.22 -2.44 -12.09
N MET D 640 -5.08 -3.45 -11.98
CA MET D 640 -6.37 -3.25 -11.33
C MET D 640 -6.18 -2.98 -9.84
N ASN D 641 -5.22 -3.64 -9.21
CA ASN D 641 -4.99 -3.45 -7.78
C ASN D 641 -4.43 -2.06 -7.51
N ASN D 642 -3.60 -1.54 -8.40
CA ASN D 642 -2.98 -0.23 -8.22
C ASN D 642 -3.85 0.92 -8.72
N SER D 643 -5.04 0.63 -9.25
CA SER D 643 -6.00 1.67 -9.59
C SER D 643 -7.28 1.57 -8.79
N TYR D 644 -7.51 0.44 -8.11
CA TYR D 644 -8.68 0.32 -7.24
C TYR D 644 -8.48 1.08 -5.93
N GLN D 645 -7.22 1.18 -5.45
CA GLN D 645 -6.95 1.95 -4.26
C GLN D 645 -7.26 3.43 -4.48
N HIS D 646 -6.90 3.95 -5.65
CA HIS D 646 -7.19 5.35 -5.96
C HIS D 646 -8.69 5.58 -6.10
N ILE D 647 -9.38 4.66 -6.76
CA ILE D 647 -10.83 4.81 -6.95
C ILE D 647 -11.57 4.68 -5.63
N ALA D 648 -11.22 3.66 -4.84
CA ALA D 648 -11.91 3.44 -3.56
C ALA D 648 -11.58 4.49 -2.51
N ASP D 649 -10.57 5.33 -2.74
CA ASP D 649 -10.24 6.39 -1.80
C ASP D 649 -11.42 7.34 -1.66
N HIS D 650 -11.76 8.05 -2.73
CA HIS D 650 -12.95 8.89 -2.78
C HIS D 650 -13.99 8.17 -3.63
N ALA D 651 -14.72 7.26 -2.99
CA ALA D 651 -15.75 6.48 -3.67
C ALA D 651 -17.09 6.53 -2.94
N ASP D 652 -17.26 7.47 -2.01
CA ASP D 652 -18.54 7.65 -1.32
C ASP D 652 -19.27 8.91 -1.73
N ILE D 653 -18.54 9.95 -2.14
CA ILE D 653 -19.19 11.12 -2.72
C ILE D 653 -19.75 10.79 -4.09
N GLU D 654 -19.10 9.91 -4.84
CA GLU D 654 -19.58 9.57 -6.17
C GLU D 654 -20.84 8.73 -6.12
N TRP D 655 -20.91 7.78 -5.18
CA TRP D 655 -22.14 7.01 -5.02
C TRP D 655 -23.29 7.90 -4.60
N LYS D 656 -23.03 8.87 -3.71
CA LYS D 656 -24.10 9.77 -3.29
C LYS D 656 -24.52 10.69 -4.43
N PHE D 657 -23.57 11.13 -5.25
CA PHE D 657 -23.91 11.94 -6.41
C PHE D 657 -24.79 11.16 -7.38
N ALA D 658 -24.42 9.90 -7.64
CA ALA D 658 -25.22 9.06 -8.52
C ALA D 658 -26.60 8.80 -7.94
N ARG D 659 -26.68 8.56 -6.63
CA ARG D 659 -27.96 8.31 -5.99
C ARG D 659 -28.85 9.55 -6.04
N THR D 660 -28.27 10.74 -5.85
CA THR D 660 -29.05 11.96 -5.97
C THR D 660 -29.56 12.16 -7.40
N LYS D 661 -28.71 11.87 -8.39
CA LYS D 661 -29.18 11.97 -9.77
C LYS D 661 -30.33 11.01 -10.04
N LEU D 662 -30.24 9.79 -9.50
CA LEU D 662 -31.33 8.83 -9.65
C LEU D 662 -32.59 9.29 -8.93
N TRP D 663 -32.44 9.83 -7.72
CA TRP D 663 -33.59 10.27 -6.94
C TRP D 663 -34.32 11.42 -7.61
N MET D 664 -33.58 12.40 -8.13
CA MET D 664 -34.21 13.60 -8.66
C MET D 664 -34.97 13.35 -9.96
N SER D 665 -34.79 12.18 -10.57
CA SER D 665 -35.58 11.83 -11.75
C SER D 665 -37.00 11.42 -11.39
N TYR D 666 -37.27 11.09 -10.14
CA TYR D 666 -38.61 10.73 -9.69
C TYR D 666 -39.30 11.86 -8.94
N PHE D 667 -38.71 13.05 -8.92
CA PHE D 667 -39.33 14.18 -8.22
C PHE D 667 -40.32 14.92 -9.10
N GLU D 668 -39.92 15.21 -10.34
CA GLU D 668 -40.72 16.06 -11.21
C GLU D 668 -41.98 15.32 -11.69
N GLU D 669 -42.94 16.10 -12.17
CA GLU D 669 -44.18 15.57 -12.70
C GLU D 669 -44.02 15.29 -14.19
N GLY D 670 -44.72 14.26 -14.66
CA GLY D 670 -44.57 13.83 -16.04
C GLY D 670 -43.80 12.53 -16.14
N GLY D 671 -44.48 11.45 -16.54
CA GLY D 671 -43.90 10.14 -16.52
C GLY D 671 -44.15 9.36 -15.25
N THR D 672 -45.22 9.66 -14.53
CA THR D 672 -45.54 9.00 -13.26
C THR D 672 -46.27 7.68 -13.45
N LEU D 673 -46.51 7.25 -14.68
CA LEU D 673 -47.15 5.98 -14.93
C LEU D 673 -46.17 4.98 -15.53
N PRO D 674 -46.27 3.71 -15.15
CA PRO D 674 -45.31 2.71 -15.63
C PRO D 674 -45.46 2.46 -17.12
N PRO D 675 -44.49 1.79 -17.74
CA PRO D 675 -44.54 1.55 -19.19
C PRO D 675 -45.80 0.79 -19.63
N PRO D 676 -46.33 -0.17 -18.85
CA PRO D 676 -47.57 -0.81 -19.29
C PRO D 676 -48.71 0.16 -19.50
N PHE D 677 -48.79 1.22 -18.70
CA PHE D 677 -49.79 2.26 -18.87
C PHE D 677 -49.20 3.41 -19.71
N ASN D 678 -49.86 4.56 -19.68
CA ASN D 678 -49.44 5.82 -20.30
C ASN D 678 -49.15 5.70 -21.79
N ILE D 679 -49.64 4.65 -22.46
CA ILE D 679 -49.43 4.51 -23.90
C ILE D 679 -50.77 4.59 -24.63
N ASN D 718 -38.66 38.79 -9.55
CA ASN D 718 -38.34 38.54 -8.15
C ASN D 718 -38.15 39.85 -7.37
N VAL D 719 -39.26 40.48 -7.01
CA VAL D 719 -39.22 41.68 -6.17
C VAL D 719 -38.61 41.31 -4.83
N ARG D 720 -39.24 40.37 -4.13
CA ARG D 720 -38.67 39.81 -2.91
C ARG D 720 -37.97 38.50 -3.24
N LEU D 721 -37.54 37.77 -2.21
CA LEU D 721 -36.76 36.54 -2.29
C LEU D 721 -35.37 36.78 -2.85
N ASN D 722 -35.04 38.01 -3.23
CA ASN D 722 -33.68 38.38 -3.61
C ASN D 722 -33.00 39.25 -2.56
N HIS D 723 -33.63 39.44 -1.40
CA HIS D 723 -33.05 40.16 -0.28
C HIS D 723 -32.75 39.19 0.86
N GLN D 724 -33.65 38.25 1.14
CA GLN D 724 -33.39 37.20 2.12
C GLN D 724 -32.19 36.38 1.70
N TYR D 725 -32.11 36.08 0.40
CA TYR D 725 -30.95 35.37 -0.12
C TYR D 725 -29.67 36.17 0.07
N GLN D 726 -29.72 37.48 -0.17
CA GLN D 726 -28.54 38.32 0.03
C GLN D 726 -28.12 38.34 1.49
N GLU D 727 -29.08 38.46 2.40
CA GLU D 727 -28.77 38.45 3.83
C GLU D 727 -28.14 37.13 4.24
N VAL D 728 -28.72 36.01 3.79
CA VAL D 728 -28.16 34.71 4.12
C VAL D 728 -26.77 34.56 3.55
N LEU D 729 -26.56 34.99 2.31
CA LEU D 729 -25.26 34.92 1.68
C LEU D 729 -24.21 35.75 2.40
N ARG D 730 -24.55 36.97 2.83
CA ARG D 730 -23.60 37.77 3.58
C ARG D 730 -23.32 37.19 4.97
N ASN D 731 -24.31 36.60 5.64
CA ASN D 731 -24.04 35.91 6.89
C ASN D 731 -23.11 34.72 6.67
N LEU D 732 -23.33 33.98 5.58
CA LEU D 732 -22.46 32.85 5.27
C LEU D 732 -21.03 33.30 4.99
N VAL D 733 -20.87 34.40 4.25
CA VAL D 733 -19.53 34.92 3.98
C VAL D 733 -18.86 35.38 5.27
N LYS D 734 -19.62 36.04 6.15
CA LYS D 734 -19.07 36.47 7.43
C LYS D 734 -18.61 35.28 8.26
N ARG D 735 -19.44 34.23 8.33
CA ARG D 735 -19.06 33.04 9.07
C ARG D 735 -17.85 32.36 8.46
N TYR D 736 -17.78 32.30 7.13
CA TYR D 736 -16.65 31.67 6.46
C TYR D 736 -15.35 32.41 6.74
N VAL D 737 -15.37 33.75 6.69
CA VAL D 737 -14.13 34.49 6.95
C VAL D 737 -13.76 34.39 8.42
N ALA D 738 -14.76 34.44 9.32
CA ALA D 738 -14.46 34.33 10.75
C ALA D 738 -13.96 32.94 11.11
N ALA D 739 -14.25 31.94 10.28
CA ALA D 739 -13.69 30.62 10.54
C ALA D 739 -12.31 30.46 9.91
N MET D 740 -12.12 31.01 8.70
CA MET D 740 -10.83 30.86 8.03
C MET D 740 -9.73 31.63 8.75
N ILE D 741 -10.03 32.82 9.27
CA ILE D 741 -8.99 33.59 9.94
C ILE D 741 -8.51 32.87 11.20
N ARG D 742 -9.43 32.22 11.92
CA ARG D 742 -9.05 31.50 13.12
C ARG D 742 -8.39 30.16 12.81
N ASP D 743 -8.77 29.51 11.70
CA ASP D 743 -8.12 28.27 11.32
C ASP D 743 -6.76 28.49 10.67
N ALA D 744 -6.47 29.70 10.21
CA ALA D 744 -5.17 30.02 9.62
C ALA D 744 -4.21 30.70 10.59
N LYS D 745 -4.69 31.63 11.41
CA LYS D 745 -3.80 32.32 12.33
C LYS D 745 -3.36 31.42 13.48
N THR D 746 -4.29 30.69 14.10
CA THR D 746 -3.97 29.88 15.26
C THR D 746 -3.14 28.65 14.92
N GLU D 747 -3.51 27.93 13.87
CA GLU D 747 -2.79 26.72 13.49
C GLU D 747 -2.54 26.70 11.98
N THR D 751 -0.38 25.93 15.76
CA THR D 751 0.73 26.00 16.70
C THR D 751 1.35 27.40 16.67
N GLU D 752 0.75 28.30 15.91
CA GLU D 752 1.18 29.69 15.85
C GLU D 752 0.56 30.55 16.94
N GLU D 753 -0.35 29.98 17.75
CA GLU D 753 -0.91 30.69 18.88
C GLU D 753 0.10 30.83 20.01
N ASN D 754 0.96 29.83 20.20
CA ASN D 754 2.01 29.88 21.21
C ASN D 754 3.30 30.50 20.70
N PHE D 755 3.21 31.38 19.71
CA PHE D 755 4.35 32.13 19.21
C PHE D 755 4.11 33.62 19.39
N LYS D 756 2.88 34.07 19.12
CA LYS D 756 2.53 35.46 19.38
C LYS D 756 2.39 35.76 20.86
N GLU D 757 1.99 34.77 21.66
CA GLU D 757 1.89 34.96 23.10
C GLU D 757 3.26 35.27 23.71
N LEU D 758 4.29 34.58 23.24
CA LEU D 758 5.64 34.83 23.75
C LEU D 758 6.12 36.23 23.42
N LYS D 759 5.65 36.79 22.30
CA LYS D 759 5.98 38.18 21.97
C LYS D 759 5.32 39.14 22.96
N GLN D 760 4.05 38.91 23.26
CA GLN D 760 3.33 39.75 24.22
C GLN D 760 3.96 39.68 25.61
N ASP D 761 4.37 38.47 26.00
CA ASP D 761 4.97 38.23 27.32
C ASP D 761 6.12 39.18 27.60
N ILE D 762 6.95 39.44 26.59
CA ILE D 762 8.10 40.34 26.74
C ILE D 762 7.75 41.77 26.34
N SER D 763 6.75 41.96 25.48
CA SER D 763 6.36 43.31 25.09
C SER D 763 5.78 44.08 26.27
N SER D 764 4.93 43.42 27.07
CA SER D 764 4.38 44.06 28.26
C SER D 764 5.48 44.43 29.24
N PHE D 765 6.44 43.53 29.45
CA PHE D 765 7.54 43.80 30.36
C PHE D 765 8.41 44.95 29.84
N ARG D 766 8.66 44.98 28.53
CA ARG D 766 9.44 46.05 27.92
C ARG D 766 8.76 47.40 28.11
N TYR D 767 7.44 47.44 27.88
CA TYR D 767 6.71 48.69 28.08
C TYR D 767 6.75 49.12 29.55
N GLU D 768 6.58 48.16 30.46
CA GLU D 768 6.66 48.48 31.89
C GLU D 768 8.02 49.03 32.26
N VAL D 769 9.08 48.44 31.70
CA VAL D 769 10.44 48.89 32.02
C VAL D 769 10.67 50.31 31.47
N ILE D 770 10.33 50.53 30.20
CA ILE D 770 10.58 51.83 29.60
C ILE D 770 9.67 52.92 30.12
N GLY D 771 8.56 52.55 30.77
CA GLY D 771 7.76 53.52 31.47
C GLY D 771 8.49 54.07 32.67
N MET D 772 9.20 53.20 33.39
CA MET D 772 9.91 53.59 34.60
C MET D 772 11.28 54.19 34.31
N MET D 773 11.84 53.95 33.13
CA MET D 773 13.16 54.48 32.79
C MET D 773 13.06 55.89 32.23
#